data_5VYW
#
_entry.id   5VYW
#
_cell.length_a   139.664
_cell.length_b   139.664
_cell.length_c   610.490
_cell.angle_alpha   90.00
_cell.angle_beta   90.00
_cell.angle_gamma   120.00
#
_symmetry.space_group_name_H-M   'P 32 1 2'
#
loop_
_entity.id
_entity.type
_entity.pdbx_description
1 polymer 'Pyruvate carboxylase'
2 non-polymer 'MANGANESE (II) ION'
3 non-polymer BIOTIN
#
_entity_poly.entity_id   1
_entity_poly.type   'polypeptide(L)'
_entity_poly.pdbx_seq_one_letter_code
;VPRGSHMKKLLVANRGEIAVRVFRACNELGLSTVAVYAREDEYSVHRFKADESYLIGQGKKPIDAYLDIDDIIRVALESG
ADAIHPGYGLLSENLEFATKVRAAGLVFVGPELHHLDIFGDKIKAKAAADEAKVPGIPGTNGAVDIDGALEFAKTYGYPV
MIKAALGGGGRGMRVARNDAEMHDGYARAKSEAIGAFGSGEIYVEKYIENPKHIEVQILGDRHGNIIHLHERDCSVQRRN
QKVIEIAPAVGLSPDFRNEICEAAVKLCKNVGYVNAGTVEFLVKDDKFYFIEVNPRVQVEHTITELITGVDIVQAQILIA
QGKDLHREIGLPAQSEIPLLGSAIQCRITTEDPQNGFLPDTGKIDTYRSPGGFGIRLDVGNAYAGYEVTPYFDSLLVKVC
TFANEFSDSVRKMDRVLHEFRIRGVKTNIPFLINVIANENFTSGQATTTFIDNTPSLFNFPRLRDRGTKTLHYLSMITVN
GFPGIENTEKRHFEEPRQPLLNLEKKKTAKNILDEQGADAVVDYVKNTKEVLLTDTTLRDAHQSLLATRLRLQDMKGIAQ
AIDQGLPELFSAEMWGGATFDVAYRFLNESPWYRLRKLRKLMPNTMFQMLFRGSNAVGYQNYPDNVIEEFIRVAAHEGID
VFRIFDSLNWLPQMEKSIQAVRDNGKIAEATICYTGDILDPSRPKYNIQYYKDLAKELEATGAHILAVKDMAGLLKPQAA
YRLISELKDTVDLPIHLHTHDTSGNGIITYSGATQAGVDIIDVATASLAGGTSQPSMQSIYYALEHGPRHASINVKNAEQ
IDHYWEDVRKYYAPFEAGITSPQTEVYMHEMPGGQYTNLKSQAAAVGLGHRFDEIKQMYRKVNMMFGDIIKVTPSSKVVG
DMALFMIQNDLTEEDVYARGNELNFPESVVSFFRGDLGQPVGGFPEKLQKIIVKDKAVITDRPGLHAEKVDFETVKADLE
QKIGYEPGDHEVISYIMYPQVFLDYQKMQREFGAVTLLDTPTFLHGMRLNEKIEVQIEKGKTLSIRLDEIGEPDLAGNRV
LFFNLNGQRREVVINDQSVQAQVVAKRKAETGNPNQIGATMPGSVLEILVKAGDKVQKGQALMVTEAMKMETTIEAPFDG
EIVDLHVVKGEAIQTQDLLIEIN
;
_entity_poly.pdbx_strand_id   A,B,C,D
#
loop_
_chem_comp.id
_chem_comp.type
_chem_comp.name
_chem_comp.formula
BTN non-polymer BIOTIN 'C10 H16 N2 O3 S'
MN non-polymer 'MANGANESE (II) ION' 'Mn 2'
#
# COMPACT_ATOMS: atom_id res chain seq x y z
N MET A 7 -38.19 -52.90 -8.03
CA MET A 7 -37.00 -52.06 -8.41
C MET A 7 -37.14 -50.57 -8.05
N LYS A 8 -36.35 -50.11 -7.07
CA LYS A 8 -36.39 -48.73 -6.61
C LYS A 8 -35.16 -47.91 -7.05
N LYS A 9 -34.02 -48.55 -7.22
CA LYS A 9 -32.74 -47.84 -7.28
C LYS A 9 -31.78 -48.48 -8.28
N LEU A 10 -31.04 -47.65 -9.00
CA LEU A 10 -30.22 -48.14 -10.11
C LEU A 10 -28.87 -47.45 -10.18
N LEU A 11 -27.85 -48.26 -10.40
CA LEU A 11 -26.49 -47.80 -10.45
C LEU A 11 -25.99 -47.94 -11.86
N VAL A 12 -25.38 -46.88 -12.38
CA VAL A 12 -24.85 -46.93 -13.70
C VAL A 12 -23.37 -47.13 -13.61
N ALA A 13 -22.94 -48.28 -14.13
CA ALA A 13 -21.54 -48.68 -14.13
C ALA A 13 -20.86 -48.17 -15.38
N ASN A 14 -20.86 -46.83 -15.44
CA ASN A 14 -20.38 -46.09 -16.55
C ASN A 14 -20.31 -44.60 -16.21
N ARG A 15 -19.99 -43.79 -17.23
CA ARG A 15 -19.81 -42.35 -17.06
C ARG A 15 -20.31 -41.52 -18.26
N GLY A 16 -20.24 -40.19 -18.11
CA GLY A 16 -20.43 -39.27 -19.23
C GLY A 16 -21.79 -39.32 -19.90
N GLU A 17 -21.83 -39.22 -21.23
CA GLU A 17 -23.11 -39.01 -21.84
C GLU A 17 -24.09 -40.15 -21.49
N ILE A 18 -23.62 -41.38 -21.59
CA ILE A 18 -24.51 -42.54 -21.49
C ILE A 18 -24.94 -42.77 -20.07
N ALA A 19 -24.11 -42.42 -19.11
CA ALA A 19 -24.56 -42.40 -17.73
C ALA A 19 -25.72 -41.41 -17.52
N VAL A 20 -25.62 -40.24 -18.16
CA VAL A 20 -26.64 -39.21 -17.98
C VAL A 20 -27.86 -39.60 -18.75
N ARG A 21 -27.64 -40.26 -19.88
CA ARG A 21 -28.78 -40.77 -20.62
C ARG A 21 -29.65 -41.65 -19.72
N VAL A 22 -29.00 -42.51 -18.94
CA VAL A 22 -29.70 -43.57 -18.25
C VAL A 22 -30.37 -42.96 -17.07
N PHE A 23 -29.65 -42.12 -16.32
CA PHE A 23 -30.28 -41.41 -15.18
C PHE A 23 -31.58 -40.75 -15.57
N ARG A 24 -31.58 -40.15 -16.75
CA ARG A 24 -32.77 -39.53 -17.26
C ARG A 24 -33.87 -40.58 -17.36
N ALA A 25 -33.58 -41.67 -18.06
CA ALA A 25 -34.58 -42.70 -18.26
C ALA A 25 -35.04 -43.18 -16.91
N CYS A 26 -34.10 -43.38 -15.99
CA CYS A 26 -34.44 -43.81 -14.64
C CYS A 26 -35.37 -42.81 -13.97
N ASN A 27 -34.97 -41.57 -14.00
CA ASN A 27 -35.75 -40.53 -13.36
C ASN A 27 -37.20 -40.51 -13.84
N GLU A 28 -37.39 -40.62 -15.15
CA GLU A 28 -38.72 -40.67 -15.74
C GLU A 28 -39.52 -41.86 -15.26
N LEU A 29 -38.86 -42.97 -14.93
CA LEU A 29 -39.53 -44.16 -14.39
C LEU A 29 -39.53 -44.17 -12.85
N GLY A 30 -39.31 -43.01 -12.25
CA GLY A 30 -39.33 -42.89 -10.80
C GLY A 30 -38.32 -43.75 -10.10
N LEU A 31 -37.18 -44.01 -10.74
CA LEU A 31 -36.07 -44.72 -10.06
C LEU A 31 -35.01 -43.76 -9.48
N SER A 32 -34.54 -44.07 -8.29
CA SER A 32 -33.47 -43.36 -7.72
C SER A 32 -32.20 -43.75 -8.46
N THR A 33 -31.18 -42.90 -8.43
CA THR A 33 -30.00 -43.16 -9.24
C THR A 33 -28.76 -43.14 -8.41
N VAL A 34 -27.76 -43.87 -8.90
CA VAL A 34 -26.47 -43.97 -8.21
C VAL A 34 -25.38 -43.99 -9.25
N ALA A 35 -24.38 -43.13 -9.06
CA ALA A 35 -23.36 -42.94 -10.06
C ALA A 35 -22.06 -43.28 -9.45
N VAL A 36 -21.14 -43.74 -10.31
CA VAL A 36 -19.78 -44.03 -9.85
C VAL A 36 -18.79 -43.21 -10.64
N TYR A 37 -17.71 -42.81 -10.01
CA TYR A 37 -16.74 -41.98 -10.68
C TYR A 37 -15.31 -42.24 -10.23
N ALA A 38 -14.37 -42.30 -11.17
CA ALA A 38 -12.92 -42.29 -10.85
C ALA A 38 -12.46 -40.94 -10.21
N ARG A 39 -11.29 -40.87 -9.63
CA ARG A 39 -10.84 -39.59 -9.05
C ARG A 39 -10.65 -38.60 -10.21
N GLU A 40 -10.07 -39.12 -11.28
CA GLU A 40 -9.68 -38.30 -12.42
C GLU A 40 -10.90 -37.68 -13.11
N ASP A 41 -12.08 -38.18 -12.79
CA ASP A 41 -13.33 -37.86 -13.45
C ASP A 41 -14.19 -37.16 -12.48
N GLU A 42 -13.57 -36.59 -11.45
CA GLU A 42 -14.35 -36.00 -10.32
C GLU A 42 -15.16 -34.80 -10.72
N TYR A 43 -14.83 -34.26 -11.88
CA TYR A 43 -15.49 -33.07 -12.37
C TYR A 43 -16.50 -33.40 -13.49
N SER A 44 -16.81 -34.68 -13.68
CA SER A 44 -17.66 -35.08 -14.77
C SER A 44 -19.05 -34.68 -14.42
N VAL A 45 -19.83 -34.30 -15.39
CA VAL A 45 -21.26 -33.98 -15.15
C VAL A 45 -22.02 -35.15 -14.54
N HIS A 46 -21.81 -36.34 -15.09
CA HIS A 46 -22.64 -37.47 -14.68
C HIS A 46 -22.57 -37.80 -13.18
N ARG A 47 -21.40 -37.59 -12.57
CA ARG A 47 -21.27 -37.60 -11.12
C ARG A 47 -22.30 -36.79 -10.35
N PHE A 48 -22.67 -35.61 -10.82
CA PHE A 48 -23.62 -34.75 -10.08
C PHE A 48 -25.03 -34.85 -10.62
N LYS A 49 -25.22 -35.50 -11.78
CA LYS A 49 -26.57 -35.64 -12.31
C LYS A 49 -27.33 -36.75 -11.60
N ALA A 50 -26.67 -37.52 -10.72
CA ALA A 50 -27.36 -38.63 -10.05
C ALA A 50 -27.78 -38.24 -8.67
N ASP A 51 -28.75 -38.98 -8.13
CA ASP A 51 -29.22 -38.80 -6.73
C ASP A 51 -28.11 -39.03 -5.68
N GLU A 52 -27.18 -39.93 -5.96
CA GLU A 52 -26.01 -40.07 -5.11
C GLU A 52 -24.85 -40.69 -5.90
N SER A 53 -23.63 -40.36 -5.52
CA SER A 53 -22.51 -40.80 -6.31
C SER A 53 -21.39 -41.22 -5.41
N TYR A 54 -20.61 -42.21 -5.87
CA TYR A 54 -19.59 -42.85 -5.05
C TYR A 54 -18.28 -43.04 -5.80
N LEU A 55 -17.17 -42.59 -5.18
CA LEU A 55 -15.81 -42.81 -5.69
C LEU A 55 -15.52 -44.29 -5.90
N ILE A 56 -14.82 -44.66 -6.98
CA ILE A 56 -14.35 -46.03 -7.16
C ILE A 56 -12.94 -46.13 -7.72
N GLY A 57 -12.41 -47.35 -7.64
CA GLY A 57 -11.11 -47.70 -8.21
C GLY A 57 -9.94 -47.07 -7.49
N GLN A 58 -10.18 -46.54 -6.29
CA GLN A 58 -9.17 -45.75 -5.58
C GLN A 58 -7.75 -46.23 -5.83
N GLY A 59 -6.85 -45.28 -6.06
CA GLY A 59 -5.45 -45.60 -6.36
C GLY A 59 -5.17 -46.17 -7.75
N LYS A 60 -6.16 -46.76 -8.42
CA LYS A 60 -5.97 -47.31 -9.78
C LYS A 60 -5.83 -46.24 -10.90
N LYS A 61 -5.47 -46.70 -12.10
CA LYS A 61 -5.61 -45.88 -13.30
C LYS A 61 -7.10 -45.66 -13.54
N PRO A 62 -7.46 -44.52 -14.14
CA PRO A 62 -8.86 -44.17 -14.26
C PRO A 62 -9.68 -45.16 -15.08
N ILE A 63 -9.18 -45.68 -16.20
CA ILE A 63 -10.00 -46.58 -16.99
C ILE A 63 -10.18 -47.91 -16.25
N ASP A 64 -9.11 -48.35 -15.58
CA ASP A 64 -9.12 -49.57 -14.75
C ASP A 64 -10.23 -49.51 -13.71
N ALA A 65 -10.41 -48.33 -13.10
CA ALA A 65 -11.47 -48.10 -12.09
C ALA A 65 -12.87 -48.39 -12.60
N TYR A 66 -13.17 -47.95 -13.83
CA TYR A 66 -14.47 -48.22 -14.42
C TYR A 66 -14.61 -49.70 -14.81
N LEU A 67 -13.48 -50.43 -14.74
CA LEU A 67 -13.42 -51.88 -14.98
C LEU A 67 -13.32 -52.74 -13.70
N ASP A 68 -13.12 -52.08 -12.54
CA ASP A 68 -12.98 -52.75 -11.23
C ASP A 68 -14.27 -53.43 -10.73
N ILE A 69 -14.61 -54.58 -11.35
CA ILE A 69 -15.88 -55.28 -11.12
C ILE A 69 -16.30 -55.40 -9.65
N ASP A 70 -15.35 -55.76 -8.78
CA ASP A 70 -15.68 -55.97 -7.38
C ASP A 70 -16.07 -54.65 -6.74
N ASP A 71 -15.19 -53.66 -6.87
CA ASP A 71 -15.42 -52.35 -6.22
C ASP A 71 -16.74 -51.70 -6.65
N ILE A 72 -17.14 -51.90 -7.90
CA ILE A 72 -18.43 -51.40 -8.36
C ILE A 72 -19.55 -52.04 -7.54
N ILE A 73 -19.49 -53.36 -7.40
CA ILE A 73 -20.56 -54.11 -6.74
C ILE A 73 -20.58 -53.80 -5.23
N ARG A 74 -19.39 -53.71 -4.65
CA ARG A 74 -19.25 -53.19 -3.30
C ARG A 74 -20.19 -51.99 -3.12
N VAL A 75 -20.10 -51.05 -4.07
CA VAL A 75 -20.84 -49.78 -4.04
C VAL A 75 -22.31 -49.98 -4.30
N ALA A 76 -22.61 -50.73 -5.35
CA ALA A 76 -23.97 -51.16 -5.66
C ALA A 76 -24.71 -51.64 -4.40
N LEU A 77 -23.99 -52.37 -3.54
CA LEU A 77 -24.58 -53.01 -2.35
C LEU A 77 -24.65 -52.04 -1.17
N GLU A 78 -23.52 -51.43 -0.78
CA GLU A 78 -23.56 -50.41 0.28
C GLU A 78 -24.54 -49.24 -0.02
N SER A 79 -24.79 -48.98 -1.30
CA SER A 79 -25.72 -47.94 -1.74
C SER A 79 -27.18 -48.37 -1.68
N GLY A 80 -27.44 -49.66 -1.84
CA GLY A 80 -28.79 -50.20 -1.77
C GLY A 80 -29.41 -50.45 -3.12
N ALA A 81 -28.60 -50.59 -4.15
CA ALA A 81 -29.11 -50.61 -5.51
C ALA A 81 -29.71 -51.97 -5.85
N ASP A 82 -30.83 -51.97 -6.55
CA ASP A 82 -31.50 -53.22 -6.95
C ASP A 82 -31.02 -53.63 -8.31
N ALA A 83 -30.42 -52.72 -9.06
CA ALA A 83 -30.01 -52.99 -10.43
C ALA A 83 -28.78 -52.22 -10.85
N ILE A 84 -28.12 -52.70 -11.91
CA ILE A 84 -26.97 -52.02 -12.50
C ILE A 84 -27.17 -51.91 -14.01
N HIS A 85 -27.10 -50.68 -14.53
CA HIS A 85 -27.04 -50.47 -15.97
C HIS A 85 -25.57 -50.31 -16.38
N PRO A 86 -25.11 -51.16 -17.33
CA PRO A 86 -23.69 -51.15 -17.69
C PRO A 86 -23.30 -50.02 -18.67
N GLY A 87 -24.26 -49.66 -19.51
CA GLY A 87 -24.11 -48.58 -20.45
C GLY A 87 -23.66 -49.18 -21.75
N TYR A 88 -22.60 -48.61 -22.33
CA TYR A 88 -21.96 -49.15 -23.51
C TYR A 88 -20.45 -49.03 -23.30
N GLY A 89 -19.67 -49.86 -24.01
CA GLY A 89 -18.23 -50.01 -23.76
C GLY A 89 -17.98 -50.53 -22.36
N LEU A 90 -16.84 -50.18 -21.76
CA LEU A 90 -16.41 -50.71 -20.45
C LEU A 90 -16.80 -52.18 -20.15
N LEU A 91 -17.65 -52.40 -19.15
CA LEU A 91 -18.01 -53.75 -18.75
C LEU A 91 -19.30 -54.24 -19.36
N SER A 92 -19.90 -53.45 -20.22
CA SER A 92 -21.25 -53.78 -20.68
C SER A 92 -21.39 -55.12 -21.43
N GLU A 93 -20.31 -55.57 -22.08
CA GLU A 93 -20.30 -56.82 -22.84
C GLU A 93 -19.59 -57.95 -22.06
N ASN A 94 -19.07 -57.64 -20.88
CA ASN A 94 -18.26 -58.54 -20.04
C ASN A 94 -19.10 -59.56 -19.28
N LEU A 95 -18.79 -60.83 -19.51
CA LEU A 95 -19.50 -61.93 -18.89
C LEU A 95 -19.17 -62.06 -17.41
N GLU A 96 -17.88 -62.01 -17.07
CA GLU A 96 -17.50 -62.09 -15.66
C GLU A 96 -18.34 -61.11 -14.82
N PHE A 97 -18.52 -59.89 -15.35
CA PHE A 97 -19.26 -58.84 -14.64
C PHE A 97 -20.73 -59.17 -14.53
N ALA A 98 -21.32 -59.53 -15.66
CA ALA A 98 -22.76 -59.84 -15.68
C ALA A 98 -23.09 -60.98 -14.73
N THR A 99 -22.19 -61.96 -14.70
CA THR A 99 -22.34 -63.14 -13.87
C THR A 99 -22.21 -62.76 -12.41
N LYS A 100 -21.12 -62.10 -12.06
CA LYS A 100 -20.93 -61.63 -10.67
C LYS A 100 -22.02 -60.70 -10.13
N VAL A 101 -22.66 -59.95 -11.01
CA VAL A 101 -23.70 -59.00 -10.61
C VAL A 101 -24.94 -59.79 -10.26
N ARG A 102 -25.34 -60.69 -11.16
CA ARG A 102 -26.51 -61.50 -10.92
C ARG A 102 -26.26 -62.41 -9.70
N ALA A 103 -25.06 -62.96 -9.66
CA ALA A 103 -24.57 -63.69 -8.50
C ALA A 103 -24.80 -63.00 -7.18
N ALA A 104 -24.60 -61.69 -7.10
CA ALA A 104 -24.86 -60.97 -5.85
C ALA A 104 -26.32 -60.49 -5.72
N GLY A 105 -27.23 -61.09 -6.50
CA GLY A 105 -28.69 -60.82 -6.37
C GLY A 105 -29.15 -59.46 -6.86
N LEU A 106 -28.45 -58.93 -7.86
CA LEU A 106 -28.66 -57.59 -8.42
C LEU A 106 -29.05 -57.79 -9.84
N VAL A 107 -29.90 -56.92 -10.35
CA VAL A 107 -30.37 -57.03 -11.75
C VAL A 107 -29.30 -56.38 -12.59
N PHE A 108 -28.82 -57.11 -13.58
CA PHE A 108 -27.96 -56.53 -14.56
C PHE A 108 -28.87 -56.22 -15.73
N VAL A 109 -29.01 -54.93 -16.05
CA VAL A 109 -29.82 -54.50 -17.24
C VAL A 109 -29.12 -54.86 -18.56
N GLY A 110 -29.55 -55.97 -19.15
CA GLY A 110 -28.88 -56.50 -20.31
C GLY A 110 -29.44 -57.86 -20.69
N PRO A 111 -28.76 -58.56 -21.59
CA PRO A 111 -29.27 -59.86 -21.99
C PRO A 111 -28.74 -60.98 -21.09
N GLU A 112 -29.13 -62.21 -21.40
CA GLU A 112 -28.78 -63.38 -20.59
C GLU A 112 -27.32 -63.73 -20.74
N LEU A 113 -26.70 -64.21 -19.65
CA LEU A 113 -25.28 -64.66 -19.62
C LEU A 113 -24.92 -65.59 -20.79
N HIS A 114 -25.91 -66.37 -21.25
CA HIS A 114 -25.77 -67.16 -22.47
C HIS A 114 -25.38 -66.24 -23.61
N HIS A 115 -26.19 -65.20 -23.78
CA HIS A 115 -26.03 -64.27 -24.89
C HIS A 115 -24.67 -63.52 -24.89
N LEU A 116 -24.24 -63.08 -23.71
CA LEU A 116 -22.93 -62.43 -23.57
C LEU A 116 -21.80 -63.36 -23.99
N ASP A 117 -21.88 -64.59 -23.50
CA ASP A 117 -20.93 -65.66 -23.81
C ASP A 117 -20.86 -65.95 -25.32
N ILE A 118 -21.98 -66.38 -25.92
CA ILE A 118 -21.99 -66.76 -27.33
C ILE A 118 -21.62 -65.62 -28.27
N PHE A 119 -22.05 -64.41 -27.97
CA PHE A 119 -21.81 -63.26 -28.88
C PHE A 119 -20.53 -62.49 -28.58
N GLY A 120 -20.00 -62.63 -27.36
CA GLY A 120 -18.69 -62.08 -27.01
C GLY A 120 -17.52 -62.80 -27.70
N ASP A 121 -17.70 -64.09 -28.00
CA ASP A 121 -16.71 -64.89 -28.75
C ASP A 121 -17.19 -65.12 -30.20
N LYS A 122 -16.31 -64.80 -31.16
CA LYS A 122 -16.69 -64.66 -32.57
C LYS A 122 -16.88 -65.97 -33.29
N ILE A 123 -16.39 -67.06 -32.69
CA ILE A 123 -16.53 -68.40 -33.27
C ILE A 123 -17.90 -68.97 -32.89
N LYS A 124 -18.31 -68.75 -31.64
CA LYS A 124 -19.58 -69.29 -31.12
C LYS A 124 -20.76 -68.53 -31.70
N ALA A 125 -20.49 -67.27 -32.02
CA ALA A 125 -21.46 -66.41 -32.63
C ALA A 125 -21.68 -66.85 -34.06
N LYS A 126 -20.58 -66.95 -34.80
CA LYS A 126 -20.62 -67.36 -36.21
C LYS A 126 -21.32 -68.71 -36.33
N ALA A 127 -21.07 -69.55 -35.32
CA ALA A 127 -21.75 -70.82 -35.12
C ALA A 127 -23.24 -70.62 -34.90
N ALA A 128 -23.60 -69.88 -33.86
CA ALA A 128 -25.01 -69.60 -33.53
C ALA A 128 -25.79 -68.91 -34.67
N ALA A 129 -25.06 -68.20 -35.54
CA ALA A 129 -25.63 -67.55 -36.74
C ALA A 129 -25.98 -68.55 -37.84
N ASP A 130 -25.07 -69.50 -38.07
CA ASP A 130 -25.31 -70.63 -38.98
C ASP A 130 -26.52 -71.42 -38.52
N GLU A 131 -26.51 -71.83 -37.23
CA GLU A 131 -27.63 -72.57 -36.66
C GLU A 131 -28.94 -71.81 -36.92
N ALA A 132 -28.90 -70.50 -36.75
CA ALA A 132 -30.06 -69.64 -36.93
C ALA A 132 -30.44 -69.43 -38.39
N LYS A 133 -29.55 -69.85 -39.30
CA LYS A 133 -29.75 -69.77 -40.76
C LYS A 133 -29.67 -68.33 -41.30
N VAL A 134 -28.53 -67.67 -41.02
CA VAL A 134 -28.25 -66.28 -41.46
C VAL A 134 -26.76 -66.16 -41.92
N PRO A 135 -26.55 -65.77 -43.20
CA PRO A 135 -25.29 -65.91 -43.96
C PRO A 135 -24.12 -65.10 -43.46
N GLY A 136 -22.91 -65.45 -43.87
CA GLY A 136 -21.70 -64.63 -43.62
C GLY A 136 -20.72 -64.60 -44.80
N ILE A 137 -19.45 -64.49 -44.44
CA ILE A 137 -18.34 -64.29 -45.40
C ILE A 137 -17.94 -65.63 -46.16
N GLU A 209 -15.71 -55.79 -50.43
CA GLU A 209 -15.40 -54.62 -51.30
C GLU A 209 -16.45 -53.46 -51.31
N ASN A 210 -16.16 -52.32 -50.66
CA ASN A 210 -17.13 -51.15 -50.60
C ASN A 210 -18.57 -51.48 -50.15
N PRO A 211 -18.69 -51.97 -48.91
CA PRO A 211 -19.99 -52.24 -48.35
C PRO A 211 -20.62 -51.05 -47.56
N LYS A 212 -21.94 -51.08 -47.47
CA LYS A 212 -22.64 -50.34 -46.45
C LYS A 212 -22.67 -51.17 -45.16
N HIS A 213 -22.31 -50.56 -44.04
CA HIS A 213 -22.52 -51.13 -42.71
C HIS A 213 -23.97 -50.80 -42.30
N ILE A 214 -24.80 -51.81 -42.09
CA ILE A 214 -26.18 -51.63 -41.69
C ILE A 214 -26.51 -52.48 -40.46
N GLU A 215 -27.08 -51.87 -39.42
CA GLU A 215 -27.41 -52.61 -38.21
C GLU A 215 -28.86 -52.41 -37.84
N VAL A 216 -29.37 -53.35 -37.07
CA VAL A 216 -30.79 -53.40 -36.73
C VAL A 216 -30.94 -53.39 -35.23
N GLN A 217 -31.84 -52.57 -34.71
CA GLN A 217 -32.04 -52.46 -33.26
C GLN A 217 -33.10 -53.46 -32.89
N ILE A 218 -32.81 -54.19 -31.81
CA ILE A 218 -33.67 -55.27 -31.36
C ILE A 218 -34.03 -55.10 -29.89
N LEU A 219 -35.29 -55.39 -29.61
CA LEU A 219 -35.76 -55.56 -28.25
C LEU A 219 -36.39 -56.94 -28.08
N GLY A 220 -36.09 -57.60 -26.95
CA GLY A 220 -36.79 -58.80 -26.54
C GLY A 220 -37.02 -58.80 -25.05
N ASP A 221 -38.16 -59.36 -24.62
CA ASP A 221 -38.45 -59.52 -23.18
C ASP A 221 -38.41 -61.00 -22.77
N ARG A 222 -38.56 -61.25 -21.47
CA ARG A 222 -38.54 -62.62 -20.92
C ARG A 222 -39.71 -63.48 -21.43
N HIS A 223 -40.78 -62.85 -21.89
CA HIS A 223 -41.95 -63.56 -22.43
C HIS A 223 -41.82 -63.84 -23.95
N GLY A 224 -40.59 -64.11 -24.43
CA GLY A 224 -40.38 -64.50 -25.82
C GLY A 224 -40.70 -63.54 -26.95
N ASN A 225 -41.24 -62.35 -26.67
CA ASN A 225 -41.49 -61.35 -27.73
C ASN A 225 -40.21 -60.77 -28.26
N ILE A 226 -40.14 -60.57 -29.57
CA ILE A 226 -38.95 -60.01 -30.21
C ILE A 226 -39.28 -59.12 -31.41
N ILE A 227 -39.12 -57.81 -31.23
CA ILE A 227 -39.36 -56.82 -32.30
C ILE A 227 -38.07 -56.12 -32.74
N HIS A 228 -38.09 -55.56 -33.95
CA HIS A 228 -37.00 -54.72 -34.41
C HIS A 228 -37.44 -53.27 -34.41
N LEU A 229 -36.48 -52.35 -34.29
CA LEU A 229 -36.76 -50.90 -34.36
C LEU A 229 -36.11 -50.28 -35.60
N HIS A 230 -36.43 -50.90 -36.71
CA HIS A 230 -35.79 -50.65 -37.97
C HIS A 230 -34.25 -50.69 -37.88
N GLU A 231 -33.60 -50.04 -38.83
CA GLU A 231 -32.18 -50.15 -39.01
C GLU A 231 -31.49 -48.81 -38.87
N ARG A 232 -30.18 -48.86 -39.03
CA ARG A 232 -29.33 -47.72 -38.93
C ARG A 232 -28.16 -47.95 -39.88
N ASP A 233 -27.83 -46.95 -40.66
CA ASP A 233 -26.83 -47.07 -41.67
C ASP A 233 -25.62 -46.36 -41.09
N CYS A 234 -24.63 -47.13 -40.68
CA CYS A 234 -23.44 -46.53 -40.07
C CYS A 234 -22.21 -46.54 -40.97
N SER A 235 -22.44 -46.58 -42.28
CA SER A 235 -21.38 -46.68 -43.29
C SER A 235 -20.32 -45.59 -43.18
N VAL A 236 -20.70 -44.40 -42.71
CA VAL A 236 -19.77 -43.30 -42.78
C VAL A 236 -18.73 -43.42 -41.67
N GLN A 237 -17.76 -44.30 -41.97
CA GLN A 237 -16.63 -44.54 -41.09
C GLN A 237 -15.34 -44.11 -41.77
N ARG A 238 -14.33 -43.91 -40.94
CA ARG A 238 -12.97 -43.50 -41.35
C ARG A 238 -12.00 -44.35 -40.55
N ARG A 239 -11.13 -45.10 -41.23
CA ARG A 239 -10.31 -46.12 -40.57
C ARG A 239 -11.23 -46.99 -39.77
N ASN A 240 -12.31 -47.39 -40.43
CA ASN A 240 -13.38 -48.19 -39.82
C ASN A 240 -13.75 -47.74 -38.39
N GLN A 241 -13.92 -46.42 -38.22
CA GLN A 241 -14.42 -45.75 -37.00
C GLN A 241 -15.71 -45.02 -37.38
N LYS A 242 -16.84 -45.34 -36.73
CA LYS A 242 -18.14 -44.69 -37.05
C LYS A 242 -18.06 -43.19 -36.81
N VAL A 243 -18.47 -42.40 -37.78
CA VAL A 243 -18.39 -40.93 -37.63
C VAL A 243 -19.80 -40.36 -37.65
N ILE A 244 -20.61 -40.88 -38.57
CA ILE A 244 -21.96 -40.45 -38.71
C ILE A 244 -22.85 -41.62 -39.05
N GLU A 245 -23.99 -41.64 -38.36
CA GLU A 245 -24.96 -42.69 -38.48
C GLU A 245 -26.24 -42.02 -38.89
N ILE A 246 -27.00 -42.69 -39.74
CA ILE A 246 -28.28 -42.16 -40.17
C ILE A 246 -29.30 -43.25 -39.99
N ALA A 247 -30.57 -42.88 -40.12
CA ALA A 247 -31.67 -43.80 -39.85
C ALA A 247 -32.94 -43.22 -40.40
N PRO A 248 -33.65 -43.99 -41.22
CA PRO A 248 -33.30 -45.33 -41.66
C PRO A 248 -32.15 -45.27 -42.65
N ALA A 249 -31.80 -46.40 -43.24
CA ALA A 249 -30.89 -46.41 -44.34
C ALA A 249 -31.67 -45.88 -45.52
N VAL A 250 -31.65 -44.57 -45.73
CA VAL A 250 -32.46 -43.99 -46.80
C VAL A 250 -31.89 -44.36 -48.14
N GLY A 251 -30.62 -44.76 -48.19
CA GLY A 251 -30.00 -45.25 -49.42
C GLY A 251 -30.66 -46.47 -50.10
N LEU A 252 -31.34 -47.32 -49.31
CA LEU A 252 -31.82 -48.60 -49.77
C LEU A 252 -33.32 -48.64 -49.75
N SER A 253 -33.87 -49.54 -50.55
CA SER A 253 -35.31 -49.64 -50.71
C SER A 253 -36.00 -50.25 -49.49
N PRO A 254 -37.24 -49.83 -49.22
CA PRO A 254 -38.07 -50.37 -48.14
C PRO A 254 -38.00 -51.88 -47.95
N ASP A 255 -38.19 -52.63 -49.04
CA ASP A 255 -38.31 -54.09 -48.99
C ASP A 255 -36.98 -54.78 -48.70
N PHE A 256 -35.90 -54.31 -49.33
CA PHE A 256 -34.59 -54.85 -49.04
C PHE A 256 -34.22 -54.60 -47.58
N ARG A 257 -34.67 -53.46 -47.06
CA ARG A 257 -34.43 -53.09 -45.67
C ARG A 257 -35.23 -53.99 -44.74
N ASN A 258 -36.49 -54.15 -45.08
CA ASN A 258 -37.37 -55.06 -44.34
C ASN A 258 -36.79 -56.49 -44.22
N GLU A 259 -36.20 -56.96 -45.31
CA GLU A 259 -35.54 -58.24 -45.34
C GLU A 259 -34.30 -58.32 -44.41
N ILE A 260 -33.51 -57.26 -44.32
CA ILE A 260 -32.33 -57.28 -43.44
C ILE A 260 -32.75 -57.32 -41.97
N CYS A 261 -33.87 -56.64 -41.69
CA CYS A 261 -34.40 -56.58 -40.35
C CYS A 261 -34.95 -57.91 -39.93
N GLU A 262 -35.76 -58.49 -40.82
CA GLU A 262 -36.40 -59.76 -40.52
C GLU A 262 -35.36 -60.82 -40.17
N ALA A 263 -34.19 -60.72 -40.80
CA ALA A 263 -33.11 -61.65 -40.57
C ALA A 263 -32.45 -61.50 -39.21
N ALA A 264 -32.57 -60.33 -38.61
CA ALA A 264 -32.04 -60.12 -37.27
C ALA A 264 -33.06 -60.56 -36.20
N VAL A 265 -34.35 -60.38 -36.48
CA VAL A 265 -35.43 -60.96 -35.67
C VAL A 265 -35.27 -62.48 -35.66
N LYS A 266 -35.03 -63.04 -36.84
CA LYS A 266 -34.84 -64.47 -37.00
C LYS A 266 -33.68 -64.91 -36.11
N LEU A 267 -32.51 -64.28 -36.24
CA LEU A 267 -31.37 -64.68 -35.44
C LEU A 267 -31.68 -64.62 -33.94
N CYS A 268 -32.49 -63.63 -33.55
CA CYS A 268 -32.74 -63.37 -32.13
C CYS A 268 -33.89 -64.18 -31.52
N LYS A 269 -34.96 -64.40 -32.29
CA LYS A 269 -35.97 -65.41 -31.91
C LYS A 269 -35.31 -66.78 -31.66
N ASN A 270 -34.36 -67.13 -32.52
CA ASN A 270 -33.65 -68.40 -32.46
C ASN A 270 -32.74 -68.58 -31.26
N VAL A 271 -32.17 -67.51 -30.69
CA VAL A 271 -31.46 -67.62 -29.39
C VAL A 271 -32.31 -67.11 -28.24
N GLY A 272 -33.52 -66.62 -28.53
CA GLY A 272 -34.42 -66.08 -27.51
C GLY A 272 -33.75 -64.92 -26.78
N TYR A 273 -33.43 -63.86 -27.52
CA TYR A 273 -32.68 -62.73 -27.01
C TYR A 273 -33.55 -61.89 -26.05
N VAL A 274 -32.88 -61.31 -25.05
CA VAL A 274 -33.53 -60.55 -23.98
C VAL A 274 -32.84 -59.19 -23.78
N ASN A 275 -33.68 -58.18 -23.62
CA ASN A 275 -33.27 -56.78 -23.51
C ASN A 275 -32.91 -56.17 -24.88
N ALA A 276 -32.09 -55.15 -24.89
CA ALA A 276 -31.76 -54.48 -26.12
C ALA A 276 -30.47 -55.04 -26.68
N GLY A 277 -30.38 -55.02 -28.01
CA GLY A 277 -29.18 -55.42 -28.70
C GLY A 277 -29.25 -55.07 -30.17
N THR A 278 -28.08 -55.01 -30.79
CA THR A 278 -27.98 -54.60 -32.17
C THR A 278 -27.29 -55.66 -33.04
N VAL A 279 -27.85 -55.91 -34.23
CA VAL A 279 -27.33 -56.94 -35.16
C VAL A 279 -26.65 -56.29 -36.37
N GLU A 280 -25.32 -56.21 -36.32
CA GLU A 280 -24.51 -55.66 -37.42
C GLU A 280 -24.53 -56.57 -38.67
N PHE A 281 -24.70 -55.95 -39.84
CA PHE A 281 -24.49 -56.61 -41.11
C PHE A 281 -23.44 -55.81 -41.92
N LEU A 282 -22.81 -56.45 -42.91
CA LEU A 282 -22.26 -55.74 -44.06
C LEU A 282 -23.27 -55.95 -45.19
N VAL A 283 -23.30 -55.02 -46.14
CA VAL A 283 -24.24 -55.05 -47.28
C VAL A 283 -23.53 -54.60 -48.56
N LYS A 284 -23.87 -55.29 -49.66
CA LYS A 284 -23.27 -55.08 -50.99
C LYS A 284 -24.25 -55.56 -52.05
N ASP A 285 -24.59 -54.68 -52.99
CA ASP A 285 -25.38 -55.05 -54.18
C ASP A 285 -26.48 -56.10 -53.93
N ASP A 286 -27.31 -55.88 -52.93
CA ASP A 286 -28.48 -56.73 -52.66
C ASP A 286 -28.19 -58.17 -52.17
N LYS A 287 -27.12 -58.31 -51.38
CA LYS A 287 -26.89 -59.47 -50.49
C LYS A 287 -26.40 -58.91 -49.15
N PHE A 288 -26.54 -59.65 -48.05
CA PHE A 288 -26.10 -59.16 -46.73
C PHE A 288 -25.53 -60.22 -45.79
N TYR A 289 -24.50 -59.82 -45.05
CA TYR A 289 -23.69 -60.76 -44.30
C TYR A 289 -23.56 -60.37 -42.84
N PHE A 290 -24.24 -61.13 -41.99
CA PHE A 290 -24.03 -61.02 -40.55
C PHE A 290 -22.54 -60.88 -40.24
N ILE A 291 -22.19 -59.98 -39.33
CA ILE A 291 -20.80 -59.85 -38.86
C ILE A 291 -20.67 -59.86 -37.34
N GLU A 292 -21.74 -59.55 -36.62
CA GLU A 292 -21.67 -59.34 -35.15
C GLU A 292 -23.02 -59.24 -34.50
N VAL A 293 -23.03 -59.35 -33.18
CA VAL A 293 -24.14 -58.85 -32.38
C VAL A 293 -23.58 -58.02 -31.23
N ASN A 294 -24.23 -56.89 -30.96
CA ASN A 294 -23.92 -56.09 -29.80
C ASN A 294 -24.97 -56.29 -28.73
N PRO A 295 -24.59 -56.99 -27.65
CA PRO A 295 -25.51 -57.38 -26.62
C PRO A 295 -25.67 -56.24 -25.61
N ARG A 296 -26.00 -55.07 -26.15
CA ARG A 296 -26.09 -53.85 -25.37
C ARG A 296 -26.72 -52.74 -26.14
N VAL A 297 -26.88 -51.62 -25.45
CA VAL A 297 -27.32 -50.41 -26.12
C VAL A 297 -26.14 -49.80 -26.81
N GLN A 298 -26.39 -49.16 -27.93
CA GLN A 298 -25.28 -48.45 -28.60
C GLN A 298 -25.34 -46.96 -28.46
N VAL A 299 -24.17 -46.35 -28.52
CA VAL A 299 -24.03 -44.92 -28.65
C VAL A 299 -25.03 -44.29 -29.65
N GLU A 300 -25.26 -44.93 -30.79
CA GLU A 300 -26.17 -44.38 -31.81
C GLU A 300 -27.63 -44.78 -31.64
N HIS A 301 -28.04 -45.12 -30.45
CA HIS A 301 -29.43 -45.57 -30.29
C HIS A 301 -30.39 -44.45 -30.50
N THR A 302 -29.95 -43.29 -30.05
CA THR A 302 -30.65 -42.04 -30.18
C THR A 302 -31.47 -41.96 -31.47
N ILE A 303 -30.85 -42.19 -32.63
CA ILE A 303 -31.54 -41.88 -33.89
C ILE A 303 -32.69 -42.80 -34.15
N THR A 304 -32.54 -44.05 -33.74
CA THR A 304 -33.62 -45.05 -33.88
C THR A 304 -34.78 -44.63 -33.01
N GLU A 305 -34.49 -44.20 -31.78
CA GLU A 305 -35.51 -43.66 -30.91
C GLU A 305 -36.29 -42.59 -31.67
N LEU A 306 -35.59 -41.68 -32.32
CA LEU A 306 -36.23 -40.56 -33.01
C LEU A 306 -37.18 -40.99 -34.13
N ILE A 307 -36.79 -41.99 -34.91
CA ILE A 307 -37.60 -42.39 -36.06
C ILE A 307 -38.69 -43.41 -35.72
N THR A 308 -38.67 -43.93 -34.49
CA THR A 308 -39.70 -44.84 -34.02
C THR A 308 -40.60 -44.24 -32.96
N GLY A 309 -40.03 -43.40 -32.10
CA GLY A 309 -40.76 -42.88 -30.95
C GLY A 309 -40.64 -43.76 -29.74
N VAL A 310 -39.73 -44.70 -29.77
CA VAL A 310 -39.62 -45.69 -28.73
C VAL A 310 -38.42 -45.38 -27.87
N ASP A 311 -38.65 -45.03 -26.60
CA ASP A 311 -37.59 -44.74 -25.70
C ASP A 311 -36.94 -46.10 -25.37
N ILE A 312 -35.75 -46.32 -25.94
CA ILE A 312 -35.01 -47.57 -25.84
C ILE A 312 -34.44 -47.82 -24.45
N VAL A 313 -33.87 -46.80 -23.83
CA VAL A 313 -33.26 -47.01 -22.52
C VAL A 313 -34.35 -47.26 -21.49
N GLN A 314 -35.51 -46.63 -21.65
CA GLN A 314 -36.64 -46.93 -20.77
C GLN A 314 -36.98 -48.39 -20.94
N ALA A 315 -37.16 -48.78 -22.19
CA ALA A 315 -37.52 -50.14 -22.51
C ALA A 315 -36.52 -51.09 -21.90
N GLN A 316 -35.24 -50.83 -22.09
CA GLN A 316 -34.19 -51.67 -21.51
C GLN A 316 -34.48 -51.97 -20.04
N ILE A 317 -34.79 -50.93 -19.29
CA ILE A 317 -34.98 -51.02 -17.86
C ILE A 317 -36.25 -51.77 -17.52
N LEU A 318 -37.34 -51.46 -18.23
CA LEU A 318 -38.62 -52.11 -18.01
C LEU A 318 -38.53 -53.61 -18.32
N ILE A 319 -37.86 -53.97 -19.40
CA ILE A 319 -37.60 -55.38 -19.71
C ILE A 319 -36.91 -56.14 -18.57
N ALA A 320 -35.96 -55.47 -17.91
CA ALA A 320 -35.21 -56.07 -16.80
C ALA A 320 -36.02 -56.14 -15.48
N GLN A 321 -37.21 -55.53 -15.47
CA GLN A 321 -38.18 -55.70 -14.38
C GLN A 321 -39.16 -56.81 -14.74
N GLY A 322 -38.85 -57.55 -15.80
CA GLY A 322 -39.66 -58.68 -16.22
C GLY A 322 -40.81 -58.33 -17.15
N LYS A 323 -41.07 -57.05 -17.35
CA LYS A 323 -42.23 -56.62 -18.13
C LYS A 323 -42.28 -57.12 -19.58
N ASP A 324 -43.46 -56.96 -20.16
CA ASP A 324 -43.82 -57.46 -21.48
C ASP A 324 -43.83 -56.32 -22.49
N LEU A 325 -43.09 -56.48 -23.58
CA LEU A 325 -42.99 -55.45 -24.61
C LEU A 325 -44.33 -54.83 -24.99
N HIS A 326 -45.30 -55.69 -25.31
CA HIS A 326 -46.58 -55.24 -25.83
C HIS A 326 -47.63 -55.03 -24.73
N ARG A 327 -47.74 -55.97 -23.80
CA ARG A 327 -48.79 -55.87 -22.79
C ARG A 327 -48.56 -54.66 -21.85
N GLU A 328 -47.45 -54.62 -21.11
CA GLU A 328 -47.22 -53.55 -20.13
C GLU A 328 -46.49 -52.34 -20.69
N ILE A 329 -45.34 -52.57 -21.30
CA ILE A 329 -44.49 -51.50 -21.84
C ILE A 329 -45.25 -50.66 -22.86
N GLY A 330 -46.05 -51.31 -23.70
CA GLY A 330 -46.96 -50.59 -24.57
C GLY A 330 -46.57 -50.49 -26.03
N LEU A 331 -45.59 -51.28 -26.46
CA LEU A 331 -45.21 -51.30 -27.90
C LEU A 331 -46.20 -52.04 -28.80
N PRO A 332 -46.46 -51.49 -29.99
CA PRO A 332 -47.35 -52.19 -30.94
C PRO A 332 -46.68 -53.41 -31.56
N ALA A 333 -47.43 -54.15 -32.36
CA ALA A 333 -46.90 -55.33 -33.04
C ALA A 333 -45.95 -54.89 -34.13
N GLN A 334 -44.99 -55.76 -34.44
CA GLN A 334 -43.95 -55.47 -35.44
C GLN A 334 -44.37 -54.56 -36.60
N SER A 335 -45.47 -54.86 -37.26
CA SER A 335 -45.84 -54.11 -38.46
C SER A 335 -46.46 -52.75 -38.16
N GLU A 336 -46.86 -52.53 -36.91
CA GLU A 336 -47.48 -51.25 -36.51
C GLU A 336 -46.46 -50.30 -35.83
N ILE A 337 -45.18 -50.69 -35.83
CA ILE A 337 -44.09 -49.88 -35.24
C ILE A 337 -43.76 -48.73 -36.17
N PRO A 338 -43.80 -47.50 -35.65
CA PRO A 338 -43.72 -46.36 -36.60
C PRO A 338 -42.36 -46.14 -37.30
N LEU A 339 -42.39 -45.34 -38.36
CA LEU A 339 -41.20 -44.95 -39.10
C LEU A 339 -41.37 -43.50 -39.52
N LEU A 340 -40.91 -42.58 -38.68
CA LEU A 340 -41.25 -41.16 -38.83
C LEU A 340 -40.07 -40.44 -39.37
N GLY A 341 -40.07 -40.26 -40.67
CA GLY A 341 -38.96 -39.62 -41.37
C GLY A 341 -37.58 -40.20 -41.07
N SER A 342 -36.62 -39.32 -40.98
CA SER A 342 -35.24 -39.72 -40.83
C SER A 342 -34.61 -39.01 -39.62
N ALA A 343 -33.37 -39.39 -39.32
CA ALA A 343 -32.54 -38.80 -38.27
C ALA A 343 -31.06 -39.05 -38.53
N ILE A 344 -30.22 -38.15 -38.04
CA ILE A 344 -28.79 -38.22 -38.26
C ILE A 344 -28.06 -37.92 -36.93
N GLN A 345 -27.00 -38.66 -36.64
CA GLN A 345 -26.17 -38.35 -35.47
C GLN A 345 -24.72 -38.06 -35.84
N CYS A 346 -24.13 -37.06 -35.19
CA CYS A 346 -22.71 -36.79 -35.27
C CYS A 346 -22.15 -36.74 -33.88
N ARG A 347 -21.06 -37.43 -33.63
CA ARG A 347 -20.36 -37.21 -32.37
C ARG A 347 -19.34 -36.09 -32.47
N ILE A 348 -19.60 -34.98 -31.80
CA ILE A 348 -18.62 -33.92 -31.75
C ILE A 348 -17.60 -34.28 -30.68
N THR A 349 -16.37 -34.55 -31.12
CA THR A 349 -15.25 -34.92 -30.24
C THR A 349 -14.17 -33.85 -30.21
N THR A 350 -13.11 -34.08 -29.46
CA THR A 350 -11.96 -33.20 -29.48
C THR A 350 -10.95 -33.58 -30.56
N GLU A 351 -11.28 -34.55 -31.41
CA GLU A 351 -10.36 -35.04 -32.44
C GLU A 351 -10.00 -33.90 -33.40
N ASP A 352 -8.77 -33.36 -33.27
CA ASP A 352 -8.32 -32.24 -34.13
C ASP A 352 -8.04 -32.72 -35.55
N PRO A 353 -8.82 -32.26 -36.55
CA PRO A 353 -8.66 -32.94 -37.86
C PRO A 353 -7.48 -32.36 -38.67
N GLN A 354 -6.96 -31.20 -38.24
CA GLN A 354 -5.72 -30.64 -38.77
C GLN A 354 -4.53 -30.94 -37.88
N ASN A 355 -4.65 -32.02 -37.10
CA ASN A 355 -3.53 -32.63 -36.41
C ASN A 355 -3.68 -34.16 -36.41
N GLY A 356 -4.13 -34.70 -37.55
CA GLY A 356 -4.36 -36.15 -37.71
C GLY A 356 -5.33 -36.79 -36.72
N PHE A 357 -6.37 -36.03 -36.32
CA PHE A 357 -7.43 -36.49 -35.40
C PHE A 357 -6.93 -36.90 -33.99
N LEU A 358 -5.78 -36.36 -33.58
CA LEU A 358 -5.33 -36.53 -32.20
C LEU A 358 -6.21 -35.71 -31.25
N PRO A 359 -6.95 -36.39 -30.37
CA PRO A 359 -7.84 -35.74 -29.44
C PRO A 359 -7.18 -34.66 -28.64
N ASP A 360 -7.64 -33.42 -28.83
CA ASP A 360 -7.07 -32.30 -28.10
C ASP A 360 -7.54 -32.40 -26.68
N THR A 361 -6.78 -31.79 -25.78
CA THR A 361 -7.12 -31.68 -24.37
C THR A 361 -6.99 -30.22 -24.00
N GLY A 362 -7.49 -29.84 -22.83
CA GLY A 362 -7.29 -28.48 -22.29
C GLY A 362 -8.57 -27.98 -21.65
N LYS A 363 -8.51 -26.78 -21.08
CA LYS A 363 -9.69 -26.19 -20.52
C LYS A 363 -10.62 -25.67 -21.62
N ILE A 364 -11.89 -26.03 -21.53
CA ILE A 364 -12.93 -25.51 -22.42
C ILE A 364 -13.37 -24.13 -21.90
N ASP A 365 -13.29 -23.10 -22.75
CA ASP A 365 -13.65 -21.76 -22.33
C ASP A 365 -15.14 -21.47 -22.58
N THR A 366 -15.66 -21.93 -23.71
CA THR A 366 -17.02 -21.57 -24.12
C THR A 366 -17.75 -22.80 -24.59
N TYR A 367 -18.99 -22.92 -24.13
CA TYR A 367 -19.90 -23.88 -24.74
C TYR A 367 -21.32 -23.49 -24.42
N ARG A 368 -22.14 -23.38 -25.45
CA ARG A 368 -23.60 -23.22 -25.29
C ARG A 368 -24.21 -24.26 -26.21
N SER A 369 -25.31 -24.87 -25.83
CA SER A 369 -25.85 -25.94 -26.67
C SER A 369 -27.04 -25.45 -27.49
N PRO A 370 -26.95 -25.62 -28.81
CA PRO A 370 -28.02 -25.12 -29.70
C PRO A 370 -29.26 -25.97 -29.55
N GLY A 371 -30.29 -25.68 -30.32
CA GLY A 371 -31.57 -26.28 -30.03
C GLY A 371 -32.56 -25.99 -31.12
N GLY A 372 -33.84 -26.07 -30.78
CA GLY A 372 -34.91 -25.79 -31.73
C GLY A 372 -35.47 -27.04 -32.33
N PHE A 373 -36.27 -26.87 -33.39
CA PHE A 373 -36.99 -28.00 -33.95
C PHE A 373 -36.07 -28.91 -34.74
N GLY A 374 -36.16 -30.20 -34.44
CA GLY A 374 -35.42 -31.22 -35.15
C GLY A 374 -34.01 -31.39 -34.64
N ILE A 375 -33.73 -30.89 -33.45
CA ILE A 375 -32.43 -31.01 -32.80
C ILE A 375 -32.56 -31.76 -31.51
N ARG A 376 -31.68 -32.71 -31.32
CA ARG A 376 -31.57 -33.50 -30.10
C ARG A 376 -30.13 -33.51 -29.63
N LEU A 377 -29.93 -33.35 -28.31
CA LEU A 377 -28.57 -33.26 -27.76
C LEU A 377 -28.39 -34.13 -26.58
N ASP A 378 -27.56 -35.15 -26.78
CA ASP A 378 -27.15 -35.99 -25.67
C ASP A 378 -25.75 -35.54 -25.34
N VAL A 379 -25.63 -34.66 -24.35
CA VAL A 379 -24.37 -33.97 -24.14
C VAL A 379 -23.44 -34.72 -23.17
N GLY A 380 -22.16 -34.69 -23.46
CA GLY A 380 -21.16 -35.35 -22.60
C GLY A 380 -20.64 -34.44 -21.50
N ASN A 381 -19.31 -34.30 -21.42
CA ASN A 381 -18.67 -33.30 -20.54
C ASN A 381 -18.10 -32.24 -21.42
N ALA A 382 -18.94 -31.27 -21.76
CA ALA A 382 -18.46 -30.21 -22.61
C ALA A 382 -19.07 -28.99 -22.11
N TYR A 383 -18.46 -28.38 -21.10
CA TYR A 383 -19.07 -27.20 -20.51
C TYR A 383 -18.01 -26.16 -20.17
N ALA A 384 -18.46 -24.96 -19.85
CA ALA A 384 -17.54 -23.86 -19.63
C ALA A 384 -16.73 -24.17 -18.42
N GLY A 385 -15.43 -24.38 -18.59
CA GLY A 385 -14.54 -24.51 -17.45
C GLY A 385 -14.02 -25.91 -17.26
N TYR A 386 -14.56 -26.85 -17.99
CA TYR A 386 -14.19 -28.22 -17.78
C TYR A 386 -12.81 -28.49 -18.36
N GLU A 387 -11.97 -29.15 -17.57
CA GLU A 387 -10.64 -29.57 -18.02
C GLU A 387 -10.80 -30.86 -18.77
N VAL A 388 -10.57 -30.85 -20.07
CA VAL A 388 -10.57 -32.11 -20.83
C VAL A 388 -9.27 -32.84 -20.54
N THR A 389 -9.37 -34.04 -19.99
CA THR A 389 -8.20 -34.82 -19.59
C THR A 389 -7.86 -35.77 -20.69
N PRO A 390 -6.64 -36.32 -20.67
CA PRO A 390 -6.28 -37.30 -21.72
C PRO A 390 -6.83 -38.72 -21.53
N TYR A 391 -7.42 -38.99 -20.36
CA TYR A 391 -7.73 -40.36 -19.88
C TYR A 391 -8.88 -41.03 -20.58
N PHE A 392 -9.97 -40.28 -20.71
CA PHE A 392 -11.17 -40.87 -21.26
C PHE A 392 -11.28 -40.56 -22.72
N ASP A 393 -12.31 -41.10 -23.36
CA ASP A 393 -12.49 -40.87 -24.80
C ASP A 393 -12.81 -39.38 -25.04
N SER A 394 -12.94 -39.04 -26.32
CA SER A 394 -12.86 -37.65 -26.73
C SER A 394 -14.22 -36.96 -26.84
N LEU A 395 -15.30 -37.73 -26.91
CA LEU A 395 -16.66 -37.19 -27.07
C LEU A 395 -17.00 -35.94 -26.24
N LEU A 396 -17.44 -34.89 -26.91
CA LEU A 396 -17.98 -33.71 -26.25
C LEU A 396 -19.49 -33.77 -26.17
N VAL A 397 -20.13 -34.01 -27.30
CA VAL A 397 -21.58 -33.97 -27.33
C VAL A 397 -22.10 -34.72 -28.56
N LYS A 398 -23.13 -35.52 -28.36
CA LYS A 398 -23.80 -36.17 -29.45
C LYS A 398 -24.91 -35.22 -29.94
N VAL A 399 -24.91 -34.99 -31.25
CA VAL A 399 -25.92 -34.17 -31.87
C VAL A 399 -26.74 -35.00 -32.80
N CYS A 400 -28.04 -35.06 -32.55
CA CYS A 400 -28.97 -35.61 -33.53
C CYS A 400 -29.80 -34.52 -34.21
N THR A 401 -30.18 -34.75 -35.44
CA THR A 401 -31.20 -33.98 -36.09
C THR A 401 -32.21 -34.91 -36.72
N PHE A 402 -33.39 -34.39 -37.03
CA PHE A 402 -34.47 -35.22 -37.53
C PHE A 402 -35.55 -34.42 -38.22
N ALA A 403 -36.13 -35.03 -39.25
CA ALA A 403 -37.09 -34.34 -40.10
C ALA A 403 -37.81 -35.33 -41.00
N ASN A 404 -39.02 -35.00 -41.45
CA ASN A 404 -39.74 -35.82 -42.47
C ASN A 404 -38.85 -36.16 -43.63
N GLU A 405 -38.34 -35.13 -44.27
CA GLU A 405 -37.46 -35.32 -45.41
C GLU A 405 -36.00 -35.40 -44.96
N PHE A 406 -35.31 -36.47 -45.33
CA PHE A 406 -33.86 -36.55 -45.11
C PHE A 406 -33.07 -35.34 -45.59
N SER A 407 -33.52 -34.69 -46.66
CA SER A 407 -32.87 -33.49 -47.16
C SER A 407 -32.84 -32.43 -46.08
N ASP A 408 -33.94 -32.34 -45.34
CA ASP A 408 -34.07 -31.36 -44.29
C ASP A 408 -33.37 -31.77 -42.98
N SER A 409 -33.31 -33.07 -42.69
CA SER A 409 -32.44 -33.58 -41.62
C SER A 409 -31.01 -33.15 -41.84
N VAL A 410 -30.56 -33.17 -43.09
CA VAL A 410 -29.25 -32.64 -43.43
C VAL A 410 -29.15 -31.13 -43.19
N ARG A 411 -30.13 -30.35 -43.68
CA ARG A 411 -30.15 -28.89 -43.54
C ARG A 411 -29.96 -28.50 -42.06
N LYS A 412 -30.75 -29.15 -41.19
CA LYS A 412 -30.65 -28.93 -39.75
C LYS A 412 -29.30 -29.30 -39.12
N MET A 413 -28.76 -30.47 -39.44
CA MET A 413 -27.40 -30.77 -39.03
C MET A 413 -26.36 -29.69 -39.49
N ASP A 414 -26.50 -29.22 -40.73
CA ASP A 414 -25.57 -28.25 -41.24
C ASP A 414 -25.68 -27.00 -40.43
N ARG A 415 -26.91 -26.57 -40.14
CA ARG A 415 -27.08 -25.36 -39.35
C ARG A 415 -26.42 -25.48 -37.98
N VAL A 416 -26.70 -26.61 -37.31
CA VAL A 416 -26.28 -26.80 -35.97
C VAL A 416 -24.76 -26.79 -35.92
N LEU A 417 -24.12 -27.63 -36.71
CA LEU A 417 -22.66 -27.71 -36.64
C LEU A 417 -22.10 -26.33 -36.76
N HIS A 418 -22.70 -25.53 -37.65
CA HIS A 418 -22.31 -24.14 -37.86
C HIS A 418 -22.63 -23.26 -36.67
N GLU A 419 -23.76 -23.54 -36.02
CA GLU A 419 -24.18 -22.78 -34.82
C GLU A 419 -23.28 -22.97 -33.59
N PHE A 420 -22.66 -24.12 -33.45
CA PHE A 420 -21.83 -24.41 -32.30
C PHE A 420 -20.66 -23.44 -32.18
N ARG A 421 -20.42 -22.95 -30.97
CA ARG A 421 -19.26 -22.15 -30.65
C ARG A 421 -18.50 -22.71 -29.46
N ILE A 422 -17.56 -23.60 -29.74
CA ILE A 422 -16.85 -24.32 -28.69
C ILE A 422 -15.44 -23.83 -28.70
N ARG A 423 -15.09 -23.06 -27.67
CA ARG A 423 -13.77 -22.50 -27.62
C ARG A 423 -13.03 -23.04 -26.43
N GLY A 424 -11.76 -23.31 -26.65
CA GLY A 424 -10.89 -23.78 -25.61
C GLY A 424 -10.15 -24.97 -26.14
N VAL A 425 -10.84 -25.79 -26.93
CA VAL A 425 -10.21 -27.00 -27.46
C VAL A 425 -10.64 -27.23 -28.86
N LYS A 426 -9.76 -27.82 -29.65
CA LYS A 426 -10.07 -28.19 -31.02
C LYS A 426 -11.23 -29.20 -31.03
N THR A 427 -11.93 -29.30 -32.15
CA THR A 427 -13.02 -30.25 -32.30
C THR A 427 -13.03 -30.73 -33.75
N ASN A 428 -13.87 -31.73 -34.01
CA ASN A 428 -13.92 -32.34 -35.33
C ASN A 428 -14.96 -31.66 -36.20
N ILE A 429 -15.54 -30.55 -35.73
CA ILE A 429 -16.65 -29.93 -36.46
C ILE A 429 -16.32 -29.65 -37.93
N PRO A 430 -15.13 -29.07 -38.19
CA PRO A 430 -14.75 -28.80 -39.58
C PRO A 430 -14.87 -30.01 -40.46
N PHE A 431 -14.48 -31.16 -39.93
CA PHE A 431 -14.61 -32.41 -40.65
C PHE A 431 -16.06 -32.79 -40.93
N LEU A 432 -16.89 -32.65 -39.92
CA LEU A 432 -18.27 -33.06 -40.04
C LEU A 432 -19.01 -32.23 -41.08
N ILE A 433 -18.72 -30.93 -41.07
CA ILE A 433 -19.34 -30.01 -42.00
C ILE A 433 -19.07 -30.44 -43.44
N ASN A 434 -17.82 -30.86 -43.71
CA ASN A 434 -17.43 -31.29 -45.06
C ASN A 434 -18.19 -32.51 -45.49
N VAL A 435 -18.36 -33.40 -44.53
CA VAL A 435 -19.00 -34.68 -44.77
C VAL A 435 -20.49 -34.55 -45.09
N ILE A 436 -21.20 -33.63 -44.43
CA ILE A 436 -22.63 -33.51 -44.69
C ILE A 436 -22.88 -32.63 -45.93
N ALA A 437 -21.85 -31.86 -46.29
CA ALA A 437 -21.84 -31.11 -47.55
C ALA A 437 -21.80 -32.04 -48.75
N ASN A 438 -21.14 -33.18 -48.60
CA ASN A 438 -20.83 -34.07 -49.72
C ASN A 438 -22.04 -34.79 -50.36
N GLU A 439 -22.08 -34.86 -51.68
CA GLU A 439 -23.26 -35.40 -52.36
C GLU A 439 -23.43 -36.92 -52.15
N ASN A 440 -22.33 -37.62 -51.93
CA ASN A 440 -22.38 -39.05 -51.65
C ASN A 440 -23.13 -39.33 -50.38
N PHE A 441 -22.91 -38.47 -49.38
CA PHE A 441 -23.60 -38.58 -48.11
C PHE A 441 -25.07 -38.15 -48.28
N THR A 442 -25.31 -36.93 -48.75
CA THR A 442 -26.68 -36.39 -48.84
C THR A 442 -27.63 -37.26 -49.65
N SER A 443 -27.08 -38.04 -50.57
CA SER A 443 -27.84 -39.06 -51.35
C SER A 443 -28.19 -40.27 -50.55
N GLY A 444 -27.46 -40.52 -49.46
CA GLY A 444 -27.71 -41.68 -48.60
C GLY A 444 -26.99 -42.93 -49.06
N GLN A 445 -25.98 -42.73 -49.91
CA GLN A 445 -25.28 -43.84 -50.62
C GLN A 445 -23.85 -44.11 -50.15
N ALA A 446 -23.35 -43.37 -49.16
CA ALA A 446 -21.97 -43.57 -48.76
C ALA A 446 -21.70 -45.01 -48.34
N THR A 447 -20.44 -45.41 -48.52
CA THR A 447 -19.95 -46.75 -48.15
C THR A 447 -18.88 -46.60 -47.06
N THR A 448 -18.30 -47.71 -46.62
CA THR A 448 -17.26 -47.66 -45.58
C THR A 448 -15.95 -47.03 -46.06
N THR A 449 -15.77 -47.07 -47.39
CA THR A 449 -14.55 -46.58 -48.05
C THR A 449 -14.73 -45.18 -48.62
N PHE A 450 -15.97 -44.68 -48.57
CA PHE A 450 -16.28 -43.33 -49.04
C PHE A 450 -15.35 -42.28 -48.41
N ILE A 451 -15.14 -42.32 -47.12
CA ILE A 451 -14.33 -41.29 -46.49
C ILE A 451 -12.86 -41.39 -46.86
N ASP A 452 -12.33 -42.60 -46.86
CA ASP A 452 -10.88 -42.77 -47.08
C ASP A 452 -10.56 -42.52 -48.56
N ASN A 453 -11.56 -42.74 -49.43
CA ASN A 453 -11.48 -42.44 -50.86
C ASN A 453 -11.98 -41.07 -51.29
N THR A 454 -12.23 -40.16 -50.36
CA THR A 454 -12.59 -38.79 -50.75
C THR A 454 -11.56 -37.88 -50.11
N PRO A 455 -10.55 -37.48 -50.89
CA PRO A 455 -9.53 -36.64 -50.26
C PRO A 455 -10.06 -35.22 -50.03
N SER A 456 -11.07 -34.82 -50.81
CA SER A 456 -11.63 -33.46 -50.71
C SER A 456 -12.13 -33.09 -49.30
N LEU A 457 -12.57 -34.10 -48.54
CA LEU A 457 -13.08 -33.91 -47.16
C LEU A 457 -12.07 -33.43 -46.15
N PHE A 458 -10.79 -33.39 -46.49
CA PHE A 458 -9.76 -32.97 -45.53
C PHE A 458 -9.17 -31.59 -45.79
N ASN A 459 -9.73 -30.85 -46.74
CA ASN A 459 -9.37 -29.45 -46.94
C ASN A 459 -10.26 -28.65 -46.03
N PHE A 460 -9.66 -27.96 -45.06
CA PHE A 460 -10.42 -27.23 -44.04
C PHE A 460 -10.10 -25.73 -44.10
N PRO A 461 -11.12 -24.88 -44.10
CA PRO A 461 -10.86 -23.43 -44.11
C PRO A 461 -10.09 -22.97 -42.87
N ARG A 462 -9.03 -22.18 -43.01
CA ARG A 462 -8.34 -21.55 -41.85
C ARG A 462 -9.41 -20.72 -41.13
N LEU A 463 -9.44 -20.76 -39.80
CA LEU A 463 -10.49 -20.05 -39.04
C LEU A 463 -9.92 -19.06 -38.06
N ARG A 464 -10.54 -17.88 -37.97
CA ARG A 464 -10.16 -16.82 -37.02
C ARG A 464 -11.24 -16.77 -35.95
N ASP A 465 -10.83 -16.72 -34.68
CA ASP A 465 -11.83 -16.52 -33.65
C ASP A 465 -12.18 -15.01 -33.53
N ARG A 466 -11.22 -14.16 -33.90
CA ARG A 466 -11.34 -12.69 -33.65
C ARG A 466 -11.63 -12.31 -32.18
N GLY A 467 -12.79 -12.70 -31.65
CA GLY A 467 -13.07 -12.52 -30.20
C GLY A 467 -11.84 -12.92 -29.40
N THR A 468 -11.42 -14.17 -29.58
CA THR A 468 -10.28 -14.67 -28.82
C THR A 468 -9.03 -13.80 -29.00
N LYS A 469 -8.63 -13.56 -30.25
CA LYS A 469 -7.35 -12.88 -30.48
C LYS A 469 -7.34 -11.46 -29.93
N THR A 470 -8.49 -10.81 -30.03
CA THR A 470 -8.63 -9.47 -29.51
C THR A 470 -8.41 -9.47 -28.00
N LEU A 471 -9.07 -10.42 -27.34
CA LEU A 471 -9.02 -10.52 -25.90
C LEU A 471 -7.61 -10.84 -25.44
N HIS A 472 -6.90 -11.63 -26.22
CA HIS A 472 -5.49 -11.85 -25.96
C HIS A 472 -4.78 -10.49 -25.96
N TYR A 473 -4.98 -9.70 -27.01
CA TYR A 473 -4.30 -8.40 -27.15
C TYR A 473 -4.68 -7.47 -26.01
N LEU A 474 -5.97 -7.26 -25.84
CA LEU A 474 -6.46 -6.45 -24.77
C LEU A 474 -5.81 -6.85 -23.41
N SER A 475 -5.70 -8.15 -23.17
CA SER A 475 -5.13 -8.65 -21.94
C SER A 475 -3.65 -8.35 -21.87
N MET A 476 -2.94 -8.61 -22.96
CA MET A 476 -1.50 -8.35 -22.98
C MET A 476 -1.16 -6.90 -22.58
N ILE A 477 -1.88 -5.97 -23.18
CA ILE A 477 -1.61 -4.55 -23.01
C ILE A 477 -2.14 -4.13 -21.66
N THR A 478 -3.28 -4.69 -21.24
CA THR A 478 -3.88 -4.23 -20.00
C THR A 478 -2.98 -4.59 -18.83
N VAL A 479 -2.08 -5.54 -19.03
CA VAL A 479 -1.26 -6.05 -17.95
C VAL A 479 0.18 -5.64 -18.12
N ASN A 480 0.77 -5.89 -19.28
CA ASN A 480 2.16 -5.49 -19.51
C ASN A 480 2.35 -4.13 -20.19
N GLY A 481 1.26 -3.41 -20.48
CA GLY A 481 1.35 -2.14 -21.19
C GLY A 481 1.83 -2.23 -22.63
N PHE A 482 1.94 -1.08 -23.29
CA PHE A 482 2.41 -1.03 -24.67
C PHE A 482 3.92 -0.80 -24.75
N PRO A 483 4.63 -1.45 -25.69
CA PRO A 483 6.08 -1.42 -25.61
C PRO A 483 6.66 -0.04 -25.96
N GLY A 484 7.60 0.43 -25.15
CA GLY A 484 8.25 1.72 -25.37
C GLY A 484 7.41 2.93 -25.02
N ILE A 485 6.54 2.81 -24.01
CA ILE A 485 5.79 3.94 -23.48
C ILE A 485 5.44 3.61 -22.05
N GLU A 486 5.51 4.59 -21.16
CA GLU A 486 5.18 4.32 -19.78
C GLU A 486 3.78 3.73 -19.65
N ASN A 487 3.69 2.64 -18.92
CA ASN A 487 2.44 1.98 -18.63
C ASN A 487 1.60 2.92 -17.73
N THR A 488 1.02 3.96 -18.32
CA THR A 488 0.11 4.84 -17.58
C THR A 488 -1.29 4.21 -17.49
N GLU A 489 -2.20 4.93 -16.87
CA GLU A 489 -3.59 4.52 -16.84
C GLU A 489 -4.38 5.25 -17.91
N LYS A 490 -5.46 4.62 -18.36
CA LYS A 490 -6.17 5.00 -19.57
C LYS A 490 -7.12 6.16 -19.30
N ARG A 491 -6.90 7.31 -19.94
CA ARG A 491 -7.83 8.44 -19.78
C ARG A 491 -9.21 8.08 -20.34
N HIS A 492 -10.26 8.77 -19.88
CA HIS A 492 -11.60 8.68 -20.49
C HIS A 492 -11.58 9.74 -21.56
N PHE A 493 -11.94 9.39 -22.78
CA PHE A 493 -11.87 10.35 -23.88
C PHE A 493 -13.26 10.51 -24.45
N GLU A 494 -13.63 11.73 -24.79
CA GLU A 494 -14.89 12.00 -25.46
C GLU A 494 -14.85 11.44 -26.89
N GLU A 495 -16.00 11.27 -27.53
CA GLU A 495 -16.02 11.04 -28.98
C GLU A 495 -15.33 12.24 -29.64
N PRO A 496 -14.41 12.01 -30.58
CA PRO A 496 -13.82 13.22 -31.14
C PRO A 496 -14.88 13.94 -31.98
N ARG A 497 -14.77 15.28 -32.09
CA ARG A 497 -15.73 16.12 -32.77
C ARG A 497 -15.83 15.92 -34.30
N GLN A 498 -17.04 15.60 -34.73
CA GLN A 498 -17.36 15.40 -36.13
C GLN A 498 -17.62 16.80 -36.72
N PRO A 499 -17.19 17.06 -37.95
CA PRO A 499 -17.31 18.44 -38.42
C PRO A 499 -18.69 18.75 -39.03
N LEU A 500 -19.25 19.92 -38.73
CA LEU A 500 -20.33 20.55 -39.53
C LEU A 500 -19.78 21.14 -40.80
N LEU A 501 -20.10 20.56 -41.95
CA LEU A 501 -19.51 20.97 -43.20
C LEU A 501 -20.52 21.65 -44.09
N ASN A 502 -20.04 22.52 -44.97
CA ASN A 502 -20.88 23.04 -46.03
C ASN A 502 -20.30 22.64 -47.36
N LEU A 503 -20.86 21.57 -47.88
CA LEU A 503 -20.35 20.93 -49.08
C LEU A 503 -20.64 21.69 -50.38
N GLU A 504 -19.73 21.55 -51.34
CA GLU A 504 -19.87 22.13 -52.68
C GLU A 504 -19.37 21.11 -53.69
N LYS A 505 -20.20 20.69 -54.64
CA LYS A 505 -19.77 19.73 -55.68
C LYS A 505 -18.71 20.37 -56.58
N LYS A 506 -17.58 19.70 -56.81
CA LYS A 506 -16.52 20.17 -57.71
C LYS A 506 -15.78 19.06 -58.38
N LYS A 507 -15.32 19.32 -59.59
CA LYS A 507 -14.40 18.39 -60.26
C LYS A 507 -13.07 18.56 -59.53
N THR A 508 -12.26 17.51 -59.51
CA THR A 508 -11.05 17.53 -58.70
C THR A 508 -9.92 17.00 -59.52
N ALA A 509 -8.69 17.40 -59.20
CA ALA A 509 -7.57 16.88 -59.95
C ALA A 509 -7.65 15.34 -60.12
N LYS A 510 -8.12 14.66 -59.08
CA LYS A 510 -8.29 13.21 -59.12
C LYS A 510 -9.19 12.84 -60.28
N ASN A 511 -10.38 13.44 -60.30
CA ASN A 511 -11.36 13.22 -61.37
C ASN A 511 -10.69 13.42 -62.73
N ILE A 512 -10.07 14.57 -62.92
CA ILE A 512 -9.36 14.85 -64.16
C ILE A 512 -8.37 13.73 -64.48
N LEU A 513 -7.51 13.36 -63.53
CA LEU A 513 -6.49 12.35 -63.79
C LEU A 513 -7.14 11.08 -64.31
N ASP A 514 -8.15 10.64 -63.58
CA ASP A 514 -8.89 9.44 -63.96
C ASP A 514 -9.47 9.55 -65.36
N GLU A 515 -10.18 10.63 -65.64
CA GLU A 515 -10.91 10.78 -66.90
C GLU A 515 -10.04 11.16 -68.09
N GLN A 516 -8.94 11.89 -67.89
CA GLN A 516 -8.16 12.50 -69.00
C GLN A 516 -6.65 12.39 -68.88
N GLY A 517 -6.17 11.69 -67.87
CA GLY A 517 -4.73 11.51 -67.70
C GLY A 517 -3.93 12.62 -67.03
N ALA A 518 -2.63 12.36 -66.94
CA ALA A 518 -1.77 13.13 -66.11
C ALA A 518 -1.50 14.51 -66.65
N ASP A 519 -1.17 14.56 -67.94
CA ASP A 519 -0.90 15.81 -68.64
C ASP A 519 -2.10 16.74 -68.56
N ALA A 520 -3.30 16.17 -68.51
CA ALA A 520 -4.52 16.98 -68.32
C ALA A 520 -4.55 17.66 -66.97
N VAL A 521 -3.94 17.01 -65.98
CA VAL A 521 -3.91 17.55 -64.62
C VAL A 521 -2.89 18.68 -64.59
N VAL A 522 -1.75 18.43 -65.23
CA VAL A 522 -0.77 19.46 -65.30
C VAL A 522 -1.38 20.70 -65.92
N ASP A 523 -2.29 20.53 -66.87
CA ASP A 523 -2.88 21.69 -67.52
C ASP A 523 -3.78 22.39 -66.54
N TYR A 524 -4.60 21.59 -65.87
CA TYR A 524 -5.44 22.07 -64.77
C TYR A 524 -4.66 22.89 -63.73
N VAL A 525 -3.46 22.44 -63.39
CA VAL A 525 -2.65 23.14 -62.38
C VAL A 525 -2.13 24.45 -62.94
N LYS A 526 -1.60 24.38 -64.16
CA LYS A 526 -1.08 25.58 -64.86
C LYS A 526 -2.15 26.64 -65.11
N ASN A 527 -3.40 26.22 -65.27
CA ASN A 527 -4.54 27.15 -65.38
C ASN A 527 -5.24 27.46 -64.05
N THR A 528 -4.54 27.26 -62.93
CA THR A 528 -5.08 27.62 -61.61
C THR A 528 -4.33 28.84 -61.11
N LYS A 529 -5.07 29.85 -60.62
CA LYS A 529 -4.50 31.17 -60.28
C LYS A 529 -4.00 31.15 -58.89
N GLU A 530 -4.87 30.64 -58.04
CA GLU A 530 -4.59 30.41 -56.67
C GLU A 530 -3.40 29.49 -56.49
N VAL A 531 -2.78 29.58 -55.31
CA VAL A 531 -1.84 28.56 -54.89
C VAL A 531 -2.66 27.35 -54.41
N LEU A 532 -2.25 26.18 -54.84
CA LEU A 532 -3.00 24.96 -54.63
C LEU A 532 -2.34 24.27 -53.45
N LEU A 533 -3.13 23.53 -52.69
CA LEU A 533 -2.58 22.89 -51.48
C LEU A 533 -2.57 21.38 -51.48
N THR A 534 -1.48 20.80 -50.98
CA THR A 534 -1.46 19.38 -50.63
C THR A 534 -1.51 19.21 -49.09
N ASP A 535 -2.43 18.34 -48.61
CA ASP A 535 -2.59 18.01 -47.15
C ASP A 535 -1.64 16.89 -46.67
N THR A 536 -0.52 17.32 -46.08
CA THR A 536 0.44 16.41 -45.48
C THR A 536 0.02 15.85 -44.10
N THR A 537 -1.20 16.14 -43.65
CA THR A 537 -1.71 15.61 -42.39
C THR A 537 -1.63 14.07 -42.22
N LEU A 538 -1.95 13.27 -43.23
CA LEU A 538 -1.88 11.80 -43.08
C LEU A 538 -0.49 11.12 -43.30
N ARG A 539 0.56 11.92 -43.45
CA ARG A 539 1.89 11.37 -43.63
C ARG A 539 2.97 12.26 -42.97
N ASP A 540 3.54 13.25 -43.67
CA ASP A 540 4.67 13.99 -43.10
C ASP A 540 4.30 14.73 -41.82
N ALA A 541 3.02 15.03 -41.62
CA ALA A 541 2.65 15.80 -40.40
C ALA A 541 2.93 15.02 -39.13
N HIS A 542 2.33 13.83 -39.08
CA HIS A 542 2.45 13.00 -37.93
C HIS A 542 3.78 12.30 -37.89
N GLN A 543 4.35 12.02 -39.03
CA GLN A 543 5.72 11.57 -39.03
C GLN A 543 6.57 12.57 -38.28
N SER A 544 6.26 13.85 -38.42
CA SER A 544 7.15 14.91 -37.90
C SER A 544 6.90 15.11 -36.42
N LEU A 545 5.72 14.76 -35.96
CA LEU A 545 5.26 15.19 -34.66
C LEU A 545 4.94 14.11 -33.62
N LEU A 546 4.49 12.97 -34.12
CA LEU A 546 4.03 11.83 -33.37
C LEU A 546 4.75 10.55 -33.81
N ALA A 547 6.02 10.67 -34.18
CA ALA A 547 6.81 9.53 -34.67
C ALA A 547 6.00 8.57 -35.53
N THR A 548 5.22 9.10 -36.45
CA THR A 548 4.62 8.27 -37.47
C THR A 548 3.51 7.32 -36.98
N ARG A 549 3.11 7.51 -35.74
CA ARG A 549 2.21 6.57 -35.12
C ARG A 549 0.77 6.81 -35.47
N LEU A 550 0.42 7.71 -36.38
CA LEU A 550 -1.02 7.95 -36.61
C LEU A 550 -1.54 6.69 -37.17
N ARG A 551 -2.73 6.32 -36.69
CA ARG A 551 -3.34 5.04 -36.95
C ARG A 551 -4.56 5.09 -37.89
N LEU A 552 -4.66 4.09 -38.75
CA LEU A 552 -5.77 4.04 -39.70
C LEU A 552 -7.10 4.27 -39.01
N GLN A 553 -7.29 3.76 -37.80
CA GLN A 553 -8.62 3.83 -37.23
C GLN A 553 -9.01 5.28 -37.08
N ASP A 554 -8.06 6.11 -36.64
CA ASP A 554 -8.29 7.55 -36.53
C ASP A 554 -8.45 8.24 -37.89
N MET A 555 -7.63 7.83 -38.88
CA MET A 555 -7.75 8.35 -40.25
C MET A 555 -9.13 8.11 -40.84
N LYS A 556 -9.69 6.94 -40.65
CA LYS A 556 -10.89 6.63 -41.37
C LYS A 556 -12.10 7.31 -40.77
N GLY A 557 -11.93 7.95 -39.64
CA GLY A 557 -13.08 8.54 -38.97
C GLY A 557 -13.47 9.85 -39.56
N ILE A 558 -12.54 10.42 -40.33
CA ILE A 558 -12.62 11.77 -40.91
C ILE A 558 -12.25 11.78 -42.40
N ALA A 559 -11.77 10.66 -42.93
CA ALA A 559 -11.33 10.62 -44.30
C ALA A 559 -12.38 11.18 -45.27
N GLN A 560 -13.60 10.76 -45.09
CA GLN A 560 -14.66 11.18 -45.95
C GLN A 560 -14.86 12.69 -45.87
N ALA A 561 -14.84 13.25 -44.67
CA ALA A 561 -15.02 14.70 -44.51
C ALA A 561 -13.96 15.47 -45.27
N ILE A 562 -12.76 14.94 -45.34
CA ILE A 562 -11.72 15.59 -46.11
C ILE A 562 -12.07 15.55 -47.62
N ASP A 563 -12.40 14.37 -48.12
CA ASP A 563 -12.73 14.18 -49.53
C ASP A 563 -13.88 15.06 -50.00
N GLN A 564 -14.89 15.29 -49.16
CA GLN A 564 -16.04 16.07 -49.59
C GLN A 564 -15.96 17.51 -49.15
N GLY A 565 -15.35 17.73 -48.01
CA GLY A 565 -15.26 19.06 -47.43
C GLY A 565 -14.12 19.87 -47.99
N LEU A 566 -13.14 19.22 -48.61
CA LEU A 566 -11.98 19.96 -49.15
C LEU A 566 -11.58 19.53 -50.57
N PRO A 567 -12.52 19.61 -51.54
CA PRO A 567 -12.29 19.11 -52.90
C PRO A 567 -11.23 19.93 -53.60
N GLU A 568 -11.09 21.16 -53.16
CA GLU A 568 -10.07 22.09 -53.66
C GLU A 568 -8.60 21.55 -53.61
N LEU A 569 -8.39 20.40 -53.00
CA LEU A 569 -7.03 19.96 -52.69
C LEU A 569 -6.41 19.42 -53.91
N PHE A 570 -5.12 19.64 -54.08
CA PHE A 570 -4.46 19.00 -55.17
C PHE A 570 -4.38 17.51 -54.85
N SER A 571 -3.79 17.21 -53.70
CA SER A 571 -3.61 15.86 -53.25
C SER A 571 -3.54 15.81 -51.75
N ALA A 572 -3.69 14.59 -51.22
CA ALA A 572 -3.44 14.27 -49.82
C ALA A 572 -2.21 13.37 -49.73
N GLU A 573 -1.17 13.78 -49.00
CA GLU A 573 0.00 12.93 -48.81
C GLU A 573 -0.38 11.93 -47.75
N MET A 574 -0.36 10.64 -48.11
CA MET A 574 -0.91 9.64 -47.22
C MET A 574 -0.18 8.32 -47.22
N TRP A 575 1.00 8.29 -47.81
CA TRP A 575 1.74 7.06 -47.88
C TRP A 575 3.23 7.30 -48.10
N GLY A 576 4.05 6.27 -47.99
CA GLY A 576 5.48 6.46 -48.20
C GLY A 576 6.08 7.07 -46.96
N GLY A 577 7.37 7.39 -47.04
CA GLY A 577 8.10 7.93 -45.89
C GLY A 577 8.19 6.82 -44.87
N ALA A 578 8.26 7.20 -43.61
CA ALA A 578 8.21 6.24 -42.50
C ALA A 578 6.89 5.48 -42.39
N THR A 579 5.79 5.91 -43.02
CA THR A 579 4.54 5.18 -42.74
C THR A 579 4.61 3.71 -43.10
N PHE A 580 5.40 3.35 -44.10
CA PHE A 580 5.33 1.99 -44.62
C PHE A 580 5.82 0.97 -43.63
N ASP A 581 7.04 1.10 -43.12
CA ASP A 581 7.53 0.14 -42.13
C ASP A 581 6.88 0.38 -40.76
N VAL A 582 6.78 1.62 -40.33
CA VAL A 582 6.18 1.87 -39.04
C VAL A 582 4.80 1.23 -38.92
N ALA A 583 4.00 1.22 -39.97
CA ALA A 583 2.66 0.63 -39.85
C ALA A 583 2.70 -0.88 -39.52
N TYR A 584 3.57 -1.60 -40.21
CA TYR A 584 3.85 -2.98 -39.95
C TYR A 584 4.56 -3.09 -38.57
N ARG A 585 5.79 -2.62 -38.51
CA ARG A 585 6.67 -2.76 -37.34
C ARG A 585 6.09 -2.33 -35.99
N PHE A 586 5.27 -1.28 -35.90
CA PHE A 586 4.86 -0.71 -34.60
C PHE A 586 3.36 -0.56 -34.40
N LEU A 587 2.59 -0.52 -35.47
CA LEU A 587 1.16 -0.42 -35.29
C LEU A 587 0.41 -1.71 -35.61
N ASN A 588 1.17 -2.72 -36.06
CA ASN A 588 0.65 -4.00 -36.50
C ASN A 588 -0.61 -3.78 -37.37
N GLU A 589 -0.48 -2.90 -38.37
CA GLU A 589 -1.44 -2.76 -39.50
C GLU A 589 -0.70 -2.62 -40.82
N SER A 590 -1.28 -3.17 -41.89
CA SER A 590 -0.63 -3.19 -43.20
C SER A 590 -0.78 -1.82 -43.80
N PRO A 591 0.34 -1.26 -44.31
CA PRO A 591 0.19 -0.02 -45.05
C PRO A 591 -0.71 -0.24 -46.25
N TRP A 592 -0.66 -1.44 -46.87
CA TRP A 592 -1.53 -1.72 -48.03
C TRP A 592 -2.97 -1.66 -47.62
N TYR A 593 -3.29 -2.25 -46.48
CA TYR A 593 -4.66 -2.19 -45.92
C TYR A 593 -5.11 -0.72 -45.75
N ARG A 594 -4.21 0.08 -45.15
CA ARG A 594 -4.45 1.51 -44.91
C ARG A 594 -4.83 2.20 -46.22
N LEU A 595 -4.04 1.89 -47.25
CA LEU A 595 -4.22 2.46 -48.56
C LEU A 595 -5.56 2.03 -49.12
N ARG A 596 -5.87 0.75 -49.07
CA ARG A 596 -7.13 0.26 -49.63
C ARG A 596 -8.30 0.95 -48.96
N LYS A 597 -8.25 1.04 -47.64
CA LYS A 597 -9.45 1.38 -46.91
C LYS A 597 -9.75 2.85 -47.09
N LEU A 598 -8.65 3.63 -47.17
CA LEU A 598 -8.73 5.10 -47.42
C LEU A 598 -9.14 5.42 -48.85
N ARG A 599 -8.55 4.70 -49.81
CA ARG A 599 -8.86 4.88 -51.20
C ARG A 599 -10.36 4.79 -51.48
N LYS A 600 -11.07 3.86 -50.82
CA LYS A 600 -12.52 3.78 -50.95
C LYS A 600 -13.23 4.97 -50.33
N LEU A 601 -12.68 5.52 -49.26
CA LEU A 601 -13.36 6.59 -48.51
C LEU A 601 -13.15 7.96 -49.11
N MET A 602 -12.15 8.06 -49.98
CA MET A 602 -11.66 9.34 -50.52
C MET A 602 -11.55 9.28 -52.04
N PRO A 603 -12.63 8.87 -52.70
CA PRO A 603 -12.59 8.55 -54.11
C PRO A 603 -12.26 9.71 -55.02
N ASN A 604 -12.32 10.95 -54.55
CA ASN A 604 -12.04 12.13 -55.38
C ASN A 604 -10.85 12.95 -54.93
N THR A 605 -9.95 12.36 -54.18
CA THR A 605 -8.83 13.08 -53.71
C THR A 605 -7.59 12.39 -54.21
N MET A 606 -6.67 13.12 -54.83
CA MET A 606 -5.48 12.44 -55.30
C MET A 606 -4.68 11.98 -54.11
N PHE A 607 -4.12 10.79 -54.21
CA PHE A 607 -3.31 10.23 -53.16
C PHE A 607 -1.88 10.32 -53.60
N GLN A 608 -1.08 10.90 -52.75
CA GLN A 608 0.30 11.10 -53.06
C GLN A 608 1.15 10.40 -52.04
N MET A 609 2.29 9.88 -52.47
CA MET A 609 3.27 9.24 -51.61
C MET A 609 4.66 9.73 -51.88
N LEU A 610 5.48 9.78 -50.85
CA LEU A 610 6.87 10.10 -51.04
C LEU A 610 7.45 8.80 -51.48
N PHE A 611 8.50 8.86 -52.29
CA PHE A 611 9.07 7.66 -52.89
C PHE A 611 10.54 7.89 -53.24
N ARG A 612 11.42 7.09 -52.68
CA ARG A 612 12.85 7.21 -52.90
C ARG A 612 13.18 6.55 -54.20
N GLY A 613 13.87 7.25 -55.07
CA GLY A 613 13.96 6.85 -56.46
C GLY A 613 14.42 5.41 -56.63
N SER A 614 15.58 5.14 -56.07
CA SER A 614 16.21 3.83 -56.18
C SER A 614 15.56 2.75 -55.30
N ASN A 615 15.14 3.11 -54.08
CA ASN A 615 14.70 2.12 -53.10
C ASN A 615 13.22 2.09 -52.74
N ALA A 616 12.35 2.76 -53.47
CA ALA A 616 10.93 2.92 -53.05
C ALA A 616 10.73 3.29 -51.57
N VAL A 617 10.33 2.33 -50.73
CA VAL A 617 10.12 2.61 -49.29
C VAL A 617 11.14 1.98 -48.36
N GLY A 618 12.18 1.38 -48.91
CA GLY A 618 13.05 0.50 -48.12
C GLY A 618 14.42 1.05 -48.02
N TYR A 619 15.36 0.24 -47.47
CA TYR A 619 16.76 0.68 -47.30
C TYR A 619 17.79 -0.29 -47.81
N GLN A 620 17.36 -1.44 -48.31
CA GLN A 620 18.26 -2.35 -49.03
C GLN A 620 18.39 -1.89 -50.48
N ASN A 621 19.24 -2.61 -51.22
CA ASN A 621 19.57 -2.22 -52.57
C ASN A 621 18.88 -3.13 -53.59
N TYR A 622 17.65 -2.80 -53.97
CA TYR A 622 16.78 -3.64 -54.79
C TYR A 622 17.09 -3.48 -56.28
N PRO A 623 16.93 -4.54 -57.05
CA PRO A 623 17.11 -4.39 -58.49
C PRO A 623 15.93 -3.68 -59.09
N ASP A 624 16.11 -3.26 -60.34
CA ASP A 624 15.16 -2.37 -61.00
C ASP A 624 13.79 -2.99 -61.23
N ASN A 625 13.77 -4.31 -61.38
CA ASN A 625 12.50 -4.96 -61.67
C ASN A 625 11.55 -4.89 -60.48
N VAL A 626 12.13 -4.77 -59.29
CA VAL A 626 11.39 -4.67 -58.02
C VAL A 626 10.69 -3.31 -57.92
N ILE A 627 11.49 -2.27 -58.14
CA ILE A 627 11.00 -0.94 -58.07
C ILE A 627 9.85 -0.79 -59.02
N GLU A 628 10.05 -1.19 -60.28
CA GLU A 628 8.96 -1.19 -61.25
C GLU A 628 7.75 -1.90 -60.69
N GLU A 629 8.00 -3.00 -59.99
CA GLU A 629 6.90 -3.82 -59.56
C GLU A 629 6.16 -3.09 -58.47
N PHE A 630 6.93 -2.54 -57.51
CA PHE A 630 6.32 -1.76 -56.41
C PHE A 630 5.35 -0.73 -56.96
N ILE A 631 5.90 0.06 -57.87
CA ILE A 631 5.16 1.09 -58.54
C ILE A 631 3.92 0.56 -59.27
N ARG A 632 4.05 -0.53 -60.04
CA ARG A 632 2.85 -1.08 -60.67
C ARG A 632 1.71 -1.29 -59.66
N VAL A 633 2.09 -1.85 -58.49
CA VAL A 633 1.13 -2.30 -57.51
C VAL A 633 0.56 -1.11 -56.78
N ALA A 634 1.47 -0.23 -56.37
CA ALA A 634 1.07 0.98 -55.67
C ALA A 634 0.07 1.77 -56.52
N ALA A 635 0.43 1.94 -57.80
CA ALA A 635 -0.43 2.64 -58.77
C ALA A 635 -1.80 1.98 -58.85
N HIS A 636 -1.77 0.65 -58.93
CA HIS A 636 -2.98 -0.11 -59.08
C HIS A 636 -3.87 0.03 -57.82
N GLU A 637 -3.21 0.03 -56.65
CA GLU A 637 -3.94 -0.09 -55.39
C GLU A 637 -4.55 1.23 -54.91
N GLY A 638 -4.05 2.34 -55.46
CA GLY A 638 -4.68 3.64 -55.28
C GLY A 638 -3.84 4.91 -55.40
N ILE A 639 -2.54 4.78 -55.70
CA ILE A 639 -1.67 5.95 -55.59
C ILE A 639 -1.54 6.69 -56.90
N ASP A 640 -1.81 8.00 -56.83
CA ASP A 640 -1.87 8.89 -57.98
C ASP A 640 -0.63 9.69 -58.21
N VAL A 641 0.01 10.12 -57.14
CA VAL A 641 1.09 11.06 -57.31
C VAL A 641 2.32 10.50 -56.63
N PHE A 642 3.37 10.27 -57.40
CA PHE A 642 4.56 9.75 -56.83
C PHE A 642 5.60 10.86 -56.74
N ARG A 643 5.83 11.41 -55.54
CA ARG A 643 6.96 12.33 -55.40
C ARG A 643 8.23 11.56 -55.27
N ILE A 644 9.06 11.63 -56.28
CA ILE A 644 10.21 10.79 -56.35
C ILE A 644 11.44 11.58 -56.04
N PHE A 645 12.21 11.20 -55.03
CA PHE A 645 13.45 11.94 -54.72
C PHE A 645 14.63 11.02 -54.54
N ASP A 646 15.79 11.61 -54.39
CA ASP A 646 16.95 10.83 -54.13
C ASP A 646 17.76 11.63 -53.14
N SER A 647 18.37 10.91 -52.22
CA SER A 647 19.03 11.50 -51.07
C SER A 647 20.23 12.37 -51.44
N LEU A 648 20.71 12.30 -52.67
CA LEU A 648 21.86 13.14 -53.07
C LEU A 648 21.56 13.87 -54.37
N ASN A 649 20.27 13.96 -54.64
CA ASN A 649 19.76 14.57 -55.85
C ASN A 649 20.48 14.10 -57.07
N TRP A 650 20.65 12.79 -57.17
CA TRP A 650 21.44 12.21 -58.22
C TRP A 650 20.49 11.56 -59.21
N LEU A 651 20.38 12.18 -60.37
CA LEU A 651 19.34 11.87 -61.35
C LEU A 651 19.20 10.40 -61.74
N PRO A 652 20.34 9.71 -61.99
CA PRO A 652 20.24 8.30 -62.38
C PRO A 652 19.32 7.44 -61.47
N GLN A 653 19.22 7.75 -60.18
CA GLN A 653 18.39 6.96 -59.27
C GLN A 653 16.91 7.26 -59.48
N MET A 654 16.63 8.45 -60.01
CA MET A 654 15.22 8.86 -60.19
C MET A 654 14.62 8.43 -61.52
N GLU A 655 15.49 8.29 -62.54
CA GLU A 655 15.10 8.02 -63.94
C GLU A 655 14.11 6.86 -64.17
N LYS A 656 14.45 5.65 -63.72
CA LYS A 656 13.59 4.50 -63.99
C LYS A 656 12.23 4.67 -63.36
N SER A 657 12.24 5.05 -62.08
CA SER A 657 11.00 5.22 -61.31
C SER A 657 10.04 6.21 -61.96
N ILE A 658 10.62 7.31 -62.49
CA ILE A 658 9.82 8.38 -63.16
C ILE A 658 9.12 7.79 -64.38
N GLN A 659 9.91 7.11 -65.20
CA GLN A 659 9.38 6.43 -66.36
C GLN A 659 8.26 5.44 -65.93
N ALA A 660 8.59 4.61 -64.95
CA ALA A 660 7.65 3.66 -64.40
C ALA A 660 6.32 4.28 -64.03
N VAL A 661 6.37 5.48 -63.46
CA VAL A 661 5.15 6.09 -62.96
C VAL A 661 4.32 6.50 -64.15
N ARG A 662 5.05 7.05 -65.13
CA ARG A 662 4.43 7.50 -66.40
C ARG A 662 3.73 6.32 -67.02
N ASP A 663 4.50 5.23 -67.16
CA ASP A 663 3.99 4.01 -67.75
C ASP A 663 2.73 3.53 -67.06
N ASN A 664 2.58 3.69 -65.75
CA ASN A 664 1.32 3.27 -65.11
C ASN A 664 0.19 4.29 -65.16
N GLY A 665 0.48 5.41 -65.81
CA GLY A 665 -0.56 6.37 -66.10
C GLY A 665 -0.83 7.27 -64.93
N LYS A 666 0.25 7.70 -64.28
CA LYS A 666 0.14 8.41 -63.04
C LYS A 666 1.08 9.58 -63.03
N ILE A 667 0.96 10.40 -61.99
CA ILE A 667 1.71 11.65 -61.94
C ILE A 667 3.04 11.48 -61.27
N ALA A 668 4.06 12.11 -61.81
CA ALA A 668 5.38 11.88 -61.30
C ALA A 668 6.05 13.20 -60.95
N GLU A 669 6.25 13.47 -59.67
CA GLU A 669 6.99 14.65 -59.26
C GLU A 669 8.44 14.33 -59.12
N ALA A 670 9.24 14.86 -60.00
CA ALA A 670 10.65 14.74 -59.81
C ALA A 670 11.04 15.73 -58.78
N THR A 671 11.91 15.35 -57.84
CA THR A 671 12.19 16.28 -56.76
C THR A 671 13.63 16.60 -56.52
N ILE A 672 13.84 17.91 -56.37
CA ILE A 672 15.06 18.47 -55.86
C ILE A 672 14.97 18.72 -54.37
N CYS A 673 15.95 18.25 -53.63
CA CYS A 673 16.05 18.47 -52.23
C CYS A 673 16.87 19.76 -52.02
N TYR A 674 16.40 20.65 -51.14
CA TYR A 674 17.07 21.91 -50.91
C TYR A 674 17.99 21.80 -49.72
N THR A 675 19.21 22.32 -49.87
CA THR A 675 20.14 22.43 -48.75
C THR A 675 20.92 23.71 -48.94
N GLY A 676 21.68 24.10 -47.93
CA GLY A 676 22.36 25.39 -47.94
C GLY A 676 21.45 26.61 -48.00
N ASP A 677 21.99 27.68 -48.56
CA ASP A 677 21.30 28.98 -48.64
C ASP A 677 21.77 29.62 -49.92
N ILE A 678 20.92 29.61 -50.96
CA ILE A 678 21.31 30.23 -52.21
C ILE A 678 21.75 31.67 -52.08
N LEU A 679 21.28 32.41 -51.08
CA LEU A 679 21.69 33.82 -50.94
C LEU A 679 22.93 34.00 -50.08
N ASP A 680 23.63 32.90 -49.79
CA ASP A 680 24.89 32.94 -49.02
C ASP A 680 26.03 32.66 -49.96
N PRO A 681 26.76 33.70 -50.35
CA PRO A 681 27.81 33.57 -51.38
C PRO A 681 28.96 32.65 -50.96
N SER A 682 29.17 32.52 -49.65
CA SER A 682 30.17 31.61 -49.15
C SER A 682 29.76 30.12 -49.24
N ARG A 683 28.51 29.79 -49.58
CA ARG A 683 28.11 28.40 -49.81
C ARG A 683 27.72 28.19 -51.29
N PRO A 684 28.68 28.40 -52.18
CA PRO A 684 28.43 28.44 -53.60
C PRO A 684 28.11 27.10 -54.24
N LYS A 685 28.33 26.02 -53.50
CA LYS A 685 28.16 24.70 -54.06
C LYS A 685 26.70 24.44 -54.50
N TYR A 686 25.75 24.94 -53.71
CA TYR A 686 24.34 24.74 -53.95
C TYR A 686 23.76 26.13 -54.12
N ASN A 687 24.39 26.83 -55.06
CA ASN A 687 23.92 28.14 -55.52
C ASN A 687 22.71 28.07 -56.46
N ILE A 688 22.24 29.22 -56.90
CA ILE A 688 21.01 29.30 -57.68
C ILE A 688 21.16 28.55 -59.02
N GLN A 689 22.37 28.59 -59.58
CA GLN A 689 22.64 27.86 -60.81
C GLN A 689 22.45 26.31 -60.68
N TYR A 690 23.11 25.71 -59.68
CA TYR A 690 22.91 24.31 -59.35
C TYR A 690 21.45 23.87 -59.54
N TYR A 691 20.53 24.60 -58.92
CA TYR A 691 19.15 24.17 -58.93
C TYR A 691 18.61 24.29 -60.34
N LYS A 692 18.87 25.44 -60.99
CA LYS A 692 18.34 25.66 -62.35
C LYS A 692 18.74 24.48 -63.27
N ASP A 693 20.02 24.12 -63.24
CA ASP A 693 20.57 23.07 -64.13
C ASP A 693 19.89 21.71 -63.88
N LEU A 694 19.83 21.33 -62.60
CA LEU A 694 19.12 20.13 -62.22
C LEU A 694 17.65 20.15 -62.68
N ALA A 695 17.00 21.28 -62.50
CA ALA A 695 15.60 21.36 -62.92
C ALA A 695 15.45 21.04 -64.41
N LYS A 696 16.39 21.55 -65.23
CA LYS A 696 16.40 21.30 -66.68
C LYS A 696 16.44 19.79 -66.87
N GLU A 697 17.49 19.17 -66.34
CA GLU A 697 17.66 17.74 -66.47
C GLU A 697 16.39 16.97 -66.07
N LEU A 698 15.76 17.38 -64.98
CA LEU A 698 14.59 16.68 -64.53
C LEU A 698 13.41 16.91 -65.47
N GLU A 699 13.33 18.10 -66.06
CA GLU A 699 12.20 18.36 -66.95
C GLU A 699 12.31 17.37 -68.12
N ALA A 700 13.56 17.14 -68.51
CA ALA A 700 13.93 16.27 -69.59
C ALA A 700 13.48 14.82 -69.42
N THR A 701 13.48 14.31 -68.18
CA THR A 701 13.03 12.96 -67.90
C THR A 701 11.54 12.70 -68.12
N GLY A 702 10.77 13.73 -68.41
CA GLY A 702 9.36 13.54 -68.65
C GLY A 702 8.55 13.51 -67.38
N ALA A 703 9.12 14.04 -66.30
CA ALA A 703 8.36 14.22 -65.07
C ALA A 703 7.22 15.17 -65.35
N HIS A 704 6.07 14.94 -64.73
CA HIS A 704 4.93 15.88 -64.88
C HIS A 704 5.09 17.16 -64.09
N ILE A 705 5.81 17.10 -62.96
CA ILE A 705 5.90 18.18 -61.98
C ILE A 705 7.26 18.28 -61.27
N LEU A 706 7.73 19.50 -61.01
CA LEU A 706 8.97 19.68 -60.25
C LEU A 706 8.63 19.91 -58.80
N ALA A 707 9.37 19.24 -57.94
CA ALA A 707 9.09 19.38 -56.52
C ALA A 707 10.34 19.86 -55.82
N VAL A 708 10.17 20.79 -54.91
CA VAL A 708 11.28 21.21 -54.09
C VAL A 708 11.02 20.81 -52.65
N LYS A 709 11.83 19.87 -52.16
CA LYS A 709 11.60 19.22 -50.85
C LYS A 709 12.65 19.80 -49.92
N ASP A 710 12.23 20.79 -49.13
CA ASP A 710 13.10 21.41 -48.13
C ASP A 710 13.00 20.65 -46.83
N MET A 711 13.86 19.67 -46.64
CA MET A 711 13.62 18.65 -45.61
C MET A 711 13.78 19.26 -44.24
N ALA A 712 14.68 20.24 -44.15
CA ALA A 712 15.08 20.75 -42.84
C ALA A 712 14.47 22.08 -42.51
N GLY A 713 13.65 22.61 -43.42
CA GLY A 713 13.06 23.93 -43.25
C GLY A 713 14.11 25.00 -43.27
N LEU A 714 15.05 24.90 -44.21
CA LEU A 714 16.11 25.86 -44.39
C LEU A 714 15.82 27.01 -45.36
N LEU A 715 14.74 26.89 -46.11
CA LEU A 715 14.40 27.89 -47.12
C LEU A 715 13.85 29.12 -46.44
N LYS A 716 14.68 30.13 -46.38
CA LYS A 716 14.25 31.41 -45.84
C LYS A 716 13.42 32.08 -46.91
N PRO A 717 12.61 33.04 -46.51
CA PRO A 717 11.57 33.47 -47.47
C PRO A 717 12.06 34.30 -48.69
N GLN A 718 13.05 35.16 -48.50
CA GLN A 718 13.73 35.81 -49.66
C GLN A 718 14.26 34.81 -50.62
N ALA A 719 15.09 33.88 -50.15
CA ALA A 719 15.54 32.74 -50.97
C ALA A 719 14.39 31.97 -51.66
N ALA A 720 13.29 31.78 -50.99
CA ALA A 720 12.15 31.10 -51.61
C ALA A 720 11.65 31.87 -52.82
N TYR A 721 11.57 33.18 -52.70
CA TYR A 721 11.10 34.00 -53.82
C TYR A 721 12.12 33.95 -54.97
N ARG A 722 13.41 34.12 -54.69
CA ARG A 722 14.39 34.04 -55.78
C ARG A 722 14.38 32.68 -56.42
N LEU A 723 14.34 31.62 -55.62
CA LEU A 723 14.42 30.27 -56.16
C LEU A 723 13.19 29.88 -56.99
N ILE A 724 11.99 30.14 -56.49
CA ILE A 724 10.83 29.72 -57.24
C ILE A 724 10.74 30.53 -58.50
N SER A 725 11.05 31.79 -58.36
CA SER A 725 11.14 32.69 -59.48
C SER A 725 12.02 32.13 -60.60
N GLU A 726 13.30 31.90 -60.31
CA GLU A 726 14.29 31.41 -61.32
C GLU A 726 14.00 30.03 -61.88
N LEU A 727 13.44 29.16 -61.07
CA LEU A 727 13.04 27.90 -61.61
C LEU A 727 11.87 28.06 -62.56
N LYS A 728 10.96 29.01 -62.30
CA LYS A 728 9.78 29.16 -63.19
C LYS A 728 10.24 29.70 -64.53
N ASP A 729 11.35 30.42 -64.49
CA ASP A 729 12.00 30.96 -65.66
C ASP A 729 12.76 29.88 -66.41
N THR A 730 13.02 28.75 -65.77
CA THR A 730 13.86 27.72 -66.35
C THR A 730 13.08 26.59 -66.94
N VAL A 731 11.91 26.28 -66.42
CA VAL A 731 11.17 25.09 -66.81
C VAL A 731 9.68 25.33 -66.79
N ASP A 732 8.93 24.56 -67.58
CA ASP A 732 7.53 24.89 -67.76
C ASP A 732 6.64 24.01 -66.92
N LEU A 733 7.21 23.20 -66.05
CA LEU A 733 6.37 22.27 -65.29
C LEU A 733 6.08 22.85 -63.95
N PRO A 734 4.85 22.64 -63.47
CA PRO A 734 4.40 23.21 -62.22
C PRO A 734 5.39 22.91 -61.13
N ILE A 735 5.48 23.81 -60.14
CA ILE A 735 6.38 23.62 -59.03
C ILE A 735 5.60 23.39 -57.78
N HIS A 736 5.96 22.31 -57.09
CA HIS A 736 5.33 21.87 -55.84
C HIS A 736 6.39 22.03 -54.73
N LEU A 737 6.12 22.91 -53.78
CA LEU A 737 7.10 23.23 -52.75
C LEU A 737 6.69 22.66 -51.42
N HIS A 738 7.70 22.19 -50.67
CA HIS A 738 7.50 21.50 -49.38
C HIS A 738 8.57 22.01 -48.42
N THR A 739 8.14 22.64 -47.34
CA THR A 739 9.05 23.04 -46.30
C THR A 739 8.53 22.60 -44.91
N HIS A 740 9.25 22.98 -43.87
CA HIS A 740 8.91 22.66 -42.50
C HIS A 740 9.05 23.94 -41.66
N ASP A 741 8.15 24.08 -40.71
CA ASP A 741 7.96 25.32 -39.99
C ASP A 741 8.82 25.36 -38.72
N THR A 742 9.85 24.53 -38.67
CA THR A 742 10.79 24.50 -37.57
C THR A 742 11.39 25.86 -37.24
N SER A 743 11.79 26.63 -38.23
CA SER A 743 12.42 27.92 -37.96
C SER A 743 11.42 29.00 -37.57
N GLY A 744 10.13 28.72 -37.67
CA GLY A 744 9.16 29.78 -37.46
C GLY A 744 8.78 30.55 -38.72
N ASN A 745 9.50 30.27 -39.80
CA ASN A 745 9.35 31.00 -41.06
C ASN A 745 8.68 30.25 -42.21
N GLY A 746 7.88 29.24 -41.92
CA GLY A 746 7.26 28.48 -42.95
C GLY A 746 6.21 29.26 -43.67
N ILE A 747 5.33 29.91 -42.94
CA ILE A 747 4.23 30.64 -43.62
C ILE A 747 4.72 31.78 -44.49
N ILE A 748 5.66 32.57 -43.95
CA ILE A 748 6.19 33.65 -44.75
C ILE A 748 6.96 33.08 -45.94
N THR A 749 7.58 31.91 -45.78
CA THR A 749 8.32 31.29 -46.90
C THR A 749 7.34 30.87 -47.94
N TYR A 750 6.29 30.18 -47.55
CA TYR A 750 5.25 29.93 -48.52
C TYR A 750 4.69 31.22 -49.14
N SER A 751 4.63 32.33 -48.40
CA SER A 751 4.04 33.55 -48.96
C SER A 751 4.93 34.09 -50.08
N GLY A 752 6.21 34.30 -49.74
CA GLY A 752 7.25 34.58 -50.73
C GLY A 752 7.18 33.70 -51.96
N ALA A 753 7.15 32.38 -51.77
CA ALA A 753 7.04 31.47 -52.88
C ALA A 753 5.76 31.66 -53.68
N THR A 754 4.65 32.04 -53.05
CA THR A 754 3.41 32.17 -53.82
C THR A 754 3.38 33.47 -54.61
N GLN A 755 4.06 34.49 -54.10
CA GLN A 755 4.35 35.66 -54.92
C GLN A 755 5.23 35.32 -56.13
N ALA A 756 6.17 34.40 -56.01
CA ALA A 756 7.02 34.03 -57.17
C ALA A 756 6.35 33.04 -58.04
N GLY A 757 5.07 32.73 -57.83
CA GLY A 757 4.35 31.86 -58.76
C GLY A 757 4.27 30.36 -58.52
N VAL A 758 4.72 29.92 -57.36
CA VAL A 758 4.74 28.47 -57.04
C VAL A 758 3.33 27.84 -57.19
N ASP A 759 3.23 26.70 -57.84
CA ASP A 759 1.91 26.20 -58.25
C ASP A 759 1.21 25.50 -57.16
N ILE A 760 1.96 24.73 -56.37
CA ILE A 760 1.44 23.92 -55.26
C ILE A 760 2.35 23.97 -54.00
N ILE A 761 1.71 24.01 -52.83
CA ILE A 761 2.44 23.95 -51.58
C ILE A 761 1.87 22.94 -50.62
N ASP A 762 2.73 22.47 -49.71
CA ASP A 762 2.42 21.36 -48.82
C ASP A 762 2.05 21.89 -47.47
N VAL A 763 0.85 21.58 -46.99
CA VAL A 763 0.43 22.02 -45.66
C VAL A 763 -0.25 20.96 -44.78
N ALA A 764 -0.21 21.18 -43.47
CA ALA A 764 -0.89 20.28 -42.54
C ALA A 764 -2.02 20.99 -41.87
N THR A 765 -3.03 20.25 -41.44
CA THR A 765 -4.09 20.88 -40.67
C THR A 765 -3.46 21.44 -39.44
N ALA A 766 -4.10 22.47 -38.93
CA ALA A 766 -3.46 23.33 -37.94
C ALA A 766 -3.04 22.57 -36.70
N SER A 767 -3.93 21.70 -36.22
CA SER A 767 -3.65 20.83 -35.07
C SER A 767 -2.52 19.85 -35.20
N LEU A 768 -2.03 19.58 -36.40
CA LEU A 768 -0.81 18.74 -36.57
C LEU A 768 0.26 19.48 -37.35
N ALA A 769 0.25 20.81 -37.18
CA ALA A 769 1.10 21.74 -37.93
C ALA A 769 1.94 22.54 -37.00
N GLY A 770 2.95 23.16 -37.55
CA GLY A 770 3.83 23.96 -36.75
C GLY A 770 5.05 23.16 -36.35
N GLY A 771 5.98 23.82 -35.68
CA GLY A 771 7.19 23.21 -35.28
C GLY A 771 7.78 22.56 -36.46
N THR A 772 8.15 21.30 -36.30
CA THR A 772 8.78 20.54 -37.37
C THR A 772 7.80 19.93 -38.39
N SER A 773 6.50 20.18 -38.24
CA SER A 773 5.53 19.77 -39.22
C SER A 773 5.52 20.77 -40.36
N GLN A 774 4.53 20.67 -41.21
CA GLN A 774 4.36 21.69 -42.22
C GLN A 774 3.71 22.93 -41.64
N PRO A 775 3.78 24.04 -42.35
CA PRO A 775 2.98 25.16 -42.00
C PRO A 775 1.48 24.91 -42.08
N SER A 776 0.70 25.67 -41.29
CA SER A 776 -0.73 25.44 -41.16
C SER A 776 -1.48 25.65 -42.48
N MET A 777 -2.22 24.67 -42.94
CA MET A 777 -3.20 24.92 -44.00
C MET A 777 -4.16 26.07 -43.68
N GLN A 778 -4.76 26.09 -42.49
CA GLN A 778 -5.70 27.18 -42.17
C GLN A 778 -4.98 28.51 -42.11
N SER A 779 -3.77 28.54 -41.59
CA SER A 779 -3.07 29.81 -41.43
C SER A 779 -2.71 30.42 -42.77
N ILE A 780 -2.24 29.59 -43.71
CA ILE A 780 -1.76 30.10 -45.00
C ILE A 780 -2.92 30.71 -45.78
N TYR A 781 -4.12 30.21 -45.65
CA TYR A 781 -5.25 30.86 -46.24
C TYR A 781 -5.36 32.32 -45.81
N TYR A 782 -5.34 32.55 -44.49
CA TYR A 782 -5.54 33.90 -43.96
C TYR A 782 -4.35 34.79 -44.27
N ALA A 783 -3.20 34.15 -44.51
CA ALA A 783 -1.95 34.89 -44.75
C ALA A 783 -1.98 35.51 -46.13
N LEU A 784 -2.75 34.91 -47.02
CA LEU A 784 -2.84 35.33 -48.39
C LEU A 784 -4.22 35.83 -48.70
N GLU A 785 -4.95 36.33 -47.72
CA GLU A 785 -6.40 36.40 -47.89
C GLU A 785 -6.81 37.47 -48.88
N HIS A 786 -6.24 38.65 -48.66
CA HIS A 786 -6.57 39.80 -49.51
C HIS A 786 -5.38 40.14 -50.41
N GLY A 787 -4.49 39.16 -50.60
CA GLY A 787 -3.35 39.36 -51.46
C GLY A 787 -3.64 39.08 -52.93
N PRO A 788 -2.65 39.32 -53.76
CA PRO A 788 -2.80 39.09 -55.17
C PRO A 788 -3.13 37.67 -55.50
N ARG A 789 -2.68 36.74 -54.68
CA ARG A 789 -2.86 35.32 -54.98
C ARG A 789 -3.41 34.56 -53.79
N HIS A 790 -4.61 33.99 -53.91
CA HIS A 790 -5.25 33.37 -52.77
C HIS A 790 -4.87 31.90 -52.68
N ALA A 791 -5.18 31.26 -51.56
CA ALA A 791 -4.97 29.83 -51.44
C ALA A 791 -6.28 29.12 -51.75
N SER A 792 -6.23 28.05 -52.54
CA SER A 792 -7.43 27.36 -52.97
C SER A 792 -7.81 26.25 -52.01
N ILE A 793 -8.72 26.61 -51.10
CA ILE A 793 -9.18 25.72 -50.06
C ILE A 793 -10.46 26.25 -49.43
N ASN A 794 -11.32 25.36 -48.97
CA ASN A 794 -12.51 25.77 -48.21
C ASN A 794 -12.18 25.96 -46.71
N VAL A 795 -11.75 27.13 -46.33
CA VAL A 795 -11.14 27.29 -45.03
C VAL A 795 -12.17 27.06 -43.91
N LYS A 796 -13.44 27.40 -44.12
CA LYS A 796 -14.40 27.13 -43.07
C LYS A 796 -14.46 25.63 -42.79
N ASN A 797 -14.68 24.85 -43.84
CA ASN A 797 -14.65 23.40 -43.74
C ASN A 797 -13.37 22.84 -43.15
N ALA A 798 -12.23 23.41 -43.54
CA ALA A 798 -10.96 22.99 -42.96
C ALA A 798 -10.91 23.26 -41.45
N GLU A 799 -11.41 24.40 -41.02
CA GLU A 799 -11.36 24.72 -39.60
C GLU A 799 -12.20 23.71 -38.79
N GLN A 800 -13.28 23.23 -39.40
CA GLN A 800 -14.15 22.28 -38.75
C GLN A 800 -13.49 20.91 -38.64
N ILE A 801 -12.99 20.44 -39.76
CA ILE A 801 -12.19 19.26 -39.72
C ILE A 801 -11.05 19.38 -38.68
N ASP A 802 -10.45 20.54 -38.50
CA ASP A 802 -9.27 20.61 -37.61
C ASP A 802 -9.64 20.27 -36.20
N HIS A 803 -10.91 20.39 -35.87
CA HIS A 803 -11.40 20.00 -34.57
C HIS A 803 -11.23 18.51 -34.33
N TYR A 804 -11.54 17.73 -35.34
CA TYR A 804 -11.41 16.30 -35.19
C TYR A 804 -9.96 15.97 -34.96
N TRP A 805 -9.08 16.57 -35.73
CA TRP A 805 -7.67 16.25 -35.57
C TRP A 805 -7.21 16.77 -34.22
N GLU A 806 -7.77 17.89 -33.75
CA GLU A 806 -7.36 18.39 -32.46
C GLU A 806 -7.57 17.32 -31.43
N ASP A 807 -8.76 16.76 -31.45
CA ASP A 807 -9.19 15.77 -30.48
C ASP A 807 -8.38 14.50 -30.54
N VAL A 808 -8.20 14.01 -31.76
CA VAL A 808 -7.51 12.76 -32.00
C VAL A 808 -6.05 12.78 -31.59
N ARG A 809 -5.41 13.92 -31.74
CA ARG A 809 -4.02 14.02 -31.37
C ARG A 809 -3.78 13.75 -29.87
N LYS A 810 -4.83 13.96 -29.09
CA LYS A 810 -4.73 13.67 -27.69
C LYS A 810 -4.44 12.19 -27.45
N TYR A 811 -5.06 11.31 -28.20
CA TYR A 811 -4.73 9.90 -28.06
C TYR A 811 -3.23 9.66 -28.15
N TYR A 812 -2.48 10.49 -28.85
CA TYR A 812 -1.08 10.15 -29.11
C TYR A 812 -0.06 10.77 -28.13
N ALA A 813 -0.58 11.29 -27.02
CA ALA A 813 0.25 11.93 -26.02
C ALA A 813 1.61 11.29 -25.71
N PRO A 814 1.68 9.97 -25.54
CA PRO A 814 2.98 9.28 -25.32
C PRO A 814 4.02 9.53 -26.39
N PHE A 815 3.61 9.72 -27.63
CA PHE A 815 4.59 9.98 -28.66
C PHE A 815 4.92 11.46 -28.90
N GLU A 816 4.19 12.35 -28.23
CA GLU A 816 4.37 13.79 -28.42
C GLU A 816 5.81 14.18 -28.08
N ALA A 817 6.39 15.15 -28.76
CA ALA A 817 7.82 15.37 -28.58
C ALA A 817 8.10 16.41 -27.53
N GLY A 818 7.06 16.91 -26.86
CA GLY A 818 7.26 17.88 -25.81
C GLY A 818 7.15 19.31 -26.30
N ILE A 819 7.61 20.26 -25.48
CA ILE A 819 7.35 21.69 -25.73
C ILE A 819 8.13 22.01 -26.98
N THR A 820 7.40 22.50 -27.97
CA THR A 820 7.96 22.84 -29.24
C THR A 820 7.78 24.33 -29.49
N SER A 821 8.87 25.00 -29.85
CA SER A 821 8.87 26.42 -30.18
C SER A 821 9.76 26.66 -31.39
N PRO A 822 9.77 27.89 -31.95
CA PRO A 822 10.61 28.10 -33.11
C PRO A 822 12.06 27.94 -32.79
N GLN A 823 12.85 27.40 -33.72
CA GLN A 823 14.25 27.18 -33.51
C GLN A 823 15.00 27.46 -34.79
N THR A 824 15.83 28.48 -34.78
CA THR A 824 16.58 28.87 -35.98
C THR A 824 17.96 28.19 -36.06
N GLU A 825 18.31 27.44 -35.04
CA GLU A 825 19.57 26.74 -35.05
C GLU A 825 19.54 25.73 -36.20
N VAL A 826 18.36 25.32 -36.63
CA VAL A 826 18.38 24.44 -37.78
C VAL A 826 19.18 25.01 -38.96
N TYR A 827 19.20 26.32 -39.12
CA TYR A 827 19.97 26.91 -40.19
C TYR A 827 21.42 26.59 -40.01
N MET A 828 21.93 26.55 -38.76
CA MET A 828 23.38 26.22 -38.51
C MET A 828 23.70 24.74 -38.77
N HIS A 829 22.85 23.80 -38.37
CA HIS A 829 23.22 22.39 -38.47
C HIS A 829 22.56 21.58 -39.57
N GLU A 830 21.36 21.94 -39.99
CA GLU A 830 20.71 21.33 -41.19
C GLU A 830 20.20 19.89 -41.05
N MET A 831 20.13 19.43 -39.82
CA MET A 831 19.43 18.22 -39.49
C MET A 831 17.97 18.31 -39.73
N PRO A 832 17.40 17.39 -40.49
CA PRO A 832 15.95 17.29 -40.58
C PRO A 832 15.38 16.87 -39.25
N GLY A 833 14.09 17.07 -39.05
CA GLY A 833 13.44 16.81 -37.75
C GLY A 833 13.65 15.41 -37.21
N GLY A 834 13.61 14.44 -38.12
CA GLY A 834 13.78 13.04 -37.77
C GLY A 834 15.20 12.77 -37.31
N GLN A 835 16.17 13.20 -38.09
CA GLN A 835 17.58 13.05 -37.74
C GLN A 835 17.88 13.63 -36.38
N TYR A 836 17.28 14.77 -36.04
CA TYR A 836 17.50 15.40 -34.73
C TYR A 836 16.96 14.57 -33.60
N THR A 837 15.73 14.08 -33.76
CA THR A 837 15.13 13.14 -32.82
C THR A 837 16.02 11.89 -32.61
N ASN A 838 16.39 11.21 -33.70
CA ASN A 838 17.20 9.98 -33.64
C ASN A 838 18.60 10.17 -33.13
N LEU A 839 19.16 11.34 -33.28
CA LEU A 839 20.48 11.59 -32.77
C LEU A 839 20.42 12.03 -31.29
N LYS A 840 19.30 12.57 -30.84
CA LYS A 840 19.15 12.88 -29.44
C LYS A 840 19.04 11.49 -28.71
N SER A 841 18.25 10.56 -29.27
CA SER A 841 18.19 9.15 -28.81
C SER A 841 19.57 8.49 -28.69
N GLN A 842 20.24 8.32 -29.83
CA GLN A 842 21.59 7.75 -29.88
C GLN A 842 22.56 8.36 -28.87
N ALA A 843 22.50 9.68 -28.71
CA ALA A 843 23.37 10.38 -27.76
C ALA A 843 23.06 10.04 -26.30
N ALA A 844 21.77 9.95 -25.93
CA ALA A 844 21.37 9.59 -24.55
C ALA A 844 21.74 8.15 -24.22
N ALA A 845 21.47 7.23 -25.14
CA ALA A 845 21.84 5.82 -25.01
C ALA A 845 23.36 5.54 -24.97
N VAL A 846 24.20 6.54 -25.21
CA VAL A 846 25.65 6.41 -25.03
C VAL A 846 26.10 7.45 -23.97
N GLY A 847 25.14 7.91 -23.16
CA GLY A 847 25.40 8.88 -22.07
C GLY A 847 26.06 10.20 -22.45
N LEU A 848 25.79 10.68 -23.67
CA LEU A 848 26.29 11.96 -24.16
C LEU A 848 25.18 13.00 -24.30
N GLY A 849 23.97 12.62 -23.88
CA GLY A 849 22.81 13.53 -23.86
C GLY A 849 23.09 14.91 -23.29
N HIS A 850 24.00 14.99 -22.34
CA HIS A 850 24.42 16.26 -21.70
C HIS A 850 25.29 17.13 -22.63
N ARG A 851 25.87 16.53 -23.68
CA ARG A 851 26.79 17.27 -24.54
C ARG A 851 26.23 17.38 -25.95
N PHE A 852 24.90 17.45 -26.05
CA PHE A 852 24.28 17.47 -27.35
C PHE A 852 24.64 18.74 -28.08
N ASP A 853 24.90 19.82 -27.37
CA ASP A 853 25.31 21.05 -28.01
C ASP A 853 26.58 20.84 -28.86
N GLU A 854 27.54 20.09 -28.34
CA GLU A 854 28.77 19.77 -29.09
C GLU A 854 28.49 18.87 -30.28
N ILE A 855 27.56 17.93 -30.10
CA ILE A 855 27.16 17.02 -31.17
C ILE A 855 26.56 17.75 -32.38
N LYS A 856 25.74 18.78 -32.14
CA LYS A 856 25.18 19.58 -33.20
C LYS A 856 26.26 20.34 -33.94
N GLN A 857 27.25 20.85 -33.20
CA GLN A 857 28.40 21.52 -33.79
C GLN A 857 29.21 20.62 -34.69
N MET A 858 29.32 19.34 -34.29
CA MET A 858 30.14 18.38 -35.04
C MET A 858 29.43 17.99 -36.33
N TYR A 859 28.10 17.82 -36.25
CA TYR A 859 27.26 17.60 -37.43
C TYR A 859 27.52 18.64 -38.50
N ARG A 860 27.72 19.88 -38.09
CA ARG A 860 28.01 20.93 -39.05
C ARG A 860 29.42 20.77 -39.64
N LYS A 861 30.39 20.43 -38.78
CA LYS A 861 31.80 20.24 -39.19
C LYS A 861 31.91 19.04 -40.12
N VAL A 862 31.30 17.94 -39.70
CA VAL A 862 31.28 16.70 -40.47
C VAL A 862 30.68 16.94 -41.83
N ASN A 863 29.57 17.67 -41.88
CA ASN A 863 28.97 17.91 -43.15
C ASN A 863 29.99 18.59 -44.08
N MET A 864 30.71 19.58 -43.55
CA MET A 864 31.69 20.26 -44.36
C MET A 864 32.84 19.32 -44.68
N MET A 865 33.29 18.57 -43.69
CA MET A 865 34.35 17.57 -43.91
C MET A 865 34.09 16.64 -45.12
N PHE A 866 32.82 16.26 -45.34
CA PHE A 866 32.42 15.36 -46.43
C PHE A 866 32.06 16.14 -47.69
N GLY A 867 32.44 17.41 -47.76
CA GLY A 867 32.25 18.19 -48.98
C GLY A 867 30.95 18.97 -49.07
N ASP A 868 30.23 19.03 -47.95
CA ASP A 868 28.99 19.78 -47.86
C ASP A 868 27.94 19.08 -48.69
N ILE A 869 27.19 18.17 -48.05
CA ILE A 869 26.33 17.25 -48.77
C ILE A 869 24.89 17.48 -48.48
N ILE A 870 24.06 16.93 -49.32
CA ILE A 870 22.63 16.95 -49.12
C ILE A 870 22.25 16.00 -48.02
N LYS A 871 21.76 16.53 -46.90
CA LYS A 871 21.42 15.68 -45.77
C LYS A 871 19.92 15.47 -45.62
N VAL A 872 19.45 14.38 -46.20
CA VAL A 872 18.11 13.83 -46.00
C VAL A 872 18.26 12.28 -45.80
N THR A 873 17.23 11.60 -45.28
CA THR A 873 17.28 10.13 -45.16
C THR A 873 17.67 9.40 -46.45
N PRO A 874 18.74 8.62 -46.40
CA PRO A 874 19.59 8.22 -45.32
C PRO A 874 20.96 8.87 -45.27
N SER A 875 21.23 9.84 -46.12
CA SER A 875 22.53 10.58 -45.98
C SER A 875 22.60 11.39 -44.71
N SER A 876 21.44 11.79 -44.15
CA SER A 876 21.41 12.52 -42.90
C SER A 876 22.04 11.72 -41.78
N LYS A 877 21.67 10.44 -41.74
CA LYS A 877 22.16 9.49 -40.76
C LYS A 877 23.67 9.37 -40.86
N VAL A 878 24.17 9.31 -42.08
CA VAL A 878 25.64 9.17 -42.28
C VAL A 878 26.39 10.25 -41.51
N VAL A 879 25.97 11.50 -41.67
CA VAL A 879 26.66 12.60 -41.03
C VAL A 879 26.44 12.42 -39.54
N GLY A 880 25.24 11.94 -39.19
CA GLY A 880 24.84 11.73 -37.82
C GLY A 880 25.79 10.81 -37.13
N ASP A 881 25.82 9.57 -37.62
CA ASP A 881 26.71 8.51 -37.11
C ASP A 881 28.16 9.01 -37.03
N MET A 882 28.63 9.65 -38.08
CA MET A 882 30.00 10.12 -38.04
C MET A 882 30.23 11.17 -36.93
N ALA A 883 29.28 12.06 -36.70
CA ALA A 883 29.50 13.15 -35.73
C ALA A 883 29.48 12.62 -34.30
N LEU A 884 28.71 11.57 -34.09
CA LEU A 884 28.66 10.91 -32.81
C LEU A 884 30.01 10.26 -32.57
N PHE A 885 30.35 9.32 -33.44
CA PHE A 885 31.63 8.64 -33.41
C PHE A 885 32.73 9.62 -33.07
N MET A 886 32.82 10.75 -33.75
CA MET A 886 33.98 11.66 -33.52
C MET A 886 34.00 12.22 -32.11
N ILE A 887 32.82 12.54 -31.56
CA ILE A 887 32.70 13.10 -30.20
C ILE A 887 33.01 12.01 -29.19
N GLN A 888 32.30 10.90 -29.34
CA GLN A 888 32.47 9.69 -28.51
C GLN A 888 33.92 9.27 -28.31
N ASN A 889 34.73 9.31 -29.36
CA ASN A 889 36.15 8.92 -29.32
C ASN A 889 37.07 10.15 -29.27
N ASP A 890 36.51 11.31 -28.92
CA ASP A 890 37.33 12.49 -28.68
C ASP A 890 38.22 12.97 -29.84
N LEU A 891 37.80 12.76 -31.09
CA LEU A 891 38.60 13.21 -32.24
C LEU A 891 38.03 14.38 -33.00
N THR A 892 38.94 15.26 -33.39
CA THR A 892 38.63 16.44 -34.21
C THR A 892 38.77 16.08 -35.68
N GLU A 893 38.62 17.07 -36.56
CA GLU A 893 38.77 16.84 -37.99
C GLU A 893 40.22 16.48 -38.32
N GLU A 894 41.16 17.16 -37.67
CA GLU A 894 42.58 16.86 -37.80
C GLU A 894 42.86 15.42 -37.41
N ASP A 895 42.39 15.04 -36.23
CA ASP A 895 42.60 13.68 -35.71
C ASP A 895 42.14 12.60 -36.70
N VAL A 896 41.19 12.90 -37.58
CA VAL A 896 40.70 11.89 -38.52
C VAL A 896 41.70 11.76 -39.67
N TYR A 897 42.06 12.90 -40.24
CA TYR A 897 43.02 12.92 -41.35
C TYR A 897 44.37 12.31 -40.95
N ALA A 898 44.78 12.49 -39.69
CA ALA A 898 46.03 11.93 -39.17
C ALA A 898 45.92 10.43 -38.95
N ARG A 899 45.05 10.01 -38.04
CA ARG A 899 45.04 8.61 -37.58
C ARG A 899 43.79 7.85 -38.06
N GLY A 900 43.36 8.11 -39.30
CA GLY A 900 42.13 7.50 -39.80
C GLY A 900 42.27 6.01 -40.01
N ASN A 901 43.44 5.60 -40.49
CA ASN A 901 43.67 4.20 -40.90
C ASN A 901 43.63 3.26 -39.70
N GLU A 902 43.94 3.79 -38.52
CA GLU A 902 43.88 3.01 -37.30
C GLU A 902 42.51 3.12 -36.62
N LEU A 903 41.48 3.56 -37.35
CA LEU A 903 40.12 3.70 -36.82
C LEU A 903 39.08 3.02 -37.68
N ASN A 904 38.11 2.40 -37.04
CA ASN A 904 36.97 1.82 -37.74
C ASN A 904 35.76 2.75 -37.77
N PHE A 905 35.56 3.40 -38.93
CA PHE A 905 34.44 4.32 -39.11
C PHE A 905 33.13 3.59 -39.25
N PRO A 906 32.04 4.20 -38.78
CA PRO A 906 30.73 3.51 -38.73
C PRO A 906 30.27 2.99 -40.08
N GLU A 907 29.48 1.93 -40.06
CA GLU A 907 29.10 1.25 -41.29
C GLU A 907 28.59 2.23 -42.34
N SER A 908 27.54 2.98 -41.97
CA SER A 908 26.91 3.99 -42.82
C SER A 908 27.94 4.88 -43.51
N VAL A 909 28.90 5.35 -42.73
CA VAL A 909 29.90 6.26 -43.25
C VAL A 909 30.67 5.61 -44.39
N VAL A 910 31.00 4.33 -44.17
CA VAL A 910 31.74 3.58 -45.16
C VAL A 910 30.87 3.37 -46.40
N SER A 911 29.69 2.77 -46.25
CA SER A 911 28.77 2.60 -47.40
C SER A 911 28.64 3.86 -48.23
N PHE A 912 28.51 5.00 -47.57
CA PHE A 912 28.37 6.27 -48.27
C PHE A 912 29.55 6.48 -49.21
N PHE A 913 30.75 6.42 -48.64
CA PHE A 913 32.01 6.61 -49.36
C PHE A 913 32.40 5.47 -50.32
N ARG A 914 31.80 4.28 -50.17
CA ARG A 914 31.87 3.21 -51.18
C ARG A 914 30.90 3.45 -52.34
N GLY A 915 30.05 4.44 -52.21
CA GLY A 915 29.14 4.87 -53.27
C GLY A 915 27.86 4.08 -53.24
N ASP A 916 27.58 3.50 -52.08
CA ASP A 916 26.44 2.61 -51.95
C ASP A 916 25.18 3.43 -51.90
N LEU A 917 25.31 4.72 -51.61
CA LEU A 917 24.14 5.60 -51.62
C LEU A 917 23.97 6.28 -52.95
N GLY A 918 24.91 6.10 -53.84
CA GLY A 918 24.90 6.80 -55.11
C GLY A 918 25.98 7.85 -54.99
N GLN A 919 26.02 8.73 -56.00
CA GLN A 919 27.08 9.70 -56.09
C GLN A 919 26.62 11.08 -55.58
N PRO A 920 27.31 11.58 -54.55
CA PRO A 920 27.10 12.91 -54.09
C PRO A 920 27.44 14.01 -55.10
N VAL A 921 26.77 15.14 -54.98
CA VAL A 921 27.08 16.31 -55.82
C VAL A 921 28.53 16.73 -55.70
N GLY A 922 29.27 16.68 -56.80
CA GLY A 922 30.66 17.12 -56.82
C GLY A 922 31.59 16.09 -56.21
N GLY A 923 31.10 14.86 -56.06
CA GLY A 923 31.90 13.73 -55.59
C GLY A 923 32.49 13.87 -54.22
N PHE A 924 33.28 12.89 -53.82
CA PHE A 924 33.77 12.84 -52.45
C PHE A 924 35.06 13.63 -52.35
N PRO A 925 35.47 14.01 -51.14
CA PRO A 925 36.85 14.47 -50.98
C PRO A 925 37.78 13.29 -51.09
N GLU A 926 38.80 13.42 -51.91
CA GLU A 926 39.60 12.27 -52.28
C GLU A 926 40.45 11.65 -51.15
N LYS A 927 41.23 12.46 -50.42
CA LYS A 927 42.10 11.87 -49.41
C LYS A 927 41.26 11.11 -48.42
N LEU A 928 40.22 11.77 -47.96
CA LEU A 928 39.40 11.22 -46.90
C LEU A 928 38.73 9.94 -47.35
N GLN A 929 38.36 9.88 -48.62
CA GLN A 929 37.74 8.67 -49.17
C GLN A 929 38.64 7.46 -48.97
N LYS A 930 39.91 7.60 -49.41
CA LYS A 930 40.90 6.54 -49.25
C LYS A 930 40.99 6.09 -47.79
N ILE A 931 41.13 7.07 -46.91
CA ILE A 931 41.23 6.81 -45.48
C ILE A 931 40.03 6.00 -44.95
N ILE A 932 38.82 6.38 -45.35
CA ILE A 932 37.63 5.75 -44.79
C ILE A 932 37.38 4.41 -45.46
N VAL A 933 37.60 4.36 -46.76
CA VAL A 933 37.27 3.18 -47.55
C VAL A 933 38.32 2.07 -47.36
N LYS A 934 39.58 2.45 -47.32
CA LYS A 934 40.71 1.54 -47.10
C LYS A 934 40.82 0.61 -48.29
N ASP A 935 40.75 -0.67 -48.03
CA ASP A 935 40.87 -1.67 -49.06
C ASP A 935 39.57 -1.77 -49.90
N LYS A 936 38.43 -1.46 -49.28
CA LYS A 936 37.11 -1.92 -49.75
C LYS A 936 36.83 -1.50 -51.20
N ALA A 937 35.84 -2.16 -51.81
CA ALA A 937 35.52 -1.98 -53.19
C ALA A 937 34.53 -0.82 -53.39
N VAL A 938 35.05 0.32 -53.84
CA VAL A 938 34.22 1.47 -54.20
C VAL A 938 33.48 1.23 -55.51
N ILE A 939 32.18 1.43 -55.55
CA ILE A 939 31.51 1.60 -56.83
C ILE A 939 31.27 3.08 -57.18
N THR A 940 31.10 3.36 -58.47
CA THR A 940 30.81 4.73 -58.90
C THR A 940 29.72 4.79 -59.94
N ASP A 941 28.93 3.75 -60.02
CA ASP A 941 27.71 3.80 -60.78
C ASP A 941 26.55 3.50 -59.87
N ARG A 942 25.44 3.18 -60.50
CA ARG A 942 24.18 3.12 -59.82
C ARG A 942 24.13 1.81 -59.05
N PRO A 943 24.06 1.87 -57.72
CA PRO A 943 24.06 0.60 -56.97
C PRO A 943 22.98 -0.43 -57.38
N GLY A 944 21.88 0.00 -57.97
CA GLY A 944 20.83 -0.92 -58.38
C GLY A 944 21.26 -1.88 -59.48
N LEU A 945 22.25 -1.45 -60.25
CA LEU A 945 22.84 -2.30 -61.28
C LEU A 945 23.53 -3.50 -60.63
N HIS A 946 24.07 -3.30 -59.44
CA HIS A 946 24.78 -4.33 -58.69
C HIS A 946 23.81 -5.16 -57.84
N ALA A 947 22.52 -5.04 -58.07
CA ALA A 947 21.61 -5.66 -57.12
C ALA A 947 21.37 -7.14 -57.44
N GLU A 948 21.56 -7.99 -56.43
CA GLU A 948 21.11 -9.39 -56.44
C GLU A 948 19.81 -9.57 -57.20
N LYS A 949 19.88 -10.20 -58.37
CA LYS A 949 18.71 -10.39 -59.25
C LYS A 949 17.56 -11.03 -58.48
N VAL A 950 16.31 -10.71 -58.80
CA VAL A 950 15.18 -11.20 -57.99
C VAL A 950 14.05 -11.70 -58.85
N ASP A 951 13.48 -12.84 -58.46
CA ASP A 951 12.45 -13.51 -59.21
C ASP A 951 11.17 -13.54 -58.39
N PHE A 952 10.09 -13.04 -58.95
CA PHE A 952 8.81 -12.99 -58.23
C PHE A 952 8.18 -14.34 -57.95
N GLU A 953 8.38 -15.30 -58.86
CA GLU A 953 7.83 -16.66 -58.69
C GLU A 953 8.52 -17.41 -57.56
N THR A 954 9.86 -17.39 -57.59
CA THR A 954 10.72 -17.95 -56.54
C THR A 954 10.29 -17.47 -55.17
N VAL A 955 10.18 -16.16 -55.06
CA VAL A 955 9.90 -15.48 -53.80
C VAL A 955 8.46 -15.74 -53.42
N LYS A 956 7.53 -15.53 -54.34
CA LYS A 956 6.11 -15.80 -54.07
C LYS A 956 5.87 -17.21 -53.49
N ALA A 957 6.48 -18.22 -54.10
CA ALA A 957 6.36 -19.60 -53.62
C ALA A 957 6.98 -19.73 -52.23
N ASP A 958 8.26 -19.34 -52.14
CA ASP A 958 8.98 -19.30 -50.88
C ASP A 958 8.20 -18.64 -49.75
N LEU A 959 7.48 -17.56 -50.06
CA LEU A 959 6.70 -16.85 -49.05
C LEU A 959 5.43 -17.59 -48.67
N GLU A 960 4.74 -18.13 -49.67
CA GLU A 960 3.50 -18.90 -49.44
C GLU A 960 3.72 -20.00 -48.38
N GLN A 961 4.89 -20.64 -48.46
CA GLN A 961 5.27 -21.67 -47.50
C GLN A 961 5.46 -21.02 -46.14
N LYS A 962 6.13 -19.87 -46.10
CA LYS A 962 6.44 -19.20 -44.79
C LYS A 962 5.24 -18.62 -44.02
N ILE A 963 4.16 -18.25 -44.70
CA ILE A 963 2.99 -17.67 -44.02
C ILE A 963 1.77 -18.57 -44.12
N GLY A 964 1.80 -19.53 -45.04
CA GLY A 964 0.74 -20.53 -45.17
C GLY A 964 -0.49 -20.08 -45.91
N TYR A 965 -0.32 -19.27 -46.93
CA TYR A 965 -1.41 -19.02 -47.90
C TYR A 965 -0.78 -18.33 -49.09
N GLU A 966 -1.57 -18.15 -50.14
CA GLU A 966 -1.07 -17.54 -51.36
C GLU A 966 -1.04 -16.02 -51.14
N PRO A 967 0.17 -15.40 -51.14
CA PRO A 967 0.26 -13.98 -50.94
C PRO A 967 -0.10 -13.20 -52.20
N GLY A 968 -0.91 -12.15 -52.05
CA GLY A 968 -1.15 -11.19 -53.13
C GLY A 968 0.14 -10.48 -53.53
N ASP A 969 0.11 -9.84 -54.71
CA ASP A 969 1.34 -9.22 -55.27
C ASP A 969 1.95 -8.19 -54.32
N HIS A 970 1.08 -7.52 -53.55
CA HIS A 970 1.49 -6.51 -52.57
C HIS A 970 2.20 -7.08 -51.32
N GLU A 971 1.71 -8.20 -50.82
CA GLU A 971 2.40 -8.92 -49.79
C GLU A 971 3.78 -9.32 -50.30
N VAL A 972 3.86 -9.79 -51.56
CA VAL A 972 5.14 -10.27 -52.08
C VAL A 972 6.15 -9.16 -51.98
N ILE A 973 5.75 -8.02 -52.54
CA ILE A 973 6.63 -6.87 -52.66
C ILE A 973 6.96 -6.24 -51.29
N SER A 974 5.98 -6.20 -50.38
CA SER A 974 6.27 -5.80 -49.02
C SER A 974 7.36 -6.69 -48.49
N TYR A 975 7.25 -7.99 -48.78
CA TYR A 975 8.22 -9.00 -48.26
C TYR A 975 9.63 -8.72 -48.81
N ILE A 976 9.68 -8.38 -50.08
CA ILE A 976 10.94 -8.05 -50.73
C ILE A 976 11.54 -6.80 -50.12
N MET A 977 10.68 -5.79 -49.84
CA MET A 977 11.14 -4.50 -49.33
C MET A 977 11.66 -4.67 -47.89
N TYR A 978 10.84 -5.34 -47.06
CA TYR A 978 11.06 -5.44 -45.61
C TYR A 978 10.80 -6.88 -45.17
N PRO A 979 11.77 -7.77 -45.36
CA PRO A 979 11.49 -9.20 -45.18
C PRO A 979 11.25 -9.56 -43.72
N GLN A 980 12.19 -9.23 -42.85
CA GLN A 980 12.07 -9.55 -41.45
C GLN A 980 10.78 -8.93 -40.92
N VAL A 981 10.59 -7.64 -41.17
CA VAL A 981 9.46 -6.92 -40.62
C VAL A 981 8.13 -7.51 -41.06
N PHE A 982 8.07 -7.91 -42.32
CA PHE A 982 6.84 -8.50 -42.86
C PHE A 982 6.48 -9.82 -42.18
N LEU A 983 7.50 -10.62 -41.89
CA LEU A 983 7.26 -11.89 -41.22
C LEU A 983 6.84 -11.63 -39.78
N ASP A 984 7.58 -10.78 -39.07
CA ASP A 984 7.19 -10.37 -37.71
C ASP A 984 5.77 -9.84 -37.67
N TYR A 985 5.36 -9.11 -38.71
CA TYR A 985 4.01 -8.60 -38.78
C TYR A 985 3.06 -9.76 -38.85
N GLN A 986 3.46 -10.81 -39.55
CA GLN A 986 2.57 -11.96 -39.71
C GLN A 986 2.43 -12.71 -38.38
N LYS A 987 3.53 -12.89 -37.64
CA LYS A 987 3.43 -13.43 -36.26
C LYS A 987 2.40 -12.64 -35.45
N MET A 988 2.60 -11.33 -35.40
CA MET A 988 1.72 -10.44 -34.64
C MET A 988 0.25 -10.64 -35.06
N GLN A 989 0.04 -10.80 -36.35
CA GLN A 989 -1.29 -10.97 -36.88
C GLN A 989 -1.88 -12.30 -36.44
N ARG A 990 -1.04 -13.32 -36.45
CA ARG A 990 -1.45 -14.66 -36.08
C ARG A 990 -1.73 -14.70 -34.58
N GLU A 991 -0.84 -14.10 -33.78
CA GLU A 991 -1.08 -13.98 -32.33
C GLU A 991 -2.22 -13.00 -31.89
N PHE A 992 -2.36 -11.84 -32.54
CA PHE A 992 -3.23 -10.76 -32.02
C PHE A 992 -4.36 -10.31 -32.92
N GLY A 993 -4.28 -10.62 -34.18
CA GLY A 993 -5.36 -10.27 -35.10
C GLY A 993 -5.30 -8.85 -35.62
N ALA A 994 -6.47 -8.38 -36.03
CA ALA A 994 -6.65 -7.04 -36.57
C ALA A 994 -6.80 -5.97 -35.46
N VAL A 995 -5.69 -5.70 -34.77
CA VAL A 995 -5.62 -4.64 -33.76
C VAL A 995 -5.94 -3.27 -34.37
N THR A 996 -5.71 -3.13 -35.68
CA THR A 996 -6.14 -1.96 -36.44
C THR A 996 -7.46 -1.40 -36.10
N LEU A 997 -8.37 -2.27 -35.65
CA LEU A 997 -9.78 -1.88 -35.52
C LEU A 997 -10.07 -1.27 -34.19
N LEU A 998 -9.09 -1.32 -33.32
CA LEU A 998 -9.32 -0.79 -31.99
C LEU A 998 -9.19 0.73 -31.96
N ASP A 999 -9.98 1.38 -31.12
CA ASP A 999 -9.68 2.78 -30.84
C ASP A 999 -8.24 2.94 -30.29
N THR A 1000 -7.66 4.09 -30.55
CA THR A 1000 -6.26 4.25 -30.25
C THR A 1000 -5.95 4.14 -28.76
N PRO A 1001 -6.82 4.69 -27.89
CA PRO A 1001 -6.51 4.65 -26.44
C PRO A 1001 -6.52 3.21 -25.94
N THR A 1002 -7.50 2.45 -26.43
CA THR A 1002 -7.56 1.04 -26.18
C THR A 1002 -6.32 0.39 -26.75
N PHE A 1003 -6.09 0.55 -28.02
CA PHE A 1003 -4.92 -0.06 -28.67
C PHE A 1003 -3.62 0.16 -27.88
N LEU A 1004 -3.53 1.26 -27.16
CA LEU A 1004 -2.27 1.63 -26.52
C LEU A 1004 -2.23 1.35 -25.05
N HIS A 1005 -3.41 1.30 -24.43
CA HIS A 1005 -3.51 1.14 -22.98
C HIS A 1005 -4.33 -0.06 -22.50
N GLY A 1006 -4.85 -0.86 -23.40
CA GLY A 1006 -5.76 -1.91 -23.01
C GLY A 1006 -7.07 -1.39 -22.44
N MET A 1007 -7.56 -2.03 -21.35
CA MET A 1007 -8.84 -1.62 -20.72
C MET A 1007 -8.73 -1.34 -19.24
N ARG A 1008 -9.74 -0.66 -18.74
CA ARG A 1008 -9.86 -0.31 -17.35
C ARG A 1008 -10.87 -1.27 -16.78
N LEU A 1009 -10.75 -1.55 -15.51
CA LEU A 1009 -11.73 -2.37 -14.81
C LEU A 1009 -13.10 -1.78 -15.07
N ASN A 1010 -14.07 -2.63 -15.35
CA ASN A 1010 -15.48 -2.23 -15.60
C ASN A 1010 -15.76 -1.45 -16.87
N GLU A 1011 -14.74 -1.27 -17.70
CA GLU A 1011 -14.91 -0.59 -18.97
C GLU A 1011 -15.65 -1.44 -20.01
N LYS A 1012 -16.44 -0.79 -20.83
CA LYS A 1012 -17.17 -1.43 -21.90
C LYS A 1012 -16.70 -0.81 -23.23
N ILE A 1013 -16.55 -1.61 -24.27
CA ILE A 1013 -16.12 -1.12 -25.62
C ILE A 1013 -16.83 -1.94 -26.69
N GLU A 1014 -17.00 -1.35 -27.87
CA GLU A 1014 -17.48 -2.09 -29.03
C GLU A 1014 -16.42 -1.93 -30.05
N VAL A 1015 -16.08 -3.03 -30.70
CA VAL A 1015 -15.14 -3.01 -31.80
C VAL A 1015 -15.95 -3.41 -33.02
N GLN A 1016 -15.98 -2.56 -34.06
CA GLN A 1016 -16.68 -2.85 -35.33
C GLN A 1016 -15.74 -3.68 -36.15
N ILE A 1017 -16.18 -4.82 -36.68
CA ILE A 1017 -15.30 -5.67 -37.50
C ILE A 1017 -15.75 -5.73 -38.93
N GLU A 1018 -17.05 -5.80 -39.14
CA GLU A 1018 -17.62 -5.62 -40.46
C GLU A 1018 -18.81 -4.70 -40.30
N LYS A 1019 -19.52 -4.45 -41.39
CA LYS A 1019 -20.76 -3.71 -41.29
C LYS A 1019 -21.69 -4.66 -40.53
N GLY A 1020 -22.26 -4.20 -39.43
CA GLY A 1020 -23.25 -4.99 -38.71
C GLY A 1020 -22.75 -6.17 -37.89
N LYS A 1021 -21.43 -6.27 -37.75
CA LYS A 1021 -20.82 -7.23 -36.87
C LYS A 1021 -19.89 -6.51 -35.85
N THR A 1022 -20.15 -6.67 -34.57
CA THR A 1022 -19.37 -5.95 -33.57
C THR A 1022 -19.10 -6.78 -32.29
N LEU A 1023 -17.88 -6.68 -31.78
CA LEU A 1023 -17.49 -7.29 -30.51
C LEU A 1023 -17.80 -6.37 -29.35
N SER A 1024 -18.78 -6.68 -28.49
CA SER A 1024 -19.02 -5.94 -27.25
C SER A 1024 -18.21 -6.56 -26.16
N ILE A 1025 -17.30 -5.79 -25.58
CA ILE A 1025 -16.35 -6.29 -24.66
C ILE A 1025 -16.37 -5.48 -23.37
N ARG A 1026 -16.96 -6.04 -22.31
CA ARG A 1026 -16.78 -5.54 -20.93
C ARG A 1026 -15.65 -6.31 -20.23
N LEU A 1027 -14.95 -5.62 -19.34
CA LEU A 1027 -13.87 -6.21 -18.53
C LEU A 1027 -14.38 -6.11 -17.13
N ASP A 1028 -14.33 -7.23 -16.38
CA ASP A 1028 -14.95 -7.33 -15.07
C ASP A 1028 -13.98 -7.58 -13.92
N GLU A 1029 -12.89 -8.28 -14.17
CA GLU A 1029 -11.91 -8.40 -13.13
C GLU A 1029 -10.59 -8.81 -13.69
N ILE A 1030 -9.59 -8.52 -12.87
CA ILE A 1030 -8.24 -8.86 -13.17
C ILE A 1030 -7.75 -9.68 -12.01
N GLY A 1031 -7.40 -10.93 -12.30
CA GLY A 1031 -6.91 -11.81 -11.27
C GLY A 1031 -5.52 -11.41 -10.86
N GLU A 1032 -5.19 -11.74 -9.61
CA GLU A 1032 -3.83 -11.77 -9.12
C GLU A 1032 -3.05 -12.83 -9.86
N PRO A 1033 -1.72 -12.73 -9.82
CA PRO A 1033 -0.96 -13.73 -10.55
C PRO A 1033 -0.80 -14.99 -9.76
N ASP A 1034 -0.57 -16.08 -10.45
CA ASP A 1034 -0.32 -17.33 -9.77
C ASP A 1034 1.20 -17.41 -9.56
N LEU A 1035 1.70 -18.61 -9.23
CA LEU A 1035 3.13 -18.87 -9.07
C LEU A 1035 3.92 -18.79 -10.39
N ALA A 1036 3.28 -19.18 -11.49
CA ALA A 1036 3.91 -19.16 -12.82
C ALA A 1036 3.92 -17.76 -13.46
N GLY A 1037 3.51 -16.72 -12.70
CA GLY A 1037 3.40 -15.33 -13.20
C GLY A 1037 2.31 -15.17 -14.25
N ASN A 1038 1.13 -15.73 -13.99
CA ASN A 1038 -0.03 -15.67 -14.91
C ASN A 1038 -1.21 -15.08 -14.19
N ARG A 1039 -2.04 -14.40 -14.95
CA ARG A 1039 -3.24 -13.82 -14.40
C ARG A 1039 -4.39 -14.27 -15.26
N VAL A 1040 -5.59 -14.10 -14.71
CA VAL A 1040 -6.76 -14.47 -15.42
C VAL A 1040 -7.62 -13.25 -15.46
N LEU A 1041 -7.94 -12.79 -16.68
CA LEU A 1041 -8.82 -11.64 -16.86
C LEU A 1041 -10.22 -12.13 -17.25
N PHE A 1042 -11.22 -11.47 -16.68
CA PHE A 1042 -12.58 -11.94 -16.73
C PHE A 1042 -13.42 -10.98 -17.51
N PHE A 1043 -13.62 -11.33 -18.77
CA PHE A 1043 -14.34 -10.46 -19.68
C PHE A 1043 -15.76 -10.99 -19.87
N ASN A 1044 -16.66 -10.11 -20.30
CA ASN A 1044 -17.88 -10.50 -20.96
C ASN A 1044 -17.83 -10.07 -22.44
N LEU A 1045 -17.56 -11.02 -23.33
CA LEU A 1045 -17.59 -10.73 -24.77
C LEU A 1045 -18.88 -11.20 -25.41
N ASN A 1046 -19.78 -10.27 -25.66
CA ASN A 1046 -21.06 -10.57 -26.33
C ASN A 1046 -21.95 -11.39 -25.45
N GLY A 1047 -21.99 -11.01 -24.19
CA GLY A 1047 -22.85 -11.68 -23.23
C GLY A 1047 -22.37 -13.07 -22.83
N GLN A 1048 -21.10 -13.40 -23.06
CA GLN A 1048 -20.54 -14.66 -22.59
C GLN A 1048 -19.41 -14.35 -21.64
N ARG A 1049 -19.37 -15.02 -20.48
CA ARG A 1049 -18.20 -14.87 -19.62
C ARG A 1049 -17.02 -15.41 -20.43
N ARG A 1050 -15.82 -14.88 -20.20
CA ARG A 1050 -14.63 -15.35 -20.88
C ARG A 1050 -13.46 -15.15 -19.96
N GLU A 1051 -12.70 -16.21 -19.77
CA GLU A 1051 -11.61 -16.17 -18.85
C GLU A 1051 -10.40 -16.17 -19.73
N VAL A 1052 -9.45 -15.26 -19.50
CA VAL A 1052 -8.29 -15.23 -20.36
C VAL A 1052 -7.03 -15.14 -19.56
N VAL A 1053 -6.15 -16.08 -19.88
CA VAL A 1053 -4.91 -16.24 -19.17
C VAL A 1053 -3.87 -15.43 -19.88
N ILE A 1054 -3.17 -14.58 -19.14
CA ILE A 1054 -2.08 -13.80 -19.70
C ILE A 1054 -0.88 -13.72 -18.75
N ASN A 1055 0.31 -13.84 -19.30
CA ASN A 1055 1.54 -13.79 -18.52
C ASN A 1055 1.84 -12.38 -18.03
N ASP A 1056 1.62 -12.12 -16.76
CA ASP A 1056 2.14 -10.89 -16.17
C ASP A 1056 3.70 -10.94 -16.15
N GLN A 1057 4.37 -9.91 -16.70
CA GLN A 1057 5.81 -9.99 -16.96
C GLN A 1057 6.70 -9.55 -15.79
N SER A 1058 6.13 -9.09 -14.66
CA SER A 1058 6.83 -9.17 -13.31
C SER A 1058 6.96 -10.59 -12.54
N MET B 7 40.12 53.12 7.99
CA MET B 7 39.93 51.62 7.92
C MET B 7 38.50 51.19 8.30
N LYS B 8 37.73 50.70 7.34
CA LYS B 8 36.35 50.24 7.58
C LYS B 8 36.19 48.71 7.55
N LYS B 9 37.05 48.02 6.81
CA LYS B 9 36.81 46.63 6.50
C LYS B 9 38.09 45.81 6.49
N LEU B 10 38.02 44.57 6.94
CA LEU B 10 39.20 43.73 7.05
C LEU B 10 38.95 42.29 6.61
N LEU B 11 39.92 41.76 5.89
CA LEU B 11 39.88 40.39 5.37
C LEU B 11 40.92 39.54 6.08
N VAL B 12 40.51 38.36 6.54
CA VAL B 12 41.44 37.49 7.18
C VAL B 12 41.82 36.45 6.20
N ALA B 13 43.10 36.45 5.87
CA ALA B 13 43.69 35.50 4.93
C ALA B 13 44.15 34.25 5.68
N ASN B 14 43.14 33.61 6.28
CA ASN B 14 43.29 32.46 7.14
C ASN B 14 41.91 31.84 7.46
N ARG B 15 41.93 30.83 8.34
CA ARG B 15 40.73 30.05 8.69
C ARG B 15 40.66 29.63 10.17
N GLY B 16 39.55 29.00 10.56
CA GLY B 16 39.44 28.33 11.85
C GLY B 16 39.57 29.23 13.07
N GLU B 17 40.23 28.74 14.12
CA GLU B 17 40.16 29.48 15.36
C GLU B 17 40.68 30.91 15.17
N ILE B 18 41.81 31.07 14.48
CA ILE B 18 42.50 32.37 14.43
C ILE B 18 41.77 33.36 13.57
N ALA B 19 41.07 32.86 12.56
CA ALA B 19 40.20 33.72 11.77
C ALA B 19 39.08 34.27 12.63
N VAL B 20 38.53 33.42 13.50
CA VAL B 20 37.44 33.83 14.37
C VAL B 20 37.98 34.75 15.47
N ARG B 21 39.20 34.47 15.92
CA ARG B 21 39.81 35.35 16.87
C ARG B 21 39.81 36.78 16.35
N VAL B 22 40.18 36.93 15.09
CA VAL B 22 40.45 38.24 14.54
C VAL B 22 39.13 38.94 14.31
N PHE B 23 38.17 38.23 13.71
CA PHE B 23 36.85 38.83 13.48
C PHE B 23 36.31 39.45 14.75
N ARG B 24 36.55 38.75 15.85
CA ARG B 24 36.11 39.23 17.12
C ARG B 24 36.79 40.57 17.40
N ALA B 25 38.12 40.58 17.31
CA ALA B 25 38.86 41.79 17.53
C ALA B 25 38.36 42.90 16.61
N CYS B 26 38.13 42.55 15.35
CA CYS B 26 37.61 43.52 14.40
C CYS B 26 36.29 44.06 14.87
N ASN B 27 35.39 43.14 15.20
CA ASN B 27 34.06 43.53 15.55
C ASN B 27 34.04 44.52 16.70
N GLU B 28 34.85 44.24 17.70
CA GLU B 28 35.02 45.13 18.85
C GLU B 28 35.56 46.50 18.47
N LEU B 29 36.35 46.60 17.40
CA LEU B 29 36.80 47.89 16.86
C LEU B 29 35.88 48.46 15.75
N GLY B 30 34.63 47.99 15.69
CA GLY B 30 33.69 48.46 14.70
C GLY B 30 34.15 48.27 13.27
N LEU B 31 34.95 47.24 12.99
CA LEU B 31 35.31 46.90 11.61
C LEU B 31 34.41 45.80 11.03
N SER B 32 34.03 45.99 9.78
CA SER B 32 33.37 44.95 9.02
C SER B 32 34.41 43.84 8.70
N THR B 33 33.94 42.62 8.49
CA THR B 33 34.86 41.52 8.30
C THR B 33 34.61 40.83 6.98
N VAL B 34 35.66 40.19 6.48
CA VAL B 34 35.56 39.40 5.27
C VAL B 34 36.40 38.13 5.43
N ALA B 35 35.79 36.99 5.10
CA ALA B 35 36.44 35.70 5.33
C ALA B 35 36.61 35.01 4.02
N VAL B 36 37.64 34.16 3.96
CA VAL B 36 37.90 33.36 2.76
C VAL B 36 37.96 31.90 3.11
N TYR B 37 37.49 31.06 2.20
CA TYR B 37 37.37 29.64 2.48
C TYR B 37 37.55 28.77 1.27
N ALA B 38 38.28 27.67 1.41
CA ALA B 38 38.35 26.65 0.39
C ALA B 38 37.02 25.90 0.23
N ARG B 39 36.84 25.11 -0.83
CA ARG B 39 35.60 24.32 -0.96
C ARG B 39 35.55 23.30 0.17
N GLU B 40 36.70 22.70 0.42
CA GLU B 40 36.79 21.59 1.35
C GLU B 40 36.49 22.02 2.79
N ASP B 41 36.48 23.34 2.98
CA ASP B 41 36.36 23.97 4.29
C ASP B 41 35.03 24.66 4.36
N GLU B 42 34.10 24.26 3.52
CA GLU B 42 32.86 25.02 3.34
C GLU B 42 31.98 24.97 4.59
N TYR B 43 32.28 24.03 5.47
CA TYR B 43 31.50 23.84 6.68
C TYR B 43 32.22 24.38 7.90
N SER B 44 33.30 25.15 7.68
CA SER B 44 34.09 25.72 8.78
C SER B 44 33.30 26.84 9.44
N VAL B 45 33.39 26.94 10.76
CA VAL B 45 32.72 28.01 11.47
C VAL B 45 33.12 29.39 10.93
N HIS B 46 34.42 29.59 10.71
CA HIS B 46 34.90 30.93 10.46
C HIS B 46 34.27 31.55 9.25
N ARG B 47 33.98 30.73 8.27
CA ARG B 47 33.23 31.18 7.11
C ARG B 47 31.95 31.96 7.44
N PHE B 48 31.21 31.52 8.45
CA PHE B 48 29.91 32.15 8.75
C PHE B 48 30.04 33.15 9.88
N LYS B 49 31.17 33.18 10.57
CA LYS B 49 31.35 34.15 11.63
C LYS B 49 31.70 35.53 11.12
N ALA B 50 31.97 35.67 9.82
CA ALA B 50 32.30 36.99 9.25
C ALA B 50 31.11 37.63 8.61
N ASP B 51 31.18 38.95 8.42
CA ASP B 51 30.10 39.73 7.77
C ASP B 51 29.89 39.31 6.32
N GLU B 52 30.94 38.88 5.65
CA GLU B 52 30.80 38.29 4.33
C GLU B 52 32.00 37.36 4.02
N SER B 53 31.76 36.34 3.21
CA SER B 53 32.78 35.33 3.00
C SER B 53 32.79 34.93 1.54
N TYR B 54 33.98 34.56 1.05
CA TYR B 54 34.19 34.34 -0.38
C TYR B 54 35.04 33.12 -0.63
N LEU B 55 34.54 32.23 -1.49
CA LEU B 55 35.28 31.04 -1.96
C LEU B 55 36.61 31.44 -2.57
N ILE B 56 37.65 30.66 -2.34
CA ILE B 56 38.91 30.88 -3.03
C ILE B 56 39.59 29.59 -3.45
N GLY B 57 40.61 29.76 -4.29
CA GLY B 57 41.48 28.68 -4.74
C GLY B 57 40.79 27.71 -5.67
N GLN B 58 39.62 28.07 -6.20
CA GLN B 58 38.78 27.13 -6.95
C GLN B 58 39.58 26.08 -7.73
N GLY B 59 39.13 24.82 -7.67
CA GLY B 59 39.83 23.74 -8.35
C GLY B 59 41.14 23.28 -7.73
N LYS B 60 41.81 24.11 -6.94
CA LYS B 60 43.07 23.74 -6.29
C LYS B 60 42.91 22.70 -5.13
N LYS B 61 44.05 22.21 -4.63
CA LYS B 61 44.06 21.51 -3.33
C LYS B 61 43.73 22.52 -2.23
N PRO B 62 43.11 22.06 -1.15
CA PRO B 62 42.64 22.98 -0.13
C PRO B 62 43.73 23.84 0.52
N ILE B 63 44.88 23.27 0.85
CA ILE B 63 45.91 24.08 1.51
C ILE B 63 46.48 25.11 0.52
N ASP B 64 46.64 24.69 -0.74
CA ASP B 64 47.12 25.56 -1.82
C ASP B 64 46.25 26.81 -1.95
N ALA B 65 44.93 26.63 -1.81
CA ALA B 65 43.95 27.72 -1.89
C ALA B 65 44.22 28.81 -0.85
N TYR B 66 44.56 28.42 0.37
CA TYR B 66 44.87 29.40 1.42
C TYR B 66 46.24 30.07 1.20
N LEU B 67 46.99 29.52 0.24
CA LEU B 67 48.29 30.07 -0.23
C LEU B 67 48.24 30.85 -1.57
N ASP B 68 47.09 30.80 -2.25
CA ASP B 68 46.87 31.47 -3.55
C ASP B 68 46.84 33.01 -3.43
N ILE B 69 48.02 33.60 -3.24
CA ILE B 69 48.20 35.04 -3.00
C ILE B 69 47.34 35.94 -3.88
N ASP B 70 47.31 35.64 -5.17
CA ASP B 70 46.59 36.52 -6.11
C ASP B 70 45.11 36.44 -5.82
N ASP B 71 44.58 35.22 -5.81
CA ASP B 71 43.14 35.03 -5.65
C ASP B 71 42.63 35.69 -4.37
N ILE B 72 43.46 35.69 -3.32
CA ILE B 72 43.08 36.32 -2.05
C ILE B 72 42.85 37.80 -2.25
N ILE B 73 43.81 38.41 -2.93
CA ILE B 73 43.78 39.85 -3.12
C ILE B 73 42.63 40.25 -4.08
N ARG B 74 42.45 39.45 -5.13
CA ARG B 74 41.28 39.58 -6.01
C ARG B 74 40.04 39.82 -5.14
N VAL B 75 39.90 38.98 -4.10
CA VAL B 75 38.75 38.99 -3.20
C VAL B 75 38.77 40.20 -2.29
N ALA B 76 39.93 40.43 -1.68
CA ALA B 76 40.18 41.64 -0.87
C ALA B 76 39.66 42.89 -1.56
N LEU B 77 39.88 42.94 -2.88
CA LEU B 77 39.55 44.11 -3.67
C LEU B 77 38.08 44.12 -4.08
N GLU B 78 37.59 43.07 -4.74
CA GLU B 78 36.16 43.00 -5.11
C GLU B 78 35.22 43.14 -3.90
N SER B 79 35.72 42.79 -2.72
CA SER B 79 34.97 42.92 -1.48
C SER B 79 34.96 44.35 -0.91
N GLY B 80 36.02 45.09 -1.17
CA GLY B 80 36.15 46.45 -0.67
C GLY B 80 37.01 46.56 0.58
N ALA B 81 37.90 45.60 0.81
CA ALA B 81 38.65 45.57 2.07
C ALA B 81 39.79 46.56 2.09
N ASP B 82 39.99 47.22 3.23
CA ASP B 82 41.06 48.22 3.38
C ASP B 82 42.30 47.55 3.94
N ALA B 83 42.14 46.37 4.52
CA ALA B 83 43.25 45.70 5.17
C ALA B 83 43.14 44.19 5.10
N ILE B 84 44.26 43.51 5.34
CA ILE B 84 44.29 42.05 5.42
C ILE B 84 45.05 41.64 6.68
N HIS B 85 44.40 40.81 7.50
CA HIS B 85 45.09 40.13 8.60
C HIS B 85 45.49 38.72 8.14
N PRO B 86 46.79 38.40 8.24
CA PRO B 86 47.28 37.11 7.74
C PRO B 86 47.04 35.95 8.70
N GLY B 87 47.03 36.26 9.99
CA GLY B 87 46.76 35.30 11.03
C GLY B 87 48.09 34.73 11.47
N TYR B 88 48.19 33.39 11.51
CA TYR B 88 49.43 32.69 11.79
C TYR B 88 49.53 31.48 10.87
N GLY B 89 50.75 30.97 10.65
CA GLY B 89 51.03 29.97 9.58
C GLY B 89 50.74 30.53 8.19
N LEU B 90 50.35 29.66 7.26
CA LEU B 90 50.03 30.03 5.88
C LEU B 90 50.91 31.13 5.28
N LEU B 91 50.32 32.27 4.93
CA LEU B 91 51.05 33.37 4.28
C LEU B 91 51.53 34.44 5.26
N SER B 92 51.29 34.25 6.56
CA SER B 92 51.53 35.32 7.51
C SER B 92 53.00 35.76 7.60
N GLU B 93 53.94 34.86 7.30
CA GLU B 93 55.38 35.19 7.32
C GLU B 93 55.97 35.47 5.91
N ASN B 94 55.13 35.33 4.87
CA ASN B 94 55.53 35.40 3.44
C ASN B 94 55.71 36.82 2.94
N LEU B 95 56.90 37.08 2.41
CA LEU B 95 57.26 38.40 1.89
C LEU B 95 56.56 38.74 0.59
N GLU B 96 56.58 37.82 -0.36
CA GLU B 96 55.88 38.04 -1.63
C GLU B 96 54.47 38.53 -1.37
N PHE B 97 53.79 37.91 -0.39
CA PHE B 97 52.40 38.25 -0.05
C PHE B 97 52.31 39.64 0.57
N ALA B 98 53.15 39.90 1.55
CA ALA B 98 53.13 41.19 2.24
C ALA B 98 53.41 42.34 1.28
N THR B 99 54.34 42.09 0.37
CA THR B 99 54.73 43.06 -0.66
C THR B 99 53.58 43.30 -1.65
N LYS B 100 53.05 42.22 -2.23
CA LYS B 100 51.93 42.32 -3.16
C LYS B 100 50.68 42.95 -2.56
N VAL B 101 50.48 42.81 -1.24
CA VAL B 101 49.30 43.37 -0.56
C VAL B 101 49.44 44.87 -0.43
N ARG B 102 50.59 45.30 0.08
CA ARG B 102 50.87 46.71 0.18
C ARG B 102 50.89 47.32 -1.24
N ALA B 103 51.54 46.60 -2.16
CA ALA B 103 51.55 46.94 -3.61
C ALA B 103 50.18 47.27 -4.20
N ALA B 104 49.15 46.53 -3.82
CA ALA B 104 47.81 46.85 -4.32
C ALA B 104 47.07 47.86 -3.40
N GLY B 105 47.81 48.62 -2.58
CA GLY B 105 47.23 49.71 -1.77
C GLY B 105 46.34 49.28 -0.61
N LEU B 106 46.67 48.12 -0.02
CA LEU B 106 45.93 47.49 1.07
C LEU B 106 46.86 47.42 2.27
N VAL B 107 46.31 47.52 3.47
CA VAL B 107 47.12 47.43 4.69
C VAL B 107 47.31 45.95 4.99
N PHE B 108 48.57 45.54 5.11
CA PHE B 108 48.88 44.21 5.61
C PHE B 108 49.14 44.37 7.10
N VAL B 109 48.29 43.78 7.94
CA VAL B 109 48.47 43.83 9.40
C VAL B 109 49.66 42.94 9.79
N GLY B 110 50.80 43.58 10.00
CA GLY B 110 52.04 42.87 10.28
C GLY B 110 53.21 43.82 10.30
N PRO B 111 54.42 43.28 10.34
CA PRO B 111 55.58 44.15 10.42
C PRO B 111 56.04 44.59 9.02
N GLU B 112 57.11 45.38 8.98
CA GLU B 112 57.64 45.94 7.73
C GLU B 112 58.28 44.86 6.88
N LEU B 113 58.14 44.99 5.55
CA LEU B 113 58.76 44.08 4.56
C LEU B 113 60.26 43.81 4.84
N HIS B 114 60.98 44.79 5.39
CA HIS B 114 62.36 44.60 5.88
C HIS B 114 62.36 43.44 6.87
N HIS B 115 61.46 43.50 7.87
CA HIS B 115 61.39 42.55 8.98
C HIS B 115 61.05 41.14 8.54
N LEU B 116 60.10 41.03 7.62
CA LEU B 116 59.77 39.75 7.04
C LEU B 116 60.97 39.13 6.35
N ASP B 117 61.64 39.94 5.52
CA ASP B 117 62.84 39.54 4.79
C ASP B 117 63.96 39.06 5.73
N ILE B 118 64.43 39.93 6.61
CA ILE B 118 65.56 39.60 7.49
C ILE B 118 65.26 38.43 8.45
N PHE B 119 64.03 38.34 8.94
CA PHE B 119 63.68 37.27 9.90
C PHE B 119 63.12 35.98 9.27
N GLY B 120 62.63 36.08 8.04
CA GLY B 120 62.22 34.91 7.24
C GLY B 120 63.39 34.05 6.80
N ASP B 121 64.56 34.66 6.63
CA ASP B 121 65.81 33.94 6.34
C ASP B 121 66.70 33.88 7.61
N LYS B 122 67.15 32.66 7.93
CA LYS B 122 67.77 32.37 9.24
C LYS B 122 69.23 32.80 9.37
N ILE B 123 69.85 33.12 8.23
CA ILE B 123 71.23 33.61 8.18
C ILE B 123 71.28 35.15 8.42
N LYS B 124 70.33 35.87 7.80
CA LYS B 124 70.22 37.35 7.94
C LYS B 124 69.71 37.72 9.32
N ALA B 125 68.92 36.82 9.90
CA ALA B 125 68.41 36.98 11.25
C ALA B 125 69.54 36.80 12.25
N LYS B 126 70.25 35.67 12.16
CA LYS B 126 71.41 35.39 13.03
C LYS B 126 72.41 36.53 12.95
N ALA B 127 72.55 37.07 11.74
CA ALA B 127 73.32 38.28 11.47
C ALA B 127 72.79 39.52 12.20
N ALA B 128 71.52 39.88 11.93
CA ALA B 128 70.85 41.00 12.60
C ALA B 128 70.81 40.90 14.14
N ALA B 129 70.88 39.66 14.66
CA ALA B 129 70.92 39.39 16.11
C ALA B 129 72.29 39.71 16.72
N ASP B 130 73.33 39.32 15.99
CA ASP B 130 74.72 39.67 16.34
C ASP B 130 74.89 41.20 16.35
N GLU B 131 74.49 41.85 15.25
CA GLU B 131 74.54 43.32 15.14
C GLU B 131 73.82 43.98 16.34
N ALA B 132 72.68 43.41 16.72
CA ALA B 132 71.88 43.89 17.85
C ALA B 132 72.51 43.57 19.22
N LYS B 133 73.52 42.71 19.24
CA LYS B 133 74.24 42.26 20.46
C LYS B 133 73.40 41.37 21.38
N VAL B 134 72.93 40.24 20.83
CA VAL B 134 72.15 39.23 21.56
C VAL B 134 72.61 37.82 21.12
N PRO B 135 73.12 37.01 22.09
CA PRO B 135 73.90 35.76 21.89
C PRO B 135 73.17 34.60 21.19
N GLY B 136 73.91 33.62 20.66
CA GLY B 136 73.32 32.38 20.09
C GLY B 136 74.14 31.10 20.27
N ASN B 210 68.76 19.85 27.48
CA ASN B 210 67.57 20.04 28.30
C ASN B 210 67.30 21.51 28.59
N PRO B 211 66.95 22.27 27.53
CA PRO B 211 66.59 23.65 27.71
C PRO B 211 65.08 23.87 27.95
N LYS B 212 64.80 25.00 28.60
CA LYS B 212 63.46 25.59 28.54
C LYS B 212 63.37 26.47 27.30
N HIS B 213 62.29 26.31 26.54
CA HIS B 213 61.95 27.21 25.43
C HIS B 213 61.17 28.37 26.03
N ILE B 214 61.69 29.58 25.92
CA ILE B 214 61.04 30.76 26.48
C ILE B 214 60.93 31.84 25.42
N GLU B 215 59.74 32.38 25.23
CA GLU B 215 59.57 33.44 24.24
C GLU B 215 58.89 34.67 24.83
N VAL B 216 59.10 35.81 24.19
CA VAL B 216 58.69 37.11 24.71
C VAL B 216 57.80 37.76 23.68
N GLN B 217 56.66 38.28 24.12
CA GLN B 217 55.71 38.91 23.21
C GLN B 217 56.10 40.37 23.10
N ILE B 218 56.15 40.86 21.87
CA ILE B 218 56.57 42.22 21.56
C ILE B 218 55.52 42.95 20.73
N LEU B 219 55.31 44.22 21.10
CA LEU B 219 54.55 45.17 20.30
C LEU B 219 55.44 46.39 19.98
N GLY B 220 55.38 46.84 18.72
CA GLY B 220 55.97 48.11 18.31
C GLY B 220 55.06 48.84 17.32
N ASP B 221 55.00 50.17 17.41
CA ASP B 221 54.21 51.00 16.46
C ASP B 221 55.15 51.77 15.53
N ARG B 222 54.57 52.48 14.56
CA ARG B 222 55.34 53.28 13.61
C ARG B 222 56.12 54.41 14.28
N HIS B 223 55.69 54.83 15.47
CA HIS B 223 56.34 55.93 16.19
C HIS B 223 57.47 55.41 17.10
N GLY B 224 58.18 54.36 16.67
CA GLY B 224 59.34 53.86 17.39
C GLY B 224 59.18 53.28 18.81
N ASN B 225 57.96 53.29 19.38
CA ASN B 225 57.72 52.68 20.72
C ASN B 225 57.84 51.17 20.65
N ILE B 226 58.48 50.57 21.65
CA ILE B 226 58.63 49.11 21.70
C ILE B 226 58.55 48.57 23.15
N ILE B 227 57.44 47.89 23.45
CA ILE B 227 57.23 47.25 24.76
C ILE B 227 57.21 45.70 24.64
N HIS B 228 57.49 45.01 25.76
CA HIS B 228 57.27 43.56 25.87
C HIS B 228 56.03 43.24 26.72
N LEU B 229 55.41 42.08 26.48
CA LEU B 229 54.22 41.62 27.23
C LEU B 229 54.57 40.36 28.03
N HIS B 230 55.65 40.52 28.78
CA HIS B 230 56.29 39.45 29.48
C HIS B 230 56.55 38.26 28.54
N GLU B 231 56.67 37.08 29.15
CA GLU B 231 57.15 35.90 28.45
C GLU B 231 56.15 34.77 28.56
N ARG B 232 56.54 33.67 27.92
CA ARG B 232 55.72 32.48 27.83
C ARG B 232 56.69 31.32 27.79
N ASP B 233 56.40 30.31 28.59
CA ASP B 233 57.27 29.18 28.72
C ASP B 233 56.62 28.07 27.90
N CYS B 234 57.19 27.76 26.75
CA CYS B 234 56.60 26.75 25.88
C CYS B 234 57.36 25.43 25.87
N SER B 235 58.09 25.17 26.94
CA SER B 235 58.97 24.02 27.06
C SER B 235 58.26 22.69 26.85
N VAL B 236 56.98 22.61 27.21
CA VAL B 236 56.31 21.32 27.18
C VAL B 236 55.98 20.90 25.73
N GLN B 237 57.01 20.43 25.06
CA GLN B 237 56.91 19.93 23.69
C GLN B 237 57.19 18.42 23.65
N ARG B 238 56.74 17.81 22.55
CA ARG B 238 56.92 16.38 22.25
C ARG B 238 57.30 16.26 20.77
N ARG B 239 58.45 15.66 20.47
CA ARG B 239 59.03 15.70 19.13
C ARG B 239 59.09 17.13 18.68
N ASN B 240 59.58 17.98 19.59
CA ASN B 240 59.66 19.44 19.42
C ASN B 240 58.40 20.04 18.79
N GLN B 241 57.24 19.61 19.31
CA GLN B 241 55.90 20.14 18.98
C GLN B 241 55.29 20.73 20.25
N LYS B 242 54.97 22.02 20.28
CA LYS B 242 54.41 22.65 21.49
C LYS B 242 53.10 21.98 21.88
N VAL B 243 52.96 21.59 23.14
CA VAL B 243 51.73 20.90 23.59
C VAL B 243 51.02 21.77 24.61
N ILE B 244 51.80 22.30 25.54
CA ILE B 244 51.26 23.19 26.55
C ILE B 244 52.21 24.34 26.81
N GLU B 245 51.61 25.53 26.89
CA GLU B 245 52.32 26.77 27.09
C GLU B 245 51.79 27.35 28.37
N ILE B 246 52.67 27.96 29.16
CA ILE B 246 52.25 28.63 30.38
C ILE B 246 52.79 30.02 30.36
N ALA B 247 52.31 30.85 31.28
CA ALA B 247 52.66 32.27 31.32
C ALA B 247 52.28 32.88 32.66
N PRO B 248 53.22 33.55 33.34
CA PRO B 248 54.64 33.66 32.95
C PRO B 248 55.39 32.32 33.06
N ALA B 249 56.69 32.34 32.82
CA ALA B 249 57.53 31.21 33.13
C ALA B 249 57.63 31.19 34.64
N VAL B 250 56.70 30.50 35.30
CA VAL B 250 56.71 30.51 36.78
C VAL B 250 57.92 29.74 37.31
N GLY B 251 58.52 28.90 36.47
CA GLY B 251 59.74 28.17 36.83
C GLY B 251 60.97 29.02 37.16
N LEU B 252 61.06 30.21 36.59
CA LEU B 252 62.26 31.04 36.69
C LEU B 252 62.01 32.29 37.51
N SER B 253 63.08 32.88 38.04
CA SER B 253 62.98 34.03 38.92
C SER B 253 62.59 35.31 38.18
N PRO B 254 61.85 36.22 38.84
CA PRO B 254 61.48 37.52 38.27
C PRO B 254 62.59 38.26 37.47
N ASP B 255 63.79 38.36 38.06
CA ASP B 255 64.88 39.13 37.48
C ASP B 255 65.50 38.47 36.27
N PHE B 256 65.70 37.14 36.32
CA PHE B 256 66.25 36.42 35.17
C PHE B 256 65.27 36.52 34.00
N ARG B 257 63.99 36.54 34.34
CA ARG B 257 62.94 36.71 33.34
C ARG B 257 62.97 38.11 32.74
N ASN B 258 63.05 39.11 33.61
CA ASN B 258 63.18 40.50 33.18
C ASN B 258 64.36 40.72 32.21
N GLU B 259 65.48 40.07 32.51
CA GLU B 259 66.66 40.09 31.64
C GLU B 259 66.42 39.45 30.23
N ILE B 260 65.67 38.34 30.14
CA ILE B 260 65.40 37.69 28.83
C ILE B 260 64.48 38.57 27.98
N CYS B 261 63.54 39.26 28.66
CA CYS B 261 62.61 40.18 28.00
C CYS B 261 63.33 41.40 27.47
N GLU B 262 64.17 42.01 28.32
CA GLU B 262 64.91 43.22 27.95
C GLU B 262 65.75 42.99 26.70
N ALA B 263 66.27 41.77 26.56
CA ALA B 263 67.09 41.37 25.42
C ALA B 263 66.29 41.24 24.13
N ALA B 264 64.99 41.05 24.23
CA ALA B 264 64.11 41.03 23.04
C ALA B 264 63.63 42.45 22.63
N VAL B 265 63.41 43.32 23.63
CA VAL B 265 63.21 44.76 23.39
C VAL B 265 64.45 45.34 22.69
N LYS B 266 65.63 44.97 23.19
CA LYS B 266 66.90 45.40 22.61
C LYS B 266 66.97 44.97 21.15
N LEU B 267 66.75 43.69 20.85
CA LEU B 267 66.81 43.21 19.46
C LEU B 267 65.83 43.96 18.56
N CYS B 268 64.67 44.32 19.11
CA CYS B 268 63.58 44.93 18.33
C CYS B 268 63.67 46.47 18.21
N LYS B 269 64.09 47.17 19.27
CA LYS B 269 64.48 48.59 19.15
C LYS B 269 65.54 48.76 18.05
N ASN B 270 66.49 47.83 18.02
CA ASN B 270 67.62 47.85 17.07
C ASN B 270 67.25 47.65 15.59
N VAL B 271 66.17 46.91 15.28
CA VAL B 271 65.64 46.86 13.89
C VAL B 271 64.38 47.72 13.75
N GLY B 272 63.94 48.37 14.83
CA GLY B 272 62.74 49.21 14.83
C GLY B 272 61.53 48.41 14.38
N TYR B 273 61.19 47.40 15.18
CA TYR B 273 60.13 46.45 14.83
C TYR B 273 58.74 47.10 14.95
N VAL B 274 57.84 46.65 14.08
CA VAL B 274 56.48 47.19 13.97
C VAL B 274 55.43 46.07 14.01
N ASN B 275 54.37 46.33 14.77
CA ASN B 275 53.25 45.41 15.00
C ASN B 275 53.60 44.36 16.04
N ALA B 276 52.94 43.20 16.00
CA ALA B 276 53.21 42.16 16.98
C ALA B 276 54.25 41.18 16.46
N GLY B 277 55.05 40.65 17.38
CA GLY B 277 56.01 39.61 17.08
C GLY B 277 56.55 38.95 18.34
N THR B 278 57.05 37.75 18.18
CA THR B 278 57.53 37.00 19.31
C THR B 278 59.01 36.63 19.15
N VAL B 279 59.78 36.78 20.22
CA VAL B 279 61.23 36.50 20.20
C VAL B 279 61.56 35.20 20.97
N GLU B 280 61.74 34.11 20.22
CA GLU B 280 62.08 32.80 20.81
C GLU B 280 63.51 32.76 21.35
N PHE B 281 63.68 32.20 22.55
CA PHE B 281 65.01 31.88 23.12
C PHE B 281 65.03 30.40 23.48
N LEU B 282 66.22 29.83 23.60
CA LEU B 282 66.43 28.63 24.42
C LEU B 282 67.07 29.15 25.69
N VAL B 283 66.89 28.39 26.78
CA VAL B 283 67.40 28.77 28.11
C VAL B 283 67.93 27.51 28.84
N LYS B 284 69.05 27.71 29.55
CA LYS B 284 69.77 26.65 30.27
C LYS B 284 70.60 27.28 31.39
N ASP B 285 70.41 26.83 32.63
CA ASP B 285 71.25 27.22 33.79
C ASP B 285 71.70 28.68 33.79
N ASP B 286 70.77 29.61 33.61
CA ASP B 286 71.06 31.07 33.68
C ASP B 286 71.96 31.68 32.57
N LYS B 287 71.83 31.14 31.35
CA LYS B 287 72.25 31.81 30.10
C LYS B 287 71.11 31.62 29.11
N PHE B 288 71.03 32.48 28.08
CA PHE B 288 69.95 32.36 27.07
C PHE B 288 70.37 32.70 25.64
N TYR B 289 69.83 31.93 24.70
CA TYR B 289 70.30 31.96 23.30
C TYR B 289 69.16 32.22 22.33
N PHE B 290 69.12 33.43 21.78
CA PHE B 290 68.22 33.73 20.67
C PHE B 290 68.22 32.56 19.68
N ILE B 291 67.04 32.18 19.20
CA ILE B 291 66.92 31.15 18.15
C ILE B 291 66.06 31.59 16.95
N GLU B 292 65.20 32.60 17.13
CA GLU B 292 64.22 33.01 16.09
C GLU B 292 63.51 34.31 16.40
N VAL B 293 62.85 34.85 15.38
CA VAL B 293 61.78 35.83 15.62
C VAL B 293 60.56 35.43 14.78
N ASN B 294 59.39 35.53 15.39
CA ASN B 294 58.14 35.29 14.70
C ASN B 294 57.47 36.61 14.43
N PRO B 295 57.47 37.03 13.14
CA PRO B 295 57.01 38.34 12.71
C PRO B 295 55.50 38.29 12.56
N ARG B 296 54.83 37.83 13.61
CA ARG B 296 53.39 37.60 13.59
C ARG B 296 52.84 37.34 14.97
N VAL B 297 51.54 37.19 15.01
CA VAL B 297 50.87 36.72 16.21
C VAL B 297 51.03 35.20 16.28
N GLN B 298 51.10 34.66 17.50
CA GLN B 298 51.16 33.23 17.65
C GLN B 298 49.90 32.63 18.22
N VAL B 299 49.70 31.37 17.89
CA VAL B 299 48.63 30.54 18.47
C VAL B 299 48.50 30.74 20.01
N GLU B 300 49.62 30.80 20.72
CA GLU B 300 49.60 30.91 22.19
C GLU B 300 49.52 32.35 22.72
N HIS B 301 49.04 33.28 21.91
CA HIS B 301 49.02 34.69 22.34
C HIS B 301 48.03 34.88 23.49
N THR B 302 46.96 34.11 23.41
CA THR B 302 45.89 34.04 24.40
C THR B 302 46.40 34.22 25.83
N ILE B 303 47.37 33.41 26.24
CA ILE B 303 47.76 33.37 27.68
C ILE B 303 48.44 34.65 28.14
N THR B 304 49.23 35.25 27.25
CA THR B 304 49.86 36.52 27.52
C THR B 304 48.79 37.61 27.69
N GLU B 305 47.80 37.61 26.81
CA GLU B 305 46.67 38.51 26.94
C GLU B 305 46.09 38.39 28.36
N LEU B 306 45.89 37.16 28.81
CA LEU B 306 45.27 36.92 30.11
C LEU B 306 46.08 37.49 31.27
N ILE B 307 47.41 37.35 31.23
CA ILE B 307 48.25 37.79 32.35
C ILE B 307 48.63 39.28 32.29
N THR B 308 48.35 39.93 31.17
CA THR B 308 48.59 41.37 31.03
C THR B 308 47.32 42.22 30.99
N GLY B 309 46.26 41.70 30.39
CA GLY B 309 45.04 42.47 30.19
C GLY B 309 45.10 43.25 28.89
N VAL B 310 46.05 42.89 28.03
CA VAL B 310 46.26 43.61 26.77
C VAL B 310 45.74 42.80 25.60
N ASP B 311 44.69 43.27 24.95
CA ASP B 311 44.13 42.58 23.78
C ASP B 311 45.13 42.76 22.62
N ILE B 312 45.86 41.68 22.31
CA ILE B 312 46.97 41.71 21.37
C ILE B 312 46.49 41.88 19.94
N VAL B 313 45.44 41.17 19.58
CA VAL B 313 44.97 41.23 18.22
C VAL B 313 44.38 42.61 17.97
N GLN B 314 43.76 43.23 18.97
CA GLN B 314 43.23 44.61 18.81
C GLN B 314 44.41 45.52 18.55
N ALA B 315 45.40 45.42 19.43
CA ALA B 315 46.64 46.20 19.30
C ALA B 315 47.27 46.04 17.91
N GLN B 316 47.43 44.78 17.45
CA GLN B 316 47.92 44.50 16.09
C GLN B 316 47.25 45.37 15.05
N ILE B 317 45.92 45.40 15.10
CA ILE B 317 45.11 46.15 14.13
C ILE B 317 45.26 47.68 14.28
N LEU B 318 45.22 48.15 15.53
CA LEU B 318 45.36 49.58 15.82
C LEU B 318 46.75 50.10 15.41
N ILE B 319 47.79 49.33 15.66
CA ILE B 319 49.14 49.63 15.16
C ILE B 319 49.22 49.81 13.63
N ALA B 320 48.44 49.01 12.89
CA ALA B 320 48.41 49.08 11.42
C ALA B 320 47.53 50.22 10.89
N GLN B 321 46.81 50.91 11.77
CA GLN B 321 46.13 52.16 11.43
C GLN B 321 47.04 53.31 11.73
N GLY B 322 48.30 53.02 12.06
CA GLY B 322 49.30 54.05 12.39
C GLY B 322 49.36 54.48 13.84
N LYS B 323 48.41 54.04 14.67
CA LYS B 323 48.27 54.54 16.04
C LYS B 323 49.49 54.28 16.93
N ASP B 324 49.47 54.97 18.07
CA ASP B 324 50.59 55.03 19.02
C ASP B 324 50.28 54.15 20.24
N LEU B 325 51.20 53.26 20.59
CA LEU B 325 50.98 52.30 21.68
C LEU B 325 50.44 52.97 22.92
N HIS B 326 51.11 54.04 23.33
CA HIS B 326 50.80 54.69 24.61
C HIS B 326 49.77 55.81 24.46
N ARG B 327 49.93 56.66 23.44
CA ARG B 327 49.02 57.84 23.29
C ARG B 327 47.58 57.44 23.01
N GLU B 328 47.34 56.80 21.87
CA GLU B 328 45.97 56.46 21.45
C GLU B 328 45.49 55.10 21.95
N ILE B 329 46.28 54.04 21.68
CA ILE B 329 45.94 52.66 22.07
C ILE B 329 45.72 52.51 23.58
N GLY B 330 46.57 53.16 24.38
CA GLY B 330 46.31 53.29 25.81
C GLY B 330 47.16 52.41 26.71
N LEU B 331 48.23 51.83 26.17
CA LEU B 331 49.14 51.00 26.98
C LEU B 331 50.03 51.83 27.89
N PRO B 332 50.24 51.36 29.14
CA PRO B 332 51.17 52.05 30.04
C PRO B 332 52.64 51.84 29.65
N ALA B 333 53.55 52.50 30.36
CA ALA B 333 54.98 52.38 30.10
C ALA B 333 55.44 50.99 30.54
N GLN B 334 56.50 50.50 29.90
CA GLN B 334 57.08 49.16 30.17
C GLN B 334 56.97 48.65 31.61
N SER B 335 57.38 49.45 32.58
CA SER B 335 57.38 48.99 33.96
C SER B 335 55.99 49.00 34.63
N GLU B 336 55.01 49.68 34.03
CA GLU B 336 53.62 49.74 34.56
C GLU B 336 52.67 48.75 33.86
N ILE B 337 53.23 47.91 32.99
CA ILE B 337 52.48 46.83 32.30
C ILE B 337 52.16 45.70 33.28
N PRO B 338 50.87 45.37 33.47
CA PRO B 338 50.54 44.45 34.56
C PRO B 338 51.07 42.98 34.40
N LEU B 339 51.04 42.23 35.50
CA LEU B 339 51.39 40.81 35.53
C LEU B 339 50.44 40.11 36.51
N LEU B 340 49.30 39.63 36.02
CA LEU B 340 48.20 39.20 36.88
C LEU B 340 48.18 37.68 36.92
N GLY B 341 48.80 37.14 37.96
CA GLY B 341 48.87 35.70 38.15
C GLY B 341 49.43 34.97 36.96
N SER B 342 48.86 33.79 36.73
CA SER B 342 49.34 32.89 35.68
C SER B 342 48.21 32.48 34.74
N ALA B 343 48.59 31.77 33.67
CA ALA B 343 47.65 31.21 32.67
C ALA B 343 48.27 30.02 31.94
N ILE B 344 47.42 29.09 31.49
CA ILE B 344 47.87 27.87 30.82
C ILE B 344 47.02 27.63 29.56
N GLN B 345 47.64 27.21 28.46
CA GLN B 345 46.90 26.79 27.26
C GLN B 345 47.18 25.34 26.82
N CYS B 346 46.12 24.63 26.45
CA CYS B 346 46.22 23.30 25.89
C CYS B 346 45.47 23.30 24.58
N ARG B 347 46.09 22.84 23.51
CA ARG B 347 45.32 22.64 22.30
C ARG B 347 44.69 21.25 22.26
N ILE B 348 43.36 21.18 22.36
CA ILE B 348 42.66 19.90 22.21
C ILE B 348 42.49 19.60 20.72
N THR B 349 43.19 18.56 20.26
CA THR B 349 43.22 18.16 18.85
C THR B 349 42.55 16.81 18.65
N THR B 350 42.54 16.31 17.42
CA THR B 350 42.11 14.93 17.16
C THR B 350 43.23 13.90 17.25
N GLU B 351 44.41 14.33 17.70
CA GLU B 351 45.58 13.44 17.74
C GLU B 351 45.30 12.30 18.68
N ASP B 352 45.03 11.10 18.13
CA ASP B 352 44.74 9.91 18.95
C ASP B 352 46.01 9.40 19.64
N PRO B 353 46.07 9.46 20.99
CA PRO B 353 47.39 9.18 21.58
C PRO B 353 47.66 7.68 21.76
N GLN B 354 46.60 6.86 21.62
CA GLN B 354 46.72 5.41 21.55
C GLN B 354 46.69 4.90 20.11
N ASN B 355 47.04 5.79 19.20
CA ASN B 355 47.35 5.41 17.83
C ASN B 355 48.50 6.29 17.31
N GLY B 356 49.50 6.51 18.18
CA GLY B 356 50.70 7.27 17.83
C GLY B 356 50.43 8.70 17.35
N PHE B 357 49.40 9.32 17.93
CA PHE B 357 49.04 10.72 17.64
C PHE B 357 48.64 11.00 16.19
N LEU B 358 48.18 9.96 15.47
CA LEU B 358 47.62 10.14 14.15
C LEU B 358 46.26 10.80 14.27
N PRO B 359 46.15 12.04 13.76
CA PRO B 359 44.92 12.80 13.86
C PRO B 359 43.72 12.02 13.35
N ASP B 360 42.76 11.73 14.24
CA ASP B 360 41.57 10.99 13.82
C ASP B 360 40.71 11.94 13.00
N THR B 361 39.88 11.38 12.14
CA THR B 361 38.92 12.12 11.31
C THR B 361 37.57 11.48 11.51
N GLY B 362 36.51 12.14 11.09
CA GLY B 362 35.16 11.56 11.15
C GLY B 362 34.15 12.60 11.58
N LYS B 363 32.87 12.20 11.65
CA LYS B 363 31.83 13.11 12.12
C LYS B 363 31.87 13.21 13.67
N ILE B 364 31.83 14.44 14.16
CA ILE B 364 31.75 14.71 15.61
C ILE B 364 30.28 14.62 16.02
N ASP B 365 29.97 13.75 16.98
CA ASP B 365 28.59 13.57 17.42
C ASP B 365 28.20 14.53 18.57
N THR B 366 29.11 14.76 19.50
CA THR B 366 28.81 15.55 20.65
C THR B 366 29.92 16.55 20.91
N TYR B 367 29.52 17.79 21.21
CA TYR B 367 30.44 18.76 21.79
C TYR B 367 29.66 19.83 22.46
N ARG B 368 29.99 20.08 23.73
CA ARG B 368 29.48 21.23 24.49
C ARG B 368 30.71 21.87 25.10
N SER B 369 30.73 23.20 25.16
CA SER B 369 31.95 23.84 25.68
C SER B 369 31.79 24.26 27.16
N PRO B 370 32.66 23.75 28.02
CA PRO B 370 32.64 24.15 29.41
C PRO B 370 32.95 25.63 29.62
N GLY B 371 32.97 26.07 30.87
CA GLY B 371 33.08 27.49 31.14
C GLY B 371 33.30 27.77 32.59
N GLY B 372 32.91 28.97 33.04
CA GLY B 372 33.06 29.39 34.44
C GLY B 372 34.26 30.26 34.69
N PHE B 373 34.59 30.45 35.97
CA PHE B 373 35.69 31.34 36.34
C PHE B 373 37.06 30.73 36.02
N GLY B 374 37.89 31.50 35.33
CA GLY B 374 39.25 31.10 35.02
C GLY B 374 39.36 30.23 33.80
N ILE B 375 38.31 30.22 32.98
CA ILE B 375 38.28 29.45 31.73
C ILE B 375 38.15 30.39 30.57
N ARG B 376 38.99 30.18 29.56
CA ARG B 376 38.90 30.88 28.28
C ARG B 376 38.89 29.85 27.15
N LEU B 377 38.01 30.06 26.15
CA LEU B 377 37.89 29.13 25.02
C LEU B 377 37.96 29.82 23.67
N ASP B 378 39.05 29.54 22.96
CA ASP B 378 39.17 29.97 21.60
C ASP B 378 38.92 28.73 20.78
N VAL B 379 37.67 28.56 20.34
CA VAL B 379 37.19 27.29 19.75
C VAL B 379 37.41 27.21 18.24
N GLY B 380 37.83 26.05 17.76
CA GLY B 380 38.10 25.88 16.33
C GLY B 380 36.86 25.40 15.59
N ASN B 381 36.96 24.29 14.87
CA ASN B 381 35.79 23.63 14.26
C ASN B 381 35.53 22.34 15.02
N ALA B 382 34.79 22.45 16.11
CA ALA B 382 34.51 21.29 16.91
C ALA B 382 33.12 21.39 17.39
N TYR B 383 32.18 20.93 16.60
CA TYR B 383 30.79 21.12 16.97
C TYR B 383 30.01 19.89 16.58
N ALA B 384 28.78 19.81 17.03
CA ALA B 384 27.93 18.65 16.76
C ALA B 384 27.62 18.58 15.30
N GLY B 385 28.13 17.55 14.66
CA GLY B 385 27.78 17.35 13.27
C GLY B 385 28.89 17.65 12.28
N TYR B 386 29.97 18.26 12.74
CA TYR B 386 31.03 18.69 11.84
C TYR B 386 31.88 17.52 11.39
N GLU B 387 32.09 17.42 10.07
CA GLU B 387 32.90 16.35 9.48
C GLU B 387 34.33 16.77 9.59
N VAL B 388 35.14 16.10 10.41
CA VAL B 388 36.58 16.41 10.46
C VAL B 388 37.23 15.79 9.24
N THR B 389 37.86 16.63 8.42
CA THR B 389 38.46 16.19 7.19
C THR B 389 39.92 15.95 7.42
N PRO B 390 40.59 15.24 6.49
CA PRO B 390 42.04 15.03 6.67
C PRO B 390 42.93 16.20 6.20
N TYR B 391 42.35 17.22 5.58
CA TYR B 391 43.10 18.29 4.87
C TYR B 391 43.81 19.30 5.74
N PHE B 392 43.08 19.78 6.74
CA PHE B 392 43.62 20.82 7.60
C PHE B 392 44.20 20.23 8.85
N ASP B 393 44.80 21.05 9.70
CA ASP B 393 45.39 20.56 10.94
C ASP B 393 44.29 20.03 11.86
N SER B 394 44.71 19.52 13.01
CA SER B 394 43.86 18.70 13.85
C SER B 394 43.11 19.46 14.96
N LEU B 395 43.55 20.67 15.28
CA LEU B 395 42.95 21.48 16.37
C LEU B 395 41.42 21.48 16.45
N LEU B 396 40.89 21.11 17.63
CA LEU B 396 39.47 21.22 17.90
C LEU B 396 39.18 22.52 18.65
N VAL B 397 39.90 22.77 19.74
CA VAL B 397 39.60 23.93 20.59
C VAL B 397 40.81 24.27 21.48
N LYS B 398 41.13 25.57 21.57
CA LYS B 398 42.17 26.05 22.46
C LYS B 398 41.53 26.37 23.79
N VAL B 399 42.08 25.77 24.84
CA VAL B 399 41.56 25.95 26.18
C VAL B 399 42.61 26.68 26.98
N CYS B 400 42.24 27.85 27.49
CA CYS B 400 43.05 28.50 28.50
C CYS B 400 42.40 28.44 29.88
N THR B 401 43.24 28.40 30.90
CA THR B 401 42.78 28.64 32.26
C THR B 401 43.69 29.68 32.88
N PHE B 402 43.23 30.28 33.97
CA PHE B 402 43.96 31.36 34.62
C PHE B 402 43.53 31.60 36.05
N ALA B 403 44.50 31.99 36.87
CA ALA B 403 44.28 32.12 38.30
C ALA B 403 45.48 32.80 38.96
N ASN B 404 45.23 33.48 40.09
CA ASN B 404 46.30 34.09 40.91
C ASN B 404 47.44 33.12 41.17
N GLU B 405 47.09 31.99 41.78
CA GLU B 405 48.04 30.94 42.08
C GLU B 405 48.15 29.97 40.89
N PHE B 406 49.34 29.80 40.35
CA PHE B 406 49.58 28.76 39.33
C PHE B 406 49.07 27.36 39.71
N SER B 407 49.08 27.04 41.00
CA SER B 407 48.52 25.77 41.49
C SER B 407 47.06 25.65 41.10
N ASP B 408 46.34 26.76 41.21
CA ASP B 408 44.93 26.81 40.88
C ASP B 408 44.62 26.94 39.38
N SER B 409 45.50 27.59 38.61
CA SER B 409 45.44 27.49 37.16
C SER B 409 45.50 26.04 36.72
N VAL B 410 46.33 25.22 37.37
CA VAL B 410 46.39 23.78 37.10
C VAL B 410 45.10 23.07 37.48
N ARG B 411 44.62 23.31 38.70
CA ARG B 411 43.34 22.74 39.17
C ARG B 411 42.20 22.93 38.14
N LYS B 412 42.04 24.18 37.67
CA LYS B 412 41.01 24.52 36.68
C LYS B 412 41.22 23.79 35.33
N MET B 413 42.44 23.77 34.79
CA MET B 413 42.71 22.98 33.59
C MET B 413 42.32 21.50 33.79
N ASP B 414 42.64 20.95 34.97
CA ASP B 414 42.34 19.56 35.24
C ASP B 414 40.84 19.35 35.21
N ARG B 415 40.09 20.24 35.83
CA ARG B 415 38.65 20.09 35.86
C ARG B 415 38.09 20.09 34.45
N VAL B 416 38.54 21.07 33.67
CA VAL B 416 37.99 21.31 32.35
C VAL B 416 38.26 20.12 31.47
N LEU B 417 39.51 19.71 31.36
CA LEU B 417 39.84 18.55 30.51
C LEU B 417 38.92 17.37 30.85
N HIS B 418 38.68 17.19 32.14
CA HIS B 418 37.78 16.17 32.65
C HIS B 418 36.31 16.44 32.31
N GLU B 419 35.91 17.70 32.33
CA GLU B 419 34.53 18.09 31.99
C GLU B 419 34.15 17.84 30.54
N PHE B 420 35.12 17.94 29.62
CA PHE B 420 34.85 17.84 28.18
C PHE B 420 34.21 16.52 27.83
N ARG B 421 33.14 16.55 27.04
CA ARG B 421 32.53 15.33 26.47
C ARG B 421 32.46 15.38 24.94
N ILE B 422 33.53 14.95 24.29
CA ILE B 422 33.65 15.07 22.84
C ILE B 422 33.54 13.68 22.26
N ARG B 423 32.41 13.39 21.63
CA ARG B 423 32.18 12.07 21.08
C ARG B 423 32.03 12.12 19.58
N GLY B 424 32.60 11.12 18.93
CA GLY B 424 32.61 11.05 17.49
C GLY B 424 34.01 10.82 16.98
N VAL B 425 34.99 11.48 17.60
CA VAL B 425 36.38 11.34 17.17
C VAL B 425 37.28 11.27 18.38
N LYS B 426 38.39 10.56 18.24
CA LYS B 426 39.40 10.51 19.27
C LYS B 426 39.99 11.92 19.50
N THR B 427 40.57 12.13 20.68
CA THR B 427 41.20 13.42 21.00
C THR B 427 42.41 13.13 21.85
N ASN B 428 43.20 14.18 22.08
CA ASN B 428 44.40 14.07 22.87
C ASN B 428 44.18 14.28 24.37
N ILE B 429 42.92 14.41 24.79
CA ILE B 429 42.66 14.79 26.17
C ILE B 429 43.31 13.84 27.18
N PRO B 430 43.14 12.51 27.01
CA PRO B 430 43.89 11.58 27.87
C PRO B 430 45.38 11.97 28.08
N PHE B 431 46.06 12.38 27.02
CA PHE B 431 47.45 12.77 27.10
C PHE B 431 47.63 14.02 27.95
N LEU B 432 46.77 15.01 27.73
CA LEU B 432 46.88 16.30 28.42
C LEU B 432 46.67 16.14 29.92
N ILE B 433 45.71 15.30 30.29
CA ILE B 433 45.42 15.03 31.69
C ILE B 433 46.63 14.48 32.44
N ASN B 434 47.36 13.56 31.79
CA ASN B 434 48.57 13.00 32.38
C ASN B 434 49.64 14.03 32.63
N VAL B 435 49.75 14.94 31.65
CA VAL B 435 50.79 15.97 31.65
C VAL B 435 50.59 17.00 32.73
N ILE B 436 49.34 17.38 33.00
CA ILE B 436 49.10 18.38 34.06
C ILE B 436 49.06 17.72 35.45
N ALA B 437 48.86 16.40 35.47
CA ALA B 437 49.02 15.60 36.68
C ALA B 437 50.47 15.57 37.17
N ASN B 438 51.42 15.63 36.23
CA ASN B 438 52.85 15.43 36.52
C ASN B 438 53.52 16.53 37.36
N GLU B 439 54.36 16.13 38.32
CA GLU B 439 54.97 17.09 39.25
C GLU B 439 56.03 17.99 38.60
N ASN B 440 56.69 17.50 37.54
CA ASN B 440 57.63 18.32 36.76
C ASN B 440 56.95 19.51 36.14
N PHE B 441 55.73 19.27 35.63
CA PHE B 441 54.92 20.34 35.06
C PHE B 441 54.39 21.27 36.15
N THR B 442 53.63 20.74 37.11
CA THR B 442 52.99 21.58 38.13
C THR B 442 53.98 22.48 38.89
N SER B 443 55.24 22.06 38.97
CA SER B 443 56.34 22.85 39.55
C SER B 443 56.79 24.01 38.67
N GLY B 444 56.50 23.92 37.37
CA GLY B 444 56.88 24.96 36.44
C GLY B 444 58.30 24.80 35.93
N GLN B 445 58.82 23.58 36.07
CA GLN B 445 60.21 23.25 35.73
C GLN B 445 60.41 22.33 34.50
N ALA B 446 59.35 21.95 33.78
CA ALA B 446 59.56 21.09 32.62
C ALA B 446 60.53 21.69 31.58
N THR B 447 61.20 20.81 30.85
CA THR B 447 62.13 21.18 29.76
C THR B 447 61.56 20.66 28.44
N THR B 448 62.30 20.85 27.36
CA THR B 448 61.87 20.33 26.05
C THR B 448 61.94 18.78 25.93
N THR B 449 62.79 18.18 26.76
CA THR B 449 63.02 16.75 26.76
C THR B 449 62.22 16.05 27.88
N PHE B 450 61.55 16.82 28.74
CA PHE B 450 60.69 16.28 29.78
C PHE B 450 59.66 15.26 29.23
N ILE B 451 58.96 15.58 28.15
CA ILE B 451 57.94 14.65 27.64
C ILE B 451 58.51 13.36 27.06
N ASP B 452 59.57 13.49 26.25
CA ASP B 452 60.14 12.33 25.55
C ASP B 452 60.83 11.41 26.54
N ASN B 453 61.33 12.00 27.64
CA ASN B 453 61.97 11.27 28.73
C ASN B 453 61.04 10.88 29.89
N THR B 454 59.73 11.03 29.73
CA THR B 454 58.81 10.55 30.75
C THR B 454 57.94 9.50 30.08
N PRO B 455 58.28 8.20 30.23
CA PRO B 455 57.45 7.20 29.57
C PRO B 455 56.10 7.06 30.28
N SER B 456 56.04 7.44 31.55
CA SER B 456 54.80 7.29 32.34
C SER B 456 53.58 8.01 31.75
N LEU B 457 53.83 9.11 31.03
CA LEU B 457 52.77 9.92 30.42
C LEU B 457 51.98 9.23 29.31
N PHE B 458 52.42 8.05 28.85
CA PHE B 458 51.77 7.38 27.71
C PHE B 458 51.00 6.13 28.11
N ASN B 459 50.86 5.90 29.41
CA ASN B 459 49.95 4.87 29.92
C ASN B 459 48.58 5.53 30.08
N PHE B 460 47.61 5.07 29.29
CA PHE B 460 46.28 5.68 29.28
C PHE B 460 45.23 4.68 29.73
N PRO B 461 44.30 5.10 30.60
CA PRO B 461 43.24 4.16 31.02
C PRO B 461 42.34 3.75 29.86
N ARG B 462 41.95 2.47 29.78
CA ARG B 462 40.76 2.07 29.00
C ARG B 462 39.57 2.72 29.66
N LEU B 463 38.85 3.60 28.95
CA LEU B 463 37.59 4.18 29.47
C LEU B 463 36.43 3.86 28.52
N ARG B 464 35.28 3.49 29.09
CA ARG B 464 34.14 2.94 28.34
C ARG B 464 33.04 3.98 28.25
N ASP B 465 32.31 3.94 27.15
CA ASP B 465 31.21 4.87 26.94
C ASP B 465 29.92 4.08 26.89
N ARG B 466 29.18 4.16 27.98
CA ARG B 466 28.01 3.35 28.11
C ARG B 466 26.88 3.93 27.28
N GLY B 467 26.70 5.26 27.31
CA GLY B 467 25.72 5.93 26.42
C GLY B 467 25.84 5.42 24.98
N THR B 468 27.02 5.61 24.41
CA THR B 468 27.26 5.23 23.03
C THR B 468 26.93 3.77 22.77
N LYS B 469 27.50 2.86 23.56
CA LYS B 469 27.34 1.46 23.23
C LYS B 469 25.88 1.05 23.33
N THR B 470 25.16 1.61 24.30
CA THR B 470 23.79 1.23 24.56
C THR B 470 22.98 1.61 23.35
N LEU B 471 23.25 2.83 22.88
CA LEU B 471 22.53 3.37 21.73
C LEU B 471 22.80 2.52 20.48
N HIS B 472 24.04 2.03 20.36
CA HIS B 472 24.36 1.10 19.29
C HIS B 472 23.42 -0.11 19.39
N TYR B 473 23.33 -0.69 20.58
CA TYR B 473 22.49 -1.87 20.81
C TYR B 473 21.02 -1.57 20.51
N LEU B 474 20.50 -0.55 21.17
CA LEU B 474 19.13 -0.16 20.95
C LEU B 474 18.81 -0.02 19.46
N SER B 475 19.76 0.58 18.73
CA SER B 475 19.58 0.82 17.29
C SER B 475 19.58 -0.47 16.56
N MET B 476 20.54 -1.32 16.87
CA MET B 476 20.62 -2.62 16.21
C MET B 476 19.30 -3.38 16.26
N ILE B 477 18.75 -3.45 17.46
CA ILE B 477 17.57 -4.26 17.71
C ILE B 477 16.37 -3.55 17.15
N THR B 478 16.36 -2.21 17.26
CA THR B 478 15.18 -1.48 16.84
C THR B 478 14.98 -1.64 15.35
N VAL B 479 16.05 -2.00 14.64
CA VAL B 479 16.01 -2.01 13.18
C VAL B 479 16.08 -3.42 12.65
N ASN B 480 17.06 -4.19 13.10
CA ASN B 480 17.15 -5.59 12.68
C ASN B 480 16.47 -6.64 13.60
N GLY B 481 15.83 -6.21 14.68
CA GLY B 481 15.22 -7.15 15.61
C GLY B 481 16.20 -8.05 16.33
N PHE B 482 15.68 -8.91 17.19
CA PHE B 482 16.50 -9.79 17.99
C PHE B 482 16.65 -11.14 17.28
N PRO B 483 17.83 -11.77 17.39
CA PRO B 483 18.06 -12.97 16.58
C PRO B 483 17.27 -14.17 17.06
N GLY B 484 16.62 -14.85 16.13
CA GLY B 484 15.87 -16.05 16.44
C GLY B 484 14.55 -15.75 17.11
N ILE B 485 13.91 -14.64 16.78
CA ILE B 485 12.54 -14.39 17.18
C ILE B 485 11.93 -13.44 16.16
N GLU B 486 10.67 -13.64 15.85
CA GLU B 486 9.97 -12.73 14.95
C GLU B 486 10.15 -11.29 15.39
N ASN B 487 10.58 -10.42 14.46
CA ASN B 487 10.68 -8.98 14.69
C ASN B 487 9.27 -8.38 14.86
N THR B 488 8.65 -8.60 16.01
CA THR B 488 7.36 -8.01 16.31
C THR B 488 7.55 -6.58 16.82
N GLU B 489 6.42 -5.94 17.11
CA GLU B 489 6.47 -4.61 17.69
C GLU B 489 6.33 -4.73 19.19
N LYS B 490 6.87 -3.72 19.86
CA LYS B 490 7.05 -3.76 21.29
C LYS B 490 5.76 -3.40 22.03
N ARG B 491 5.21 -4.34 22.82
CA ARG B 491 4.03 -4.04 23.64
C ARG B 491 4.34 -2.99 24.70
N HIS B 492 3.31 -2.29 25.18
CA HIS B 492 3.45 -1.38 26.33
C HIS B 492 3.20 -2.26 27.48
N PHE B 493 4.10 -2.26 28.44
CA PHE B 493 3.99 -3.15 29.58
C PHE B 493 3.87 -2.29 30.82
N GLU B 494 3.04 -2.70 31.76
CA GLU B 494 3.01 -2.03 33.07
C GLU B 494 4.29 -2.34 33.87
N GLU B 495 4.60 -1.56 34.89
CA GLU B 495 5.58 -2.00 35.89
C GLU B 495 5.08 -3.34 36.47
N PRO B 496 5.97 -4.33 36.62
CA PRO B 496 5.42 -5.54 37.19
C PRO B 496 5.13 -5.33 38.67
N ARG B 497 4.16 -6.09 39.20
CA ARG B 497 3.65 -5.91 40.55
C ARG B 497 4.63 -6.29 41.66
N GLN B 498 4.91 -5.32 42.52
CA GLN B 498 5.79 -5.49 43.65
C GLN B 498 4.95 -6.15 44.76
N PRO B 499 5.52 -7.06 45.53
CA PRO B 499 4.66 -7.75 46.47
C PRO B 499 4.49 -7.01 47.79
N LEU B 500 3.26 -6.95 48.31
CA LEU B 500 2.99 -6.65 49.75
C LEU B 500 3.31 -7.83 50.62
N LEU B 501 4.34 -7.73 51.46
CA LEU B 501 4.83 -8.88 52.22
C LEU B 501 4.55 -8.73 53.71
N ASN B 502 4.44 -9.84 54.43
CA ASN B 502 4.46 -9.83 55.87
C ASN B 502 5.67 -10.57 56.34
N LEU B 503 6.71 -9.80 56.62
CA LEU B 503 8.00 -10.35 57.00
C LEU B 503 8.06 -10.95 58.40
N GLU B 504 8.89 -11.98 58.55
CA GLU B 504 9.15 -12.65 59.81
C GLU B 504 10.65 -12.96 59.90
N LYS B 505 11.36 -12.41 60.88
CA LYS B 505 12.79 -12.69 61.02
C LYS B 505 12.98 -14.17 61.38
N LYS B 506 13.87 -14.87 60.66
CA LYS B 506 14.20 -16.27 60.97
C LYS B 506 15.62 -16.60 60.65
N LYS B 507 16.19 -17.51 61.39
CA LYS B 507 17.48 -18.09 61.03
C LYS B 507 17.20 -18.96 59.81
N THR B 508 18.21 -19.16 58.96
CA THR B 508 17.98 -19.86 57.70
C THR B 508 19.10 -20.84 57.50
N ALA B 509 18.85 -21.88 56.74
CA ALA B 509 19.90 -22.83 56.49
C ALA B 509 21.19 -22.12 56.07
N LYS B 510 21.06 -21.05 55.30
CA LYS B 510 22.23 -20.29 54.85
C LYS B 510 22.99 -19.81 56.08
N ASN B 511 22.27 -19.16 56.99
CA ASN B 511 22.84 -18.64 58.23
C ASN B 511 23.58 -19.76 58.95
N ILE B 512 22.89 -20.87 59.18
CA ILE B 512 23.50 -22.01 59.83
C ILE B 512 24.77 -22.46 59.11
N LEU B 513 24.69 -22.63 57.79
CA LEU B 513 25.87 -23.05 57.02
C LEU B 513 27.03 -22.12 57.31
N ASP B 514 26.79 -20.82 57.16
CA ASP B 514 27.84 -19.82 57.36
C ASP B 514 28.37 -19.90 58.76
N GLU B 515 27.49 -19.96 59.75
CA GLU B 515 27.92 -19.90 61.16
C GLU B 515 28.44 -21.21 61.74
N GLN B 516 27.96 -22.36 61.26
CA GLN B 516 28.27 -23.63 61.88
C GLN B 516 28.63 -24.79 60.90
N GLY B 517 28.74 -24.50 59.62
CA GLY B 517 29.08 -25.55 58.65
C GLY B 517 27.97 -26.44 58.11
N ALA B 518 28.41 -27.32 57.22
CA ALA B 518 27.51 -28.08 56.40
C ALA B 518 26.77 -29.14 57.19
N ASP B 519 27.52 -29.89 58.02
CA ASP B 519 26.93 -30.91 58.84
C ASP B 519 25.88 -30.32 59.79
N ALA B 520 26.07 -29.06 60.20
CA ALA B 520 25.08 -28.40 61.03
C ALA B 520 23.77 -28.17 60.32
N VAL B 521 23.86 -28.01 59.01
CA VAL B 521 22.68 -27.82 58.18
C VAL B 521 21.97 -29.13 58.02
N VAL B 522 22.75 -30.17 57.81
CA VAL B 522 22.17 -31.48 57.71
C VAL B 522 21.39 -31.78 58.98
N ASP B 523 21.90 -31.31 60.11
CA ASP B 523 21.20 -31.57 61.36
C ASP B 523 19.90 -30.81 61.38
N TYR B 524 20.00 -29.53 61.05
CA TYR B 524 18.82 -28.67 60.87
C TYR B 524 17.74 -29.26 59.98
N VAL B 525 18.14 -29.90 58.89
CA VAL B 525 17.19 -30.52 57.99
C VAL B 525 16.56 -31.72 58.65
N LYS B 526 17.41 -32.57 59.24
CA LYS B 526 16.92 -33.75 59.89
C LYS B 526 15.95 -33.44 61.00
N ASN B 527 16.13 -32.31 61.67
CA ASN B 527 15.26 -31.87 62.76
C ASN B 527 14.16 -30.95 62.28
N THR B 528 13.82 -31.01 61.01
CA THR B 528 12.68 -30.28 60.48
C THR B 528 11.56 -31.24 60.16
N LYS B 529 10.33 -30.92 60.54
CA LYS B 529 9.19 -31.88 60.50
C LYS B 529 8.55 -31.76 59.16
N GLU B 530 8.32 -30.50 58.81
CA GLU B 530 7.76 -30.15 57.56
C GLU B 530 8.63 -30.62 56.43
N VAL B 531 8.01 -30.79 55.26
CA VAL B 531 8.79 -30.92 54.06
C VAL B 531 9.33 -29.54 53.73
N LEU B 532 10.60 -29.51 53.35
CA LEU B 532 11.31 -28.28 53.11
C LEU B 532 11.37 -28.04 51.62
N LEU B 533 11.38 -26.79 51.20
CA LEU B 533 11.29 -26.50 49.76
C LEU B 533 12.51 -25.81 49.18
N THR B 534 12.89 -26.22 47.97
CA THR B 534 13.86 -25.47 47.14
C THR B 534 13.16 -24.82 45.96
N ASP B 535 13.39 -23.51 45.77
CA ASP B 535 12.77 -22.71 44.68
C ASP B 535 13.60 -22.82 43.39
N THR B 536 13.15 -23.69 42.50
CA THR B 536 13.72 -23.82 41.18
C THR B 536 13.31 -22.71 40.15
N THR B 537 12.60 -21.67 40.60
CA THR B 537 12.21 -20.54 39.75
C THR B 537 13.38 -19.84 39.01
N LEU B 538 14.53 -19.57 39.65
CA LEU B 538 15.65 -18.89 38.93
C LEU B 538 16.59 -19.80 38.08
N ARG B 539 16.22 -21.09 37.93
CA ARG B 539 17.01 -22.01 37.12
C ARG B 539 16.11 -23.04 36.39
N ASP B 540 15.81 -24.19 36.99
CA ASP B 540 15.14 -25.22 36.21
C ASP B 540 13.78 -24.79 35.72
N ALA B 541 13.17 -23.83 36.35
CA ALA B 541 11.80 -23.45 35.96
C ALA B 541 11.79 -22.84 34.58
N HIS B 542 12.61 -21.80 34.43
CA HIS B 542 12.64 -21.08 33.20
C HIS B 542 13.48 -21.80 32.16
N GLN B 543 14.46 -22.56 32.59
CA GLN B 543 15.06 -23.53 31.68
C GLN B 543 14.00 -24.47 31.05
N SER B 544 12.98 -24.85 31.81
CA SER B 544 11.99 -25.79 31.32
C SER B 544 10.92 -25.13 30.47
N LEU B 545 10.69 -23.83 30.66
CA LEU B 545 9.53 -23.14 30.10
C LEU B 545 9.76 -21.99 29.12
N LEU B 546 10.89 -21.32 29.26
CA LEU B 546 11.30 -20.16 28.50
C LEU B 546 12.72 -20.32 27.94
N ALA B 547 13.07 -21.53 27.56
CA ALA B 547 14.42 -21.81 27.07
C ALA B 547 15.52 -21.05 27.79
N THR B 548 15.47 -21.02 29.09
CA THR B 548 16.62 -20.54 29.85
C THR B 548 16.92 -19.04 29.66
N ARG B 549 15.98 -18.34 29.05
CA ARG B 549 16.19 -16.94 28.74
C ARG B 549 15.88 -15.98 29.90
N LEU B 550 15.54 -16.44 31.09
CA LEU B 550 15.23 -15.48 32.16
C LEU B 550 16.49 -14.69 32.39
N ARG B 551 16.29 -13.40 32.60
CA ARG B 551 17.35 -12.40 32.63
C ARG B 551 17.58 -11.79 34.00
N LEU B 552 18.83 -11.58 34.32
CA LEU B 552 19.18 -11.03 35.60
C LEU B 552 18.36 -9.83 35.91
N GLN B 553 18.08 -8.98 34.92
CA GLN B 553 17.41 -7.71 35.29
C GLN B 553 16.09 -8.01 35.94
N ASP B 554 15.35 -8.96 35.36
CA ASP B 554 14.09 -9.39 35.97
C ASP B 554 14.30 -10.03 37.35
N MET B 555 15.37 -10.82 37.46
CA MET B 555 15.66 -11.52 38.71
C MET B 555 15.87 -10.52 39.80
N LYS B 556 16.60 -9.45 39.51
CA LYS B 556 17.04 -8.61 40.61
C LYS B 556 15.92 -7.73 41.08
N GLY B 557 14.78 -7.81 40.42
CA GLY B 557 13.71 -6.91 40.76
C GLY B 557 12.90 -7.40 41.90
N ILE B 558 13.06 -8.69 42.18
CA ILE B 558 12.28 -9.44 43.19
C ILE B 558 13.17 -10.31 44.08
N ALA B 559 14.46 -10.40 43.77
CA ALA B 559 15.36 -11.21 44.56
C ALA B 559 15.23 -10.97 46.07
N GLN B 560 15.25 -9.71 46.47
CA GLN B 560 15.23 -9.35 47.86
C GLN B 560 13.93 -9.85 48.48
N ALA B 561 12.82 -9.70 47.78
CA ALA B 561 11.53 -10.15 48.33
C ALA B 561 11.55 -11.64 48.62
N ILE B 562 12.27 -12.39 47.80
CA ILE B 562 12.38 -13.82 48.04
C ILE B 562 13.17 -14.07 49.33
N ASP B 563 14.33 -13.44 49.42
CA ASP B 563 15.19 -13.58 50.57
C ASP B 563 14.54 -13.22 51.89
N GLN B 564 13.69 -12.21 51.92
CA GLN B 564 13.06 -11.79 53.16
C GLN B 564 11.65 -12.31 53.35
N GLY B 565 10.95 -12.47 52.25
CA GLY B 565 9.59 -13.00 52.28
C GLY B 565 9.49 -14.53 52.39
N LEU B 566 10.54 -15.26 52.05
CA LEU B 566 10.48 -16.69 52.08
C LEU B 566 11.75 -17.28 52.70
N PRO B 567 12.09 -16.85 53.93
CA PRO B 567 13.24 -17.40 54.68
C PRO B 567 13.14 -18.91 54.93
N GLU B 568 11.91 -19.42 54.97
CA GLU B 568 11.64 -20.83 55.12
C GLU B 568 12.32 -21.78 54.08
N LEU B 569 12.94 -21.20 53.08
CA LEU B 569 13.39 -22.01 51.97
C LEU B 569 14.65 -22.71 52.34
N PHE B 570 14.83 -23.92 51.83
CA PHE B 570 16.12 -24.56 52.04
C PHE B 570 17.17 -23.84 51.20
N SER B 571 16.89 -23.77 49.89
CA SER B 571 17.77 -23.11 48.93
C SER B 571 16.97 -22.61 47.74
N ALA B 572 17.61 -21.76 46.97
CA ALA B 572 17.13 -21.29 45.65
C ALA B 572 18.07 -21.85 44.61
N GLU B 573 17.55 -22.63 43.64
CA GLU B 573 18.35 -23.11 42.53
C GLU B 573 18.46 -21.94 41.56
N MET B 574 19.67 -21.48 41.34
CA MET B 574 19.86 -20.24 40.60
C MET B 574 21.11 -20.22 39.71
N TRP B 575 21.70 -21.39 39.50
CA TRP B 575 22.89 -21.46 38.68
C TRP B 575 23.09 -22.85 38.12
N GLY B 576 24.03 -23.00 37.21
CA GLY B 576 24.25 -24.32 36.64
C GLY B 576 23.17 -24.64 35.64
N GLY B 577 23.19 -25.87 35.12
CA GLY B 577 22.25 -26.28 34.07
C GLY B 577 22.58 -25.46 32.85
N ALA B 578 21.56 -25.20 32.04
CA ALA B 578 21.73 -24.34 30.87
C ALA B 578 22.05 -22.92 31.19
N THR B 579 21.80 -22.45 32.41
CA THR B 579 22.03 -21.03 32.60
C THR B 579 23.43 -20.55 32.27
N PHE B 580 24.45 -21.39 32.44
CA PHE B 580 25.82 -20.89 32.37
C PHE B 580 26.21 -20.47 30.96
N ASP B 581 26.02 -21.33 29.97
CA ASP B 581 26.31 -20.93 28.57
C ASP B 581 25.22 -20.01 28.02
N VAL B 582 23.96 -20.31 28.27
CA VAL B 582 22.91 -19.46 27.73
C VAL B 582 23.05 -18.02 28.13
N ALA B 583 23.50 -17.74 29.33
CA ALA B 583 23.69 -16.35 29.74
C ALA B 583 24.72 -15.60 28.88
N TYR B 584 25.85 -16.25 28.66
CA TYR B 584 26.92 -15.70 27.81
C TYR B 584 26.37 -15.71 26.36
N ARG B 585 26.19 -16.90 25.82
CA ARG B 585 25.83 -17.10 24.41
C ARG B 585 24.62 -16.30 23.91
N PHE B 586 23.56 -16.10 24.69
CA PHE B 586 22.28 -15.57 24.17
C PHE B 586 21.80 -14.30 24.87
N LEU B 587 22.22 -14.07 26.09
CA LEU B 587 21.74 -12.94 26.82
C LEU B 587 22.82 -11.85 27.00
N ASN B 588 24.03 -12.18 26.55
CA ASN B 588 25.19 -11.34 26.66
C ASN B 588 25.26 -10.74 28.06
N GLU B 589 25.14 -11.62 29.07
CA GLU B 589 25.47 -11.30 30.48
C GLU B 589 26.23 -12.46 31.09
N SER B 590 27.16 -12.11 31.98
CA SER B 590 28.04 -13.11 32.60
C SER B 590 27.28 -13.86 33.68
N PRO B 591 27.37 -15.20 33.69
CA PRO B 591 26.69 -15.92 34.74
C PRO B 591 27.34 -15.54 36.03
N TRP B 592 28.64 -15.26 35.98
CA TRP B 592 29.33 -14.87 37.21
C TRP B 592 28.79 -13.57 37.74
N TYR B 593 28.58 -12.60 36.86
CA TYR B 593 27.92 -11.34 37.21
C TYR B 593 26.57 -11.58 37.89
N ARG B 594 25.76 -12.43 37.26
CA ARG B 594 24.43 -12.84 37.74
C ARG B 594 24.53 -13.35 39.20
N LEU B 595 25.48 -14.24 39.40
CA LEU B 595 25.71 -14.80 40.69
C LEU B 595 26.13 -13.70 41.66
N ARG B 596 27.11 -12.87 41.29
CA ARG B 596 27.58 -11.81 42.20
C ARG B 596 26.44 -10.90 42.63
N LYS B 597 25.61 -10.51 41.66
CA LYS B 597 24.68 -9.43 41.92
C LYS B 597 23.53 -9.96 42.79
N LEU B 598 23.15 -11.21 42.56
CA LEU B 598 22.09 -11.88 43.34
C LEU B 598 22.57 -12.23 44.74
N ARG B 599 23.81 -12.70 44.83
CA ARG B 599 24.38 -13.05 46.10
C ARG B 599 24.29 -11.91 47.13
N LYS B 600 24.53 -10.68 46.69
CA LYS B 600 24.39 -9.49 47.56
C LYS B 600 22.96 -9.22 47.92
N LEU B 601 22.04 -9.53 47.03
CA LEU B 601 20.62 -9.22 47.26
C LEU B 601 19.91 -10.25 48.12
N MET B 602 20.51 -11.44 48.25
CA MET B 602 19.88 -12.60 48.85
C MET B 602 20.80 -13.24 49.90
N PRO B 603 21.29 -12.39 50.81
CA PRO B 603 22.33 -12.79 51.74
C PRO B 603 21.96 -13.93 52.69
N ASN B 604 20.67 -14.29 52.82
CA ASN B 604 20.26 -15.38 53.73
C ASN B 604 19.61 -16.56 53.08
N THR B 605 19.84 -16.73 51.80
CA THR B 605 19.18 -17.79 51.07
C THR B 605 20.26 -18.64 50.51
N MET B 606 20.22 -19.94 50.73
CA MET B 606 21.28 -20.79 50.17
C MET B 606 21.13 -20.80 48.69
N PHE B 607 22.25 -20.73 48.01
CA PHE B 607 22.24 -20.74 46.58
C PHE B 607 22.69 -22.13 46.18
N GLN B 608 21.90 -22.74 45.31
CA GLN B 608 22.20 -24.05 44.86
C GLN B 608 22.37 -24.04 43.36
N MET B 609 23.28 -24.89 42.86
CA MET B 609 23.50 -25.10 41.43
C MET B 609 23.46 -26.56 41.08
N LEU B 610 22.97 -26.87 39.89
CA LEU B 610 23.15 -28.19 39.31
C LEU B 610 24.55 -28.22 38.78
N PHE B 611 25.18 -29.39 38.83
CA PHE B 611 26.62 -29.53 38.56
C PHE B 611 26.93 -30.95 38.11
N ARG B 612 27.41 -31.09 36.87
CA ARG B 612 27.71 -32.39 36.30
C ARG B 612 29.05 -32.86 36.83
N GLY B 613 29.11 -34.07 37.37
CA GLY B 613 30.23 -34.46 38.22
C GLY B 613 31.54 -34.23 37.55
N SER B 614 31.66 -34.84 36.39
CA SER B 614 32.91 -34.79 35.62
C SER B 614 33.17 -33.46 34.92
N ASN B 615 32.13 -32.83 34.38
CA ASN B 615 32.28 -31.65 33.53
C ASN B 615 31.82 -30.31 34.06
N ALA B 616 31.53 -30.17 35.34
CA ALA B 616 30.88 -28.95 35.88
C ALA B 616 29.67 -28.40 35.00
N VAL B 617 29.87 -27.32 34.24
CA VAL B 617 28.83 -26.75 33.40
C VAL B 617 29.05 -26.91 31.90
N GLY B 618 30.06 -27.67 31.50
CA GLY B 618 30.47 -27.74 30.11
C GLY B 618 30.21 -29.09 29.50
N TYR B 619 30.74 -29.30 28.29
CA TYR B 619 30.55 -30.58 27.58
C TYR B 619 31.83 -31.21 27.07
N GLN B 620 32.96 -30.51 27.20
CA GLN B 620 34.26 -31.07 26.86
C GLN B 620 34.73 -31.92 28.02
N ASN B 621 35.89 -32.53 27.86
CA ASN B 621 36.40 -33.46 28.82
C ASN B 621 37.55 -32.85 29.59
N TYR B 622 37.24 -32.16 30.65
CA TYR B 622 38.24 -31.39 31.42
C TYR B 622 39.00 -32.27 32.41
N PRO B 623 40.26 -31.92 32.66
CA PRO B 623 40.95 -32.64 33.72
C PRO B 623 40.47 -32.23 35.10
N ASP B 624 40.86 -33.02 36.08
CA ASP B 624 40.35 -32.89 37.42
C ASP B 624 40.74 -31.61 38.10
N ASN B 625 41.88 -31.06 37.72
CA ASN B 625 42.32 -29.84 38.37
C ASN B 625 41.44 -28.63 38.02
N VAL B 626 40.79 -28.72 36.86
CA VAL B 626 39.85 -27.70 36.38
C VAL B 626 38.58 -27.72 37.21
N ILE B 627 38.01 -28.91 37.33
CA ILE B 627 36.79 -29.11 38.07
C ILE B 627 36.99 -28.59 39.51
N GLU B 628 38.05 -29.03 40.16
CA GLU B 628 38.39 -28.51 41.47
C GLU B 628 38.44 -26.99 41.45
N GLU B 629 39.01 -26.44 40.38
CA GLU B 629 39.17 -24.98 40.34
C GLU B 629 37.82 -24.30 40.19
N PHE B 630 37.00 -24.82 39.29
CA PHE B 630 35.65 -24.31 39.12
C PHE B 630 34.98 -24.19 40.48
N ILE B 631 34.97 -25.32 41.17
CA ILE B 631 34.30 -25.44 42.43
C ILE B 631 34.88 -24.45 43.43
N ARG B 632 36.21 -24.33 43.48
CA ARG B 632 36.81 -23.35 44.42
C ARG B 632 36.23 -21.95 44.24
N VAL B 633 36.11 -21.58 42.96
CA VAL B 633 35.69 -20.23 42.59
C VAL B 633 34.19 -20.05 42.83
N ALA B 634 33.41 -21.04 42.35
CA ALA B 634 31.96 -21.02 42.51
C ALA B 634 31.59 -20.91 43.99
N ALA B 635 32.23 -21.75 44.80
CA ALA B 635 32.08 -21.69 46.24
C ALA B 635 32.40 -20.29 46.78
N HIS B 636 33.52 -19.75 46.34
CA HIS B 636 33.97 -18.47 46.81
C HIS B 636 32.99 -17.34 46.40
N GLU B 637 32.45 -17.46 45.20
CA GLU B 637 31.71 -16.36 44.61
C GLU B 637 30.24 -16.30 45.09
N GLY B 638 29.75 -17.43 45.66
CA GLY B 638 28.46 -17.44 46.34
C GLY B 638 27.67 -18.71 46.44
N ILE B 639 28.19 -19.81 45.94
CA ILE B 639 27.38 -20.99 45.85
C ILE B 639 27.56 -21.90 47.04
N ASP B 640 26.42 -22.27 47.64
CA ASP B 640 26.36 -23.06 48.84
C ASP B 640 26.08 -24.52 48.63
N VAL B 641 25.23 -24.86 47.68
CA VAL B 641 24.80 -26.23 47.58
C VAL B 641 25.06 -26.75 46.18
N PHE B 642 25.87 -27.78 46.06
CA PHE B 642 26.22 -28.26 44.76
C PHE B 642 25.51 -29.59 44.53
N ARG B 643 24.45 -29.58 43.73
CA ARG B 643 23.85 -30.85 43.36
C ARG B 643 24.66 -31.50 42.25
N ILE B 644 25.36 -32.57 42.57
CA ILE B 644 26.33 -33.16 41.69
C ILE B 644 25.77 -34.42 41.10
N PHE B 645 25.64 -34.49 39.79
CA PHE B 645 25.08 -35.69 39.17
C PHE B 645 25.95 -36.18 38.04
N ASP B 646 25.61 -37.34 37.51
CA ASP B 646 26.32 -37.85 36.36
C ASP B 646 25.29 -38.49 35.48
N SER B 647 25.48 -38.33 34.19
CA SER B 647 24.47 -38.70 33.23
C SER B 647 24.19 -40.20 33.18
N LEU B 648 25.04 -41.03 33.79
CA LEU B 648 24.81 -42.47 33.79
C LEU B 648 24.89 -43.02 35.18
N ASN B 649 24.70 -42.12 36.14
CA ASN B 649 24.78 -42.44 37.55
C ASN B 649 25.98 -43.28 37.85
N TRP B 650 27.12 -42.86 37.32
CA TRP B 650 28.33 -43.62 37.45
C TRP B 650 29.24 -42.94 38.45
N LEU B 651 29.36 -43.58 39.62
CA LEU B 651 29.97 -42.93 40.79
C LEU B 651 31.35 -42.29 40.58
N PRO B 652 32.23 -42.93 39.81
CA PRO B 652 33.60 -42.38 39.66
C PRO B 652 33.63 -40.96 39.14
N GLN B 653 32.62 -40.53 38.37
CA GLN B 653 32.58 -39.15 37.87
C GLN B 653 32.17 -38.14 38.96
N MET B 654 31.46 -38.64 39.98
CA MET B 654 30.98 -37.76 41.03
C MET B 654 31.98 -37.56 42.16
N GLU B 655 32.82 -38.58 42.40
CA GLU B 655 33.71 -38.65 43.60
C GLU B 655 34.57 -37.42 43.88
N LYS B 656 35.33 -36.97 42.89
CA LYS B 656 36.24 -35.87 43.11
C LYS B 656 35.46 -34.62 43.48
N SER B 657 34.45 -34.31 42.67
CA SER B 657 33.66 -33.08 42.83
C SER B 657 33.04 -33.01 44.23
N ILE B 658 32.56 -34.18 44.72
CA ILE B 658 31.96 -34.26 46.05
C ILE B 658 32.96 -33.89 47.12
N GLN B 659 34.13 -34.50 47.03
CA GLN B 659 35.23 -34.19 47.93
C GLN B 659 35.56 -32.68 47.83
N ALA B 660 35.71 -32.21 46.60
CA ALA B 660 35.99 -30.79 46.35
C ALA B 660 35.01 -29.82 47.02
N VAL B 661 33.74 -30.20 47.03
CA VAL B 661 32.75 -29.33 47.60
C VAL B 661 32.87 -29.30 49.09
N ARG B 662 33.08 -30.49 49.64
CA ARG B 662 33.39 -30.65 51.06
C ARG B 662 34.57 -29.76 51.44
N ASP B 663 35.68 -29.93 50.72
CA ASP B 663 36.92 -29.20 50.99
C ASP B 663 36.72 -27.68 50.97
N ASN B 664 35.82 -27.17 50.13
CA ASN B 664 35.49 -25.73 50.22
C ASN B 664 34.43 -25.33 51.27
N GLY B 665 33.96 -26.32 52.02
CA GLY B 665 33.15 -26.04 53.18
C GLY B 665 31.72 -25.80 52.80
N LYS B 666 31.21 -26.64 51.92
CA LYS B 666 29.94 -26.38 51.32
C LYS B 666 29.18 -27.65 51.26
N ILE B 667 27.92 -27.54 50.87
CA ILE B 667 27.06 -28.69 50.87
C ILE B 667 27.08 -29.44 49.56
N ALA B 668 27.11 -30.76 49.63
CA ALA B 668 27.25 -31.55 48.41
C ALA B 668 26.13 -32.57 48.27
N GLU B 669 25.26 -32.37 47.30
CA GLU B 669 24.19 -33.34 47.09
C GLU B 669 24.68 -34.32 46.08
N ALA B 670 24.92 -35.55 46.49
CA ALA B 670 25.17 -36.59 45.52
C ALA B 670 23.83 -36.97 44.93
N THR B 671 23.77 -37.16 43.61
CA THR B 671 22.47 -37.43 43.05
C THR B 671 22.37 -38.64 42.18
N ILE B 672 21.27 -39.33 42.45
CA ILE B 672 20.80 -40.37 41.60
C ILE B 672 19.76 -39.83 40.64
N CYS B 673 19.93 -40.15 39.37
CA CYS B 673 18.93 -39.84 38.36
C CYS B 673 17.94 -40.98 38.21
N TYR B 674 16.64 -40.68 38.19
CA TYR B 674 15.61 -41.73 38.15
C TYR B 674 15.18 -41.97 36.72
N THR B 675 15.09 -43.23 36.34
CA THR B 675 14.54 -43.62 35.05
C THR B 675 13.70 -44.88 35.24
N GLY B 676 12.94 -45.26 34.24
CA GLY B 676 12.04 -46.43 34.32
C GLY B 676 10.88 -46.30 35.29
N ASP B 677 10.49 -47.44 35.85
CA ASP B 677 9.42 -47.50 36.82
C ASP B 677 9.75 -48.66 37.75
N ILE B 678 10.16 -48.36 38.99
CA ILE B 678 10.43 -49.42 39.95
C ILE B 678 9.30 -50.38 40.16
N LEU B 679 8.05 -49.98 39.96
CA LEU B 679 6.93 -50.90 40.17
C LEU B 679 6.52 -51.60 38.92
N ASP B 680 7.38 -51.54 37.91
CA ASP B 680 7.16 -52.27 36.67
C ASP B 680 8.14 -53.42 36.63
N PRO B 681 7.64 -54.64 36.93
CA PRO B 681 8.51 -55.81 37.05
C PRO B 681 9.24 -56.15 35.75
N SER B 682 8.66 -55.76 34.62
CA SER B 682 9.30 -55.99 33.35
C SER B 682 10.48 -55.07 33.05
N ARG B 683 10.73 -54.04 33.87
CA ARG B 683 11.91 -53.16 33.69
C ARG B 683 12.86 -53.28 34.89
N PRO B 684 13.37 -54.49 35.10
CA PRO B 684 14.00 -54.83 36.36
C PRO B 684 15.35 -54.20 36.50
N LYS B 685 15.86 -53.67 35.41
CA LYS B 685 17.23 -53.17 35.44
C LYS B 685 17.39 -52.05 36.48
N TYR B 686 16.36 -51.20 36.62
CA TYR B 686 16.36 -50.03 37.50
C TYR B 686 15.24 -50.25 38.48
N ASN B 687 15.33 -51.40 39.12
CA ASN B 687 14.42 -51.79 40.19
C ASN B 687 14.79 -51.11 41.52
N ILE B 688 14.05 -51.44 42.56
CA ILE B 688 14.21 -50.76 43.83
C ILE B 688 15.62 -51.02 44.44
N GLN B 689 16.13 -52.22 44.19
CA GLN B 689 17.42 -52.57 44.71
C GLN B 689 18.51 -51.65 44.13
N TYR B 690 18.55 -51.52 42.81
CA TYR B 690 19.50 -50.64 42.12
C TYR B 690 19.71 -49.34 42.86
N TYR B 691 18.57 -48.70 43.21
CA TYR B 691 18.64 -47.37 43.85
C TYR B 691 19.21 -47.48 45.26
N LYS B 692 18.70 -48.44 46.06
CA LYS B 692 19.21 -48.66 47.43
C LYS B 692 20.74 -48.83 47.41
N ASP B 693 21.26 -49.69 46.52
CA ASP B 693 22.70 -49.98 46.46
C ASP B 693 23.51 -48.75 46.14
N LEU B 694 23.08 -48.06 45.09
CA LEU B 694 23.73 -46.80 44.73
C LEU B 694 23.70 -45.76 45.87
N ALA B 695 22.56 -45.64 46.56
CA ALA B 695 22.47 -44.72 47.66
C ALA B 695 23.52 -45.03 48.75
N LYS B 696 23.73 -46.34 49.05
CA LYS B 696 24.80 -46.79 50.01
C LYS B 696 26.16 -46.25 49.55
N GLU B 697 26.52 -46.60 48.32
CA GLU B 697 27.78 -46.13 47.76
C GLU B 697 27.94 -44.61 47.85
N LEU B 698 26.87 -43.87 47.54
CA LEU B 698 26.97 -42.39 47.57
C LEU B 698 27.08 -41.87 49.00
N GLU B 699 26.45 -42.57 49.95
CA GLU B 699 26.53 -42.11 51.34
C GLU B 699 28.01 -42.20 51.75
N ALA B 700 28.64 -43.28 51.28
CA ALA B 700 30.02 -43.57 51.52
C ALA B 700 30.99 -42.49 51.11
N THR B 701 30.68 -41.76 50.03
CA THR B 701 31.56 -40.68 49.54
C THR B 701 31.62 -39.45 50.42
N GLY B 702 30.78 -39.39 51.44
CA GLY B 702 30.78 -38.24 52.33
C GLY B 702 29.94 -37.10 51.82
N ALA B 703 29.02 -37.39 50.92
CA ALA B 703 28.03 -36.42 50.50
C ALA B 703 27.18 -36.03 51.69
N HIS B 704 26.78 -34.77 51.76
CA HIS B 704 25.93 -34.34 52.86
C HIS B 704 24.49 -34.76 52.67
N ILE B 705 24.05 -34.87 51.40
CA ILE B 705 22.61 -35.08 51.06
C ILE B 705 22.45 -35.99 49.84
N LEU B 706 21.44 -36.84 49.87
CA LEU B 706 21.08 -37.62 48.68
C LEU B 706 19.99 -36.90 47.87
N ALA B 707 20.18 -36.87 46.57
CA ALA B 707 19.25 -36.20 45.70
C ALA B 707 18.72 -37.16 44.68
N VAL B 708 17.43 -37.13 44.46
CA VAL B 708 16.84 -37.91 43.44
C VAL B 708 16.32 -36.99 42.36
N LYS B 709 16.96 -37.03 41.19
CA LYS B 709 16.70 -36.08 40.11
C LYS B 709 15.88 -36.84 39.06
N ASP B 710 14.59 -36.65 39.09
CA ASP B 710 13.69 -37.26 38.11
C ASP B 710 13.57 -36.32 36.93
N MET B 711 14.41 -36.49 35.91
CA MET B 711 14.57 -35.48 34.88
C MET B 711 13.33 -35.40 34.01
N ALA B 712 12.65 -36.53 33.82
CA ALA B 712 11.61 -36.58 32.83
C ALA B 712 10.25 -36.59 33.44
N GLY B 713 10.18 -36.53 34.77
CA GLY B 713 8.88 -36.59 35.47
C GLY B 713 8.20 -37.95 35.32
N LEU B 714 8.98 -39.00 35.53
CA LEU B 714 8.55 -40.37 35.42
C LEU B 714 8.15 -41.01 36.72
N LEU B 715 8.47 -40.36 37.83
CA LEU B 715 8.14 -40.89 39.16
C LEU B 715 6.68 -40.78 39.45
N LYS B 716 6.00 -41.88 39.33
CA LYS B 716 4.58 -41.92 39.60
C LYS B 716 4.44 -41.96 41.11
N PRO B 717 3.27 -41.61 41.62
CA PRO B 717 3.26 -41.30 43.05
C PRO B 717 3.36 -42.53 44.01
N GLN B 718 2.74 -43.63 43.65
CA GLN B 718 2.99 -44.90 44.31
C GLN B 718 4.49 -45.20 44.42
N ALA B 719 5.14 -45.27 43.28
CA ALA B 719 6.58 -45.46 43.25
C ALA B 719 7.33 -44.45 44.12
N ALA B 720 6.89 -43.20 44.15
CA ALA B 720 7.60 -42.18 44.94
C ALA B 720 7.56 -42.53 46.40
N TYR B 721 6.41 -43.02 46.87
CA TYR B 721 6.30 -43.46 48.24
C TYR B 721 7.20 -44.66 48.48
N ARG B 722 7.17 -45.67 47.61
CA ARG B 722 8.07 -46.85 47.83
C ARG B 722 9.53 -46.46 47.81
N LEU B 723 9.90 -45.63 46.87
CA LEU B 723 11.30 -45.31 46.71
C LEU B 723 11.85 -44.45 47.83
N ILE B 724 11.13 -43.40 48.22
CA ILE B 724 11.66 -42.53 49.28
C ILE B 724 11.70 -43.27 50.61
N SER B 725 10.64 -44.04 50.84
CA SER B 725 10.59 -44.94 51.94
C SER B 725 11.84 -45.80 52.03
N GLU B 726 12.10 -46.63 51.02
CA GLU B 726 13.23 -47.58 51.07
C GLU B 726 14.61 -46.93 51.12
N LEU B 727 14.76 -45.80 50.47
CA LEU B 727 16.00 -45.08 50.60
C LEU B 727 16.19 -44.51 52.00
N LYS B 728 15.13 -44.09 52.66
CA LYS B 728 15.28 -43.57 54.01
C LYS B 728 15.66 -44.68 54.96
N ASP B 729 15.26 -45.89 54.60
CA ASP B 729 15.68 -47.06 55.35
C ASP B 729 17.13 -47.46 55.15
N THR B 730 17.71 -46.98 54.06
CA THR B 730 18.96 -47.45 53.61
C THR B 730 20.06 -46.52 54.02
N VAL B 731 19.78 -45.22 54.15
CA VAL B 731 20.85 -44.23 54.41
C VAL B 731 20.34 -43.11 55.28
N ASP B 732 21.22 -42.43 55.97
CA ASP B 732 20.76 -41.53 57.02
C ASP B 732 20.82 -40.12 56.56
N LEU B 733 21.14 -39.91 55.29
CA LEU B 733 21.31 -38.53 54.83
C LEU B 733 20.02 -38.06 54.21
N PRO B 734 19.67 -36.78 54.44
CA PRO B 734 18.38 -36.21 54.02
C PRO B 734 18.20 -36.44 52.55
N ILE B 735 16.95 -36.57 52.13
CA ILE B 735 16.67 -36.85 50.72
C ILE B 735 15.95 -35.68 50.09
N HIS B 736 16.52 -35.24 48.96
CA HIS B 736 16.08 -34.04 48.22
C HIS B 736 15.55 -34.55 46.91
N LEU B 737 14.26 -34.38 46.69
CA LEU B 737 13.62 -34.97 45.51
C LEU B 737 13.27 -33.88 44.52
N HIS B 738 13.39 -34.23 43.24
CA HIS B 738 13.22 -33.29 42.13
C HIS B 738 12.48 -34.01 41.02
N THR B 739 11.29 -33.53 40.69
CA THR B 739 10.55 -34.07 39.62
C THR B 739 10.00 -32.92 38.71
N HIS B 740 9.22 -33.29 37.71
CA HIS B 740 8.66 -32.38 36.76
C HIS B 740 7.23 -32.77 36.52
N ASP B 741 6.39 -31.75 36.34
CA ASP B 741 4.93 -31.91 36.39
C ASP B 741 4.33 -32.21 34.99
N THR B 742 5.18 -32.66 34.08
CA THR B 742 4.80 -32.94 32.72
C THR B 742 3.66 -33.90 32.65
N SER B 743 3.69 -34.95 33.47
CA SER B 743 2.58 -35.94 33.44
C SER B 743 1.25 -35.47 34.08
N GLY B 744 1.26 -34.31 34.73
CA GLY B 744 0.13 -33.90 35.54
C GLY B 744 0.16 -34.42 36.98
N ASN B 745 1.14 -35.28 37.28
CA ASN B 745 1.23 -35.99 38.57
C ASN B 745 2.35 -35.55 39.52
N GLY B 746 2.86 -34.35 39.34
CA GLY B 746 3.94 -33.88 40.19
C GLY B 746 3.50 -33.63 41.59
N ILE B 747 2.36 -32.97 41.79
CA ILE B 747 1.93 -32.63 43.14
C ILE B 747 1.60 -33.89 43.95
N ILE B 748 0.85 -34.82 43.37
CA ILE B 748 0.53 -36.03 44.08
C ILE B 748 1.79 -36.86 44.30
N THR B 749 2.76 -36.75 43.42
CA THR B 749 4.01 -37.46 43.63
C THR B 749 4.74 -36.85 44.78
N TYR B 750 4.88 -35.53 44.79
CA TYR B 750 5.47 -34.92 45.98
C TYR B 750 4.68 -35.27 47.25
N SER B 751 3.36 -35.47 47.13
CA SER B 751 2.57 -35.78 48.31
C SER B 751 2.98 -37.14 48.86
N GLY B 752 2.87 -38.14 48.02
CA GLY B 752 3.37 -39.46 48.32
C GLY B 752 4.75 -39.42 48.94
N ALA B 753 5.68 -38.75 48.30
CA ALA B 753 7.04 -38.69 48.81
C ALA B 753 7.09 -38.03 50.16
N THR B 754 6.19 -37.06 50.43
CA THR B 754 6.25 -36.40 51.74
C THR B 754 5.64 -37.27 52.86
N GLN B 755 4.68 -38.13 52.51
CA GLN B 755 4.24 -39.24 53.38
C GLN B 755 5.42 -40.13 53.67
N ALA B 756 6.27 -40.41 52.71
CA ALA B 756 7.40 -41.34 52.99
C ALA B 756 8.58 -40.69 53.63
N GLY B 757 8.44 -39.47 54.06
CA GLY B 757 9.53 -38.85 54.79
C GLY B 757 10.59 -38.08 54.05
N VAL B 758 10.34 -37.77 52.80
CA VAL B 758 11.30 -37.00 52.02
C VAL B 758 11.63 -35.68 52.72
N ASP B 759 12.89 -35.35 52.84
CA ASP B 759 13.24 -34.15 53.61
C ASP B 759 13.00 -32.87 52.88
N ILE B 760 13.36 -32.85 51.58
CA ILE B 760 13.30 -31.63 50.72
C ILE B 760 12.74 -31.92 49.33
N ILE B 761 11.96 -30.98 48.84
CA ILE B 761 11.44 -31.08 47.47
C ILE B 761 11.61 -29.81 46.67
N ASP B 762 11.69 -29.98 45.33
CA ASP B 762 12.04 -28.89 44.40
C ASP B 762 10.79 -28.29 43.75
N VAL B 763 10.53 -26.98 43.95
CA VAL B 763 9.32 -26.38 43.43
C VAL B 763 9.52 -25.03 42.78
N ALA B 764 8.59 -24.68 41.91
CA ALA B 764 8.71 -23.38 41.24
C ALA B 764 7.54 -22.54 41.61
N THR B 765 7.70 -21.25 41.56
CA THR B 765 6.56 -20.39 41.79
C THR B 765 5.52 -20.70 40.77
N ALA B 766 4.28 -20.48 41.12
CA ALA B 766 3.16 -21.03 40.36
C ALA B 766 3.20 -20.58 38.91
N SER B 767 3.47 -19.31 38.70
CA SER B 767 3.52 -18.73 37.40
C SER B 767 4.59 -19.28 36.48
N LEU B 768 5.58 -19.97 37.01
CA LEU B 768 6.61 -20.59 36.16
C LEU B 768 6.68 -22.06 36.45
N ALA B 769 5.52 -22.60 36.81
CA ALA B 769 5.37 -23.96 37.23
C ALA B 769 4.34 -24.66 36.38
N GLY B 770 4.32 -25.96 36.49
CA GLY B 770 3.38 -26.77 35.74
C GLY B 770 4.05 -27.26 34.49
N GLY B 771 3.33 -28.07 33.73
CA GLY B 771 3.85 -28.63 32.51
C GLY B 771 5.17 -29.23 32.81
N THR B 772 6.17 -28.88 32.02
CA THR B 772 7.51 -29.45 32.16
C THR B 772 8.36 -28.72 33.18
N SER B 773 7.80 -27.75 33.91
CA SER B 773 8.48 -27.14 35.05
C SER B 773 8.33 -28.03 36.31
N GLN B 774 8.71 -27.51 37.45
CA GLN B 774 8.43 -28.16 38.70
C GLN B 774 7.01 -27.94 39.13
N PRO B 775 6.57 -28.70 40.10
CA PRO B 775 5.20 -28.51 40.57
C PRO B 775 5.13 -27.24 41.37
N SER B 776 3.93 -26.70 41.52
CA SER B 776 3.80 -25.34 42.11
C SER B 776 4.19 -25.31 43.55
N MET B 777 5.09 -24.46 43.92
CA MET B 777 5.29 -24.17 45.36
C MET B 777 4.00 -23.79 46.09
N GLN B 778 3.23 -22.86 45.58
CA GLN B 778 1.97 -22.50 46.24
C GLN B 778 1.01 -23.67 46.31
N SER B 779 0.90 -24.46 45.27
CA SER B 779 -0.08 -25.54 45.25
C SER B 779 0.26 -26.60 46.27
N ILE B 780 1.56 -26.93 46.40
CA ILE B 780 1.99 -28.04 47.27
C ILE B 780 1.74 -27.68 48.71
N TYR B 781 1.79 -26.41 49.06
CA TYR B 781 1.36 -25.99 50.38
C TYR B 781 -0.07 -26.39 50.67
N TYR B 782 -0.98 -26.05 49.77
CA TYR B 782 -2.41 -26.31 50.02
C TYR B 782 -2.72 -27.78 49.93
N ALA B 783 -1.87 -28.50 49.21
CA ALA B 783 -2.07 -29.95 49.01
C ALA B 783 -1.82 -30.71 50.32
N LEU B 784 -0.92 -30.16 51.14
CA LEU B 784 -0.52 -30.79 52.36
C LEU B 784 -1.04 -30.05 53.56
N GLU B 785 -2.12 -29.30 53.41
CA GLU B 785 -2.36 -28.24 54.38
C GLU B 785 -2.77 -28.79 55.72
N HIS B 786 -3.74 -29.70 55.66
CA HIS B 786 -4.28 -30.30 56.87
C HIS B 786 -3.76 -31.74 57.03
N GLY B 787 -2.67 -32.03 56.35
CA GLY B 787 -2.13 -33.37 56.40
C GLY B 787 -1.17 -33.56 57.54
N PRO B 788 -0.70 -34.79 57.72
CA PRO B 788 0.23 -35.08 58.77
C PRO B 788 1.52 -34.31 58.64
N ARG B 789 1.88 -33.91 57.43
CA ARG B 789 3.16 -33.19 57.24
C ARG B 789 2.98 -31.98 56.37
N HIS B 790 3.27 -30.79 56.88
CA HIS B 790 3.02 -29.54 56.15
C HIS B 790 4.25 -29.14 55.36
N ALA B 791 4.08 -28.17 54.47
CA ALA B 791 5.21 -27.68 53.71
C ALA B 791 5.68 -26.42 54.37
N SER B 792 7.00 -26.29 54.50
CA SER B 792 7.54 -25.14 55.20
C SER B 792 7.81 -23.97 54.26
N ILE B 793 6.84 -23.06 54.25
CA ILE B 793 6.88 -21.91 53.42
C ILE B 793 5.86 -20.85 53.86
N ASN B 794 6.16 -19.57 53.68
CA ASN B 794 5.17 -18.53 53.91
C ASN B 794 4.22 -18.32 52.69
N VAL B 795 3.14 -19.06 52.61
CA VAL B 795 2.43 -19.15 51.36
C VAL B 795 1.81 -17.83 50.99
N LYS B 796 1.41 -17.03 51.97
CA LYS B 796 0.84 -15.69 51.65
C LYS B 796 1.87 -14.88 50.91
N ASN B 797 3.04 -14.77 51.52
CA ASN B 797 4.19 -14.13 50.87
C ASN B 797 4.59 -14.70 49.52
N ALA B 798 4.58 -16.01 49.39
CA ALA B 798 4.81 -16.61 48.11
C ALA B 798 3.75 -16.18 47.05
N GLU B 799 2.48 -16.14 47.44
CA GLU B 799 1.43 -15.84 46.47
C GLU B 799 1.65 -14.43 45.96
N GLN B 800 2.15 -13.57 46.83
CA GLN B 800 2.36 -12.19 46.46
C GLN B 800 3.53 -12.06 45.47
N ILE B 801 4.64 -12.70 45.84
CA ILE B 801 5.74 -12.81 44.94
C ILE B 801 5.32 -13.42 43.60
N ASP B 802 4.40 -14.35 43.60
CA ASP B 802 4.03 -14.97 42.32
C ASP B 802 3.44 -13.97 41.36
N HIS B 803 2.92 -12.86 41.86
CA HIS B 803 2.35 -11.83 40.99
C HIS B 803 3.44 -11.18 40.18
N TYR B 804 4.59 -10.97 40.81
CA TYR B 804 5.69 -10.38 40.07
C TYR B 804 6.10 -11.33 38.96
N TRP B 805 6.20 -12.62 39.27
CA TRP B 805 6.65 -13.53 38.26
C TRP B 805 5.58 -13.62 37.18
N GLU B 806 4.32 -13.53 37.55
CA GLU B 806 3.28 -13.66 36.56
C GLU B 806 3.53 -12.61 35.51
N ASP B 807 3.78 -11.40 35.97
CA ASP B 807 3.90 -10.24 35.11
C ASP B 807 5.10 -10.34 34.21
N VAL B 808 6.21 -10.67 34.84
CA VAL B 808 7.50 -10.75 34.15
C VAL B 808 7.51 -11.80 33.02
N ARG B 809 6.81 -12.90 33.22
CA ARG B 809 6.79 -13.97 32.22
C ARG B 809 6.15 -13.54 30.89
N LYS B 810 5.33 -12.50 30.97
CA LYS B 810 4.86 -11.88 29.75
C LYS B 810 5.99 -11.32 28.86
N TYR B 811 7.03 -10.73 29.44
CA TYR B 811 8.17 -10.30 28.62
C TYR B 811 8.75 -11.41 27.78
N TYR B 812 8.61 -12.65 28.20
CA TYR B 812 9.28 -13.73 27.49
C TYR B 812 8.43 -14.46 26.44
N ALA B 813 7.29 -13.88 26.08
CA ALA B 813 6.40 -14.50 25.14
C ALA B 813 7.01 -15.21 23.94
N PRO B 814 7.99 -14.60 23.27
CA PRO B 814 8.69 -15.22 22.12
C PRO B 814 9.28 -16.56 22.43
N PHE B 815 9.73 -16.77 23.65
CA PHE B 815 10.29 -18.07 24.01
C PHE B 815 9.29 -19.09 24.55
N GLU B 816 8.06 -18.66 24.76
CA GLU B 816 7.08 -19.55 25.33
C GLU B 816 6.93 -20.78 24.44
N ALA B 817 6.65 -21.93 25.01
CA ALA B 817 6.61 -23.13 24.21
C ALA B 817 5.23 -23.47 23.69
N GLY B 818 4.25 -22.61 23.89
CA GLY B 818 2.92 -22.87 23.32
C GLY B 818 2.01 -23.65 24.24
N ILE B 819 0.92 -24.22 23.70
CA ILE B 819 -0.15 -24.79 24.55
C ILE B 819 0.40 -26.01 25.22
N THR B 820 0.38 -25.98 26.54
CA THR B 820 0.90 -27.04 27.34
C THR B 820 -0.25 -27.61 28.18
N SER B 821 -0.41 -28.92 28.12
CA SER B 821 -1.38 -29.66 28.94
C SER B 821 -0.70 -30.89 29.54
N PRO B 822 -1.37 -31.62 30.44
CA PRO B 822 -0.71 -32.81 30.93
C PRO B 822 -0.44 -33.83 29.84
N GLN B 823 0.67 -34.51 29.89
CA GLN B 823 1.01 -35.46 28.86
C GLN B 823 1.69 -36.67 29.50
N THR B 824 1.02 -37.81 29.44
CA THR B 824 1.53 -39.03 30.03
C THR B 824 2.38 -39.86 29.06
N GLU B 825 2.48 -39.43 27.81
CA GLU B 825 3.30 -40.11 26.86
C GLU B 825 4.74 -40.05 27.34
N VAL B 826 5.09 -39.07 28.13
CA VAL B 826 6.46 -39.07 28.65
C VAL B 826 6.79 -40.43 29.34
N TYR B 827 5.82 -41.11 29.95
CA TYR B 827 6.10 -42.39 30.54
C TYR B 827 6.57 -43.35 29.48
N MET B 828 6.01 -43.30 28.25
CA MET B 828 6.37 -44.19 27.13
C MET B 828 7.79 -43.87 26.62
N HIS B 829 8.15 -42.61 26.42
CA HIS B 829 9.43 -42.32 25.75
C HIS B 829 10.58 -41.78 26.60
N GLU B 830 10.30 -41.12 27.70
CA GLU B 830 11.30 -40.79 28.72
C GLU B 830 12.27 -39.67 28.37
N MET B 831 11.92 -38.96 27.31
CA MET B 831 12.62 -37.73 26.98
C MET B 831 12.40 -36.70 28.04
N PRO B 832 13.45 -36.12 28.56
CA PRO B 832 13.30 -34.92 29.35
C PRO B 832 12.76 -33.77 28.50
N GLY B 833 12.22 -32.75 29.15
CA GLY B 833 11.60 -31.62 28.43
C GLY B 833 12.51 -30.95 27.41
N GLY B 834 13.79 -30.80 27.76
CA GLY B 834 14.78 -30.15 26.90
C GLY B 834 15.05 -30.99 25.67
N GLN B 835 15.31 -32.26 25.87
CA GLN B 835 15.47 -33.19 24.78
C GLN B 835 14.27 -33.21 23.82
N TYR B 836 13.05 -33.13 24.31
CA TYR B 836 11.85 -33.13 23.45
C TYR B 836 11.76 -31.88 22.58
N THR B 837 12.01 -30.72 23.18
CA THR B 837 12.13 -29.46 22.45
C THR B 837 13.19 -29.54 21.34
N ASN B 838 14.41 -29.93 21.70
CA ASN B 838 15.54 -30.02 20.75
C ASN B 838 15.36 -31.04 19.68
N LEU B 839 14.59 -32.08 19.92
CA LEU B 839 14.35 -33.10 18.92
C LEU B 839 13.16 -32.73 18.04
N LYS B 840 12.28 -31.87 18.53
CA LYS B 840 11.24 -31.30 17.66
C LYS B 840 11.91 -30.32 16.66
N SER B 841 12.81 -29.45 17.16
CA SER B 841 13.70 -28.62 16.33
C SER B 841 14.41 -29.43 15.23
N GLN B 842 15.30 -30.33 15.63
CA GLN B 842 16.07 -31.17 14.70
C GLN B 842 15.20 -31.85 13.63
N ALA B 843 14.05 -32.35 14.05
CA ALA B 843 13.13 -33.02 13.13
C ALA B 843 12.55 -32.07 12.08
N ALA B 844 12.17 -30.85 12.48
CA ALA B 844 11.60 -29.85 11.55
C ALA B 844 12.67 -29.40 10.54
N ALA B 845 13.89 -29.13 11.03
CA ALA B 845 15.04 -28.72 10.22
C ALA B 845 15.57 -29.82 9.26
N VAL B 846 15.04 -31.03 9.35
CA VAL B 846 15.29 -32.08 8.35
C VAL B 846 13.93 -32.50 7.71
N GLY B 847 12.92 -31.63 7.80
CA GLY B 847 11.58 -31.85 7.22
C GLY B 847 10.86 -33.12 7.63
N LEU B 848 11.10 -33.58 8.87
CA LEU B 848 10.43 -34.76 9.44
C LEU B 848 9.46 -34.37 10.57
N GLY B 849 9.28 -33.05 10.78
CA GLY B 849 8.30 -32.51 11.73
C GLY B 849 6.91 -33.16 11.67
N HIS B 850 6.51 -33.61 10.48
CA HIS B 850 5.24 -34.33 10.26
C HIS B 850 5.20 -35.77 10.82
N ARG B 851 6.35 -36.37 11.08
CA ARG B 851 6.41 -37.77 11.50
C ARG B 851 6.98 -37.90 12.89
N PHE B 852 6.72 -36.90 13.71
CA PHE B 852 7.36 -36.86 15.02
C PHE B 852 6.83 -38.00 15.87
N ASP B 853 5.60 -38.45 15.61
CA ASP B 853 5.07 -39.60 16.31
C ASP B 853 5.96 -40.82 16.16
N GLU B 854 6.46 -41.04 14.95
CA GLU B 854 7.37 -42.16 14.71
C GLU B 854 8.74 -41.94 15.37
N ILE B 855 9.20 -40.70 15.42
CA ILE B 855 10.44 -40.37 16.10
C ILE B 855 10.42 -40.67 17.60
N LYS B 856 9.29 -40.41 18.25
CA LYS B 856 9.15 -40.70 19.67
C LYS B 856 9.19 -42.18 19.91
N GLN B 857 8.53 -42.93 19.02
CA GLN B 857 8.53 -44.40 19.10
C GLN B 857 9.92 -44.96 18.99
N MET B 858 10.76 -44.30 18.18
CA MET B 858 12.09 -44.79 17.91
C MET B 858 12.96 -44.54 19.09
N TYR B 859 12.80 -43.36 19.67
CA TYR B 859 13.50 -43.00 20.90
C TYR B 859 13.32 -44.11 21.94
N ARG B 860 12.11 -44.67 22.01
CA ARG B 860 11.86 -45.73 22.96
C ARG B 860 12.59 -47.01 22.60
N LYS B 861 12.57 -47.33 21.30
CA LYS B 861 13.22 -48.51 20.77
C LYS B 861 14.72 -48.39 20.94
N VAL B 862 15.26 -47.24 20.54
CA VAL B 862 16.68 -46.98 20.64
C VAL B 862 17.15 -47.10 22.05
N ASN B 863 16.39 -46.55 22.97
CA ASN B 863 16.77 -46.66 24.34
C ASN B 863 16.95 -48.14 24.71
N MET B 864 15.99 -48.97 24.34
CA MET B 864 16.09 -50.40 24.64
C MET B 864 17.26 -51.04 23.89
N MET B 865 17.41 -50.67 22.62
CA MET B 865 18.52 -51.16 21.80
C MET B 865 19.88 -50.95 22.46
N PHE B 866 20.06 -49.83 23.14
CA PHE B 866 21.32 -49.51 23.85
C PHE B 866 21.37 -50.08 25.27
N GLY B 867 20.45 -50.98 25.61
CA GLY B 867 20.47 -51.64 26.91
C GLY B 867 19.59 -51.02 27.99
N ASP B 868 18.76 -50.02 27.60
CA ASP B 868 17.85 -49.30 28.52
C ASP B 868 18.67 -48.41 29.46
N ILE B 869 18.94 -47.18 29.02
CA ILE B 869 19.92 -46.35 29.67
C ILE B 869 19.28 -45.15 30.34
N ILE B 870 20.06 -44.54 31.21
CA ILE B 870 19.65 -43.32 31.88
C ILE B 870 19.71 -42.18 30.90
N LYS B 871 18.56 -41.60 30.55
CA LYS B 871 18.55 -40.52 29.58
C LYS B 871 18.35 -39.15 30.23
N VAL B 872 19.46 -38.49 30.49
CA VAL B 872 19.53 -37.10 30.85
C VAL B 872 20.70 -36.46 30.08
N THR B 873 20.78 -35.14 30.02
CA THR B 873 21.89 -34.49 29.34
C THR B 873 23.29 -34.96 29.81
N PRO B 874 24.11 -35.44 28.87
CA PRO B 874 23.99 -35.52 27.43
C PRO B 874 23.71 -36.91 26.86
N SER B 875 23.49 -37.90 27.70
CA SER B 875 23.03 -39.19 27.20
C SER B 875 21.66 -39.14 26.52
N SER B 876 20.82 -38.17 26.87
CA SER B 876 19.50 -38.03 26.25
C SER B 876 19.64 -37.75 24.77
N LYS B 877 20.57 -36.83 24.47
CA LYS B 877 20.93 -36.43 23.09
C LYS B 877 21.39 -37.63 22.28
N VAL B 878 22.24 -38.46 22.87
CA VAL B 878 22.69 -39.68 22.20
C VAL B 878 21.54 -40.52 21.67
N VAL B 879 20.55 -40.79 22.49
CA VAL B 879 19.45 -41.60 22.03
C VAL B 879 18.71 -40.79 21.00
N GLY B 880 18.69 -39.47 21.22
CA GLY B 880 18.02 -38.52 20.31
C GLY B 880 18.53 -38.54 18.90
N ASP B 881 19.79 -38.20 18.78
CA ASP B 881 20.54 -38.29 17.52
C ASP B 881 20.38 -39.64 16.86
N MET B 882 20.55 -40.71 17.61
CA MET B 882 20.38 -42.04 17.02
C MET B 882 18.98 -42.30 16.47
N ALA B 883 17.94 -41.86 17.17
CA ALA B 883 16.58 -42.19 16.74
C ALA B 883 16.22 -41.41 15.48
N LEU B 884 16.82 -40.23 15.36
CA LEU B 884 16.59 -39.40 14.20
C LEU B 884 17.24 -40.11 13.02
N PHE B 885 18.56 -40.26 13.12
CA PHE B 885 19.33 -40.99 12.13
C PHE B 885 18.58 -42.23 11.62
N MET B 886 18.07 -43.07 12.50
CA MET B 886 17.38 -44.29 12.05
C MET B 886 16.13 -44.06 11.20
N ILE B 887 15.34 -43.07 11.56
CA ILE B 887 14.11 -42.75 10.83
C ILE B 887 14.51 -42.14 9.50
N GLN B 888 15.36 -41.12 9.58
CA GLN B 888 15.87 -40.38 8.42
C GLN B 888 16.34 -41.28 7.30
N ASN B 889 17.06 -42.34 7.65
CA ASN B 889 17.61 -43.30 6.70
C ASN B 889 16.76 -44.57 6.63
N ASP B 890 15.53 -44.51 7.11
CA ASP B 890 14.58 -45.59 6.93
C ASP B 890 15.02 -46.98 7.48
N LEU B 891 15.82 -47.00 8.54
CA LEU B 891 16.24 -48.28 9.12
C LEU B 891 15.57 -48.61 10.45
N THR B 892 15.24 -49.89 10.59
CA THR B 892 14.72 -50.46 11.82
C THR B 892 15.87 -50.96 12.70
N GLU B 893 15.54 -51.63 13.81
CA GLU B 893 16.54 -52.21 14.69
C GLU B 893 17.29 -53.35 14.01
N GLU B 894 16.55 -54.18 13.27
CA GLU B 894 17.14 -55.23 12.44
C GLU B 894 18.13 -54.64 11.43
N ASP B 895 17.69 -53.63 10.67
CA ASP B 895 18.55 -53.00 9.67
C ASP B 895 19.89 -52.49 10.22
N VAL B 896 19.96 -52.18 11.51
CA VAL B 896 21.20 -51.70 12.09
C VAL B 896 22.13 -52.88 12.33
N TYR B 897 21.61 -53.90 13.00
CA TYR B 897 22.40 -55.10 13.32
C TYR B 897 22.92 -55.80 12.05
N ALA B 898 22.13 -55.77 10.98
CA ALA B 898 22.55 -56.30 9.68
C ALA B 898 23.62 -55.41 9.02
N ARG B 899 23.26 -54.18 8.65
CA ARG B 899 24.09 -53.33 7.78
C ARG B 899 24.75 -52.13 8.53
N GLY B 900 25.18 -52.36 9.78
CA GLY B 900 25.74 -51.27 10.59
C GLY B 900 27.08 -50.78 10.11
N ASN B 901 27.90 -51.72 9.65
CA ASN B 901 29.28 -51.40 9.29
C ASN B 901 29.33 -50.48 8.08
N GLU B 902 28.31 -50.54 7.23
CA GLU B 902 28.26 -49.73 6.02
C GLU B 902 27.53 -48.40 6.31
N LEU B 903 27.42 -48.04 7.60
CA LEU B 903 26.75 -46.80 8.03
C LEU B 903 27.59 -45.98 8.98
N ASN B 904 27.56 -44.65 8.82
CA ASN B 904 28.20 -43.71 9.76
C ASN B 904 27.25 -43.18 10.82
N PHE B 905 27.35 -43.76 12.02
CA PHE B 905 26.50 -43.36 13.11
C PHE B 905 26.91 -42.01 13.66
N PRO B 906 25.95 -41.22 14.15
CA PRO B 906 26.23 -39.86 14.59
C PRO B 906 27.34 -39.76 15.65
N GLU B 907 28.07 -38.65 15.65
CA GLU B 907 29.21 -38.51 16.54
C GLU B 907 28.90 -38.92 18.00
N SER B 908 27.90 -38.27 18.59
CA SER B 908 27.43 -38.53 19.95
C SER B 908 27.27 -40.03 20.25
N VAL B 909 26.62 -40.74 19.32
CA VAL B 909 26.36 -42.16 19.49
C VAL B 909 27.67 -42.92 19.64
N VAL B 910 28.65 -42.52 18.83
CA VAL B 910 29.94 -43.15 18.87
C VAL B 910 30.63 -42.81 20.18
N SER B 911 30.78 -41.52 20.50
CA SER B 911 31.45 -41.12 21.78
C SER B 911 30.88 -41.90 22.95
N PHE B 912 29.57 -42.05 22.96
CA PHE B 912 28.91 -42.79 24.04
C PHE B 912 29.51 -44.20 24.17
N PHE B 913 29.47 -44.93 23.06
CA PHE B 913 29.96 -46.31 22.95
C PHE B 913 31.49 -46.47 23.01
N ARG B 914 32.24 -45.39 22.76
CA ARG B 914 33.68 -45.36 23.05
C ARG B 914 33.94 -45.20 24.56
N GLY B 915 32.88 -44.90 25.32
CA GLY B 915 32.98 -44.70 26.76
C GLY B 915 33.39 -43.29 27.11
N ASP B 916 33.18 -42.36 26.18
CA ASP B 916 33.60 -40.97 26.41
C ASP B 916 32.65 -40.29 27.38
N LEU B 917 31.46 -40.85 27.59
CA LEU B 917 30.53 -40.31 28.59
C LEU B 917 30.69 -40.97 29.92
N GLY B 918 31.52 -42.01 29.97
CA GLY B 918 31.66 -42.81 31.18
C GLY B 918 30.97 -44.13 30.91
N GLN B 919 30.83 -44.93 31.96
CA GLN B 919 30.29 -46.28 31.83
C GLN B 919 28.82 -46.39 32.24
N PRO B 920 27.98 -46.85 31.31
CA PRO B 920 26.56 -47.03 31.59
C PRO B 920 26.32 -48.19 32.53
N VAL B 921 25.21 -48.12 33.24
CA VAL B 921 24.81 -49.17 34.14
C VAL B 921 24.68 -50.48 33.40
N GLY B 922 25.46 -51.48 33.80
CA GLY B 922 25.39 -52.79 33.16
C GLY B 922 26.05 -52.82 31.77
N GLY B 923 26.92 -51.84 31.52
CA GLY B 923 27.72 -51.78 30.30
C GLY B 923 26.95 -51.80 29.01
N PHE B 924 27.66 -51.82 27.90
CA PHE B 924 27.03 -51.71 26.59
C PHE B 924 26.58 -53.08 26.08
N PRO B 925 25.69 -53.13 25.09
CA PRO B 925 25.46 -54.40 24.39
C PRO B 925 26.66 -54.66 23.48
N GLU B 926 27.22 -55.86 23.56
CA GLU B 926 28.52 -56.08 22.95
C GLU B 926 28.58 -56.06 21.41
N LYS B 927 27.68 -56.79 20.74
CA LYS B 927 27.72 -56.84 19.27
C LYS B 927 27.58 -55.46 18.72
N LEU B 928 26.56 -54.76 19.22
CA LEU B 928 26.26 -53.43 18.73
C LEU B 928 27.42 -52.45 18.96
N GLN B 929 28.13 -52.60 20.08
CA GLN B 929 29.28 -51.74 20.36
C GLN B 929 30.35 -51.82 19.26
N LYS B 930 30.73 -53.05 18.91
CA LYS B 930 31.70 -53.28 17.82
C LYS B 930 31.24 -52.64 16.52
N ILE B 931 29.97 -52.88 16.17
CA ILE B 931 29.37 -52.32 14.97
C ILE B 931 29.47 -50.77 14.92
N ILE B 932 29.17 -50.12 16.05
CA ILE B 932 29.13 -48.66 16.07
C ILE B 932 30.51 -48.07 16.21
N VAL B 933 31.34 -48.70 17.04
CA VAL B 933 32.67 -48.18 17.33
C VAL B 933 33.62 -48.38 16.15
N LYS B 934 33.56 -49.59 15.55
CA LYS B 934 34.41 -49.97 14.42
C LYS B 934 35.88 -50.01 14.87
N ASP B 935 36.72 -49.22 14.20
CA ASP B 935 38.15 -49.20 14.46
C ASP B 935 38.48 -48.41 15.73
N LYS B 936 37.62 -47.47 16.09
CA LYS B 936 37.98 -46.43 17.05
C LYS B 936 38.38 -46.98 18.45
N ALA B 937 39.07 -46.14 19.22
CA ALA B 937 39.67 -46.54 20.49
C ALA B 937 38.69 -46.43 21.68
N VAL B 938 38.14 -47.56 22.11
CA VAL B 938 37.26 -47.60 23.28
C VAL B 938 38.04 -47.43 24.57
N ILE B 939 37.64 -46.49 25.43
CA ILE B 939 38.11 -46.51 26.82
C ILE B 939 37.04 -47.12 27.74
N THR B 940 37.48 -47.56 28.92
CA THR B 940 36.54 -48.09 29.92
C THR B 940 36.85 -47.60 31.32
N ASP B 941 37.62 -46.53 31.42
CA ASP B 941 37.80 -45.87 32.69
C ASP B 941 37.26 -44.44 32.55
N ARG B 942 37.62 -43.63 33.53
CA ARG B 942 37.09 -42.31 33.67
C ARG B 942 37.73 -41.39 32.61
N PRO B 943 36.93 -40.88 31.66
CA PRO B 943 37.53 -40.05 30.64
C PRO B 943 38.37 -38.87 31.16
N GLY B 944 38.11 -38.39 32.38
CA GLY B 944 38.87 -37.25 32.91
C GLY B 944 40.33 -37.57 33.14
N LEU B 945 40.62 -38.86 33.32
CA LEU B 945 42.01 -39.35 33.43
C LEU B 945 42.76 -39.11 32.11
N HIS B 946 42.05 -39.19 30.98
CA HIS B 946 42.62 -39.01 29.66
C HIS B 946 42.61 -37.53 29.26
N ALA B 947 42.37 -36.63 30.18
CA ALA B 947 42.15 -35.26 29.74
C ALA B 947 43.47 -34.52 29.60
N GLU B 948 43.65 -33.90 28.42
CA GLU B 948 44.72 -32.92 28.16
C GLU B 948 45.01 -32.05 29.36
N LYS B 949 46.17 -32.25 29.99
CA LYS B 949 46.55 -31.55 31.21
C LYS B 949 46.42 -30.03 30.97
N VAL B 950 46.08 -29.27 32.00
CA VAL B 950 45.81 -27.83 31.81
C VAL B 950 46.49 -27.01 32.89
N ASP B 951 47.10 -25.91 32.46
CA ASP B 951 47.85 -25.03 33.34
C ASP B 951 47.15 -23.69 33.41
N PHE B 952 46.84 -23.23 34.63
CA PHE B 952 46.15 -21.95 34.82
C PHE B 952 46.97 -20.71 34.47
N GLU B 953 48.28 -20.77 34.68
CA GLU B 953 49.17 -19.64 34.35
C GLU B 953 49.24 -19.47 32.82
N THR B 954 49.51 -20.58 32.11
CA THR B 954 49.56 -20.64 30.65
C THR B 954 48.33 -20.01 30.03
N VAL B 955 47.18 -20.48 30.50
CA VAL B 955 45.88 -20.08 30.00
C VAL B 955 45.56 -18.65 30.43
N LYS B 956 45.73 -18.34 31.71
CA LYS B 956 45.53 -16.95 32.15
C LYS B 956 46.30 -15.89 31.32
N ALA B 957 47.58 -16.14 31.05
CA ALA B 957 48.40 -15.24 30.25
C ALA B 957 47.85 -15.19 28.81
N ASP B 958 47.74 -16.35 28.19
CA ASP B 958 47.15 -16.49 26.86
C ASP B 958 45.83 -15.73 26.71
N LEU B 959 45.00 -15.74 27.74
CA LEU B 959 43.69 -15.09 27.68
C LEU B 959 43.86 -13.58 27.79
N GLU B 960 44.72 -13.14 28.72
CA GLU B 960 44.95 -11.71 28.94
C GLU B 960 45.28 -11.00 27.62
N GLN B 961 46.07 -11.69 26.81
CA GLN B 961 46.44 -11.19 25.48
C GLN B 961 45.17 -11.14 24.62
N LYS B 962 44.35 -12.17 24.65
CA LYS B 962 43.16 -12.25 23.78
C LYS B 962 42.04 -11.28 24.08
N ILE B 963 41.91 -10.80 25.31
CA ILE B 963 40.84 -9.85 25.66
C ILE B 963 41.38 -8.47 26.04
N GLY B 964 42.68 -8.41 26.36
CA GLY B 964 43.33 -7.15 26.66
C GLY B 964 43.10 -6.61 28.06
N TYR B 965 43.04 -7.49 29.05
CA TYR B 965 43.16 -7.07 30.47
C TYR B 965 43.41 -8.33 31.26
N GLU B 966 43.71 -8.16 32.53
CA GLU B 966 44.03 -9.30 33.40
C GLU B 966 42.68 -9.94 33.80
N PRO B 967 42.45 -11.21 33.39
CA PRO B 967 41.21 -11.87 33.73
C PRO B 967 41.22 -12.40 35.16
N GLY B 968 40.14 -12.17 35.90
CA GLY B 968 39.94 -12.81 37.20
C GLY B 968 39.81 -14.33 37.05
N ASP B 969 39.96 -15.02 38.19
CA ASP B 969 39.99 -16.46 38.16
C ASP B 969 38.75 -17.07 37.50
N HIS B 970 37.63 -16.38 37.65
CA HIS B 970 36.37 -16.82 37.10
C HIS B 970 36.25 -16.69 35.60
N GLU B 971 36.80 -15.61 35.09
CA GLU B 971 36.94 -15.46 33.66
C GLU B 971 37.79 -16.60 33.11
N VAL B 972 38.89 -16.90 33.80
CA VAL B 972 39.83 -17.94 33.32
C VAL B 972 39.07 -19.22 33.11
N ILE B 973 38.40 -19.61 34.17
CA ILE B 973 37.69 -20.89 34.21
C ILE B 973 36.51 -20.92 33.22
N SER B 974 35.79 -19.78 33.08
CA SER B 974 34.72 -19.70 32.08
C SER B 974 35.33 -19.99 30.73
N TYR B 975 36.52 -19.43 30.52
CA TYR B 975 37.23 -19.56 29.25
C TYR B 975 37.59 -21.04 29.01
N ILE B 976 38.07 -21.71 30.04
CA ILE B 976 38.40 -23.12 29.95
C ILE B 976 37.16 -23.95 29.67
N MET B 977 36.04 -23.61 30.29
CA MET B 977 34.78 -24.36 30.13
C MET B 977 34.21 -24.18 28.74
N TYR B 978 34.12 -22.93 28.31
CA TYR B 978 33.47 -22.54 27.07
C TYR B 978 34.30 -21.49 26.34
N PRO B 979 35.33 -21.94 25.59
CA PRO B 979 36.33 -20.99 25.08
C PRO B 979 35.77 -20.10 23.98
N GLN B 980 35.18 -20.70 22.96
CA GLN B 980 34.62 -19.91 21.88
C GLN B 980 33.56 -18.95 22.43
N VAL B 981 32.62 -19.49 23.20
CA VAL B 981 31.52 -18.70 23.70
C VAL B 981 31.96 -17.53 24.56
N PHE B 982 32.97 -17.75 25.38
CA PHE B 982 33.52 -16.67 26.20
C PHE B 982 34.15 -15.55 25.40
N LEU B 983 34.82 -15.90 24.29
CA LEU B 983 35.46 -14.87 23.43
C LEU B 983 34.38 -14.10 22.67
N ASP B 984 33.41 -14.81 22.09
CA ASP B 984 32.23 -14.16 21.48
C ASP B 984 31.52 -13.21 22.44
N TYR B 985 31.44 -13.61 23.71
CA TYR B 985 30.76 -12.80 24.71
C TYR B 985 31.56 -11.53 24.85
N GLN B 986 32.88 -11.64 24.76
CA GLN B 986 33.73 -10.45 24.92
C GLN B 986 33.59 -9.51 23.72
N LYS B 987 33.51 -10.02 22.48
CA LYS B 987 33.16 -9.18 21.31
C LYS B 987 31.86 -8.41 21.55
N MET B 988 30.80 -9.14 21.89
CA MET B 988 29.51 -8.54 22.18
C MET B 988 29.62 -7.42 23.24
N GLN B 989 30.43 -7.65 24.25
CA GLN B 989 30.59 -6.70 25.31
C GLN B 989 31.29 -5.47 24.79
N ARG B 990 32.30 -5.69 23.95
CA ARG B 990 33.09 -4.60 23.39
C ARG B 990 32.18 -3.78 22.48
N GLU B 991 31.41 -4.47 21.64
CA GLU B 991 30.48 -3.80 20.72
C GLU B 991 29.28 -3.18 21.38
N PHE B 992 28.68 -3.84 22.37
CA PHE B 992 27.36 -3.42 22.89
C PHE B 992 27.29 -3.01 24.34
N GLY B 993 28.28 -3.40 25.11
CA GLY B 993 28.27 -3.09 26.53
C GLY B 993 27.40 -3.99 27.40
N ALA B 994 26.98 -3.42 28.53
CA ALA B 994 26.17 -4.07 29.54
C ALA B 994 24.69 -4.01 29.20
N VAL B 995 24.30 -4.75 28.17
CA VAL B 995 22.90 -4.93 27.81
C VAL B 995 22.07 -5.54 28.97
N THR B 996 22.74 -6.25 29.88
CA THR B 996 22.14 -6.76 31.13
C THR B 996 21.22 -5.82 31.86
N LEU B 997 21.48 -4.52 31.70
CA LEU B 997 20.82 -3.52 32.48
C LEU B 997 19.49 -3.08 31.88
N LEU B 998 19.24 -3.52 30.67
CA LEU B 998 18.02 -3.11 29.97
C LEU B 998 16.80 -3.91 30.39
N ASP B 999 15.64 -3.26 30.45
CA ASP B 999 14.43 -4.04 30.70
C ASP B 999 14.31 -5.06 29.59
N THR B 1000 13.66 -6.17 29.89
CA THR B 1000 13.60 -7.26 28.95
C THR B 1000 12.90 -6.93 27.62
N PRO B 1001 11.79 -6.17 27.67
CA PRO B 1001 11.10 -5.85 26.41
C PRO B 1001 11.96 -4.98 25.52
N THR B 1002 12.66 -4.02 26.13
CA THR B 1002 13.65 -3.23 25.45
C THR B 1002 14.74 -4.15 24.92
N PHE B 1003 15.38 -4.89 25.81
CA PHE B 1003 16.48 -5.77 25.41
C PHE B 1003 16.13 -6.68 24.24
N LEU B 1004 14.85 -6.98 24.07
CA LEU B 1004 14.45 -7.92 23.02
C LEU B 1004 13.82 -7.27 21.79
N HIS B 1005 13.28 -6.07 21.96
CA HIS B 1005 12.57 -5.38 20.89
C HIS B 1005 13.07 -3.95 20.57
N GLY B 1006 14.11 -3.49 21.24
CA GLY B 1006 14.61 -2.12 21.03
C GLY B 1006 13.60 -1.10 21.49
N MET B 1007 13.42 -0.01 20.72
CA MET B 1007 12.48 1.05 21.11
C MET B 1007 11.48 1.39 20.03
N ARG B 1008 10.43 2.05 20.47
CA ARG B 1008 9.34 2.49 19.63
C ARG B 1008 9.59 3.96 19.42
N LEU B 1009 9.14 4.46 18.27
CA LEU B 1009 9.22 5.90 17.97
C LEU B 1009 8.63 6.64 19.15
N ASN B 1010 9.28 7.70 19.60
CA ASN B 1010 8.82 8.56 20.71
C ASN B 1010 8.84 7.98 22.08
N GLU B 1011 9.37 6.77 22.21
CA GLU B 1011 9.48 6.11 23.52
C GLU B 1011 10.62 6.69 24.39
N LYS B 1012 10.38 6.75 25.68
CA LYS B 1012 11.36 7.24 26.63
C LYS B 1012 11.69 6.07 27.56
N ILE B 1013 12.95 5.95 27.97
CA ILE B 1013 13.38 4.87 28.93
C ILE B 1013 14.49 5.39 29.81
N GLU B 1014 14.63 4.84 31.03
CA GLU B 1014 15.75 5.17 31.91
C GLU B 1014 16.42 3.87 32.22
N VAL B 1015 17.74 3.86 32.09
CA VAL B 1015 18.51 2.68 32.35
C VAL B 1015 19.35 3.05 33.53
N GLN B 1016 19.25 2.29 34.63
CA GLN B 1016 20.04 2.55 35.83
C GLN B 1016 21.36 1.88 35.60
N ILE B 1017 22.46 2.57 35.83
CA ILE B 1017 23.77 1.94 35.64
C ILE B 1017 24.49 1.80 36.94
N GLU B 1018 24.40 2.81 37.78
CA GLU B 1018 24.84 2.70 39.18
C GLU B 1018 23.77 3.33 40.04
N LYS B 1019 23.97 3.36 41.35
CA LYS B 1019 23.03 4.06 42.19
C LYS B 1019 23.29 5.52 41.85
N GLY B 1020 22.25 6.24 41.45
CA GLY B 1020 22.38 7.68 41.13
C GLY B 1020 23.02 8.08 39.80
N LYS B 1021 23.24 7.08 38.92
CA LYS B 1021 23.60 7.33 37.54
C LYS B 1021 22.63 6.64 36.59
N THR B 1022 21.98 7.41 35.74
CA THR B 1022 20.99 6.83 34.86
C THR B 1022 20.98 7.48 33.44
N LEU B 1023 20.88 6.64 32.42
CA LEU B 1023 20.76 7.06 31.06
C LEU B 1023 19.32 7.28 30.73
N SER B 1024 18.91 8.55 30.52
CA SER B 1024 17.58 8.82 29.98
C SER B 1024 17.64 8.83 28.48
N ILE B 1025 16.87 7.95 27.86
CA ILE B 1025 16.94 7.77 26.42
C ILE B 1025 15.56 7.91 25.79
N ARG B 1026 15.32 9.04 25.11
CA ARG B 1026 14.19 9.16 24.16
C ARG B 1026 14.65 8.82 22.73
N LEU B 1027 13.75 8.26 21.93
CA LEU B 1027 13.99 8.00 20.50
C LEU B 1027 13.00 8.86 19.75
N ASP B 1028 13.50 9.59 18.76
CA ASP B 1028 12.71 10.64 18.11
C ASP B 1028 12.47 10.42 16.63
N GLU B 1029 13.42 9.82 15.93
CA GLU B 1029 13.15 9.49 14.54
C GLU B 1029 14.05 8.40 14.08
N ILE B 1030 13.55 7.74 13.05
CA ILE B 1030 14.26 6.69 12.41
C ILE B 1030 14.39 7.08 10.95
N GLY B 1031 15.62 7.27 10.50
CA GLY B 1031 15.86 7.67 9.16
C GLY B 1031 15.60 6.55 8.22
N GLU B 1032 15.25 6.91 6.98
CA GLU B 1032 15.26 6.00 5.84
C GLU B 1032 16.68 5.58 5.56
N PRO B 1033 16.83 4.44 4.86
CA PRO B 1033 18.20 3.99 4.63
C PRO B 1033 18.79 4.74 3.47
N ASP B 1034 20.11 4.79 3.45
CA ASP B 1034 20.77 5.42 2.35
C ASP B 1034 21.06 4.31 1.31
N LEU B 1035 21.96 4.60 0.37
CA LEU B 1035 22.42 3.65 -0.66
C LEU B 1035 23.23 2.48 -0.09
N ALA B 1036 24.00 2.75 0.97
CA ALA B 1036 24.84 1.71 1.61
C ALA B 1036 24.05 0.81 2.60
N GLY B 1037 22.71 0.96 2.65
CA GLY B 1037 21.83 0.23 3.60
C GLY B 1037 22.06 0.64 5.04
N ASN B 1038 22.13 1.95 5.28
CA ASN B 1038 22.35 2.53 6.61
C ASN B 1038 21.23 3.47 6.95
N ARG B 1039 20.93 3.55 8.24
CA ARG B 1039 19.93 4.45 8.73
C ARG B 1039 20.53 5.26 9.84
N VAL B 1040 19.87 6.37 10.14
CA VAL B 1040 20.33 7.25 11.17
C VAL B 1040 19.21 7.37 12.12
N LEU B 1041 19.45 6.96 13.36
CA LEU B 1041 18.44 7.06 14.40
C LEU B 1041 18.77 8.28 15.25
N PHE B 1042 17.70 8.98 15.64
CA PHE B 1042 17.84 10.27 16.29
C PHE B 1042 17.35 10.19 17.72
N PHE B 1043 18.29 10.05 18.65
CA PHE B 1043 17.97 9.90 20.06
C PHE B 1043 18.26 11.20 20.81
N ASN B 1044 17.57 11.37 21.94
CA ASN B 1044 17.98 12.30 22.94
C ASN B 1044 18.47 11.51 24.16
N LEU B 1045 19.77 11.40 24.32
CA LEU B 1045 20.35 10.79 25.52
C LEU B 1045 20.84 11.80 26.56
N ASN B 1046 20.04 12.00 27.61
CA ASN B 1046 20.38 12.96 28.69
C ASN B 1046 20.34 14.37 28.23
N GLY B 1047 19.32 14.69 27.44
CA GLY B 1047 19.16 16.03 26.93
C GLY B 1047 20.13 16.44 25.83
N GLN B 1048 20.80 15.49 25.18
CA GLN B 1048 21.68 15.78 24.05
C GLN B 1048 21.13 15.06 22.84
N ARG B 1049 21.02 15.74 21.69
CA ARG B 1049 20.69 15.00 20.47
C ARG B 1049 21.80 14.02 20.23
N ARG B 1050 21.49 12.91 19.59
CA ARG B 1050 22.50 11.93 19.28
C ARG B 1050 22.06 11.26 18.03
N GLU B 1051 22.98 11.22 17.07
CA GLU B 1051 22.67 10.66 15.78
C GLU B 1051 23.42 9.34 15.74
N VAL B 1052 22.73 8.26 15.39
CA VAL B 1052 23.39 6.96 15.40
C VAL B 1052 23.12 6.21 14.14
N VAL B 1053 24.22 5.80 13.51
CA VAL B 1053 24.19 5.14 12.23
C VAL B 1053 24.13 3.67 12.52
N ILE B 1054 23.17 3.00 11.91
CA ILE B 1054 23.06 1.55 12.03
C ILE B 1054 22.73 0.89 10.68
N ASN B 1055 23.40 -0.22 10.39
CA ASN B 1055 23.16 -0.95 9.16
C ASN B 1055 21.81 -1.66 9.16
N ASP B 1056 20.83 -1.14 8.45
CA ASP B 1056 19.61 -1.92 8.18
C ASP B 1056 19.98 -3.14 7.30
N GLN B 1057 19.65 -4.35 7.76
CA GLN B 1057 20.16 -5.57 7.13
C GLN B 1057 19.27 -6.11 5.99
N SER B 1058 18.09 -5.52 5.77
CA SER B 1058 17.33 -5.68 4.50
C SER B 1058 17.33 -4.41 3.60
N MET C 7 35.70 16.58 54.72
CA MET C 7 34.65 16.80 53.66
C MET C 7 35.00 16.11 52.33
N LYS C 8 34.25 15.07 51.98
CA LYS C 8 34.48 14.32 50.74
C LYS C 8 33.41 14.57 49.66
N LYS C 9 32.18 14.91 50.07
CA LYS C 9 31.06 14.89 49.16
C LYS C 9 30.09 16.04 49.42
N LEU C 10 29.54 16.60 48.35
CA LEU C 10 28.68 17.77 48.48
C LEU C 10 27.47 17.70 47.59
N LEU C 11 26.35 18.09 48.19
CA LEU C 11 25.07 18.09 47.52
C LEU C 11 24.63 19.54 47.28
N VAL C 12 24.20 19.83 46.06
CA VAL C 12 23.69 21.14 45.77
C VAL C 12 22.19 21.12 45.77
N ALA C 13 21.60 21.85 46.72
CA ALA C 13 20.16 21.94 46.90
C ALA C 13 19.62 23.06 46.04
N ASN C 14 19.85 22.86 44.75
CA ASN C 14 19.56 23.83 43.70
C ASN C 14 19.72 23.19 42.32
N ARG C 15 19.59 24.02 41.28
CA ARG C 15 19.59 23.58 39.89
C ARG C 15 20.25 24.58 38.94
N GLY C 16 20.34 24.18 37.67
CA GLY C 16 20.75 25.07 36.60
C GLY C 16 22.13 25.70 36.73
N GLU C 17 22.25 26.98 36.38
CA GLU C 17 23.61 27.51 36.25
C GLU C 17 24.38 27.37 37.55
N ILE C 18 23.72 27.72 38.65
CA ILE C 18 24.41 27.85 39.96
C ILE C 18 24.76 26.50 40.54
N ALA C 19 23.95 25.49 40.23
CA ALA C 19 24.32 24.14 40.56
C ALA C 19 25.61 23.72 39.85
N VAL C 20 25.72 24.10 38.57
CA VAL C 20 26.87 23.72 37.78
C VAL C 20 28.08 24.53 38.20
N ARG C 21 27.81 25.79 38.58
CA ARG C 21 28.90 26.63 39.07
C ARG C 21 29.57 25.95 40.23
N VAL C 22 28.73 25.37 41.12
CA VAL C 22 29.23 24.85 42.37
C VAL C 22 29.95 23.56 42.10
N PHE C 23 29.34 22.66 41.33
CA PHE C 23 30.00 21.39 40.99
C PHE C 23 31.40 21.62 40.49
N ARG C 24 31.56 22.68 39.70
CA ARG C 24 32.85 23.03 39.16
C ARG C 24 33.81 23.36 40.29
N ALA C 25 33.39 24.28 41.16
CA ALA C 25 34.18 24.63 42.31
C ALA C 25 34.51 23.36 43.11
N CYS C 26 33.51 22.50 43.33
CA CYS C 26 33.73 21.26 44.08
C CYS C 26 34.78 20.42 43.40
N ASN C 27 34.58 20.21 42.11
CA ASN C 27 35.47 19.36 41.37
C ASN C 27 36.93 19.80 41.50
N GLU C 28 37.15 21.11 41.37
CA GLU C 28 38.48 21.70 41.52
C GLU C 28 39.06 21.44 42.91
N LEU C 29 38.21 21.32 43.94
CA LEU C 29 38.67 21.02 45.30
C LEU C 29 38.63 19.51 45.60
N GLY C 30 38.59 18.69 44.56
CA GLY C 30 38.54 17.26 44.72
C GLY C 30 37.32 16.74 45.47
N LEU C 31 36.20 17.43 45.41
CA LEU C 31 34.97 16.93 46.08
C LEU C 31 34.09 16.19 45.09
N SER C 32 33.53 15.08 45.54
CA SER C 32 32.50 14.38 44.80
C SER C 32 31.23 15.23 44.84
N THR C 33 30.34 15.07 43.87
CA THR C 33 29.16 15.93 43.79
C THR C 33 27.88 15.12 43.77
N VAL C 34 26.81 15.75 44.22
CA VAL C 34 25.49 15.11 44.25
C VAL C 34 24.46 16.16 43.89
N ALA C 35 23.60 15.82 42.96
CA ALA C 35 22.65 16.78 42.45
C ALA C 35 21.27 16.27 42.71
N VAL C 36 20.33 17.21 42.81
CA VAL C 36 18.93 16.84 42.97
C VAL C 36 18.10 17.49 41.87
N TYR C 37 17.03 16.82 41.46
CA TYR C 37 16.24 17.29 40.36
C TYR C 37 14.79 16.90 40.45
N ALA C 38 13.88 17.84 40.16
CA ALA C 38 12.45 17.56 40.02
C ALA C 38 12.17 16.71 38.76
N ARG C 39 10.97 16.14 38.61
CA ARG C 39 10.68 15.33 37.43
C ARG C 39 10.70 16.27 36.23
N GLU C 40 10.13 17.45 36.43
CA GLU C 40 9.91 18.38 35.34
C GLU C 40 11.22 18.94 34.83
N ASP C 41 12.29 18.72 35.59
CA ASP C 41 13.62 19.26 35.34
C ASP C 41 14.54 18.13 34.96
N GLU C 42 13.95 17.01 34.51
CA GLU C 42 14.74 15.80 34.29
C GLU C 42 15.76 15.97 33.18
N TYR C 43 15.57 17.02 32.38
CA TYR C 43 16.40 17.24 31.21
C TYR C 43 17.40 18.36 31.45
N SER C 44 17.51 18.81 32.69
CA SER C 44 18.40 19.92 33.03
C SER C 44 19.85 19.48 32.98
N VAL C 45 20.75 20.32 32.52
CA VAL C 45 22.17 19.98 32.44
C VAL C 45 22.71 19.56 33.79
N HIS C 46 22.36 20.33 34.82
CA HIS C 46 23.01 20.17 36.10
C HIS C 46 22.83 18.77 36.67
N ARG C 47 21.68 18.15 36.38
CA ARG C 47 21.45 16.73 36.72
C ARG C 47 22.55 15.80 36.27
N PHE C 48 23.13 16.04 35.10
CA PHE C 48 24.14 15.11 34.57
C PHE C 48 25.51 15.63 34.75
N LYS C 49 25.66 16.90 35.17
CA LYS C 49 27.01 17.43 35.43
C LYS C 49 27.59 16.95 36.74
N ALA C 50 26.78 16.28 37.56
CA ALA C 50 27.26 15.83 38.87
C ALA C 50 27.68 14.39 38.81
N ASP C 51 28.48 13.98 39.79
CA ASP C 51 28.90 12.56 39.97
C ASP C 51 27.72 11.61 40.24
N GLU C 52 26.67 12.07 40.92
CA GLU C 52 25.45 11.30 41.03
C GLU C 52 24.25 12.21 41.31
N SER C 53 23.08 11.78 40.88
CA SER C 53 21.93 12.66 40.95
C SER C 53 20.71 11.87 41.35
N TYR C 54 19.78 12.53 42.07
CA TYR C 54 18.65 11.86 42.72
C TYR C 54 17.38 12.65 42.59
N LEU C 55 16.33 11.97 42.10
CA LEU C 55 14.99 12.57 41.96
C LEU C 55 14.51 13.09 43.31
N ILE C 56 13.81 14.23 43.33
CA ILE C 56 13.14 14.69 44.57
C ILE C 56 11.73 15.26 44.34
N GLY C 57 11.02 15.44 45.45
CA GLY C 57 9.74 16.10 45.48
C GLY C 57 8.64 15.28 44.86
N GLN C 58 8.93 14.00 44.63
CA GLN C 58 8.01 13.15 43.88
C GLN C 58 6.52 13.52 44.05
N GLY C 59 5.78 13.54 42.95
CA GLY C 59 4.37 13.90 42.99
C GLY C 59 4.07 15.38 43.18
N LYS C 60 5.00 16.16 43.73
CA LYS C 60 4.77 17.63 43.95
C LYS C 60 4.82 18.51 42.68
N LYS C 61 4.47 19.78 42.84
CA LYS C 61 4.80 20.79 41.82
C LYS C 61 6.32 20.99 41.82
N PRO C 62 6.87 21.37 40.66
CA PRO C 62 8.33 21.38 40.51
C PRO C 62 9.05 22.35 41.42
N ILE C 63 8.51 23.55 41.62
CA ILE C 63 9.21 24.52 42.49
C ILE C 63 9.14 24.04 43.94
N ASP C 64 7.99 23.48 44.33
CA ASP C 64 7.77 22.92 45.67
C ASP C 64 8.81 21.87 45.99
N ALA C 65 9.13 21.01 45.00
CA ALA C 65 10.15 19.96 45.14
C ALA C 65 11.52 20.53 45.53
N TYR C 66 11.94 21.64 44.93
CA TYR C 66 13.24 22.25 45.27
C TYR C 66 13.19 22.94 46.63
N LEU C 67 11.95 23.05 47.17
CA LEU C 67 11.67 23.57 48.52
C LEU C 67 11.38 22.49 49.60
N ASP C 68 11.24 21.23 49.17
CA ASP C 68 10.94 20.08 50.06
C ASP C 68 12.14 19.72 50.97
N ILE C 69 12.33 20.55 51.99
CA ILE C 69 13.44 20.44 52.93
C ILE C 69 13.76 19.02 53.40
N ASP C 70 12.73 18.28 53.77
CA ASP C 70 12.94 16.94 54.30
C ASP C 70 13.50 16.04 53.23
N ASP C 71 12.80 15.98 52.09
CA ASP C 71 13.18 15.06 51.01
C ASP C 71 14.62 15.30 50.52
N ILE C 72 15.05 16.56 50.54
CA ILE C 72 16.44 16.91 50.17
C ILE C 72 17.43 16.21 51.12
N ILE C 73 17.15 16.34 52.40
CA ILE C 73 18.05 15.83 53.40
C ILE C 73 18.04 14.29 53.37
N ARG C 74 16.85 13.71 53.21
CA ARG C 74 16.71 12.26 52.97
C ARG C 74 17.78 11.81 51.99
N VAL C 75 17.89 12.56 50.89
CA VAL C 75 18.82 12.28 49.80
C VAL C 75 20.26 12.56 50.20
N ALA C 76 20.48 13.72 50.80
CA ALA C 76 21.79 14.09 51.34
C ALA C 76 22.39 12.95 52.15
N LEU C 77 21.52 12.27 52.90
CA LEU C 77 21.94 11.23 53.82
C LEU C 77 22.12 9.89 53.13
N GLU C 78 21.08 9.40 52.45
CA GLU C 78 21.21 8.12 51.67
C GLU C 78 22.38 8.16 50.64
N SER C 79 22.74 9.37 50.19
CA SER C 79 23.85 9.55 49.28
C SER C 79 25.22 9.52 49.96
N GLY C 80 25.27 9.95 51.21
CA GLY C 80 26.53 10.01 51.95
C GLY C 80 27.15 11.38 51.97
N ALA C 81 26.36 12.42 51.78
CA ALA C 81 26.93 13.75 51.61
C ALA C 81 27.36 14.34 52.96
N ASP C 82 28.50 15.03 52.99
CA ASP C 82 28.99 15.68 54.22
C ASP C 82 28.50 17.10 54.30
N ALA C 83 28.10 17.66 53.16
CA ALA C 83 27.71 19.07 53.10
C ALA C 83 26.63 19.35 52.07
N ILE C 84 25.96 20.48 52.22
CA ILE C 84 24.96 20.95 51.28
C ILE C 84 25.21 22.39 50.90
N HIS C 85 25.35 22.66 49.60
CA HIS C 85 25.39 24.04 49.11
C HIS C 85 24.00 24.43 48.64
N PRO C 86 23.47 25.53 49.16
CA PRO C 86 22.08 25.89 48.87
C PRO C 86 21.95 26.62 47.55
N GLY C 87 23.01 27.34 47.18
CA GLY C 87 23.07 28.07 45.94
C GLY C 87 22.59 29.49 46.18
N TYR C 88 21.63 29.93 45.37
CA TYR C 88 20.94 31.19 45.55
C TYR C 88 19.45 30.99 45.25
N GLY C 89 18.58 31.89 45.73
CA GLY C 89 17.13 31.70 45.69
C GLY C 89 16.74 30.45 46.45
N LEU C 90 15.64 29.82 46.06
CA LEU C 90 15.10 28.63 46.76
C LEU C 90 15.27 28.63 48.29
N LEU C 91 16.01 27.68 48.84
CA LEU C 91 16.14 27.54 50.28
C LEU C 91 17.38 28.21 50.83
N SER C 92 18.14 28.89 50.00
CA SER C 92 19.45 29.39 50.44
C SER C 92 19.41 30.41 51.60
N GLU C 93 18.29 31.14 51.72
CA GLU C 93 18.08 32.14 52.79
C GLU C 93 17.15 31.63 53.93
N ASN C 94 16.65 30.41 53.77
CA ASN C 94 15.68 29.80 54.69
C ASN C 94 16.30 29.24 55.97
N LEU C 95 15.79 29.71 57.10
CA LEU C 95 16.28 29.32 58.42
C LEU C 95 15.89 27.90 58.79
N GLU C 96 14.61 27.57 58.62
CA GLU C 96 14.17 26.20 58.90
C GLU C 96 15.11 25.18 58.25
N PHE C 97 15.51 25.44 57.00
CA PHE C 97 16.38 24.53 56.23
C PHE C 97 17.78 24.49 56.82
N ALA C 98 18.36 25.65 57.05
CA ALA C 98 19.72 25.72 57.54
C ALA C 98 19.82 25.02 58.89
N THR C 99 18.78 25.20 59.70
CA THR C 99 18.70 24.60 61.03
C THR C 99 18.58 23.09 60.94
N LYS C 100 17.58 22.60 60.20
CA LYS C 100 17.39 21.17 60.01
C LYS C 100 18.61 20.45 59.37
N VAL C 101 19.40 21.17 58.57
CA VAL C 101 20.57 20.57 57.89
C VAL C 101 21.66 20.36 58.91
N ARG C 102 21.94 21.41 59.67
CA ARG C 102 22.95 21.33 60.71
C ARG C 102 22.49 20.32 61.75
N ALA C 103 21.19 20.39 62.07
CA ALA C 103 20.50 19.42 62.94
C ALA C 103 20.73 17.94 62.59
N ALA C 104 20.76 17.60 61.32
CA ALA C 104 21.10 16.23 60.93
C ALA C 104 22.63 15.99 60.73
N GLY C 105 23.48 16.85 61.31
CA GLY C 105 24.94 16.64 61.31
C GLY C 105 25.61 16.81 59.96
N LEU C 106 25.07 17.72 59.14
CA LEU C 106 25.54 18.02 57.78
C LEU C 106 26.00 19.46 57.76
N VAL C 107 27.02 19.76 56.95
CA VAL C 107 27.51 21.14 56.81
C VAL C 107 26.58 21.86 55.85
N PHE C 108 25.99 22.95 56.28
CA PHE C 108 25.28 23.85 55.39
C PHE C 108 26.28 24.96 54.99
N VAL C 109 26.67 25.00 53.71
CA VAL C 109 27.60 26.03 53.22
C VAL C 109 26.89 27.39 53.19
N GLY C 110 27.14 28.19 54.21
CA GLY C 110 26.45 29.47 54.39
C GLY C 110 26.81 30.11 55.71
N PRO C 111 26.08 31.17 56.09
CA PRO C 111 26.39 31.82 57.35
C PRO C 111 25.66 31.16 58.54
N GLU C 112 25.87 31.71 59.73
CA GLU C 112 25.30 31.18 60.99
C GLU C 112 23.82 31.43 61.05
N LEU C 113 23.10 30.47 61.64
CA LEU C 113 21.62 30.54 61.82
C LEU C 113 21.17 31.89 62.40
N HIS C 114 22.03 32.49 63.24
CA HIS C 114 21.78 33.84 63.77
C HIS C 114 21.60 34.80 62.60
N HIS C 115 22.55 34.73 61.66
CA HIS C 115 22.60 35.63 60.51
C HIS C 115 21.39 35.48 59.58
N LEU C 116 21.01 34.24 59.31
CA LEU C 116 19.80 33.97 58.52
C LEU C 116 18.57 34.59 59.17
N ASP C 117 18.42 34.36 60.48
CA ASP C 117 17.33 34.88 61.29
C ASP C 117 17.26 36.42 61.24
N ILE C 118 18.32 37.08 61.71
CA ILE C 118 18.32 38.55 61.81
C ILE C 118 18.17 39.23 60.44
N PHE C 119 18.80 38.67 59.40
CA PHE C 119 18.78 39.30 58.06
C PHE C 119 17.61 38.87 57.19
N GLY C 120 17.01 37.72 57.52
CA GLY C 120 15.78 37.25 56.84
C GLY C 120 14.55 38.06 57.20
N ASP C 121 14.54 38.63 58.40
CA ASP C 121 13.46 39.55 58.83
C ASP C 121 13.98 41.00 58.77
N LYS C 122 13.20 41.87 58.11
CA LYS C 122 13.66 43.22 57.72
C LYS C 122 13.65 44.22 58.87
N ILE C 123 12.97 43.88 59.97
CA ILE C 123 12.88 44.72 61.17
C ILE C 123 14.11 44.48 62.10
N LYS C 124 14.50 43.21 62.25
CA LYS C 124 15.67 42.82 63.07
C LYS C 124 16.98 43.20 62.38
N ALA C 125 16.93 43.23 61.05
CA ALA C 125 18.05 43.65 60.25
C ALA C 125 18.25 45.15 60.40
N LYS C 126 17.18 45.92 60.15
CA LYS C 126 17.22 47.41 60.30
C LYS C 126 17.70 47.77 61.70
N ALA C 127 17.26 46.97 62.66
CA ALA C 127 17.72 47.03 64.04
C ALA C 127 19.25 46.76 64.15
N ALA C 128 19.68 45.57 63.71
CA ALA C 128 21.10 45.17 63.75
C ALA C 128 22.02 46.12 62.98
N ALA C 129 21.45 46.84 62.00
CA ALA C 129 22.18 47.86 61.23
C ALA C 129 22.41 49.14 62.02
N ASP C 130 21.35 49.58 62.73
CA ASP C 130 21.46 50.71 63.65
C ASP C 130 22.51 50.41 64.72
N GLU C 131 22.38 49.25 65.38
CA GLU C 131 23.34 48.83 66.39
C GLU C 131 24.78 48.88 65.84
N ALA C 132 24.94 48.44 64.59
CA ALA C 132 26.22 48.44 63.93
C ALA C 132 26.69 49.84 63.49
N LYS C 133 25.79 50.83 63.58
CA LYS C 133 26.05 52.25 63.21
C LYS C 133 26.23 52.48 61.69
N VAL C 134 25.20 52.10 60.94
CA VAL C 134 25.16 52.26 59.47
C VAL C 134 23.71 52.68 59.05
N PRO C 135 23.56 53.87 58.42
CA PRO C 135 22.31 54.65 58.19
C PRO C 135 21.24 53.98 57.35
N ASN C 210 15.87 58.29 42.24
CA ASN C 210 16.98 58.14 41.29
C ASN C 210 18.30 57.77 41.94
N PRO C 211 18.30 56.64 42.65
CA PRO C 211 19.52 56.13 43.25
C PRO C 211 20.30 55.13 42.37
N LYS C 212 21.60 55.05 42.63
CA LYS C 212 22.39 53.91 42.21
C LYS C 212 22.24 52.83 43.27
N HIS C 213 21.96 51.61 42.83
CA HIS C 213 22.02 50.43 43.69
C HIS C 213 23.48 49.93 43.69
N ILE C 214 24.12 49.93 44.85
CA ILE C 214 25.50 49.49 44.96
C ILE C 214 25.64 48.46 46.06
N GLU C 215 26.27 47.33 45.76
CA GLU C 215 26.44 46.29 46.78
C GLU C 215 27.90 45.87 46.90
N VAL C 216 28.24 45.29 48.05
CA VAL C 216 29.62 44.96 48.40
C VAL C 216 29.69 43.48 48.74
N GLN C 217 30.68 42.80 48.18
CA GLN C 217 30.82 41.35 48.40
C GLN C 217 31.67 41.18 49.62
N ILE C 218 31.21 40.29 50.50
CA ILE C 218 31.85 40.02 51.77
C ILE C 218 32.17 38.54 51.96
N LEU C 219 33.36 38.29 52.49
CA LEU C 219 33.74 36.98 52.98
C LEU C 219 34.14 37.09 54.47
N GLY C 220 33.67 36.13 55.28
CA GLY C 220 34.13 35.96 56.65
C GLY C 220 34.29 34.48 57.00
N ASP C 221 35.30 34.14 57.80
CA ASP C 221 35.50 32.77 58.27
C ASP C 221 35.16 32.66 59.76
N ARG C 222 35.24 31.43 60.28
CA ARG C 222 35.00 31.17 61.72
C ARG C 222 36.02 31.83 62.64
N HIS C 223 37.21 32.14 62.13
CA HIS C 223 38.25 32.81 62.92
C HIS C 223 38.12 34.34 62.86
N GLY C 224 36.90 34.88 62.80
CA GLY C 224 36.66 36.33 62.87
C GLY C 224 37.17 37.25 61.76
N ASN C 225 37.88 36.71 60.76
CA ASN C 225 38.40 37.54 59.63
C ASN C 225 37.26 37.99 58.74
N ILE C 226 37.30 39.25 58.30
CA ILE C 226 36.25 39.80 57.45
C ILE C 226 36.80 40.80 56.41
N ILE C 227 36.84 40.35 55.15
CA ILE C 227 37.29 41.19 54.01
C ILE C 227 36.13 41.49 53.04
N HIS C 228 36.28 42.58 52.27
CA HIS C 228 35.37 42.89 51.17
C HIS C 228 36.05 42.59 49.84
N LEU C 229 35.25 42.30 48.80
CA LEU C 229 35.76 42.05 47.45
C LEU C 229 35.30 43.15 46.48
N HIS C 230 35.56 44.38 46.90
CA HIS C 230 35.02 45.57 46.31
C HIS C 230 33.51 45.47 46.08
N GLU C 231 33.01 46.28 45.15
CA GLU C 231 31.58 46.50 45.02
C GLU C 231 31.11 46.11 43.63
N ARG C 232 29.81 46.30 43.42
CA ARG C 232 29.14 45.96 42.20
C ARG C 232 27.99 46.92 42.04
N ASP C 233 27.88 47.49 40.86
CA ASP C 233 26.91 48.54 40.62
C ASP C 233 25.78 47.90 39.86
N CYS C 234 24.66 47.68 40.52
CA CYS C 234 23.56 46.93 39.90
C CYS C 234 22.39 47.80 39.52
N SER C 235 22.69 49.09 39.33
CA SER C 235 21.67 50.10 39.07
C SER C 235 20.78 49.78 37.88
N VAL C 236 21.34 49.09 36.90
CA VAL C 236 20.61 48.94 35.66
C VAL C 236 19.50 47.90 35.84
N GLN C 237 18.42 48.36 36.48
CA GLN C 237 17.22 47.55 36.71
C GLN C 237 16.04 48.16 35.97
N ARG C 238 15.04 47.31 35.78
CA ARG C 238 13.79 47.65 35.08
C ARG C 238 12.65 47.02 35.87
N ARG C 239 11.68 47.83 36.31
CA ARG C 239 10.68 47.38 37.28
C ARG C 239 11.43 46.74 38.43
N ASN C 240 12.49 47.45 38.87
CA ASN C 240 13.39 47.02 39.94
C ASN C 240 13.76 45.54 39.84
N GLN C 241 14.13 45.13 38.62
CA GLN C 241 14.67 43.79 38.29
C GLN C 241 16.08 44.00 37.73
N LYS C 242 17.12 43.42 38.36
CA LYS C 242 18.51 43.61 37.89
C LYS C 242 18.66 43.07 36.48
N VAL C 243 19.25 43.87 35.59
CA VAL C 243 19.41 43.44 34.20
C VAL C 243 20.89 43.34 33.90
N ILE C 244 21.63 44.34 34.33
CA ILE C 244 23.05 44.34 34.10
C ILE C 244 23.74 44.88 35.31
N GLU C 245 24.82 44.21 35.65
CA GLU C 245 25.64 44.53 36.78
C GLU C 245 27.02 44.80 36.25
N ILE C 246 27.70 45.77 36.83
CA ILE C 246 29.07 46.06 36.46
C ILE C 246 29.90 46.08 37.71
N ALA C 247 31.22 46.12 37.54
CA ALA C 247 32.14 46.02 38.64
C ALA C 247 33.53 46.45 38.19
N PRO C 248 34.17 47.40 38.91
CA PRO C 248 33.60 48.13 40.06
C PRO C 248 32.50 49.10 39.60
N ALA C 249 31.96 49.90 40.52
CA ALA C 249 31.09 51.01 40.15
C ALA C 249 32.00 52.06 39.54
N VAL C 250 32.22 51.98 38.23
CA VAL C 250 33.15 52.91 37.60
C VAL C 250 32.57 54.30 37.58
N GLY C 251 31.25 54.43 37.75
CA GLY C 251 30.61 55.75 37.89
C GLY C 251 31.07 56.65 39.05
N LEU C 252 31.54 56.04 40.15
CA LEU C 252 31.84 56.76 41.40
C LEU C 252 33.34 56.74 41.70
N SER C 253 33.77 57.70 42.50
CA SER C 253 35.19 57.87 42.79
C SER C 253 35.74 56.79 43.71
N PRO C 254 37.03 56.43 43.57
CA PRO C 254 37.72 55.44 44.44
C PRO C 254 37.41 55.56 45.95
N ASP C 255 37.50 56.78 46.47
CA ASP C 255 37.32 57.03 47.92
C ASP C 255 35.87 56.90 48.40
N PHE C 256 34.91 57.45 47.64
CA PHE C 256 33.50 57.31 48.02
C PHE C 256 33.12 55.83 47.98
N ARG C 257 33.72 55.08 47.06
CA ARG C 257 33.52 53.63 46.97
C ARG C 257 34.12 52.89 48.16
N ASN C 258 35.38 53.23 48.46
CA ASN C 258 36.06 52.67 49.60
C ASN C 258 35.25 52.84 50.90
N GLU C 259 34.63 54.02 51.06
CA GLU C 259 33.75 54.34 52.21
C GLU C 259 32.47 53.48 52.27
N ILE C 260 31.87 53.18 51.12
CA ILE C 260 30.67 52.32 51.11
C ILE C 260 31.04 50.87 51.48
N CYS C 261 32.23 50.43 51.06
CA CYS C 261 32.75 49.09 51.36
C CYS C 261 33.08 48.94 52.82
N GLU C 262 33.83 49.91 53.35
CA GLU C 262 34.23 49.90 54.75
C GLU C 262 33.01 49.79 55.67
N ALA C 263 31.90 50.41 55.26
CA ALA C 263 30.64 50.38 56.02
C ALA C 263 29.96 49.02 56.02
N ALA C 264 30.26 48.19 55.03
CA ALA C 264 29.75 46.82 55.00
C ALA C 264 30.64 45.84 55.81
N VAL C 265 31.95 46.08 55.80
CA VAL C 265 32.90 45.39 56.72
C VAL C 265 32.50 45.68 58.17
N LYS C 266 32.21 46.95 58.43
CA LYS C 266 31.77 47.40 59.74
C LYS C 266 30.51 46.63 60.15
N LEU C 267 29.48 46.64 59.32
CA LEU C 267 28.24 45.94 59.67
C LEU C 267 28.49 44.46 59.95
N CYS C 268 29.44 43.87 59.23
CA CYS C 268 29.67 42.42 59.30
C CYS C 268 30.66 42.00 60.41
N LYS C 269 31.71 42.78 60.65
CA LYS C 269 32.54 42.60 61.86
C LYS C 269 31.66 42.64 63.11
N ASN C 270 30.69 43.56 63.10
CA ASN C 270 29.76 43.78 64.23
C ASN C 270 28.78 42.64 64.51
N VAL C 271 28.38 41.88 63.50
CA VAL C 271 27.62 40.63 63.75
C VAL C 271 28.50 39.37 63.59
N GLY C 272 29.79 39.56 63.27
CA GLY C 272 30.73 38.45 63.10
C GLY C 272 30.22 37.50 62.03
N TYR C 273 30.13 38.01 60.81
CA TYR C 273 29.54 37.27 59.69
C TYR C 273 30.47 36.15 59.20
N VAL C 274 29.86 35.07 58.72
CA VAL C 274 30.55 33.85 58.31
C VAL C 274 30.09 33.40 56.92
N ASN C 275 31.07 33.03 56.09
CA ASN C 275 30.89 32.62 54.69
C ASN C 275 30.72 33.83 53.76
N ALA C 276 30.07 33.63 52.62
CA ALA C 276 29.88 34.71 51.67
C ALA C 276 28.55 35.40 51.88
N GLY C 277 28.54 36.70 51.63
CA GLY C 277 27.33 37.52 51.72
C GLY C 277 27.51 38.91 51.13
N THR C 278 26.39 39.51 50.75
CA THR C 278 26.43 40.76 50.03
C THR C 278 25.61 41.82 50.76
N VAL C 279 26.19 43.03 50.85
CA VAL C 279 25.56 44.14 51.56
C VAL C 279 25.03 45.21 50.60
N GLU C 280 23.72 45.15 50.33
CA GLU C 280 23.05 46.12 49.45
C GLU C 280 22.95 47.53 50.07
N PHE C 281 23.26 48.56 49.28
CA PHE C 281 23.00 49.96 49.64
C PHE C 281 22.14 50.58 48.52
N LEU C 282 21.44 51.68 48.84
CA LEU C 282 21.05 52.67 47.82
C LEU C 282 22.03 53.81 47.99
N VAL C 283 22.24 54.56 46.90
CA VAL C 283 23.21 55.67 46.86
C VAL C 283 22.61 56.84 46.04
N LYS C 284 22.84 58.06 46.56
CA LYS C 284 22.30 59.31 46.02
C LYS C 284 23.20 60.47 46.48
N ASP C 285 23.70 61.27 45.53
CA ASP C 285 24.44 62.50 45.83
C ASP C 285 25.39 62.45 47.05
N ASP C 286 26.23 61.41 47.13
CA ASP C 286 27.25 61.28 48.22
C ASP C 286 26.70 61.06 49.66
N LYS C 287 25.57 60.34 49.76
CA LYS C 287 25.15 59.67 51.00
C LYS C 287 24.74 58.25 50.60
N PHE C 288 24.75 57.32 51.55
CA PHE C 288 24.35 55.93 51.26
C PHE C 288 23.56 55.24 52.37
N TYR C 289 22.58 54.45 51.95
CA TYR C 289 21.58 53.90 52.88
C TYR C 289 21.49 52.38 52.77
N PHE C 290 22.03 51.69 53.77
CA PHE C 290 21.82 50.26 53.90
C PHE C 290 20.36 49.94 53.57
N ILE C 291 20.12 48.88 52.80
CA ILE C 291 18.74 48.39 52.55
C ILE C 291 18.55 46.90 52.82
N GLU C 292 19.64 46.12 52.85
CA GLU C 292 19.57 44.65 52.97
C GLU C 292 20.91 43.99 53.23
N VAL C 293 20.85 42.73 53.62
CA VAL C 293 21.99 41.84 53.48
C VAL C 293 21.52 40.54 52.84
N ASN C 294 22.33 40.04 51.91
CA ASN C 294 22.09 38.75 51.29
C ASN C 294 23.05 37.74 51.88
N PRO C 295 22.52 36.82 52.71
CA PRO C 295 23.30 35.86 53.45
C PRO C 295 23.63 34.66 52.56
N ARG C 296 24.18 34.95 51.39
CA ARG C 296 24.42 33.94 50.35
C ARG C 296 25.27 34.48 49.23
N VAL C 297 25.59 33.58 48.31
CA VAL C 297 26.22 33.97 47.08
C VAL C 297 25.15 34.53 46.16
N GLN C 298 25.54 35.50 45.35
CA GLN C 298 24.60 36.02 44.37
C GLN C 298 24.91 35.59 42.97
N VAL C 299 23.85 35.57 42.18
CA VAL C 299 23.94 35.38 40.75
C VAL C 299 25.10 36.21 40.13
N GLU C 300 25.26 37.46 40.56
CA GLU C 300 26.28 38.35 39.96
C GLU C 300 27.65 38.25 40.61
N HIS C 301 27.95 37.14 41.24
CA HIS C 301 29.23 37.04 41.93
C HIS C 301 30.37 37.00 40.95
N THR C 302 30.09 36.36 39.83
CA THR C 302 31.00 36.22 38.68
C THR C 302 31.89 37.44 38.47
N ILE C 303 31.28 38.63 38.35
CA ILE C 303 32.06 39.82 37.95
C ILE C 303 33.07 40.26 39.00
N THR C 304 32.69 40.12 40.27
CA THR C 304 33.59 40.43 41.36
C THR C 304 34.78 39.47 41.31
N GLU C 305 34.51 38.18 41.07
CA GLU C 305 35.57 37.20 40.91
C GLU C 305 36.55 37.69 39.88
N LEU C 306 36.03 38.18 38.76
CA LEU C 306 36.89 38.62 37.66
C LEU C 306 37.80 39.78 38.02
N ILE C 307 37.28 40.77 38.75
CA ILE C 307 38.06 41.97 39.02
C ILE C 307 38.98 41.80 40.23
N THR C 308 38.82 40.70 40.96
CA THR C 308 39.66 40.41 42.13
C THR C 308 40.62 39.24 41.92
N GLY C 309 40.16 38.23 41.20
CA GLY C 309 40.93 37.01 41.04
C GLY C 309 40.63 36.02 42.15
N VAL C 310 39.56 36.25 42.88
CA VAL C 310 39.22 35.43 44.01
C VAL C 310 38.05 34.52 43.67
N ASP C 311 38.29 33.21 43.62
CA ASP C 311 37.20 32.26 43.36
C ASP C 311 36.31 32.21 44.63
N ILE C 312 35.15 32.84 44.52
CA ILE C 312 34.23 33.01 45.62
C ILE C 312 33.59 31.70 46.05
N VAL C 313 33.16 30.89 45.09
CA VAL C 313 32.45 29.67 45.43
C VAL C 313 33.41 28.68 46.06
N GLN C 314 34.68 28.72 45.63
CA GLN C 314 35.70 27.90 46.28
C GLN C 314 35.84 28.35 47.72
N ALA C 315 36.05 29.66 47.88
CA ALA C 315 36.15 30.26 49.19
C ALA C 315 34.97 29.86 50.07
N GLN C 316 33.75 30.02 49.57
CA GLN C 316 32.54 29.61 50.29
C GLN C 316 32.69 28.24 50.91
N ILE C 317 33.14 27.29 50.11
CA ILE C 317 33.27 25.90 50.51
C ILE C 317 34.40 25.70 51.51
N LEU C 318 35.54 26.33 51.23
CA LEU C 318 36.69 26.25 52.14
C LEU C 318 36.40 26.87 53.53
N ILE C 319 35.72 27.99 53.56
CA ILE C 319 35.22 28.58 54.81
C ILE C 319 34.36 27.62 55.65
N ALA C 320 33.53 26.81 54.98
CA ALA C 320 32.65 25.85 55.67
C ALA C 320 33.36 24.56 56.10
N GLN C 321 34.62 24.41 55.70
CA GLN C 321 35.50 23.38 56.24
C GLN C 321 36.29 23.96 57.41
N GLY C 322 35.90 25.15 57.86
CA GLY C 322 36.52 25.79 59.01
C GLY C 322 37.74 26.63 58.69
N LYS C 323 38.22 26.56 57.44
CA LYS C 323 39.49 27.19 57.09
C LYS C 323 39.52 28.71 57.30
N ASP C 324 40.74 29.24 57.24
CA ASP C 324 41.06 30.63 57.54
C ASP C 324 41.30 31.39 56.25
N LEU C 325 40.61 32.52 56.07
CA LEU C 325 40.72 33.32 54.84
C LEU C 325 42.15 33.53 54.41
N HIS C 326 42.98 34.01 55.33
CA HIS C 326 44.34 34.42 55.02
C HIS C 326 45.36 33.29 55.19
N ARG C 327 45.25 32.54 56.29
CA ARG C 327 46.25 31.52 56.58
C ARG C 327 46.20 30.36 55.54
N GLU C 328 45.08 29.63 55.46
CA GLU C 328 44.99 28.44 54.58
C GLU C 328 44.50 28.75 53.17
N ILE C 329 43.34 29.42 53.08
CA ILE C 329 42.73 29.78 51.79
C ILE C 329 43.67 30.60 50.93
N GLY C 330 44.39 31.55 51.53
CA GLY C 330 45.47 32.26 50.84
C GLY C 330 45.19 33.70 50.43
N LEU C 331 44.10 34.30 50.92
CA LEU C 331 43.76 35.69 50.57
C LEU C 331 44.66 36.71 51.27
N PRO C 332 45.08 37.77 50.54
CA PRO C 332 45.86 38.84 51.15
C PRO C 332 45.02 39.71 52.09
N ALA C 333 45.68 40.64 52.77
CA ALA C 333 45.00 41.55 53.68
C ALA C 333 44.15 42.51 52.86
N GLN C 334 43.07 43.00 53.47
CA GLN C 334 42.14 43.95 52.84
C GLN C 334 42.74 44.93 51.81
N SER C 335 43.80 45.64 52.16
CA SER C 335 44.36 46.65 51.26
C SER C 335 45.19 46.06 50.11
N GLU C 336 45.59 44.78 50.21
CA GLU C 336 46.36 44.09 49.15
C GLU C 336 45.49 43.22 48.21
N ILE C 337 44.16 43.33 48.37
CA ILE C 337 43.19 42.62 47.51
C ILE C 337 43.09 43.31 46.16
N PRO C 338 43.38 42.57 45.06
CA PRO C 338 43.53 43.26 43.77
C PRO C 338 42.24 43.92 43.22
N LEU C 339 42.43 44.81 42.24
CA LEU C 339 41.34 45.43 41.51
C LEU C 339 41.79 45.54 40.05
N LEU C 340 41.45 44.53 39.24
CA LEU C 340 42.01 44.38 37.87
C LEU C 340 40.97 44.78 36.84
N GLY C 341 41.06 46.03 36.40
CA GLY C 341 40.09 46.60 35.48
C GLY C 341 38.64 46.45 35.90
N SER C 342 37.79 46.23 34.89
CA SER C 342 36.35 46.18 35.08
C SER C 342 35.79 44.86 34.52
N ALA C 343 34.49 44.65 34.74
CA ALA C 343 33.73 43.49 34.26
C ALA C 343 32.25 43.79 34.19
N ILE C 344 31.55 43.10 33.32
CA ILE C 344 30.13 43.34 33.12
C ILE C 344 29.43 42.00 33.01
N GLN C 345 28.24 41.89 33.58
CA GLN C 345 27.39 40.70 33.37
C GLN C 345 26.02 41.01 32.79
N CYS C 346 25.58 40.18 31.85
CA CYS C 346 24.22 40.25 31.33
C CYS C 346 23.59 38.88 31.44
N ARG C 347 22.39 38.79 31.98
CA ARG C 347 21.70 37.51 31.95
C ARG C 347 20.87 37.41 30.72
N ILE C 348 21.26 36.49 29.85
CA ILE C 348 20.45 36.26 28.65
C ILE C 348 19.33 35.31 29.02
N THR C 349 18.10 35.81 28.98
CA THR C 349 16.91 35.06 29.36
C THR C 349 15.98 34.84 28.21
N THR C 350 14.83 34.20 28.44
CA THR C 350 13.83 34.07 27.43
C THR C 350 12.83 35.20 27.43
N GLU C 351 13.08 36.23 28.22
CA GLU C 351 12.14 37.35 28.31
C GLU C 351 11.99 38.08 26.96
N ASP C 352 10.87 37.87 26.27
CA ASP C 352 10.64 38.47 24.94
C ASP C 352 10.35 39.96 25.05
N PRO C 353 11.24 40.83 24.54
CA PRO C 353 11.05 42.25 24.87
C PRO C 353 10.00 42.92 23.97
N GLN C 354 9.66 42.27 22.87
CA GLN C 354 8.56 42.68 21.99
C GLN C 354 7.28 41.91 22.28
N ASN C 355 7.19 41.39 23.50
CA ASN C 355 5.95 40.86 24.04
C ASN C 355 5.90 41.17 25.55
N GLY C 356 6.33 42.38 25.91
CA GLY C 356 6.33 42.84 27.31
C GLY C 356 7.11 41.97 28.27
N PHE C 357 8.22 41.42 27.81
CA PHE C 357 9.13 40.59 28.62
C PHE C 357 8.51 39.31 29.24
N LEU C 358 7.46 38.79 28.62
CA LEU C 358 6.91 37.49 28.98
C LEU C 358 7.86 36.40 28.53
N PRO C 359 8.49 35.71 29.49
CA PRO C 359 9.41 34.64 29.20
C PRO C 359 8.87 33.65 28.20
N ASP C 360 9.48 33.57 27.03
CA ASP C 360 9.04 32.64 26.01
C ASP C 360 9.40 31.24 26.49
N THR C 361 8.67 30.24 25.99
CA THR C 361 8.96 28.83 26.23
C THR C 361 8.99 28.13 24.88
N GLY C 362 9.47 26.89 24.84
CA GLY C 362 9.51 26.11 23.61
C GLY C 362 10.84 25.37 23.46
N LYS C 363 10.95 24.62 22.38
CA LYS C 363 12.21 23.92 22.11
C LYS C 363 13.26 24.91 21.55
N ILE C 364 14.46 24.88 22.11
CA ILE C 364 15.61 25.59 21.58
C ILE C 364 16.24 24.79 20.44
N ASP C 365 16.36 25.43 19.27
CA ASP C 365 16.90 24.74 18.08
C ASP C 365 18.41 24.89 17.92
N THR C 366 18.92 26.06 18.25
CA THR C 366 20.33 26.32 18.07
C THR C 366 20.89 27.00 19.30
N TYR C 367 22.07 26.59 19.69
CA TYR C 367 22.87 27.36 20.65
C TYR C 367 24.30 26.94 20.58
N ARG C 368 25.18 27.90 20.39
CA ARG C 368 26.62 27.68 20.46
C ARG C 368 27.10 28.79 21.38
N SER C 369 28.09 28.51 22.20
CA SER C 369 28.55 29.56 23.10
C SER C 369 29.86 30.24 22.63
N PRO C 370 29.81 31.58 22.47
CA PRO C 370 30.99 32.34 22.01
C PRO C 370 32.07 32.34 23.03
N GLY C 371 33.17 33.02 22.75
CA GLY C 371 34.35 32.85 23.59
C GLY C 371 35.41 33.86 23.25
N GLY C 372 36.66 33.52 23.59
CA GLY C 372 37.79 34.42 23.33
C GLY C 372 38.21 35.26 24.52
N PHE C 373 39.05 36.27 24.26
CA PHE C 373 39.63 37.06 25.35
C PHE C 373 38.63 38.02 25.94
N GLY C 374 38.51 37.97 27.26
CA GLY C 374 37.64 38.88 27.97
C GLY C 374 36.21 38.41 28.03
N ILE C 375 35.99 37.13 27.75
CA ILE C 375 34.65 36.52 27.80
C ILE C 375 34.60 35.41 28.84
N ARG C 376 33.56 35.45 29.67
CA ARG C 376 33.28 34.40 30.64
C ARG C 376 31.82 33.95 30.50
N LEU C 377 31.58 32.64 30.54
CA LEU C 377 30.24 32.08 30.38
C LEU C 377 29.86 31.08 31.45
N ASP C 378 28.90 31.48 32.26
CA ASP C 378 28.29 30.59 33.20
C ASP C 378 26.95 30.23 32.59
N VAL C 379 26.91 29.08 31.93
CA VAL C 379 25.74 28.71 31.12
C VAL C 379 24.64 27.92 31.89
N GLY C 380 23.38 28.23 31.62
CA GLY C 380 22.26 27.58 32.29
C GLY C 380 21.82 26.32 31.56
N ASN C 381 20.53 26.24 31.26
CA ASN C 381 20.01 25.20 30.37
C ASN C 381 19.66 25.85 29.05
N ALA C 382 20.66 25.99 28.20
CA ALA C 382 20.40 26.60 26.93
C ALA C 382 21.18 25.84 25.94
N TYR C 383 20.61 24.76 25.42
CA TYR C 383 21.32 23.92 24.53
C TYR C 383 20.42 23.46 23.43
N ALA C 384 21.04 22.93 22.40
CA ALA C 384 20.27 22.48 21.29
C ALA C 384 19.34 21.37 21.74
N GLY C 385 18.04 21.61 21.66
CA GLY C 385 17.08 20.53 21.83
C GLY C 385 16.34 20.62 23.12
N TYR C 386 16.79 21.52 23.99
CA TYR C 386 16.24 21.61 25.34
C TYR C 386 14.86 22.25 25.30
N GLU C 387 13.90 21.60 25.94
CA GLU C 387 12.53 22.11 26.02
C GLU C 387 12.50 23.12 27.13
N VAL C 388 12.33 24.41 26.83
CA VAL C 388 12.17 25.41 27.89
C VAL C 388 10.76 25.29 28.42
N THR C 389 10.65 24.98 29.71
CA THR C 389 9.37 24.73 30.34
C THR C 389 8.92 26.02 31.01
N PRO C 390 7.62 26.11 31.35
CA PRO C 390 7.18 27.35 32.02
C PRO C 390 7.52 27.44 33.53
N TYR C 391 8.02 26.34 34.10
CA TYR C 391 8.08 26.14 35.57
C TYR C 391 9.13 26.95 36.25
N PHE C 392 10.32 26.91 35.69
CA PHE C 392 11.46 27.55 36.34
C PHE C 392 11.68 28.93 35.76
N ASP C 393 12.67 29.64 36.29
CA ASP C 393 12.94 30.99 35.81
C ASP C 393 13.50 30.92 34.38
N SER C 394 13.76 32.09 33.81
CA SER C 394 13.92 32.23 32.38
C SER C 394 15.38 32.17 31.90
N LEU C 395 16.33 32.38 32.81
CA LEU C 395 17.76 32.41 32.46
C LEU C 395 18.25 31.33 31.49
N LEU C 396 18.90 31.77 30.41
CA LEU C 396 19.56 30.86 29.48
C LEU C 396 21.05 30.78 29.81
N VAL C 397 21.70 31.93 29.92
CA VAL C 397 23.17 31.92 30.11
C VAL C 397 23.64 33.26 30.63
N LYS C 398 24.56 33.19 31.58
CA LYS C 398 25.17 34.39 32.12
C LYS C 398 26.44 34.68 31.35
N VAL C 399 26.52 35.91 30.85
CA VAL C 399 27.66 36.34 30.07
C VAL C 399 28.39 37.42 30.80
N CYS C 400 29.66 37.18 31.10
CA CYS C 400 30.51 38.23 31.56
C CYS C 400 31.54 38.63 30.52
N THR C 401 31.93 39.90 30.56
CA THR C 401 33.10 40.35 29.83
C THR C 401 33.95 41.12 30.76
N PHE C 402 35.20 41.33 30.36
CA PHE C 402 36.16 42.00 31.22
C PHE C 402 37.38 42.54 30.48
N ALA C 403 37.90 43.66 30.96
CA ALA C 403 38.97 44.37 30.27
C ALA C 403 39.51 45.48 31.16
N ASN C 404 40.78 45.84 30.97
CA ASN C 404 41.41 46.96 31.70
C ASN C 404 40.53 48.16 31.66
N GLU C 405 40.21 48.60 30.45
CA GLU C 405 39.39 49.78 30.24
C GLU C 405 37.94 49.39 30.16
N PHE C 406 37.12 49.97 31.03
CA PHE C 406 35.66 49.77 30.95
C PHE C 406 35.08 50.00 29.54
N SER C 407 35.67 50.91 28.77
CA SER C 407 35.24 51.16 27.37
C SER C 407 35.36 49.87 26.56
N ASP C 408 36.45 49.13 26.79
CA ASP C 408 36.67 47.87 26.11
C ASP C 408 35.87 46.69 26.67
N SER C 409 35.57 46.68 27.97
CA SER C 409 34.61 45.73 28.52
C SER C 409 33.30 45.86 27.80
N VAL C 410 32.90 47.10 27.50
CA VAL C 410 31.66 47.34 26.75
C VAL C 410 31.77 46.80 25.31
N ARG C 411 32.86 47.13 24.63
CA ARG C 411 33.11 46.67 23.25
C ARG C 411 32.91 45.13 23.13
N LYS C 412 33.57 44.39 24.03
CA LYS C 412 33.46 42.93 24.07
C LYS C 412 32.02 42.44 24.33
N MET C 413 31.32 43.01 25.30
CA MET C 413 29.93 42.65 25.50
C MET C 413 29.14 42.87 24.22
N ASP C 414 29.41 43.98 23.53
CA ASP C 414 28.64 44.33 22.35
C ASP C 414 28.89 43.27 21.32
N ARG C 415 30.14 42.87 21.17
CA ARG C 415 30.46 41.85 20.18
C ARG C 415 29.73 40.53 20.48
N VAL C 416 29.82 40.11 21.74
CA VAL C 416 29.30 38.82 22.14
C VAL C 416 27.79 38.79 21.96
N LEU C 417 27.08 39.75 22.51
CA LEU C 417 25.62 39.76 22.32
C LEU C 417 25.25 39.61 20.85
N HIS C 418 26.00 40.31 20.00
CA HIS C 418 25.82 40.25 18.55
C HIS C 418 26.25 38.89 17.97
N GLU C 419 27.29 38.29 18.54
CA GLU C 419 27.75 36.96 18.12
C GLU C 419 26.76 35.82 18.39
N PHE C 420 25.94 35.94 19.43
CA PHE C 420 25.04 34.84 19.86
C PHE C 420 24.02 34.53 18.82
N ARG C 421 23.82 33.24 18.57
CA ARG C 421 22.80 32.79 17.66
C ARG C 421 21.93 31.75 18.36
N ILE C 422 20.89 32.23 19.02
CA ILE C 422 19.99 31.36 19.77
C ILE C 422 18.64 31.30 19.10
N ARG C 423 18.35 30.17 18.49
CA ARG C 423 17.11 30.07 17.74
C ARG C 423 16.27 29.06 18.41
N GLY C 424 14.97 29.33 18.41
CA GLY C 424 13.99 28.38 18.94
C GLY C 424 13.10 29.10 19.89
N VAL C 425 13.68 30.04 20.62
CA VAL C 425 12.92 30.82 21.57
C VAL C 425 13.39 32.25 21.57
N LYS C 426 12.47 33.16 21.87
CA LYS C 426 12.80 34.57 21.98
C LYS C 426 13.77 34.78 23.13
N THR C 427 14.51 35.86 23.08
CA THR C 427 15.49 36.16 24.12
C THR C 427 15.50 37.67 24.28
N ASN C 428 16.17 38.13 25.33
CA ASN C 428 16.21 39.53 25.64
C ASN C 428 17.39 40.24 24.99
N ILE C 429 18.12 39.55 24.12
CA ILE C 429 19.36 40.12 23.58
C ILE C 429 19.12 41.50 22.93
N PRO C 430 18.08 41.63 22.07
CA PRO C 430 17.78 42.94 21.50
C PRO C 430 17.77 44.06 22.53
N PHE C 431 17.18 43.78 23.70
CA PHE C 431 17.15 44.75 24.79
C PHE C 431 18.52 45.07 25.33
N LEU C 432 19.33 44.05 25.56
CA LEU C 432 20.66 44.23 26.13
C LEU C 432 21.59 45.04 25.24
N ILE C 433 21.51 44.77 23.94
CA ILE C 433 22.28 45.53 22.94
C ILE C 433 22.00 47.03 23.00
N ASN C 434 20.72 47.39 23.13
CA ASN C 434 20.33 48.79 23.23
C ASN C 434 20.93 49.44 24.44
N VAL C 435 20.93 48.68 25.54
CA VAL C 435 21.33 49.17 26.86
C VAL C 435 22.82 49.42 26.93
N ILE C 436 23.63 48.58 26.28
CA ILE C 436 25.07 48.81 26.29
C ILE C 436 25.51 49.84 25.22
N ALA C 437 24.63 50.07 24.24
CA ALA C 437 24.80 51.15 23.27
C ALA C 437 24.66 52.52 23.91
N ASN C 438 23.83 52.60 24.95
CA ASN C 438 23.42 53.88 25.55
C ASN C 438 24.53 54.62 26.33
N GLU C 439 24.61 55.95 26.15
CA GLU C 439 25.70 56.74 26.72
C GLU C 439 25.62 56.87 28.25
N ASN C 440 24.41 56.81 28.80
CA ASN C 440 24.21 56.77 30.25
C ASN C 440 24.86 55.56 30.88
N PHE C 441 24.72 54.42 30.21
CA PHE C 441 25.35 53.21 30.68
C PHE C 441 26.86 53.30 30.47
N THR C 442 27.32 53.50 29.23
CA THR C 442 28.76 53.43 28.90
C THR C 442 29.60 54.40 29.75
N SER C 443 28.97 55.47 30.22
CA SER C 443 29.58 56.42 31.17
C SER C 443 29.70 55.87 32.59
N GLY C 444 28.89 54.86 32.93
CA GLY C 444 28.92 54.25 34.26
C GLY C 444 28.03 54.97 35.26
N GLN C 445 27.08 55.78 34.73
CA GLN C 445 26.25 56.69 35.53
C GLN C 445 24.77 56.30 35.63
N ALA C 446 24.35 55.18 35.05
CA ALA C 446 22.93 54.84 35.09
C ALA C 446 22.41 54.75 36.55
N THR C 447 21.11 55.00 36.69
CA THR C 447 20.40 54.89 37.96
C THR C 447 19.34 53.81 37.86
N THR C 448 18.57 53.61 38.92
CA THR C 448 17.51 52.57 38.89
C THR C 448 16.32 52.95 37.97
N THR C 449 16.18 54.24 37.74
CA THR C 449 15.09 54.80 36.94
C THR C 449 15.55 55.10 35.50
N PHE C 450 16.85 54.94 35.24
CA PHE C 450 17.40 55.13 33.90
C PHE C 450 16.65 54.32 32.85
N ILE C 451 16.38 53.06 33.12
CA ILE C 451 15.70 52.24 32.13
C ILE C 451 14.25 52.64 31.88
N ASP C 452 13.50 52.88 32.94
CA ASP C 452 12.06 53.16 32.80
C ASP C 452 11.85 54.54 32.18
N ASN C 453 12.83 55.44 32.40
CA ASN C 453 12.85 56.80 31.84
C ASN C 453 13.58 56.96 30.50
N THR C 454 13.99 55.87 29.87
CA THR C 454 14.61 55.97 28.54
C THR C 454 13.70 55.19 27.62
N PRO C 455 12.79 55.89 26.92
CA PRO C 455 11.90 55.14 26.05
C PRO C 455 12.66 54.59 24.83
N SER C 456 13.78 55.23 24.47
CA SER C 456 14.56 54.84 23.28
C SER C 456 15.03 53.37 23.29
N LEU C 457 15.23 52.83 24.50
CA LEU C 457 15.69 51.44 24.67
C LEU C 457 14.70 50.37 24.24
N PHE C 458 13.46 50.73 23.91
CA PHE C 458 12.46 49.73 23.55
C PHE C 458 12.06 49.75 22.07
N ASN C 459 12.79 50.52 21.27
CA ASN C 459 12.69 50.44 19.80
C ASN C 459 13.66 49.36 19.33
N PHE C 460 13.13 48.29 18.79
CA PHE C 460 13.95 47.13 18.45
C PHE C 460 13.92 46.88 16.97
N PRO C 461 15.10 46.68 16.35
CA PRO C 461 15.06 46.41 14.92
C PRO C 461 14.26 45.17 14.61
N ARG C 462 13.35 45.22 13.62
CA ARG C 462 12.65 44.03 13.14
C ARG C 462 13.78 43.04 12.87
N LEU C 463 13.74 41.86 13.50
CA LEU C 463 14.91 40.96 13.45
C LEU C 463 14.62 40.18 12.22
N ARG C 464 15.65 39.96 11.40
CA ARG C 464 15.54 39.15 10.18
C ARG C 464 16.24 37.86 10.56
N ASP C 465 15.47 36.77 10.62
CA ASP C 465 16.07 35.47 10.69
C ASP C 465 15.78 34.79 9.34
N ARG C 466 16.76 34.85 8.45
CA ARG C 466 16.55 34.37 7.11
C ARG C 466 16.69 32.85 7.07
N GLY C 467 17.73 32.31 7.73
CA GLY C 467 17.84 30.87 7.90
C GLY C 467 16.48 30.26 8.29
N THR C 468 15.99 30.72 9.44
CA THR C 468 14.76 30.16 9.98
C THR C 468 13.58 30.24 9.02
N LYS C 469 13.30 31.42 8.50
CA LYS C 469 12.11 31.58 7.68
C LYS C 469 12.19 30.76 6.37
N THR C 470 13.41 30.66 5.79
CA THR C 470 13.62 29.90 4.57
C THR C 470 13.28 28.41 4.83
N LEU C 471 13.80 27.90 5.96
CA LEU C 471 13.60 26.51 6.34
C LEU C 471 12.13 26.24 6.57
N HIS C 472 11.42 27.21 7.14
CA HIS C 472 9.99 27.10 7.26
C HIS C 472 9.39 26.89 5.87
N TYR C 473 9.77 27.76 4.92
CA TYR C 473 9.24 27.67 3.56
C TYR C 473 9.58 26.35 2.93
N LEU C 474 10.87 26.03 2.93
CA LEU C 474 11.33 24.79 2.35
C LEU C 474 10.55 23.60 2.89
N SER C 475 10.31 23.63 4.19
CA SER C 475 9.57 22.57 4.84
C SER C 475 8.13 22.56 4.38
N MET C 476 7.49 23.73 4.38
CA MET C 476 6.08 23.83 3.97
C MET C 476 5.83 23.18 2.60
N ILE C 477 6.70 23.53 1.66
CA ILE C 477 6.55 23.08 0.28
C ILE C 477 6.98 21.64 0.16
N THR C 478 8.05 21.25 0.89
CA THR C 478 8.55 19.90 0.78
C THR C 478 7.53 18.89 1.27
N VAL C 479 6.57 19.34 2.06
CA VAL C 479 5.61 18.43 2.66
C VAL C 479 4.22 18.62 2.08
N ASN C 480 3.72 19.86 2.03
CA ASN C 480 2.39 20.12 1.47
C ASN C 480 2.38 20.53 0.00
N GLY C 481 3.55 20.62 -0.63
CA GLY C 481 3.63 21.05 -2.02
C GLY C 481 3.23 22.50 -2.24
N PHE C 482 3.26 22.94 -3.50
CA PHE C 482 2.97 24.30 -3.86
C PHE C 482 1.49 24.44 -4.26
N PRO C 483 0.85 25.59 -3.95
CA PRO C 483 -0.63 25.63 -4.10
C PRO C 483 -1.04 25.75 -5.54
N GLY C 484 -2.01 24.93 -5.93
CA GLY C 484 -2.52 24.90 -7.30
C GLY C 484 -1.63 24.21 -8.31
N ILE C 485 -0.88 23.19 -7.92
CA ILE C 485 -0.08 22.39 -8.83
C ILE C 485 0.12 21.05 -8.18
N GLU C 486 0.01 19.98 -8.94
CA GLU C 486 0.16 18.70 -8.36
C GLU C 486 1.50 18.59 -7.64
N ASN C 487 1.46 18.07 -6.42
CA ASN C 487 2.65 17.79 -5.62
C ASN C 487 3.50 16.67 -6.27
N THR C 488 4.21 17.00 -7.36
CA THR C 488 5.09 16.05 -8.00
C THR C 488 6.41 16.04 -7.27
N GLU C 489 7.32 15.21 -7.74
CA GLU C 489 8.65 15.16 -7.17
C GLU C 489 9.60 15.97 -8.02
N LYS C 490 10.66 16.44 -7.37
CA LYS C 490 11.52 17.47 -7.91
C LYS C 490 12.55 16.90 -8.89
N ARG C 491 12.50 17.32 -10.16
CA ARG C 491 13.51 16.85 -11.16
C ARG C 491 14.88 17.37 -10.81
N HIS C 492 15.93 16.68 -11.29
CA HIS C 492 17.32 17.18 -11.18
C HIS C 492 17.50 18.01 -12.42
N PHE C 493 17.94 19.24 -12.27
CA PHE C 493 18.06 20.13 -13.39
C PHE C 493 19.50 20.50 -13.51
N GLU C 494 19.98 20.61 -14.74
CA GLU C 494 21.32 21.13 -14.99
C GLU C 494 21.38 22.67 -14.70
N GLU C 495 22.57 23.23 -14.53
CA GLU C 495 22.72 24.70 -14.60
C GLU C 495 22.20 25.14 -15.96
N PRO C 496 21.37 26.19 -16.02
CA PRO C 496 20.93 26.55 -17.35
C PRO C 496 22.10 27.15 -18.08
N ARG C 497 22.11 27.01 -19.40
CA ARG C 497 23.25 27.43 -20.24
C ARG C 497 23.48 28.94 -20.30
N GLN C 498 24.67 29.33 -19.89
CA GLN C 498 25.11 30.71 -19.93
C GLN C 498 25.55 30.98 -21.39
N PRO C 499 25.23 32.16 -21.94
CA PRO C 499 25.54 32.36 -23.36
C PRO C 499 27.00 32.81 -23.64
N LEU C 500 27.64 32.22 -24.65
CA LEU C 500 28.87 32.76 -25.29
C LEU C 500 28.49 33.92 -26.18
N LEU C 501 28.88 35.13 -25.81
CA LEU C 501 28.40 36.33 -26.50
C LEU C 501 29.52 36.97 -27.27
N ASN C 502 29.18 37.70 -28.33
CA ASN C 502 30.14 38.55 -29.00
C ASN C 502 29.68 39.98 -28.90
N LEU C 503 30.25 40.66 -27.90
CA LEU C 503 29.81 41.97 -27.53
C LEU C 503 30.28 43.05 -28.47
N GLU C 504 29.49 44.10 -28.60
CA GLU C 504 29.79 45.29 -29.40
C GLU C 504 29.30 46.50 -28.65
N LYS C 505 30.18 47.44 -28.32
CA LYS C 505 29.75 48.67 -27.63
C LYS C 505 28.85 49.51 -28.55
N LYS C 506 27.70 49.97 -28.03
CA LYS C 506 26.81 50.86 -28.78
C LYS C 506 26.04 51.81 -27.89
N LYS C 507 25.76 53.00 -28.41
CA LYS C 507 24.86 53.92 -27.73
C LYS C 507 23.47 53.29 -27.88
N THR C 508 22.56 53.55 -26.95
CA THR C 508 21.27 52.85 -26.94
C THR C 508 20.21 53.84 -26.68
N ALA C 509 19.00 53.54 -27.12
CA ALA C 509 17.92 54.45 -26.88
C ALA C 509 17.86 54.90 -25.40
N LYS C 510 18.16 53.99 -24.49
CA LYS C 510 18.20 54.31 -23.08
C LYS C 510 19.21 55.42 -22.84
N ASN C 511 20.44 55.22 -23.30
CA ASN C 511 21.51 56.24 -23.22
C ASN C 511 21.02 57.59 -23.73
N ILE C 512 20.50 57.61 -24.94
CA ILE C 512 19.93 58.82 -25.53
C ILE C 512 18.88 59.44 -24.63
N LEU C 513 17.92 58.65 -24.16
CA LEU C 513 16.85 59.18 -23.31
C LEU C 513 17.41 59.90 -22.11
N ASP C 514 18.29 59.19 -21.41
CA ASP C 514 18.94 59.74 -20.23
C ASP C 514 19.67 61.03 -20.56
N GLU C 515 20.50 61.02 -21.60
CA GLU C 515 21.39 62.15 -21.92
C GLU C 515 20.69 63.32 -22.62
N GLN C 516 19.64 63.07 -23.40
CA GLN C 516 19.05 64.08 -24.29
C GLN C 516 17.53 64.07 -24.34
N GLY C 517 16.88 63.25 -23.53
CA GLY C 517 15.41 63.29 -23.46
C GLY C 517 14.65 62.46 -24.48
N ALA C 518 13.34 62.52 -24.33
CA ALA C 518 12.43 61.64 -25.03
C ALA C 518 12.34 61.96 -26.51
N ASP C 519 12.18 63.24 -26.84
CA ASP C 519 12.12 63.68 -28.22
C ASP C 519 13.39 63.30 -28.99
N ALA C 520 14.54 63.27 -28.29
CA ALA C 520 15.80 62.85 -28.90
C ALA C 520 15.78 61.39 -29.28
N VAL C 521 14.99 60.61 -28.55
CA VAL C 521 14.84 59.18 -28.84
C VAL C 521 13.93 59.00 -30.01
N VAL C 522 12.83 59.74 -30.01
CA VAL C 522 11.95 59.69 -31.13
C VAL C 522 12.75 59.99 -32.43
N ASP C 523 13.74 60.88 -32.34
CA ASP C 523 14.49 61.26 -33.53
C ASP C 523 15.38 60.12 -33.92
N TYR C 524 16.07 59.58 -32.95
CA TYR C 524 16.81 58.33 -33.13
C TYR C 524 15.99 57.20 -33.80
N VAL C 525 14.73 57.02 -33.42
CA VAL C 525 13.89 55.97 -33.98
C VAL C 525 13.59 56.30 -35.43
N LYS C 526 13.16 57.53 -35.67
CA LYS C 526 12.82 57.98 -37.02
C LYS C 526 13.97 57.89 -37.97
N ASN C 527 15.19 58.06 -37.47
CA ASN C 527 16.39 57.92 -38.27
C ASN C 527 17.01 56.53 -38.25
N THR C 528 16.21 55.53 -37.93
CA THR C 528 16.67 54.16 -37.96
C THR C 528 15.97 53.49 -39.12
N LYS C 529 16.73 52.74 -39.92
CA LYS C 529 16.25 52.18 -41.22
C LYS C 529 15.58 50.87 -40.98
N GLU C 530 16.32 50.07 -40.21
CA GLU C 530 15.85 48.79 -39.77
C GLU C 530 14.55 48.91 -38.97
N VAL C 531 13.81 47.80 -38.95
CA VAL C 531 12.76 47.65 -37.97
C VAL C 531 13.42 47.36 -36.62
N LEU C 532 12.95 48.05 -35.59
CA LEU C 532 13.55 48.04 -34.26
C LEU C 532 12.73 47.09 -33.45
N LEU C 533 13.38 46.41 -32.51
CA LEU C 533 12.64 45.41 -31.72
C LEU C 533 12.49 45.75 -30.23
N THR C 534 11.31 45.49 -29.69
CA THR C 534 11.13 45.37 -28.22
C THR C 534 10.99 43.88 -27.75
N ASP C 535 11.77 43.48 -26.74
CA ASP C 535 11.78 42.10 -26.16
C ASP C 535 10.68 41.95 -25.07
N THR C 536 9.56 41.38 -25.47
CA THR C 536 8.48 41.08 -24.57
C THR C 536 8.71 39.81 -23.70
N THR C 537 9.89 39.21 -23.78
CA THR C 537 10.23 38.01 -22.98
C THR C 537 10.00 38.15 -21.45
N LEU C 538 10.37 39.27 -20.81
CA LEU C 538 10.16 39.44 -19.34
C LEU C 538 8.74 39.89 -18.91
N ARG C 539 7.79 39.94 -19.84
CA ARG C 539 6.43 40.34 -19.48
C ARG C 539 5.38 39.61 -20.34
N ASP C 540 4.95 40.17 -21.47
CA ASP C 540 3.84 39.57 -22.18
C ASP C 540 4.14 38.11 -22.59
N ALA C 541 5.42 37.74 -22.73
CA ALA C 541 5.73 36.41 -23.24
C ALA C 541 5.28 35.36 -22.28
N HIS C 542 5.79 35.50 -21.05
CA HIS C 542 5.49 34.52 -20.04
C HIS C 542 4.09 34.74 -19.44
N GLN C 543 3.62 35.96 -19.44
CA GLN C 543 2.18 36.15 -19.21
C GLN C 543 1.34 35.28 -20.16
N SER C 544 1.75 35.16 -21.41
CA SER C 544 0.93 34.51 -22.40
C SER C 544 1.07 33.02 -22.29
N LEU C 545 2.21 32.56 -21.78
CA LEU C 545 2.57 31.14 -21.91
C LEU C 545 2.70 30.28 -20.62
N LEU C 546 3.06 30.96 -19.55
CA LEU C 546 3.34 30.41 -18.25
C LEU C 546 2.53 31.15 -17.15
N ALA C 547 1.30 31.57 -17.48
CA ALA C 547 0.49 32.34 -16.56
C ALA C 547 1.31 33.32 -15.71
N THR C 548 2.21 34.05 -16.30
CA THR C 548 2.83 35.16 -15.59
C THR C 548 3.76 34.77 -14.42
N ARG C 549 4.06 33.47 -14.35
CA ARG C 549 4.82 32.97 -13.24
C ARG C 549 6.30 33.12 -13.41
N LEU C 550 6.82 33.81 -14.43
CA LEU C 550 8.29 33.92 -14.52
C LEU C 550 8.74 34.71 -13.30
N ARG C 551 9.87 34.29 -12.75
CA ARG C 551 10.39 34.73 -11.52
C ARG C 551 11.68 35.52 -11.66
N LEU C 552 11.78 36.54 -10.84
CA LEU C 552 12.97 37.35 -10.81
C LEU C 552 14.24 36.52 -10.75
N GLN C 553 14.26 35.43 -10.01
CA GLN C 553 15.57 34.76 -9.82
C GLN C 553 16.07 34.30 -11.15
N ASP C 554 15.15 33.76 -11.98
CA ASP C 554 15.48 33.33 -13.35
C ASP C 554 15.84 34.52 -14.26
N MET C 555 15.09 35.61 -14.13
CA MET C 555 15.38 36.86 -14.86
C MET C 555 16.79 37.37 -14.59
N LYS C 556 17.22 37.36 -13.34
CA LYS C 556 18.46 38.05 -13.06
C LYS C 556 19.65 37.25 -13.48
N GLY C 557 19.41 36.03 -13.93
CA GLY C 557 20.53 35.16 -14.26
C GLY C 557 21.08 35.41 -15.65
N ILE C 558 20.27 36.11 -16.45
CA ILE C 558 20.55 36.42 -17.83
C ILE C 558 20.32 37.92 -18.16
N ALA C 559 19.81 38.70 -17.22
CA ALA C 559 19.52 40.07 -17.48
C ALA C 559 20.70 40.81 -18.09
N GLN C 560 21.87 40.62 -17.51
CA GLN C 560 23.02 41.33 -17.97
C GLN C 560 23.35 40.94 -19.41
N ALA C 561 23.27 39.67 -19.72
CA ALA C 561 23.57 39.21 -21.08
C ALA C 561 22.64 39.91 -22.10
N ILE C 562 21.40 40.18 -21.72
CA ILE C 562 20.51 40.89 -22.60
C ILE C 562 21.01 42.31 -22.82
N ASP C 563 21.30 42.99 -21.73
CA ASP C 563 21.73 44.37 -21.78
C ASP C 563 22.97 44.58 -22.60
N GLN C 564 23.91 43.64 -22.57
CA GLN C 564 25.18 43.84 -23.30
C GLN C 564 25.20 43.12 -24.62
N GLY C 565 24.50 42.00 -24.68
CA GLY C 565 24.45 41.20 -25.87
C GLY C 565 23.44 41.69 -26.90
N LEU C 566 22.47 42.48 -26.49
CA LEU C 566 21.44 42.94 -27.40
C LEU C 566 21.15 44.43 -27.20
N PRO C 567 22.20 45.27 -27.31
CA PRO C 567 22.06 46.73 -27.23
C PRO C 567 21.16 47.33 -28.29
N GLU C 568 21.11 46.67 -29.42
CA GLU C 568 20.20 47.02 -30.51
C GLU C 568 18.70 47.19 -30.16
N LEU C 569 18.34 46.86 -28.95
CA LEU C 569 16.91 46.78 -28.63
C LEU C 569 16.38 48.17 -28.44
N PHE C 570 15.14 48.39 -28.82
CA PHE C 570 14.52 49.62 -28.43
C PHE C 570 14.26 49.63 -26.92
N SER C 571 13.52 48.61 -26.46
CA SER C 571 13.18 48.44 -25.07
C SER C 571 12.94 46.97 -24.73
N ALA C 572 12.94 46.67 -23.43
CA ALA C 572 12.53 45.36 -22.90
C ALA C 572 11.25 45.58 -22.12
N GLU C 573 10.16 44.91 -22.50
CA GLU C 573 8.90 45.00 -21.76
C GLU C 573 9.08 44.10 -20.52
N MET C 574 9.00 44.70 -19.33
CA MET C 574 9.37 43.99 -18.14
C MET C 574 8.56 44.33 -16.92
N TRP C 575 7.44 45.00 -17.13
CA TRP C 575 6.61 45.36 -16.01
C TRP C 575 5.19 45.64 -16.46
N GLY C 576 4.27 45.81 -15.51
CA GLY C 576 2.89 46.07 -15.91
C GLY C 576 2.23 44.79 -16.37
N GLY C 577 1.01 44.90 -16.86
CA GLY C 577 0.21 43.74 -17.22
C GLY C 577 -0.05 42.96 -15.96
N ALA C 578 -0.21 41.66 -16.11
CA ALA C 578 -0.38 40.78 -14.96
C ALA C 578 0.83 40.71 -14.03
N THR C 579 2.01 41.16 -14.44
CA THR C 579 3.17 40.94 -13.55
C THR C 579 3.01 41.60 -12.20
N PHE C 580 2.29 42.71 -12.13
CA PHE C 580 2.25 43.48 -10.89
C PHE C 580 1.56 42.74 -9.75
N ASP C 581 0.32 42.29 -9.93
CA ASP C 581 -0.34 41.53 -8.87
C ASP C 581 0.19 40.14 -8.77
N VAL C 582 0.40 39.47 -9.88
CA VAL C 582 0.88 38.10 -9.83
C VAL C 582 2.18 37.98 -9.07
N ALA C 583 3.07 38.95 -9.15
CA ALA C 583 4.31 38.84 -8.38
C ALA C 583 4.08 38.81 -6.86
N TYR C 584 3.21 39.70 -6.40
CA TYR C 584 2.79 39.76 -5.00
C TYR C 584 1.95 38.47 -4.72
N ARG C 585 0.78 38.41 -5.30
CA ARG C 585 -0.19 37.39 -5.01
C ARG C 585 0.30 35.95 -5.09
N PHE C 586 1.21 35.60 -6.03
CA PHE C 586 1.53 34.16 -6.30
C PHE C 586 2.99 33.83 -6.22
N LEU C 587 3.86 34.78 -6.36
CA LEU C 587 5.27 34.48 -6.31
C LEU C 587 5.92 34.99 -5.04
N ASN C 588 5.12 35.72 -4.25
CA ASN C 588 5.56 36.36 -3.03
C ASN C 588 6.91 37.08 -3.25
N GLU C 589 6.95 37.89 -4.32
CA GLU C 589 8.04 38.87 -4.55
C GLU C 589 7.45 40.17 -5.01
N SER C 590 8.09 41.27 -4.62
CA SER C 590 7.57 42.61 -4.91
C SER C 590 7.90 42.93 -6.35
N PRO C 591 6.88 43.33 -7.12
CA PRO C 591 7.22 43.82 -8.41
C PRO C 591 8.23 44.96 -8.32
N TRP C 592 8.13 45.79 -7.27
CA TRP C 592 9.06 46.92 -7.15
C TRP C 592 10.47 46.39 -7.01
N TYR C 593 10.63 45.35 -6.21
CA TYR C 593 11.94 44.72 -6.00
C TYR C 593 12.51 44.23 -7.33
N ARG C 594 11.63 43.55 -8.09
CA ARG C 594 11.94 43.02 -9.45
C ARG C 594 12.49 44.14 -10.32
N LEU C 595 11.75 45.24 -10.34
CA LEU C 595 12.17 46.40 -11.09
C LEU C 595 13.51 46.90 -10.60
N ARG C 596 13.69 47.11 -9.29
CA ARG C 596 14.92 47.68 -8.80
C ARG C 596 16.07 46.82 -9.21
N LYS C 597 15.90 45.50 -9.07
CA LYS C 597 17.07 44.63 -9.12
C LYS C 597 17.53 44.52 -10.57
N LEU C 598 16.55 44.53 -11.47
CA LEU C 598 16.78 44.47 -12.93
C LEU C 598 17.34 45.75 -13.45
N ARG C 599 16.79 46.86 -12.99
CA ARG C 599 17.25 48.18 -13.38
C ARG C 599 18.77 48.37 -13.18
N LYS C 600 19.34 47.84 -12.08
CA LYS C 600 20.78 47.89 -11.87
C LYS C 600 21.52 47.00 -12.84
N LEU C 601 20.92 45.88 -13.23
CA LEU C 601 21.61 44.89 -14.09
C LEU C 601 21.57 45.22 -15.56
N MET C 602 20.65 46.12 -15.93
CA MET C 602 20.33 46.43 -17.31
C MET C 602 20.35 47.95 -17.54
N PRO C 603 21.45 48.56 -17.16
CA PRO C 603 21.54 50.01 -17.15
C PRO C 603 21.40 50.71 -18.50
N ASN C 604 21.54 49.97 -19.62
CA ASN C 604 21.44 50.58 -20.96
C ASN C 604 20.28 50.12 -21.82
N THR C 605 19.26 49.60 -21.19
CA THR C 605 18.19 49.04 -21.92
C THR C 605 16.95 49.74 -21.45
N MET C 606 16.18 50.27 -22.35
CA MET C 606 14.99 50.97 -21.93
C MET C 606 14.01 49.96 -21.32
N PHE C 607 13.34 50.36 -20.24
CA PHE C 607 12.41 49.50 -19.58
C PHE C 607 11.05 50.04 -19.93
N GLN C 608 10.20 49.14 -20.40
CA GLN C 608 8.89 49.52 -20.82
C GLN C 608 7.87 48.72 -20.04
N MET C 609 6.72 49.35 -19.78
CA MET C 609 5.61 48.71 -19.10
C MET C 609 4.35 48.99 -19.79
N LEU C 610 3.44 48.06 -19.71
CA LEU C 610 2.10 48.28 -20.16
C LEU C 610 1.46 48.98 -19.01
N PHE C 611 0.49 49.86 -19.32
CA PHE C 611 -0.12 50.75 -18.32
C PHE C 611 -1.50 51.14 -18.78
N ARG C 612 -2.53 50.78 -18.00
CA ARG C 612 -3.92 51.11 -18.32
C ARG C 612 -4.20 52.58 -17.95
N GLY C 613 -4.72 53.37 -18.88
CA GLY C 613 -4.67 54.83 -18.76
C GLY C 613 -5.25 55.34 -17.46
N SER C 614 -6.47 54.95 -17.22
CA SER C 614 -7.18 55.33 -16.03
C SER C 614 -6.70 54.63 -14.75
N ASN C 615 -6.42 53.32 -14.81
CA ASN C 615 -6.17 52.50 -13.62
C ASN C 615 -4.75 52.01 -13.38
N ALA C 616 -3.74 52.52 -14.07
CA ALA C 616 -2.36 51.98 -13.99
C ALA C 616 -2.33 50.43 -14.03
N VAL C 617 -2.10 49.76 -12.90
CA VAL C 617 -1.99 48.29 -12.88
C VAL C 617 -3.13 47.59 -12.16
N GLY C 618 -4.14 48.35 -11.76
CA GLY C 618 -5.19 47.82 -10.90
C GLY C 618 -6.54 47.76 -11.59
N TYR C 619 -7.59 47.45 -10.83
CA TYR C 619 -8.95 47.31 -11.38
C TYR C 619 -10.01 48.10 -10.65
N GLN C 620 -9.64 48.78 -9.57
CA GLN C 620 -10.54 49.72 -8.91
C GLN C 620 -10.51 51.05 -9.65
N ASN C 621 -11.34 51.98 -9.19
CA ASN C 621 -11.48 53.26 -9.82
C ASN C 621 -10.74 54.36 -9.05
N TYR C 622 -9.46 54.55 -9.33
CA TYR C 622 -8.59 55.47 -8.55
C TYR C 622 -8.74 56.93 -9.02
N PRO C 623 -8.61 57.87 -8.09
CA PRO C 623 -8.59 59.26 -8.52
C PRO C 623 -7.27 59.60 -9.21
N ASP C 624 -7.27 60.74 -9.87
CA ASP C 624 -6.20 61.12 -10.75
C ASP C 624 -4.89 61.34 -10.02
N ASN C 625 -4.96 61.74 -8.78
CA ASN C 625 -3.73 62.08 -8.04
C ASN C 625 -2.91 60.84 -7.76
N VAL C 626 -3.61 59.68 -7.72
CA VAL C 626 -2.99 58.37 -7.53
C VAL C 626 -2.18 57.99 -8.75
N ILE C 627 -2.86 58.05 -9.90
CA ILE C 627 -2.27 57.68 -11.17
C ILE C 627 -1.01 58.49 -11.37
N GLU C 628 -1.12 59.81 -11.22
CA GLU C 628 0.06 60.69 -11.31
C GLU C 628 1.14 60.20 -10.36
N GLU C 629 0.70 59.75 -9.18
CA GLU C 629 1.68 59.38 -8.19
C GLU C 629 2.36 58.09 -8.62
N PHE C 630 1.56 57.11 -9.04
CA PHE C 630 2.14 55.85 -9.54
C PHE C 630 3.28 56.15 -10.52
N ILE C 631 2.90 56.94 -11.51
CA ILE C 631 3.77 57.25 -12.59
C ILE C 631 5.03 57.90 -12.06
N ARG C 632 4.89 58.86 -11.14
CA ARG C 632 6.08 59.56 -10.63
C ARG C 632 7.08 58.54 -10.13
N VAL C 633 6.54 57.54 -9.42
CA VAL C 633 7.35 56.58 -8.68
C VAL C 633 7.96 55.60 -9.66
N ALA C 634 7.09 55.07 -10.51
CA ALA C 634 7.52 54.13 -11.51
C ALA C 634 8.68 54.75 -12.31
N ALA C 635 8.47 55.98 -12.75
CA ALA C 635 9.47 56.72 -13.53
C ALA C 635 10.76 56.81 -12.77
N HIS C 636 10.61 57.13 -11.49
CA HIS C 636 11.77 57.36 -10.64
C HIS C 636 12.53 56.05 -10.45
N GLU C 637 11.77 54.95 -10.32
CA GLU C 637 12.35 53.66 -9.86
C GLU C 637 13.01 52.89 -11.01
N GLY C 638 12.68 53.26 -12.26
CA GLY C 638 13.43 52.78 -13.42
C GLY C 638 12.70 52.67 -14.77
N ILE C 639 11.43 53.07 -14.83
CA ILE C 639 10.67 52.82 -16.04
C ILE C 639 10.76 53.98 -17.02
N ASP C 640 11.13 53.63 -18.26
CA ASP C 640 11.37 54.60 -19.33
C ASP C 640 10.18 54.76 -20.28
N VAL C 641 9.46 53.71 -20.54
CA VAL C 641 8.51 53.75 -21.63
C VAL C 641 7.17 53.27 -21.14
N PHE C 642 6.18 54.12 -21.20
CA PHE C 642 4.92 53.76 -20.66
C PHE C 642 3.98 53.57 -21.82
N ARG C 643 3.69 52.33 -22.15
CA ARG C 643 2.67 52.11 -23.13
C ARG C 643 1.34 52.29 -22.43
N ILE C 644 0.64 53.34 -22.79
CA ILE C 644 -0.60 53.66 -22.17
C ILE C 644 -1.80 53.29 -23.03
N PHE C 645 -2.68 52.43 -22.55
CA PHE C 645 -3.88 52.10 -23.34
C PHE C 645 -5.16 52.23 -22.58
N ASP C 646 -6.28 52.02 -23.26
CA ASP C 646 -7.53 52.01 -22.56
C ASP C 646 -8.37 50.97 -23.21
N SER C 647 -9.13 50.27 -22.41
CA SER C 647 -9.81 49.09 -22.82
C SER C 647 -10.90 49.37 -23.85
N LEU C 648 -11.27 50.63 -24.05
CA LEU C 648 -12.29 50.94 -25.08
C LEU C 648 -11.79 52.04 -26.01
N ASN C 649 -10.47 52.17 -26.04
CA ASN C 649 -9.79 53.17 -26.82
C ASN C 649 -10.46 54.51 -26.69
N TRP C 650 -10.74 54.88 -25.45
CA TRP C 650 -11.46 56.09 -25.14
C TRP C 650 -10.46 57.11 -24.59
N LEU C 651 -10.19 58.11 -25.43
CA LEU C 651 -9.08 59.04 -25.19
C LEU C 651 -9.04 59.71 -23.81
N PRO C 652 -10.20 60.17 -23.31
CA PRO C 652 -10.17 60.83 -21.99
C PRO C 652 -9.43 60.05 -20.87
N GLN C 653 -9.45 58.71 -20.90
CA GLN C 653 -8.78 57.90 -19.84
C GLN C 653 -7.26 57.91 -20.03
N MET C 654 -6.82 58.18 -21.26
CA MET C 654 -5.38 58.18 -21.53
C MET C 654 -4.70 59.52 -21.28
N GLU C 655 -5.48 60.61 -21.44
CA GLU C 655 -4.96 62.01 -21.45
C GLU C 655 -4.07 62.40 -20.29
N LYS C 656 -4.56 62.20 -19.05
CA LYS C 656 -3.77 62.60 -17.87
C LYS C 656 -2.45 61.85 -17.78
N SER C 657 -2.55 60.53 -17.91
CA SER C 657 -1.38 59.64 -17.81
C SER C 657 -0.27 59.99 -18.81
N ILE C 658 -0.70 60.34 -20.03
CA ILE C 658 0.24 60.72 -21.08
C ILE C 658 1.01 61.96 -20.67
N GLN C 659 0.25 62.95 -20.21
CA GLN C 659 0.83 64.18 -19.74
C GLN C 659 1.78 63.88 -18.59
N ALA C 660 1.27 63.10 -17.64
CA ALA C 660 2.06 62.66 -16.50
C ALA C 660 3.41 62.06 -16.88
N VAL C 661 3.41 61.26 -17.93
CA VAL C 661 4.63 60.59 -18.30
C VAL C 661 5.60 61.61 -18.85
N ARG C 662 5.04 62.52 -19.66
CA ARG C 662 5.81 63.60 -20.26
C ARG C 662 6.46 64.36 -19.13
N ASP C 663 5.63 64.75 -18.16
CA ASP C 663 6.06 65.56 -17.02
C ASP C 663 7.18 64.91 -16.26
N ASN C 664 7.21 63.58 -16.16
CA ASN C 664 8.38 62.91 -15.53
C ASN C 664 9.54 62.64 -16.47
N GLY C 665 9.44 63.09 -17.71
CA GLY C 665 10.60 63.14 -18.62
C GLY C 665 10.85 61.81 -19.28
N LYS C 666 9.76 61.18 -19.69
CA LYS C 666 9.82 59.80 -20.09
C LYS C 666 8.99 59.61 -21.31
N ILE C 667 9.08 58.43 -21.90
CA ILE C 667 8.44 58.19 -23.18
C ILE C 667 7.04 57.64 -23.03
N ALA C 668 6.15 58.13 -23.84
CA ALA C 668 4.76 57.79 -23.67
C ALA C 668 4.17 57.26 -24.94
N GLU C 669 3.83 55.98 -24.94
CA GLU C 669 3.22 55.42 -26.11
C GLU C 669 1.74 55.46 -25.93
N ALA C 670 1.08 56.28 -26.70
CA ALA C 670 -0.37 56.24 -26.72
C ALA C 670 -0.76 55.05 -27.51
N THR C 671 -1.75 54.30 -27.07
CA THR C 671 -2.05 53.11 -27.82
C THR C 671 -3.48 52.92 -28.22
N ILE C 672 -3.58 52.52 -29.50
CA ILE C 672 -4.80 52.01 -30.07
C ILE C 672 -4.80 50.51 -29.97
N CYS C 673 -5.89 49.98 -29.46
CA CYS C 673 -6.14 48.54 -29.46
C CYS C 673 -6.84 48.11 -30.75
N TYR C 674 -6.38 47.04 -31.38
CA TYR C 674 -6.97 46.64 -32.67
C TYR C 674 -8.00 45.57 -32.43
N THR C 675 -9.14 45.68 -33.09
CA THR C 675 -10.14 44.63 -33.09
C THR C 675 -10.74 44.57 -34.49
N GLY C 676 -11.54 43.56 -34.74
CA GLY C 676 -12.13 43.37 -36.07
C GLY C 676 -11.15 43.09 -37.20
N ASP C 677 -11.54 43.49 -38.41
CA ASP C 677 -10.73 43.31 -39.60
C ASP C 677 -11.05 44.50 -40.47
N ILE C 678 -10.11 45.44 -40.59
CA ILE C 678 -10.28 46.57 -41.52
C ILE C 678 -10.61 46.18 -42.96
N LEU C 679 -10.19 45.03 -43.45
CA LEU C 679 -10.51 44.63 -44.82
C LEU C 679 -11.78 43.81 -44.94
N ASP C 680 -12.59 43.84 -43.87
CA ASP C 680 -13.90 43.19 -43.87
C ASP C 680 -14.98 44.25 -43.90
N PRO C 681 -15.58 44.47 -45.09
CA PRO C 681 -16.51 45.58 -45.27
C PRO C 681 -17.75 45.44 -44.42
N SER C 682 -18.09 44.20 -44.04
CA SER C 682 -19.26 43.98 -43.18
C SER C 682 -19.00 44.31 -41.69
N ARG C 683 -17.77 44.62 -41.30
CA ARG C 683 -17.48 45.10 -39.91
C ARG C 683 -16.96 46.56 -39.95
N PRO C 684 -17.80 47.45 -40.46
CA PRO C 684 -17.33 48.79 -40.79
C PRO C 684 -17.01 49.64 -39.59
N LYS C 685 -17.43 49.16 -38.41
CA LYS C 685 -17.34 49.98 -37.21
C LYS C 685 -15.90 50.34 -36.88
N TYR C 686 -15.00 49.38 -37.12
CA TYR C 686 -13.59 49.54 -36.85
C TYR C 686 -12.87 49.39 -38.19
N ASN C 687 -13.30 50.24 -39.12
CA ASN C 687 -12.69 50.38 -40.42
C ASN C 687 -11.45 51.27 -40.40
N ILE C 688 -10.83 51.45 -41.55
CA ILE C 688 -9.50 52.07 -41.62
C ILE C 688 -9.59 53.53 -41.15
N GLN C 689 -10.74 54.15 -41.40
CA GLN C 689 -10.94 55.54 -41.00
C GLN C 689 -10.89 55.71 -39.45
N TYR C 690 -11.67 54.89 -38.75
CA TYR C 690 -11.67 54.83 -37.28
C TYR C 690 -10.25 54.96 -36.70
N TYR C 691 -9.32 54.15 -37.21
CA TYR C 691 -7.93 54.14 -36.68
C TYR C 691 -7.23 55.44 -37.03
N LYS C 692 -7.32 55.87 -38.30
CA LYS C 692 -6.68 57.14 -38.73
C LYS C 692 -7.10 58.31 -37.81
N ASP C 693 -8.42 58.45 -37.58
CA ASP C 693 -8.96 59.57 -36.78
C ASP C 693 -8.43 59.54 -35.35
N LEU C 694 -8.56 58.38 -34.72
CA LEU C 694 -8.00 58.18 -33.40
C LEU C 694 -6.49 58.50 -33.34
N ALA C 695 -5.74 58.05 -34.32
CA ALA C 695 -4.33 58.35 -34.35
C ALA C 695 -4.04 59.86 -34.33
N LYS C 696 -4.84 60.63 -35.09
CA LYS C 696 -4.74 62.10 -35.10
C LYS C 696 -4.90 62.62 -33.67
N GLU C 697 -6.06 62.29 -33.08
CA GLU C 697 -6.37 62.70 -31.72
C GLU C 697 -5.24 62.38 -30.77
N LEU C 698 -4.68 61.18 -30.90
CA LEU C 698 -3.62 60.77 -29.98
C LEU C 698 -2.34 61.52 -30.24
N GLU C 699 -2.09 61.86 -31.50
CA GLU C 699 -0.86 62.60 -31.79
C GLU C 699 -0.98 63.93 -31.05
N ALA C 700 -2.21 64.46 -31.05
CA ALA C 700 -2.58 65.73 -30.44
C ALA C 700 -2.31 65.85 -28.95
N THR C 701 -2.39 64.73 -28.22
CA THR C 701 -2.08 64.69 -26.79
C THR C 701 -0.60 64.87 -26.42
N GLY C 702 0.29 64.87 -27.39
CA GLY C 702 1.72 65.02 -27.09
C GLY C 702 2.38 63.72 -26.72
N ALA C 703 1.73 62.59 -27.06
CA ALA C 703 2.41 61.29 -26.98
C ALA C 703 3.67 61.28 -27.84
N HIS C 704 4.72 60.64 -27.38
CA HIS C 704 5.91 60.50 -28.20
C HIS C 704 5.78 59.46 -29.32
N ILE C 705 4.95 58.44 -29.11
CA ILE C 705 4.87 57.26 -30.01
C ILE C 705 3.46 56.67 -30.11
N LEU C 706 3.05 56.26 -31.30
CA LEU C 706 1.79 55.57 -31.47
C LEU C 706 2.02 54.05 -31.39
N ALA C 707 1.12 53.40 -30.67
CA ALA C 707 1.27 51.99 -30.47
C ALA C 707 0.01 51.30 -30.93
N VAL C 708 0.19 50.20 -31.64
CA VAL C 708 -0.95 49.42 -32.02
C VAL C 708 -0.87 48.07 -31.31
N LYS C 709 -1.81 47.83 -30.40
CA LYS C 709 -1.80 46.68 -29.51
C LYS C 709 -2.87 45.77 -30.05
N ASP C 710 -2.44 44.77 -30.82
CA ASP C 710 -3.33 43.72 -31.28
C ASP C 710 -3.42 42.60 -30.28
N MET C 711 -4.39 42.67 -29.38
CA MET C 711 -4.34 41.83 -28.19
C MET C 711 -4.53 40.37 -28.54
N ALA C 712 -5.35 40.16 -29.56
CA ALA C 712 -5.85 38.82 -29.82
C ALA C 712 -5.16 38.19 -30.99
N GLY C 713 -4.21 38.91 -31.59
CA GLY C 713 -3.52 38.43 -32.81
C GLY C 713 -4.45 38.35 -34.02
N LEU C 714 -5.28 39.38 -34.21
CA LEU C 714 -6.30 39.44 -35.25
C LEU C 714 -5.85 40.15 -36.47
N LEU C 715 -4.70 40.82 -36.37
CA LEU C 715 -4.13 41.51 -37.52
C LEU C 715 -3.56 40.54 -38.55
N LYS C 716 -4.31 40.36 -39.63
CA LYS C 716 -3.84 39.55 -40.74
C LYS C 716 -2.85 40.39 -41.51
N PRO C 717 -2.00 39.73 -42.32
CA PRO C 717 -0.81 40.48 -42.80
C PRO C 717 -1.12 41.54 -43.90
N GLN C 718 -2.07 41.24 -44.76
CA GLN C 718 -2.60 42.23 -45.67
C GLN C 718 -3.05 43.49 -44.93
N ALA C 719 -4.02 43.30 -44.04
CA ALA C 719 -4.47 44.39 -43.18
C ALA C 719 -3.32 45.13 -42.46
N ALA C 720 -2.30 44.40 -42.00
CA ALA C 720 -1.18 45.07 -41.34
C ALA C 720 -0.50 46.04 -42.25
N TYR C 721 -0.32 45.64 -43.51
CA TYR C 721 0.32 46.53 -44.49
C TYR C 721 -0.57 47.74 -44.79
N ARG C 722 -1.87 47.55 -45.03
CA ARG C 722 -2.77 48.72 -45.21
C ARG C 722 -2.82 49.63 -44.02
N LEU C 723 -2.93 49.05 -42.82
CA LEU C 723 -3.03 49.85 -41.60
C LEU C 723 -1.77 50.64 -41.25
N ILE C 724 -0.64 50.00 -41.26
CA ILE C 724 0.56 50.74 -40.88
C ILE C 724 0.85 51.82 -41.91
N SER C 725 0.68 51.45 -43.17
CA SER C 725 0.79 52.36 -44.28
C SER C 725 -0.05 53.63 -44.04
N GLU C 726 -1.38 53.49 -43.92
CA GLU C 726 -2.26 54.66 -43.73
C GLU C 726 -2.01 55.45 -42.43
N LEU C 727 -1.62 54.79 -41.36
CA LEU C 727 -1.29 55.53 -40.17
C LEU C 727 -0.01 56.31 -40.34
N LYS C 728 0.92 55.81 -41.13
CA LYS C 728 2.16 56.56 -41.30
C LYS C 728 1.90 57.80 -42.10
N ASP C 729 0.86 57.72 -42.91
CA ASP C 729 0.47 58.85 -43.70
C ASP C 729 -0.20 59.91 -42.90
N THR C 730 -0.74 59.49 -41.76
CA THR C 730 -1.65 60.28 -41.01
C THR C 730 -0.94 61.02 -39.90
N VAL C 731 0.13 60.46 -39.36
CA VAL C 731 0.80 61.02 -38.20
C VAL C 731 2.29 60.79 -38.24
N ASP C 732 3.06 61.65 -37.61
CA ASP C 732 4.50 61.66 -37.81
C ASP C 732 5.23 60.96 -36.71
N LEU C 733 4.48 60.35 -35.79
CA LEU C 733 5.13 59.74 -34.63
C LEU C 733 5.32 58.28 -34.90
N PRO C 734 6.45 57.72 -34.43
CA PRO C 734 6.83 56.36 -34.74
C PRO C 734 5.74 55.42 -34.35
N ILE C 735 5.64 54.31 -35.08
CA ILE C 735 4.60 53.32 -34.81
C ILE C 735 5.22 52.06 -34.27
N HIS C 736 4.70 51.63 -33.12
CA HIS C 736 5.17 50.46 -32.37
C HIS C 736 4.05 49.44 -32.40
N LEU C 737 4.31 48.31 -33.04
CA LEU C 737 3.23 47.34 -33.29
C LEU C 737 3.43 46.17 -32.40
N HIS C 738 2.29 45.63 -31.91
CA HIS C 738 2.28 44.51 -30.98
C HIS C 738 1.21 43.54 -31.37
N THR C 739 1.60 42.31 -31.74
CA THR C 739 0.61 41.28 -32.06
C THR C 739 0.96 39.97 -31.31
N HIS C 740 0.17 38.94 -31.56
CA HIS C 740 0.38 37.64 -30.98
C HIS C 740 0.26 36.57 -32.08
N ASP C 741 1.08 35.53 -31.94
CA ASP C 741 1.30 34.57 -32.99
C ASP C 741 0.29 33.40 -32.92
N THR C 742 -0.80 33.61 -32.21
CA THR C 742 -1.86 32.62 -32.06
C THR C 742 -2.34 32.05 -33.38
N SER C 743 -2.56 32.89 -34.37
CA SER C 743 -3.11 32.41 -35.65
C SER C 743 -2.08 31.74 -36.52
N GLY C 744 -0.81 31.78 -36.13
CA GLY C 744 0.26 31.27 -36.98
C GLY C 744 0.82 32.33 -37.92
N ASN C 745 0.18 33.51 -37.93
CA ASN C 745 0.50 34.56 -38.87
C ASN C 745 1.19 35.78 -38.28
N GLY C 746 1.84 35.64 -37.16
CA GLY C 746 2.52 36.75 -36.58
C GLY C 746 3.72 37.22 -37.36
N ILE C 747 4.60 36.30 -37.77
CA ILE C 747 5.81 36.71 -38.49
C ILE C 747 5.49 37.38 -39.83
N ILE C 748 4.54 36.80 -40.58
CA ILE C 748 4.19 37.39 -41.85
C ILE C 748 3.47 38.71 -41.64
N THR C 749 2.75 38.84 -40.53
CA THR C 749 2.13 40.12 -40.23
C THR C 749 3.18 41.14 -39.89
N TYR C 750 4.08 40.84 -39.01
CA TYR C 750 5.20 41.77 -38.84
C TYR C 750 5.92 42.07 -40.16
N SER C 751 6.05 41.09 -41.09
CA SER C 751 6.80 41.33 -42.32
C SER C 751 6.07 42.41 -43.17
N GLY C 752 4.82 42.14 -43.45
CA GLY C 752 3.94 43.13 -44.03
C GLY C 752 4.09 44.49 -43.39
N ALA C 753 3.98 44.55 -42.07
CA ALA C 753 4.05 45.82 -41.38
C ALA C 753 5.41 46.45 -41.58
N THR C 754 6.47 45.66 -41.72
CA THR C 754 7.79 46.30 -41.85
C THR C 754 7.99 46.83 -43.26
N GLN C 755 7.33 46.20 -44.23
CA GLN C 755 7.25 46.81 -45.56
C GLN C 755 6.50 48.12 -45.54
N ALA C 756 5.45 48.24 -44.75
CA ALA C 756 4.70 49.50 -44.68
C ALA C 756 5.34 50.49 -43.79
N GLY C 757 6.55 50.23 -43.31
CA GLY C 757 7.29 51.27 -42.58
C GLY C 757 7.17 51.34 -41.07
N VAL C 758 6.60 50.30 -40.47
CA VAL C 758 6.46 50.27 -39.01
C VAL C 758 7.79 50.44 -38.26
N ASP C 759 7.85 51.29 -37.23
CA ASP C 759 9.16 51.70 -36.69
C ASP C 759 9.70 50.71 -35.73
N ILE C 760 8.80 50.16 -34.93
CA ILE C 760 9.13 49.19 -33.88
C ILE C 760 8.13 48.03 -33.81
N ILE C 761 8.65 46.84 -33.54
CA ILE C 761 7.78 45.68 -33.30
C ILE C 761 8.14 44.91 -32.05
N ASP C 762 7.14 44.20 -31.52
CA ASP C 762 7.26 43.51 -30.22
C ASP C 762 7.54 42.05 -30.45
N VAL C 763 8.65 41.55 -29.92
CA VAL C 763 8.97 40.13 -30.07
C VAL C 763 9.43 39.43 -28.77
N ALA C 764 9.31 38.11 -28.76
CA ALA C 764 9.84 37.31 -27.62
C ALA C 764 10.97 36.43 -28.09
N THR C 765 11.89 36.13 -27.20
CA THR C 765 12.89 35.15 -27.54
C THR C 765 12.17 33.86 -27.95
N ALA C 766 12.83 33.08 -28.80
CA ALA C 766 12.19 32.01 -29.50
C ALA C 766 11.58 31.01 -28.56
N SER C 767 12.34 30.64 -27.53
CA SER C 767 11.88 29.68 -26.53
C SER C 767 10.66 30.08 -25.72
N LEU C 768 10.28 31.35 -25.73
CA LEU C 768 9.04 31.80 -25.07
C LEU C 768 8.12 32.50 -26.04
N ALA C 769 8.23 32.08 -27.30
CA ALA C 769 7.56 32.70 -28.43
C ALA C 769 6.70 31.69 -29.12
N GLY C 770 5.77 32.17 -29.89
CA GLY C 770 4.89 31.30 -30.66
C GLY C 770 3.61 31.16 -29.94
N GLY C 771 2.69 30.45 -30.55
CA GLY C 771 1.34 30.29 -30.01
C GLY C 771 0.85 31.67 -29.63
N THR C 772 0.43 31.82 -28.39
CA THR C 772 -0.18 33.05 -27.94
C THR C 772 0.81 34.02 -27.42
N SER C 773 2.09 33.70 -27.51
CA SER C 773 3.12 34.68 -27.25
C SER C 773 3.35 35.61 -28.45
N GLN C 774 4.41 36.40 -28.38
CA GLN C 774 4.80 37.19 -29.53
C GLN C 774 5.52 36.35 -30.53
N PRO C 775 5.59 36.83 -31.76
CA PRO C 775 6.40 36.13 -32.72
C PRO C 775 7.88 36.14 -32.36
N SER C 776 8.63 35.18 -32.88
CA SER C 776 10.04 34.98 -32.46
C SER C 776 10.92 36.15 -32.84
N MET C 777 11.59 36.74 -31.90
CA MET C 777 12.69 37.63 -32.24
C MET C 777 13.68 36.99 -33.22
N GLN C 778 14.22 35.80 -32.92
CA GLN C 778 15.23 35.18 -33.81
C GLN C 778 14.63 34.89 -35.20
N SER C 779 13.38 34.45 -35.26
CA SER C 779 12.77 34.15 -36.55
C SER C 779 12.60 35.39 -37.42
N ILE C 780 12.13 36.50 -36.83
CA ILE C 780 11.82 37.70 -37.60
C ILE C 780 13.11 38.28 -38.22
N TYR C 781 14.24 38.10 -37.59
CA TYR C 781 15.50 38.44 -38.22
C TYR C 781 15.70 37.72 -39.55
N TYR C 782 15.53 36.40 -39.53
CA TYR C 782 15.78 35.59 -40.72
C TYR C 782 14.70 35.81 -41.80
N ALA C 783 13.53 36.26 -41.36
CA ALA C 783 12.40 36.47 -42.25
C ALA C 783 12.60 37.69 -43.10
N LEU C 784 13.37 38.62 -42.57
CA LEU C 784 13.67 39.88 -43.24
C LEU C 784 15.14 39.99 -43.63
N GLU C 785 15.80 38.86 -43.83
CA GLU C 785 17.24 38.90 -43.78
C GLU C 785 17.78 39.62 -44.99
N HIS C 786 17.29 39.19 -46.16
CA HIS C 786 17.78 39.74 -47.42
C HIS C 786 16.75 40.70 -48.04
N GLY C 787 15.84 41.17 -47.22
CA GLY C 787 14.82 42.06 -47.67
C GLY C 787 15.22 43.52 -47.65
N PRO C 788 14.30 44.37 -48.08
CA PRO C 788 14.64 45.76 -48.22
C PRO C 788 14.88 46.35 -46.87
N ARG C 789 14.32 45.75 -45.83
CA ARG C 789 14.45 46.31 -44.50
C ARG C 789 14.80 45.22 -43.52
N HIS C 790 15.93 45.35 -42.85
CA HIS C 790 16.36 44.31 -41.92
C HIS C 790 15.84 44.56 -40.50
N ALA C 791 15.96 43.57 -39.65
CA ALA C 791 15.62 43.75 -38.24
C ALA C 791 16.89 44.11 -37.45
N SER C 792 16.82 45.09 -36.55
CA SER C 792 18.02 45.56 -35.84
C SER C 792 18.20 44.80 -34.53
N ILE C 793 19.05 43.77 -34.60
CA ILE C 793 19.27 42.87 -33.50
C ILE C 793 20.49 41.99 -33.75
N ASN C 794 21.21 41.64 -32.69
CA ASN C 794 22.38 40.77 -32.84
C ASN C 794 21.94 39.32 -32.77
N VAL C 795 21.59 38.74 -33.91
CA VAL C 795 20.88 37.49 -33.88
C VAL C 795 21.75 36.36 -33.34
N LYS C 796 23.05 36.41 -33.58
CA LYS C 796 23.92 35.37 -33.00
C LYS C 796 23.77 35.39 -31.46
N ASN C 797 24.04 36.55 -30.87
CA ASN C 797 23.85 36.76 -29.45
C ASN C 797 22.47 36.40 -28.94
N ALA C 798 21.44 36.74 -29.68
CA ALA C 798 20.09 36.35 -29.30
C ALA C 798 19.92 34.85 -29.30
N GLU C 799 20.49 34.15 -30.27
CA GLU C 799 20.32 32.70 -30.34
C GLU C 799 20.99 32.06 -29.12
N GLN C 800 22.07 32.66 -28.65
CA GLN C 800 22.80 32.15 -27.48
C GLN C 800 22.02 32.37 -26.21
N ILE C 801 21.57 33.59 -26.02
CA ILE C 801 20.65 33.87 -24.96
C ILE C 801 19.40 32.95 -25.00
N ASP C 802 18.87 32.62 -26.16
CA ASP C 802 17.67 31.80 -26.17
C ASP C 802 17.90 30.45 -25.55
N HIS C 803 19.17 30.01 -25.46
CA HIS C 803 19.49 28.75 -24.79
C HIS C 803 19.22 28.80 -23.31
N TYR C 804 19.56 29.91 -22.70
CA TYR C 804 19.24 30.09 -21.32
C TYR C 804 17.70 30.03 -21.12
N TRP C 805 16.94 30.69 -21.96
CA TRP C 805 15.51 30.73 -21.77
C TRP C 805 14.95 29.37 -22.06
N GLU C 806 15.56 28.65 -23.00
CA GLU C 806 15.07 27.30 -23.30
C GLU C 806 15.09 26.45 -22.03
N ASP C 807 16.23 26.49 -21.34
CA ASP C 807 16.47 25.71 -20.15
C ASP C 807 15.52 26.10 -19.03
N VAL C 808 15.45 27.40 -18.79
CA VAL C 808 14.69 27.93 -17.67
C VAL C 808 13.23 27.61 -17.78
N ARG C 809 12.71 27.61 -18.97
CA ARG C 809 11.28 27.38 -19.14
C ARG C 809 10.87 25.97 -18.64
N LYS C 810 11.86 25.08 -18.55
CA LYS C 810 11.59 23.75 -18.05
C LYS C 810 11.19 23.81 -16.58
N TYR C 811 11.82 24.68 -15.81
CA TYR C 811 11.33 24.88 -14.45
C TYR C 811 9.81 25.16 -14.39
N TYR C 812 9.21 25.73 -15.41
CA TYR C 812 7.82 26.17 -15.29
C TYR C 812 6.76 25.17 -15.81
N ALA C 813 7.22 23.96 -16.05
CA ALA C 813 6.34 22.91 -16.55
C ALA C 813 4.90 22.86 -16.02
N PRO C 814 4.69 23.01 -14.71
CA PRO C 814 3.35 23.00 -14.13
C PRO C 814 2.44 24.05 -14.69
N PHE C 815 3.00 25.18 -15.08
CA PHE C 815 2.17 26.25 -15.63
C PHE C 815 2.01 26.23 -17.13
N GLU C 816 2.77 25.37 -17.79
CA GLU C 816 2.67 25.26 -19.23
C GLU C 816 1.21 25.01 -19.65
N ALA C 817 0.79 25.51 -20.79
CA ALA C 817 -0.62 25.37 -21.14
C ALA C 817 -0.90 24.10 -21.94
N GLY C 818 0.09 23.25 -22.16
CA GLY C 818 -0.15 22.02 -22.91
C GLY C 818 0.04 22.20 -24.40
N ILE C 819 -0.58 21.34 -25.22
CA ILE C 819 -0.28 21.32 -26.67
C ILE C 819 -0.78 22.62 -27.28
N THR C 820 0.13 23.35 -27.89
CA THR C 820 -0.23 24.62 -28.58
C THR C 820 0.15 24.46 -30.05
N SER C 821 -0.80 24.77 -30.93
CA SER C 821 -0.58 24.79 -32.37
C SER C 821 -1.26 26.03 -32.93
N PRO C 822 -1.09 26.32 -34.22
CA PRO C 822 -1.79 27.49 -34.74
C PRO C 822 -3.32 27.35 -34.68
N GLN C 823 -4.03 28.43 -34.40
CA GLN C 823 -5.46 28.37 -34.26
C GLN C 823 -6.07 29.66 -34.83
N THR C 824 -6.81 29.50 -35.90
CA THR C 824 -7.38 30.63 -36.58
C THR C 824 -8.78 30.96 -36.06
N GLU C 825 -9.29 30.15 -35.16
CA GLU C 825 -10.61 30.40 -34.60
C GLU C 825 -10.55 31.72 -33.86
N VAL C 826 -9.38 32.13 -33.40
CA VAL C 826 -9.32 33.42 -32.78
C VAL C 826 -9.92 34.54 -33.67
N TYR C 827 -9.81 34.43 -34.98
CA TYR C 827 -10.45 35.42 -35.84
C TYR C 827 -11.96 35.43 -35.67
N MET C 828 -12.57 34.27 -35.46
CA MET C 828 -14.03 34.14 -35.20
C MET C 828 -14.43 34.79 -33.82
N HIS C 829 -13.71 34.54 -32.74
CA HIS C 829 -14.22 34.93 -31.42
C HIS C 829 -13.53 36.11 -30.79
N GLU C 830 -12.26 36.34 -31.10
CA GLU C 830 -11.52 37.55 -30.67
C GLU C 830 -11.13 37.68 -29.19
N MET C 831 -11.25 36.55 -28.49
CA MET C 831 -10.74 36.43 -27.13
C MET C 831 -9.26 36.52 -27.11
N PRO C 832 -8.70 37.42 -26.31
CA PRO C 832 -7.24 37.41 -26.08
C PRO C 832 -6.84 36.14 -25.34
N GLY C 833 -5.55 35.80 -25.37
CA GLY C 833 -5.06 34.53 -24.78
C GLY C 833 -5.39 34.32 -23.32
N GLY C 834 -5.35 35.42 -22.55
CA GLY C 834 -5.71 35.41 -21.13
C GLY C 834 -7.19 35.15 -20.91
N GLN C 835 -8.05 35.87 -21.60
CA GLN C 835 -9.47 35.66 -21.54
C GLN C 835 -9.89 34.22 -21.89
N TYR C 836 -9.26 33.62 -22.88
CA TYR C 836 -9.56 32.23 -23.25
C TYR C 836 -9.19 31.24 -22.13
N THR C 837 -7.99 31.40 -21.55
CA THR C 837 -7.56 30.65 -20.38
C THR C 837 -8.58 30.76 -19.23
N ASN C 838 -8.88 32.00 -18.82
CA ASN C 838 -9.80 32.28 -17.70
C ASN C 838 -11.24 31.89 -17.93
N LEU C 839 -11.67 31.82 -19.18
CA LEU C 839 -13.01 31.34 -19.47
C LEU C 839 -13.05 29.79 -19.59
N LYS C 840 -11.92 29.16 -19.88
CA LYS C 840 -11.87 27.70 -19.86
C LYS C 840 -11.94 27.25 -18.39
N SER C 841 -11.17 27.92 -17.51
CA SER C 841 -11.33 27.79 -16.03
C SER C 841 -12.77 27.91 -15.53
N GLN C 842 -13.35 29.10 -15.67
CA GLN C 842 -14.73 29.37 -15.25
C GLN C 842 -15.74 28.32 -15.74
N ALA C 843 -15.59 27.89 -16.98
CA ALA C 843 -16.48 26.89 -17.56
C ALA C 843 -16.35 25.53 -16.91
N ALA C 844 -15.11 25.09 -16.61
CA ALA C 844 -14.88 23.78 -15.97
C ALA C 844 -15.42 23.79 -14.53
N ALA C 845 -15.14 24.87 -13.78
CA ALA C 845 -15.63 25.06 -12.40
C ALA C 845 -17.15 25.18 -12.28
N VAL C 846 -17.88 25.26 -13.39
CA VAL C 846 -19.35 25.22 -13.40
C VAL C 846 -19.81 24.00 -14.24
N GLY C 847 -18.88 23.04 -14.43
CA GLY C 847 -19.15 21.81 -15.19
C GLY C 847 -19.65 21.96 -16.63
N LEU C 848 -19.23 23.03 -17.31
CA LEU C 848 -19.58 23.27 -18.71
C LEU C 848 -18.37 23.09 -19.63
N GLY C 849 -17.23 22.66 -19.08
CA GLY C 849 -16.00 22.37 -19.80
C GLY C 849 -16.22 21.56 -21.06
N HIS C 850 -17.23 20.71 -21.04
CA HIS C 850 -17.62 19.89 -22.21
C HIS C 850 -18.32 20.68 -23.35
N ARG C 851 -18.84 21.87 -23.07
CA ARG C 851 -19.61 22.62 -24.07
C ARG C 851 -18.91 23.91 -24.41
N PHE C 852 -17.58 23.90 -24.34
CA PHE C 852 -16.82 25.12 -24.54
C PHE C 852 -16.99 25.62 -25.95
N ASP C 853 -17.26 24.72 -26.89
CA ASP C 853 -17.54 25.11 -28.27
C ASP C 853 -18.73 26.06 -28.39
N GLU C 854 -19.79 25.78 -27.66
CA GLU C 854 -20.94 26.69 -27.58
C GLU C 854 -20.61 28.02 -26.87
N ILE C 855 -19.77 27.96 -25.85
CA ILE C 855 -19.33 29.16 -25.13
C ILE C 855 -18.56 30.15 -26.00
N LYS C 856 -17.70 29.63 -26.88
CA LYS C 856 -16.97 30.48 -27.80
C LYS C 856 -17.90 31.15 -28.79
N GLN C 857 -18.88 30.39 -29.26
CA GLN C 857 -19.90 30.92 -30.17
C GLN C 857 -20.68 32.06 -29.52
N MET C 858 -20.94 31.95 -28.21
CA MET C 858 -21.76 32.91 -27.50
C MET C 858 -20.97 34.18 -27.31
N TYR C 859 -19.69 34.03 -26.99
CA TYR C 859 -18.77 35.16 -26.89
C TYR C 859 -18.86 36.02 -28.13
N ARG C 860 -18.98 35.37 -29.29
CA ARG C 860 -19.09 36.11 -30.54
C ARG C 860 -20.44 36.84 -30.68
N LYS C 861 -21.52 36.15 -30.28
CA LYS C 861 -22.89 36.70 -30.31
C LYS C 861 -22.99 37.84 -29.33
N VAL C 862 -22.49 37.62 -28.11
CA VAL C 862 -22.49 38.62 -27.05
C VAL C 862 -21.74 39.85 -27.47
N ASN C 863 -20.60 39.66 -28.08
CA ASN C 863 -19.87 40.82 -28.54
C ASN C 863 -20.71 41.67 -29.50
N MET C 864 -21.38 41.01 -30.44
CA MET C 864 -22.28 41.73 -31.37
C MET C 864 -23.49 42.32 -30.63
N MET C 865 -24.09 41.56 -29.74
CA MET C 865 -25.20 42.05 -28.91
C MET C 865 -24.88 43.39 -28.20
N PHE C 866 -23.64 43.57 -27.75
CA PHE C 866 -23.21 44.78 -27.06
C PHE C 866 -22.67 45.84 -28.03
N GLY C 867 -22.93 45.68 -29.32
CA GLY C 867 -22.57 46.72 -30.30
C GLY C 867 -21.24 46.52 -30.98
N ASP C 868 -20.61 45.37 -30.74
CA ASP C 868 -19.29 45.00 -31.32
C ASP C 868 -18.21 45.87 -30.66
N ILE C 869 -17.64 45.39 -29.56
CA ILE C 869 -16.79 46.19 -28.73
C ILE C 869 -15.35 45.73 -28.71
N ILE C 870 -14.48 46.61 -28.24
CA ILE C 870 -13.08 46.31 -28.11
C ILE C 870 -12.90 45.40 -26.94
N LYS C 871 -12.46 44.18 -27.19
CA LYS C 871 -12.31 43.20 -26.10
C LYS C 871 -10.87 42.99 -25.72
N VAL C 872 -10.43 43.76 -24.73
CA VAL C 872 -9.19 43.55 -23.99
C VAL C 872 -9.49 43.68 -22.48
N THR C 873 -8.57 43.25 -21.61
CA THR C 873 -8.76 43.44 -20.19
C THR C 873 -9.07 44.88 -19.76
N PRO C 874 -10.21 45.08 -19.06
CA PRO C 874 -11.19 44.16 -18.56
C PRO C 874 -12.50 44.06 -19.31
N SER C 875 -12.62 44.74 -20.45
CA SER C 875 -13.84 44.57 -21.26
C SER C 875 -13.96 43.16 -21.80
N SER C 876 -12.84 42.43 -21.94
CA SER C 876 -12.86 41.04 -22.44
C SER C 876 -13.64 40.14 -21.49
N LYS C 877 -13.37 40.31 -20.18
CA LYS C 877 -14.12 39.58 -19.09
C LYS C 877 -15.58 39.90 -19.14
N VAL C 878 -15.95 41.16 -19.37
CA VAL C 878 -17.36 41.50 -19.49
C VAL C 878 -18.09 40.61 -20.48
N VAL C 879 -17.54 40.47 -21.67
CA VAL C 879 -18.21 39.67 -22.67
C VAL C 879 -18.14 38.25 -22.19
N GLY C 880 -17.03 37.92 -21.53
CA GLY C 880 -16.81 36.58 -21.00
C GLY C 880 -17.88 36.13 -20.05
N ASP C 881 -17.96 36.85 -18.93
CA ASP C 881 -18.98 36.66 -17.90
C ASP C 881 -20.38 36.60 -18.51
N MET C 882 -20.70 37.54 -19.38
CA MET C 882 -22.02 37.52 -20.01
C MET C 882 -22.29 36.24 -20.84
N ALA C 883 -21.29 35.77 -21.59
CA ALA C 883 -21.53 34.62 -22.48
C ALA C 883 -21.69 33.34 -21.67
N LEU C 884 -21.03 33.30 -20.52
CA LEU C 884 -21.16 32.17 -19.62
C LEU C 884 -22.59 32.16 -19.06
N PHE C 885 -22.91 33.22 -18.34
CA PHE C 885 -24.22 33.44 -17.81
C PHE C 885 -25.30 32.99 -18.81
N MET C 886 -25.25 33.43 -20.06
CA MET C 886 -26.32 33.11 -21.00
C MET C 886 -26.43 31.62 -21.29
N ILE C 887 -25.29 30.92 -21.39
CA ILE C 887 -25.26 29.48 -21.67
C ILE C 887 -25.78 28.75 -20.44
N GLN C 888 -25.15 29.06 -19.32
CA GLN C 888 -25.48 28.48 -18.02
C GLN C 888 -26.98 28.45 -17.74
N ASN C 889 -27.66 29.55 -18.05
CA ASN C 889 -29.10 29.69 -17.81
C ASN C 889 -29.91 29.45 -19.09
N ASP C 890 -29.29 28.82 -20.09
CA ASP C 890 -30.01 28.41 -21.31
C ASP C 890 -30.75 29.55 -22.07
N LEU C 891 -30.24 30.78 -22.03
CA LEU C 891 -30.90 31.88 -22.75
C LEU C 891 -30.16 32.33 -24.01
N THR C 892 -30.95 32.58 -25.04
CA THR C 892 -30.48 33.13 -26.31
C THR C 892 -30.51 34.67 -26.25
N GLU C 893 -30.21 35.32 -27.36
CA GLU C 893 -30.26 36.76 -27.43
C GLU C 893 -31.69 37.27 -27.26
N GLU C 894 -32.62 36.58 -27.88
CA GLU C 894 -34.03 36.87 -27.74
C GLU C 894 -34.46 36.79 -26.27
N ASP C 895 -34.11 35.68 -25.62
CA ASP C 895 -34.47 35.48 -24.22
C ASP C 895 -33.99 36.61 -23.30
N VAL C 896 -32.96 37.33 -23.68
CA VAL C 896 -32.46 38.42 -22.84
C VAL C 896 -33.35 39.65 -23.03
N TYR C 897 -33.59 39.99 -24.30
CA TYR C 897 -34.42 41.13 -24.63
C TYR C 897 -35.85 40.98 -24.09
N ALA C 898 -36.36 39.76 -24.05
CA ALA C 898 -37.68 39.46 -23.47
C ALA C 898 -37.70 39.55 -21.94
N ARG C 899 -36.95 38.66 -21.27
CA ARG C 899 -37.06 38.50 -19.80
C ARG C 899 -35.83 39.03 -19.05
N GLY C 900 -35.27 40.14 -19.51
CA GLY C 900 -34.07 40.68 -18.91
C GLY C 900 -34.27 41.21 -17.50
N ASN C 901 -35.42 41.86 -17.29
CA ASN C 901 -35.71 42.54 -16.02
C ASN C 901 -35.82 41.56 -14.85
N GLU C 902 -36.20 40.31 -15.16
CA GLU C 902 -36.34 39.26 -14.14
C GLU C 902 -35.03 38.48 -13.98
N LEU C 903 -33.92 39.03 -14.48
CA LEU C 903 -32.60 38.39 -14.42
C LEU C 903 -31.53 39.30 -13.85
N ASN C 904 -30.67 38.73 -13.02
CA ASN C 904 -29.55 39.48 -12.45
C ASN C 904 -28.26 39.23 -13.22
N PHE C 905 -27.93 40.20 -14.08
CA PHE C 905 -26.77 40.09 -14.95
C PHE C 905 -25.50 40.25 -14.14
N PRO C 906 -24.41 39.58 -14.55
CA PRO C 906 -23.15 39.59 -13.76
C PRO C 906 -22.59 40.99 -13.47
N GLU C 907 -21.93 41.15 -12.34
CA GLU C 907 -21.50 42.48 -11.89
C GLU C 907 -20.80 43.26 -13.01
N SER C 908 -19.74 42.66 -13.56
CA SER C 908 -18.97 43.23 -14.66
C SER C 908 -19.85 43.78 -15.80
N VAL C 909 -20.83 42.99 -16.22
CA VAL C 909 -21.72 43.38 -17.31
C VAL C 909 -22.46 44.69 -16.96
N VAL C 910 -22.89 44.79 -15.71
CA VAL C 910 -23.59 45.97 -15.23
C VAL C 910 -22.63 47.16 -15.18
N SER C 911 -21.51 47.04 -14.46
CA SER C 911 -20.51 48.12 -14.41
C SER C 911 -20.18 48.68 -15.80
N PHE C 912 -20.03 47.79 -16.76
CA PHE C 912 -19.73 48.19 -18.13
C PHE C 912 -20.80 49.15 -18.63
N PHE C 913 -22.06 48.70 -18.59
CA PHE C 913 -23.22 49.46 -19.04
C PHE C 913 -23.60 50.66 -18.15
N ARG C 914 -23.13 50.70 -16.90
CA ARG C 914 -23.22 51.91 -16.07
C ARG C 914 -22.17 52.94 -16.49
N GLY C 915 -21.25 52.54 -17.35
CA GLY C 915 -20.20 53.41 -17.85
C GLY C 915 -19.02 53.46 -16.91
N ASP C 916 -18.90 52.42 -16.07
CA ASP C 916 -17.83 52.40 -15.07
C ASP C 916 -16.50 52.07 -15.72
N LEU C 917 -16.54 51.50 -16.94
CA LEU C 917 -15.31 51.24 -17.71
C LEU C 917 -14.96 52.38 -18.62
N GLY C 918 -15.83 53.37 -18.72
CA GLY C 918 -15.65 54.47 -19.63
C GLY C 918 -16.64 54.25 -20.74
N GLN C 919 -16.51 55.04 -21.80
CA GLN C 919 -17.46 55.03 -22.90
C GLN C 919 -16.97 54.26 -24.13
N PRO C 920 -17.73 53.23 -24.52
CA PRO C 920 -17.39 52.43 -25.68
C PRO C 920 -17.53 53.22 -26.95
N VAL C 921 -16.79 52.81 -27.96
CA VAL C 921 -16.92 53.38 -29.28
C VAL C 921 -18.33 53.26 -29.81
N GLY C 922 -18.95 54.40 -30.07
CA GLY C 922 -20.31 54.43 -30.61
C GLY C 922 -21.39 54.16 -29.59
N GLY C 923 -21.04 54.27 -28.31
CA GLY C 923 -21.98 54.10 -27.19
C GLY C 923 -22.69 52.76 -27.14
N PHE C 924 -23.58 52.62 -26.18
CA PHE C 924 -24.20 51.32 -25.89
C PHE C 924 -25.44 51.15 -26.74
N PRO C 925 -25.96 49.92 -26.87
CA PRO C 925 -27.30 49.77 -27.46
C PRO C 925 -28.32 50.16 -26.41
N GLU C 926 -29.26 51.03 -26.79
CA GLU C 926 -30.07 51.71 -25.79
C GLU C 926 -31.08 50.84 -25.03
N LYS C 927 -31.87 50.02 -25.75
CA LYS C 927 -32.86 49.18 -25.06
C LYS C 927 -32.17 48.29 -24.06
N LEU C 928 -31.13 47.62 -24.53
CA LEU C 928 -30.44 46.63 -23.72
C LEU C 928 -29.83 47.29 -22.50
N GLN C 929 -29.34 48.52 -22.65
CA GLN C 929 -28.77 49.24 -21.51
C GLN C 929 -29.77 49.37 -20.35
N LYS C 930 -30.97 49.86 -20.65
CA LYS C 930 -32.03 50.00 -19.66
C LYS C 930 -32.30 48.67 -18.96
N ILE C 931 -32.45 47.63 -19.77
CA ILE C 931 -32.71 46.28 -19.26
C ILE C 931 -31.63 45.82 -18.27
N ILE C 932 -30.37 46.04 -18.61
CA ILE C 932 -29.26 45.55 -17.79
C ILE C 932 -29.03 46.44 -16.59
N VAL C 933 -29.12 47.75 -16.81
CA VAL C 933 -28.83 48.71 -15.77
C VAL C 933 -29.95 48.79 -14.71
N LYS C 934 -31.21 48.79 -15.18
CA LYS C 934 -32.40 48.87 -14.32
C LYS C 934 -32.44 50.21 -13.58
N ASP C 935 -32.49 50.16 -12.25
CA ASP C 935 -32.56 51.35 -11.42
C ASP C 935 -31.21 52.08 -11.33
N LYS C 936 -30.12 51.35 -11.51
CA LYS C 936 -28.81 51.84 -11.11
C LYS C 936 -28.40 53.14 -11.84
N ALA C 937 -27.41 53.83 -11.24
CA ALA C 937 -27.00 55.14 -11.69
C ALA C 937 -25.96 55.06 -12.81
N VAL C 938 -26.38 55.31 -14.05
CA VAL C 938 -25.46 55.39 -15.18
C VAL C 938 -24.64 56.66 -15.16
N ILE C 939 -23.31 56.56 -15.26
CA ILE C 939 -22.51 57.75 -15.59
C ILE C 939 -22.14 57.75 -17.08
N THR C 940 -21.78 58.93 -17.59
CA THR C 940 -21.33 59.04 -18.97
C THR C 940 -20.10 59.91 -19.13
N ASP C 941 -19.41 60.15 -18.04
CA ASP C 941 -18.14 60.83 -18.13
C ASP C 941 -17.06 59.88 -17.59
N ARG C 942 -15.91 60.47 -17.32
CA ARG C 942 -14.75 59.72 -16.90
C ARG C 942 -14.91 59.23 -15.44
N PRO C 943 -14.99 57.90 -15.22
CA PRO C 943 -15.21 57.43 -13.86
C PRO C 943 -14.19 57.95 -12.83
N GLY C 944 -13.00 58.35 -13.27
CA GLY C 944 -11.98 58.83 -12.31
C GLY C 944 -12.35 60.13 -11.64
N LEU C 945 -13.22 60.89 -12.29
CA LEU C 945 -13.79 62.11 -11.71
C LEU C 945 -14.64 61.78 -10.49
N HIS C 946 -15.31 60.63 -10.50
CA HIS C 946 -16.18 60.18 -9.40
C HIS C 946 -15.38 59.42 -8.34
N ALA C 947 -14.07 59.49 -8.37
CA ALA C 947 -13.31 58.58 -7.53
C ALA C 947 -13.16 59.12 -6.13
N GLU C 948 -13.52 58.30 -5.14
CA GLU C 948 -13.22 58.51 -3.71
C GLU C 948 -11.87 59.20 -3.52
N LYS C 949 -11.88 60.47 -3.13
CA LYS C 949 -10.66 61.27 -3.00
C LYS C 949 -9.68 60.54 -2.10
N VAL C 950 -8.36 60.67 -2.33
CA VAL C 950 -7.38 59.88 -1.59
C VAL C 950 -6.23 60.73 -1.13
N ASP C 951 -5.83 60.52 0.13
CA ASP C 951 -4.77 61.30 0.77
C ASP C 951 -3.60 60.42 1.09
N PHE C 952 -2.42 60.80 0.62
CA PHE C 952 -1.22 59.97 0.80
C PHE C 952 -0.73 59.94 2.23
N GLU C 953 -0.94 61.02 2.96
CA GLU C 953 -0.53 61.07 4.38
C GLU C 953 -1.42 60.17 5.26
N THR C 954 -2.73 60.30 5.11
CA THR C 954 -3.75 59.45 5.76
C THR C 954 -3.46 57.97 5.57
N VAL C 955 -3.24 57.60 4.31
CA VAL C 955 -2.99 56.22 3.91
C VAL C 955 -1.59 55.77 4.35
N LYS C 956 -0.56 56.56 4.08
CA LYS C 956 0.79 56.22 4.60
C LYS C 956 0.86 55.92 6.12
N ALA C 957 0.24 56.79 6.92
CA ALA C 957 0.16 56.58 8.37
C ALA C 957 -0.62 55.28 8.68
N ASP C 958 -1.86 55.22 8.19
CA ASP C 958 -2.71 54.03 8.30
C ASP C 958 -1.97 52.74 7.93
N LEU C 959 -1.13 52.78 6.92
CA LEU C 959 -0.37 51.57 6.49
C LEU C 959 0.79 51.26 7.45
N GLU C 960 1.53 52.28 7.86
CA GLU C 960 2.66 52.12 8.79
C GLU C 960 2.24 51.32 10.02
N GLN C 961 1.04 51.63 10.51
CA GLN C 961 0.49 50.91 11.64
C GLN C 961 0.24 49.47 11.22
N LYS C 962 -0.32 49.24 10.04
CA LYS C 962 -0.70 47.88 9.61
C LYS C 962 0.46 46.90 9.32
N ILE C 963 1.63 47.40 8.97
CA ILE C 963 2.77 46.55 8.65
C ILE C 963 3.91 46.73 9.63
N GLY C 964 3.86 47.83 10.38
CA GLY C 964 4.82 48.05 11.44
C GLY C 964 6.17 48.58 11.00
N TYR C 965 6.18 49.43 9.98
CA TYR C 965 7.35 50.26 9.70
C TYR C 965 6.92 51.32 8.73
N GLU C 966 7.81 52.26 8.45
CA GLU C 966 7.48 53.38 7.57
C GLU C 966 7.57 52.87 6.11
N PRO C 967 6.43 52.85 5.40
CA PRO C 967 6.43 52.38 4.03
C PRO C 967 6.99 53.45 3.07
N GLY C 968 7.88 53.04 2.16
CA GLY C 968 8.31 53.90 1.06
C GLY C 968 7.14 54.24 0.14
N ASP C 969 7.33 55.25 -0.71
CA ASP C 969 6.24 55.76 -1.55
C ASP C 969 5.63 54.67 -2.45
N HIS C 970 6.48 53.72 -2.84
CA HIS C 970 6.06 52.61 -3.68
C HIS C 970 5.20 51.57 -2.99
N GLU C 971 5.54 51.28 -1.74
CA GLU C 971 4.69 50.46 -0.90
C GLU C 971 3.33 51.13 -0.74
N VAL C 972 3.33 52.45 -0.51
CA VAL C 972 2.05 53.17 -0.30
C VAL C 972 1.14 52.93 -1.49
N ILE C 973 1.71 53.21 -2.65
CA ILE C 973 0.98 53.14 -3.90
C ILE C 973 0.55 51.71 -4.27
N SER C 974 1.42 50.73 -4.01
CA SER C 974 1.05 49.33 -4.20
C SER C 974 -0.17 49.04 -3.34
N TYR C 975 -0.15 49.59 -2.12
CA TYR C 975 -1.23 49.38 -1.16
C TYR C 975 -2.52 49.99 -1.68
N ILE C 976 -2.40 51.19 -2.26
CA ILE C 976 -3.56 51.86 -2.84
C ILE C 976 -4.13 51.04 -4.01
N MET C 977 -3.23 50.50 -4.84
CA MET C 977 -3.62 49.76 -6.04
C MET C 977 -4.32 48.46 -5.69
N TYR C 978 -3.67 47.69 -4.81
CA TYR C 978 -4.06 46.31 -4.45
C TYR C 978 -3.95 46.13 -2.94
N PRO C 979 -4.97 46.61 -2.21
CA PRO C 979 -4.81 46.69 -0.75
C PRO C 979 -4.77 45.33 -0.09
N GLN C 980 -5.77 44.48 -0.36
CA GLN C 980 -5.77 43.16 0.22
C GLN C 980 -4.47 42.42 -0.13
N VAL C 981 -4.15 42.37 -1.42
CA VAL C 981 -3.02 41.58 -1.90
C VAL C 981 -1.70 42.05 -1.29
N PHE C 982 -1.55 43.36 -1.14
CA PHE C 982 -0.33 43.88 -0.53
C PHE C 982 -0.18 43.46 0.94
N LEU C 983 -1.29 43.40 1.66
CA LEU C 983 -1.25 42.98 3.07
C LEU C 983 -0.94 41.49 3.14
N ASP C 984 -1.67 40.67 2.36
CA ASP C 984 -1.36 39.23 2.28
C ASP C 984 0.09 38.98 1.93
N TYR C 985 0.64 39.82 1.04
CA TYR C 985 2.05 39.68 0.66
C TYR C 985 2.91 39.90 1.91
N GLN C 986 2.47 40.82 2.79
CA GLN C 986 3.26 41.14 3.95
C GLN C 986 3.21 39.99 4.97
N LYS C 987 2.05 39.37 5.17
CA LYS C 987 1.97 38.13 5.99
C LYS C 987 2.95 37.10 5.47
N MET C 988 2.86 36.80 4.17
CA MET C 988 3.76 35.83 3.52
C MET C 988 5.24 36.16 3.78
N GLN C 989 5.55 37.44 3.73
CA GLN C 989 6.92 37.86 3.93
C GLN C 989 7.32 37.61 5.35
N ARG C 990 6.39 37.90 6.27
CA ARG C 990 6.66 37.81 7.69
C ARG C 990 6.83 36.34 8.00
N GLU C 991 5.92 35.50 7.48
CA GLU C 991 6.02 34.04 7.68
C GLU C 991 7.17 33.34 6.94
N PHE C 992 7.49 33.75 5.71
CA PHE C 992 8.39 32.96 4.85
C PHE C 992 9.63 33.68 4.34
N GLY C 993 9.65 34.99 4.42
CA GLY C 993 10.85 35.71 3.99
C GLY C 993 10.92 35.96 2.50
N ALA C 994 12.16 36.21 2.07
CA ALA C 994 12.52 36.46 0.66
C ALA C 994 12.66 35.15 -0.17
N VAL C 995 11.53 34.50 -0.41
CA VAL C 995 11.48 33.31 -1.23
C VAL C 995 12.00 33.59 -2.63
N THR C 996 11.91 34.85 -3.04
CA THR C 996 12.48 35.33 -4.30
C THR C 996 13.82 34.80 -4.64
N LEU C 997 14.61 34.49 -3.59
CA LEU C 997 16.02 34.18 -3.79
C LEU C 997 16.25 32.72 -4.07
N LEU C 998 15.20 31.93 -3.95
CA LEU C 998 15.30 30.50 -4.25
C LEU C 998 15.29 30.14 -5.75
N ASP C 999 16.07 29.14 -6.15
CA ASP C 999 15.89 28.62 -7.52
C ASP C 999 14.45 28.15 -7.72
N THR C 1000 13.98 28.23 -8.94
CA THR C 1000 12.55 28.02 -9.20
C THR C 1000 12.07 26.60 -8.86
N PRO C 1001 12.91 25.58 -9.17
CA PRO C 1001 12.48 24.21 -8.85
C PRO C 1001 12.36 23.98 -7.34
N THR C 1002 13.32 24.51 -6.60
CA THR C 1002 13.20 24.60 -5.18
C THR C 1002 11.94 25.37 -4.78
N PHE C 1003 11.83 26.61 -5.18
CA PHE C 1003 10.70 27.45 -4.80
C PHE C 1003 9.36 26.76 -5.02
N LEU C 1004 9.31 25.85 -5.97
CA LEU C 1004 8.03 25.24 -6.33
C LEU C 1004 7.82 23.86 -5.75
N HIS C 1005 8.94 23.18 -5.44
CA HIS C 1005 8.90 21.77 -5.03
C HIS C 1005 9.59 21.48 -3.71
N GLY C 1006 10.14 22.48 -3.07
CA GLY C 1006 10.91 22.24 -1.86
C GLY C 1006 12.17 21.47 -2.13
N MET C 1007 12.49 20.49 -1.26
CA MET C 1007 13.75 19.71 -1.41
C MET C 1007 13.53 18.23 -1.40
N ARG C 1008 14.55 17.55 -1.87
CA ARG C 1008 14.57 16.11 -1.93
C ARG C 1008 15.46 15.66 -0.78
N LEU C 1009 15.19 14.47 -0.25
CA LEU C 1009 16.02 13.88 0.79
C LEU C 1009 17.46 13.93 0.30
N ASN C 1010 18.38 14.30 1.16
CA ASN C 1010 19.82 14.37 0.86
C ASN C 1010 20.26 15.41 -0.09
N GLU C 1011 19.33 16.26 -0.53
CA GLU C 1011 19.67 17.36 -1.41
C GLU C 1011 20.44 18.52 -0.70
N LYS C 1012 21.37 19.13 -1.40
CA LYS C 1012 22.10 20.24 -0.89
C LYS C 1012 21.75 21.45 -1.78
N ILE C 1013 21.65 22.66 -1.21
CA ILE C 1013 21.44 23.93 -2.00
C ILE C 1013 22.18 25.08 -1.35
N GLU C 1014 22.55 26.10 -2.12
CA GLU C 1014 23.08 27.36 -1.60
C GLU C 1014 22.19 28.47 -2.09
N VAL C 1015 21.80 29.34 -1.18
CA VAL C 1015 20.94 30.44 -1.48
C VAL C 1015 21.80 31.64 -1.21
N GLN C 1016 22.03 32.48 -2.23
CA GLN C 1016 22.81 33.72 -2.07
C GLN C 1016 21.85 34.75 -1.50
N ILE C 1017 22.22 35.45 -0.43
CA ILE C 1017 21.33 36.49 0.14
C ILE C 1017 21.92 37.87 0.02
N GLU C 1018 23.22 38.00 0.23
CA GLU C 1018 23.92 39.22 -0.10
C GLU C 1018 25.16 38.82 -0.84
N LYS C 1019 25.97 39.78 -1.24
CA LYS C 1019 27.25 39.45 -1.82
C LYS C 1019 28.06 38.88 -0.65
N GLY C 1020 28.56 37.66 -0.77
CA GLY C 1020 29.36 37.02 0.29
C GLY C 1020 28.64 36.42 1.52
N LYS C 1021 27.30 36.39 1.50
CA LYS C 1021 26.51 35.70 2.51
C LYS C 1021 25.63 34.68 1.85
N THR C 1022 25.77 33.44 2.26
CA THR C 1022 25.00 32.38 1.62
C THR C 1022 24.56 31.30 2.62
N LEU C 1023 23.30 30.87 2.49
CA LEU C 1023 22.73 29.78 3.27
C LEU C 1023 22.99 28.46 2.60
N SER C 1024 23.89 27.64 3.15
CA SER C 1024 24.07 26.26 2.66
C SER C 1024 23.08 25.41 3.39
N ILE C 1025 22.21 24.77 2.64
CA ILE C 1025 21.13 24.01 3.22
C ILE C 1025 21.12 22.59 2.67
N ARG C 1026 21.54 21.62 3.50
CA ARG C 1026 21.28 20.18 3.25
C ARG C 1026 19.99 19.75 3.99
N LEU C 1027 19.27 18.80 3.40
CA LEU C 1027 18.11 18.19 4.04
C LEU C 1027 18.53 16.74 4.28
N ASP C 1028 18.31 16.24 5.49
CA ASP C 1028 18.81 14.92 5.88
C ASP C 1028 17.72 13.92 6.27
N GLU C 1029 16.60 14.36 6.82
CA GLU C 1029 15.52 13.45 7.06
C GLU C 1029 14.22 14.15 7.19
N ILE C 1030 13.16 13.38 6.93
CA ILE C 1030 11.83 13.82 7.06
C ILE C 1030 11.15 12.87 8.03
N GLY C 1031 10.72 13.42 9.15
CA GLY C 1031 10.09 12.63 10.17
C GLY C 1031 8.71 12.23 9.73
N GLU C 1032 8.24 11.11 10.29
CA GLU C 1032 6.82 10.74 10.28
C GLU C 1032 6.00 11.71 11.11
N PRO C 1033 4.68 11.72 10.90
CA PRO C 1033 3.90 12.74 11.58
C PRO C 1033 3.57 12.23 12.93
N ASP C 1034 3.28 13.16 13.84
CA ASP C 1034 2.84 12.77 15.16
C ASP C 1034 1.31 12.70 15.11
N LEU C 1035 0.66 12.65 16.27
CA LEU C 1035 -0.82 12.63 16.39
C LEU C 1035 -1.47 13.99 16.01
N ALA C 1036 -0.76 15.09 16.22
CA ALA C 1036 -1.27 16.43 15.85
C ALA C 1036 -1.09 16.77 14.35
N GLY C 1037 -0.62 15.80 13.55
CA GLY C 1037 -0.31 15.99 12.11
C GLY C 1037 0.88 16.93 11.88
N ASN C 1038 1.98 16.70 12.62
CA ASN C 1038 3.22 17.48 12.50
C ASN C 1038 4.37 16.56 12.17
N ARG C 1039 5.33 17.09 11.44
CA ARG C 1039 6.53 16.36 11.12
C ARG C 1039 7.72 17.21 11.49
N VAL C 1040 8.86 16.56 11.59
CA VAL C 1040 10.07 17.23 11.95
C VAL C 1040 11.05 16.96 10.86
N LEU C 1041 11.52 18.03 10.21
CA LEU C 1041 12.50 17.91 9.13
C LEU C 1041 13.86 18.30 9.67
N PHE C 1042 14.85 17.55 9.25
CA PHE C 1042 16.17 17.62 9.82
C PHE C 1042 17.13 18.15 8.80
N PHE C 1043 17.43 19.45 8.90
CA PHE C 1043 18.33 20.12 7.99
C PHE C 1043 19.66 20.33 8.63
N ASN C 1044 20.69 20.49 7.78
CA ASN C 1044 21.94 21.09 8.18
C ASN C 1044 22.07 22.46 7.50
N LEU C 1045 21.82 23.53 8.22
CA LEU C 1045 22.00 24.88 7.68
C LEU C 1045 23.30 25.50 8.17
N ASN C 1046 24.30 25.53 7.30
CA ASN C 1046 25.61 26.12 7.61
C ASN C 1046 26.31 25.34 8.68
N GLY C 1047 26.24 24.03 8.56
CA GLY C 1047 26.96 23.16 9.48
C GLY C 1047 26.33 23.06 10.86
N GLN C 1048 25.07 23.44 11.00
CA GLN C 1048 24.37 23.29 12.24
C GLN C 1048 23.21 22.39 11.97
N ARG C 1049 22.96 21.41 12.84
CA ARG C 1049 21.72 20.66 12.72
C ARG C 1049 20.58 21.65 12.95
N ARG C 1050 19.43 21.38 12.37
CA ARG C 1050 18.28 22.18 12.57
C ARG C 1050 17.09 21.29 12.44
N GLU C 1051 16.24 21.35 13.45
CA GLU C 1051 15.06 20.57 13.46
C GLU C 1051 13.93 21.50 13.17
N VAL C 1052 13.07 21.18 12.21
CA VAL C 1052 11.97 22.10 11.90
C VAL C 1052 10.64 21.40 11.83
N VAL C 1053 9.71 21.95 12.59
CA VAL C 1053 8.41 21.36 12.76
C VAL C 1053 7.53 21.96 11.72
N ILE C 1054 6.82 21.13 10.98
CA ILE C 1054 5.87 21.61 10.00
C ILE C 1054 4.60 20.77 9.99
N ASN C 1055 3.46 21.44 9.88
CA ASN C 1055 2.17 20.75 9.81
C ASN C 1055 1.94 20.01 8.50
N ASP C 1056 2.07 18.69 8.49
CA ASP C 1056 1.61 17.92 7.33
C ASP C 1056 0.07 18.04 7.24
N GLN C 1057 -0.45 18.49 6.10
CA GLN C 1057 -1.87 18.89 5.98
C GLN C 1057 -2.82 17.78 5.52
N SER C 1058 -2.32 16.64 5.05
CA SER C 1058 -3.26 15.61 4.56
C SER C 1058 -3.96 14.84 5.71
N HIS D 6 -34.98 -15.83 -55.74
CA HIS D 6 -35.88 -14.82 -55.11
C HIS D 6 -35.09 -14.09 -53.98
N MET D 7 -35.08 -14.71 -52.80
CA MET D 7 -34.90 -14.07 -51.48
C MET D 7 -33.54 -14.52 -50.92
N LYS D 8 -32.64 -13.59 -50.62
CA LYS D 8 -31.32 -13.90 -50.10
C LYS D 8 -31.14 -13.56 -48.62
N LYS D 9 -31.89 -12.59 -48.11
CA LYS D 9 -31.60 -12.04 -46.80
C LYS D 9 -32.88 -11.69 -46.04
N LEU D 10 -32.87 -11.92 -44.73
CA LEU D 10 -34.08 -11.71 -43.90
C LEU D 10 -33.77 -11.03 -42.56
N LEU D 11 -34.61 -10.05 -42.21
CA LEU D 11 -34.50 -9.28 -41.02
C LEU D 11 -35.62 -9.65 -40.09
N VAL D 12 -35.28 -9.92 -38.83
CA VAL D 12 -36.31 -10.25 -37.88
C VAL D 12 -36.58 -9.05 -37.04
N ALA D 13 -37.81 -8.56 -37.14
CA ALA D 13 -38.29 -7.37 -36.41
C ALA D 13 -38.85 -7.75 -35.08
N ASN D 14 -37.93 -8.34 -34.31
CA ASN D 14 -38.21 -8.96 -33.03
C ASN D 14 -36.89 -9.33 -32.32
N ARG D 15 -37.03 -10.00 -31.17
CA ARG D 15 -35.89 -10.34 -30.33
C ARG D 15 -36.06 -11.70 -29.61
N GLY D 16 -35.01 -12.09 -28.88
CA GLY D 16 -35.11 -13.23 -27.96
C GLY D 16 -35.44 -14.56 -28.62
N GLU D 17 -36.27 -15.38 -27.97
CA GLU D 17 -36.34 -16.78 -28.42
C GLU D 17 -36.81 -16.84 -29.87
N ILE D 18 -37.83 -16.05 -30.20
CA ILE D 18 -38.49 -16.15 -31.51
C ILE D 18 -37.63 -15.57 -32.62
N ALA D 19 -36.80 -14.60 -32.30
CA ALA D 19 -35.81 -14.13 -33.26
C ALA D 19 -34.82 -15.23 -33.60
N VAL D 20 -34.43 -16.00 -32.57
CA VAL D 20 -33.44 -17.08 -32.77
C VAL D 20 -34.10 -18.23 -33.48
N ARG D 21 -35.37 -18.46 -33.17
CA ARG D 21 -36.11 -19.49 -33.86
C ARG D 21 -36.06 -19.27 -35.34
N VAL D 22 -36.21 -18.01 -35.74
CA VAL D 22 -36.40 -17.69 -37.15
C VAL D 22 -35.05 -17.77 -37.84
N PHE D 23 -34.02 -17.16 -37.25
CA PHE D 23 -32.68 -17.25 -37.82
C PHE D 23 -32.31 -18.71 -38.14
N ARG D 24 -32.71 -19.61 -37.27
CA ARG D 24 -32.45 -21.02 -37.45
C ARG D 24 -33.16 -21.52 -38.70
N ALA D 25 -34.45 -21.28 -38.77
CA ALA D 25 -35.22 -21.61 -39.97
C ALA D 25 -34.61 -20.94 -41.24
N CYS D 26 -34.23 -19.67 -41.15
CA CYS D 26 -33.54 -18.99 -42.25
C CYS D 26 -32.26 -19.70 -42.64
N ASN D 27 -31.44 -19.96 -41.64
CA ASN D 27 -30.19 -20.56 -41.93
C ASN D 27 -30.33 -21.88 -42.71
N GLU D 28 -31.26 -22.70 -42.26
CA GLU D 28 -31.55 -23.97 -42.89
C GLU D 28 -32.01 -23.78 -44.33
N LEU D 29 -32.64 -22.67 -44.65
CA LEU D 29 -33.03 -22.35 -46.02
C LEU D 29 -31.99 -21.49 -46.74
N GLY D 30 -30.76 -21.51 -46.24
CA GLY D 30 -29.69 -20.76 -46.88
C GLY D 30 -29.98 -19.28 -47.00
N LEU D 31 -30.73 -18.69 -46.07
CA LEU D 31 -30.90 -17.22 -45.99
C LEU D 31 -29.93 -16.55 -44.99
N SER D 32 -29.38 -15.44 -45.39
CA SER D 32 -28.57 -14.62 -44.54
C SER D 32 -29.53 -13.97 -43.56
N THR D 33 -29.04 -13.57 -42.41
CA THR D 33 -29.93 -13.04 -41.36
C THR D 33 -29.49 -11.65 -40.93
N VAL D 34 -30.47 -10.89 -40.43
CA VAL D 34 -30.23 -9.56 -39.95
C VAL D 34 -31.09 -9.35 -38.70
N ALA D 35 -30.46 -8.89 -37.63
CA ALA D 35 -31.14 -8.77 -36.37
C ALA D 35 -31.15 -7.34 -35.99
N VAL D 36 -32.16 -6.96 -35.21
CA VAL D 36 -32.22 -5.61 -34.66
C VAL D 36 -32.32 -5.67 -33.13
N TYR D 37 -31.73 -4.70 -32.45
CA TYR D 37 -31.71 -4.72 -31.00
C TYR D 37 -31.71 -3.34 -30.41
N ALA D 38 -32.51 -3.15 -29.35
CA ALA D 38 -32.46 -1.91 -28.56
C ALA D 38 -31.11 -1.75 -27.82
N ARG D 39 -30.80 -0.59 -27.25
CA ARG D 39 -29.56 -0.46 -26.45
C ARG D 39 -29.67 -1.37 -25.22
N GLU D 40 -30.86 -1.35 -24.62
CA GLU D 40 -31.11 -2.04 -23.36
C GLU D 40 -31.03 -3.56 -23.50
N ASP D 41 -31.04 -4.03 -24.73
CA ASP D 41 -31.08 -5.43 -25.08
C ASP D 41 -29.76 -5.80 -25.72
N GLU D 42 -28.72 -5.00 -25.47
CA GLU D 42 -27.45 -5.18 -26.18
C GLU D 42 -26.78 -6.49 -25.87
N TYR D 43 -27.23 -7.13 -24.79
CA TYR D 43 -26.63 -8.35 -24.31
C TYR D 43 -27.50 -9.55 -24.65
N SER D 44 -28.51 -9.36 -25.48
CA SER D 44 -29.43 -10.44 -25.82
C SER D 44 -28.76 -11.41 -26.75
N VAL D 45 -29.03 -12.68 -26.60
CA VAL D 45 -28.44 -13.69 -27.49
C VAL D 45 -28.73 -13.38 -28.96
N HIS D 46 -29.99 -13.07 -29.26
CA HIS D 46 -30.43 -13.02 -30.64
C HIS D 46 -29.65 -12.02 -31.45
N ARG D 47 -29.27 -10.93 -30.82
CA ARG D 47 -28.31 -10.02 -31.43
C ARG D 47 -27.06 -10.66 -32.06
N PHE D 48 -26.46 -11.65 -31.41
CA PHE D 48 -25.23 -12.25 -31.92
C PHE D 48 -25.49 -13.54 -32.67
N LYS D 49 -26.71 -14.09 -32.61
CA LYS D 49 -27.01 -15.29 -33.36
C LYS D 49 -27.23 -15.00 -34.83
N ALA D 50 -27.28 -13.74 -35.25
CA ALA D 50 -27.53 -13.40 -36.66
C ALA D 50 -26.26 -13.05 -37.37
N ASP D 51 -26.29 -13.14 -38.70
CA ASP D 51 -25.14 -12.79 -39.57
C ASP D 51 -24.75 -11.33 -39.45
N GLU D 52 -25.72 -10.45 -39.20
CA GLU D 52 -25.40 -9.04 -38.90
C GLU D 52 -26.54 -8.40 -38.11
N SER D 53 -26.18 -7.44 -37.28
CA SER D 53 -27.17 -6.92 -36.37
C SER D 53 -26.97 -5.42 -36.29
N TYR D 54 -28.08 -4.71 -36.06
CA TYR D 54 -28.09 -3.24 -36.13
C TYR D 54 -28.90 -2.62 -35.01
N LEU D 55 -28.29 -1.66 -34.31
CA LEU D 55 -28.96 -0.91 -33.23
C LEU D 55 -30.22 -0.23 -33.76
N ILE D 56 -31.31 -0.20 -32.98
CA ILE D 56 -32.49 0.60 -33.36
C ILE D 56 -33.13 1.35 -32.20
N GLY D 57 -34.03 2.26 -32.57
CA GLY D 57 -34.81 3.04 -31.62
C GLY D 57 -34.00 4.06 -30.84
N GLN D 58 -32.76 4.33 -31.27
CA GLN D 58 -31.84 5.13 -30.49
C GLN D 58 -32.51 6.23 -29.65
N GLY D 59 -32.10 6.37 -28.40
CA GLY D 59 -32.71 7.34 -27.50
C GLY D 59 -34.10 6.99 -26.96
N LYS D 60 -34.85 6.11 -27.64
CA LYS D 60 -36.19 5.72 -27.17
C LYS D 60 -36.20 4.76 -25.97
N LYS D 61 -37.42 4.54 -25.42
CA LYS D 61 -37.60 3.47 -24.47
C LYS D 61 -37.42 2.17 -25.23
N PRO D 62 -36.94 1.13 -24.56
CA PRO D 62 -36.63 -0.11 -25.24
C PRO D 62 -37.82 -0.75 -25.98
N ILE D 63 -39.01 -0.80 -25.40
CA ILE D 63 -40.12 -1.49 -26.07
C ILE D 63 -40.53 -0.65 -27.27
N ASP D 64 -40.53 0.67 -27.11
CA ASP D 64 -40.83 1.62 -28.20
C ASP D 64 -39.94 1.39 -29.42
N ALA D 65 -38.65 1.13 -29.18
CA ALA D 65 -37.66 0.85 -30.24
C ALA D 65 -38.06 -0.37 -31.11
N TYR D 66 -38.54 -1.43 -30.48
CA TYR D 66 -38.98 -2.61 -31.23
C TYR D 66 -40.31 -2.35 -31.95
N LEU D 67 -40.93 -1.21 -31.62
CA LEU D 67 -42.15 -0.70 -32.29
C LEU D 67 -41.90 0.43 -33.35
N ASP D 68 -40.67 0.95 -33.41
CA ASP D 68 -40.29 2.04 -34.28
C ASP D 68 -40.27 1.60 -35.75
N ILE D 69 -41.48 1.46 -36.32
CA ILE D 69 -41.69 1.00 -37.70
C ILE D 69 -40.70 1.59 -38.76
N ASP D 70 -40.48 2.90 -38.71
CA ASP D 70 -39.65 3.53 -39.70
C ASP D 70 -38.22 3.10 -39.55
N ASP D 71 -37.69 3.25 -38.34
CA ASP D 71 -36.28 2.94 -38.07
C ASP D 71 -35.94 1.48 -38.42
N ILE D 72 -36.89 0.56 -38.22
CA ILE D 72 -36.69 -0.86 -38.59
C ILE D 72 -36.44 -0.99 -40.10
N ILE D 73 -37.30 -0.33 -40.86
CA ILE D 73 -37.25 -0.42 -42.31
C ILE D 73 -35.97 0.29 -42.84
N ARG D 74 -35.65 1.44 -42.27
CA ARG D 74 -34.39 2.10 -42.53
C ARG D 74 -33.28 1.06 -42.57
N VAL D 75 -33.29 0.20 -41.54
CA VAL D 75 -32.27 -0.84 -41.34
C VAL D 75 -32.42 -1.96 -42.33
N ALA D 76 -33.65 -2.45 -42.48
CA ALA D 76 -34.00 -3.43 -43.50
C ALA D 76 -33.41 -3.08 -44.88
N LEU D 77 -33.44 -1.78 -45.19
CA LEU D 77 -33.00 -1.28 -46.50
C LEU D 77 -31.49 -1.11 -46.55
N GLU D 78 -30.91 -0.33 -45.62
CA GLU D 78 -29.45 -0.17 -45.58
C GLU D 78 -28.70 -1.51 -45.50
N SER D 79 -29.36 -2.51 -44.93
CA SER D 79 -28.77 -3.83 -44.75
C SER D 79 -28.86 -4.66 -46.00
N GLY D 80 -29.89 -4.42 -46.79
CA GLY D 80 -30.07 -5.16 -48.04
C GLY D 80 -31.07 -6.28 -47.94
N ALA D 81 -31.97 -6.18 -46.99
CA ALA D 81 -32.85 -7.30 -46.73
C ALA D 81 -33.99 -7.37 -47.73
N ASP D 82 -34.36 -8.58 -48.12
CA ASP D 82 -35.42 -8.77 -49.10
C ASP D 82 -36.70 -9.00 -48.36
N ALA D 83 -36.62 -9.38 -47.09
CA ALA D 83 -37.82 -9.75 -46.33
C ALA D 83 -37.70 -9.46 -44.85
N ILE D 84 -38.85 -9.42 -44.18
CA ILE D 84 -38.89 -9.15 -42.76
C ILE D 84 -39.81 -10.16 -42.14
N HIS D 85 -39.29 -10.88 -41.16
CA HIS D 85 -40.15 -11.68 -40.31
C HIS D 85 -40.49 -10.89 -39.02
N PRO D 86 -41.79 -10.73 -38.74
CA PRO D 86 -42.21 -9.93 -37.56
C PRO D 86 -42.10 -10.66 -36.21
N GLY D 87 -42.28 -11.98 -36.26
CA GLY D 87 -42.18 -12.83 -35.12
C GLY D 87 -43.55 -12.98 -34.53
N TYR D 88 -43.66 -12.74 -33.22
CA TYR D 88 -44.94 -12.72 -32.52
C TYR D 88 -44.90 -11.57 -31.51
N GLY D 89 -46.10 -11.09 -31.09
CA GLY D 89 -46.20 -9.84 -30.36
C GLY D 89 -45.62 -8.66 -31.15
N LEU D 90 -45.05 -7.67 -30.48
CA LEU D 90 -44.62 -6.43 -31.09
C LEU D 90 -45.44 -5.98 -32.31
N LEU D 91 -44.81 -5.92 -33.48
CA LEU D 91 -45.47 -5.39 -34.69
C LEU D 91 -46.10 -6.46 -35.55
N SER D 92 -46.05 -7.71 -35.10
CA SER D 92 -46.44 -8.81 -35.97
C SER D 92 -47.91 -8.80 -36.43
N GLU D 93 -48.80 -8.20 -35.65
CA GLU D 93 -50.23 -8.08 -35.98
C GLU D 93 -50.60 -6.67 -36.49
N ASN D 94 -49.62 -5.76 -36.54
CA ASN D 94 -49.81 -4.36 -36.89
C ASN D 94 -49.93 -4.14 -38.38
N LEU D 95 -51.04 -3.52 -38.77
CA LEU D 95 -51.33 -3.22 -40.19
C LEU D 95 -50.43 -2.12 -40.73
N GLU D 96 -50.33 -1.01 -39.99
CA GLU D 96 -49.48 0.08 -40.46
C GLU D 96 -48.09 -0.46 -40.86
N PHE D 97 -47.56 -1.37 -40.06
CA PHE D 97 -46.23 -1.94 -40.30
C PHE D 97 -46.21 -2.85 -41.54
N ALA D 98 -47.16 -3.76 -41.60
CA ALA D 98 -47.24 -4.65 -42.72
C ALA D 98 -47.36 -3.88 -44.05
N THR D 99 -48.17 -2.83 -44.01
CA THR D 99 -48.43 -1.99 -45.16
C THR D 99 -47.18 -1.25 -45.58
N LYS D 100 -46.59 -0.52 -44.63
CA LYS D 100 -45.34 0.19 -44.91
C LYS D 100 -44.19 -0.68 -45.38
N VAL D 101 -44.17 -1.95 -44.98
CA VAL D 101 -43.07 -2.86 -45.35
C VAL D 101 -43.24 -3.26 -46.78
N ARG D 102 -44.45 -3.69 -47.13
CA ARG D 102 -44.75 -4.05 -48.51
C ARG D 102 -44.62 -2.82 -49.42
N ALA D 103 -45.15 -1.70 -48.94
CA ALA D 103 -44.95 -0.40 -49.55
C ALA D 103 -43.51 -0.11 -49.94
N ALA D 104 -42.52 -0.48 -49.12
CA ALA D 104 -41.12 -0.19 -49.49
C ALA D 104 -40.51 -1.34 -50.26
N GLY D 105 -41.36 -2.19 -50.85
CA GLY D 105 -40.87 -3.27 -51.75
C GLY D 105 -40.13 -4.41 -51.09
N LEU D 106 -40.54 -4.73 -49.84
CA LEU D 106 -39.93 -5.74 -48.99
C LEU D 106 -41.01 -6.76 -48.70
N VAL D 107 -40.62 -8.03 -48.54
CA VAL D 107 -41.60 -9.09 -48.24
C VAL D 107 -41.83 -9.06 -46.76
N PHE D 108 -43.09 -8.95 -46.38
CA PHE D 108 -43.45 -9.09 -45.00
C PHE D 108 -43.90 -10.55 -44.87
N VAL D 109 -43.17 -11.37 -44.09
CA VAL D 109 -43.57 -12.77 -43.85
C VAL D 109 -44.81 -12.80 -42.95
N GLY D 110 -45.96 -12.95 -43.57
CA GLY D 110 -47.22 -12.91 -42.85
C GLY D 110 -48.40 -12.95 -43.81
N PRO D 111 -49.60 -12.74 -43.32
CA PRO D 111 -50.74 -12.84 -44.17
C PRO D 111 -51.01 -11.49 -44.86
N GLU D 112 -52.09 -11.44 -45.66
CA GLU D 112 -52.42 -10.28 -46.47
C GLU D 112 -52.93 -9.18 -45.59
N LEU D 113 -52.61 -7.93 -45.96
CA LEU D 113 -53.09 -6.73 -45.27
C LEU D 113 -54.58 -6.78 -44.98
N HIS D 114 -55.35 -7.42 -45.87
CA HIS D 114 -56.78 -7.63 -45.65
C HIS D 114 -56.93 -8.34 -44.33
N HIS D 115 -56.19 -9.43 -44.17
CA HIS D 115 -56.32 -10.34 -43.03
C HIS D 115 -55.94 -9.68 -41.71
N LEU D 116 -54.86 -8.90 -41.72
CA LEU D 116 -54.46 -8.13 -40.55
C LEU D 116 -55.57 -7.18 -40.13
N ASP D 117 -56.11 -6.45 -41.10
CA ASP D 117 -57.21 -5.50 -40.90
C ASP D 117 -58.46 -6.19 -40.29
N ILE D 118 -59.02 -7.15 -41.02
CA ILE D 118 -60.27 -7.82 -40.56
C ILE D 118 -60.13 -8.53 -39.23
N PHE D 119 -58.98 -9.17 -38.99
CA PHE D 119 -58.79 -9.98 -37.77
C PHE D 119 -58.18 -9.20 -36.61
N GLY D 120 -57.52 -8.06 -36.90
CA GLY D 120 -57.08 -7.10 -35.88
C GLY D 120 -58.22 -6.35 -35.15
N ASP D 121 -59.35 -6.17 -35.83
CA ASP D 121 -60.56 -5.57 -35.24
C ASP D 121 -61.62 -6.66 -35.01
N LYS D 122 -62.13 -6.71 -33.79
CA LYS D 122 -62.91 -7.84 -33.28
C LYS D 122 -64.34 -7.88 -33.81
N ILE D 123 -64.78 -6.76 -34.38
CA ILE D 123 -66.13 -6.63 -34.93
C ILE D 123 -66.16 -7.15 -36.37
N LYS D 124 -65.12 -6.80 -37.14
CA LYS D 124 -65.01 -7.22 -38.56
C LYS D 124 -64.69 -8.70 -38.65
N ALA D 125 -64.02 -9.19 -37.61
CA ALA D 125 -63.70 -10.56 -37.50
C ALA D 125 -64.97 -11.36 -37.20
N LYS D 126 -65.69 -10.95 -36.15
CA LYS D 126 -66.96 -11.62 -35.77
C LYS D 126 -67.89 -11.64 -36.96
N ALA D 127 -67.83 -10.54 -37.72
CA ALA D 127 -68.55 -10.39 -38.99
C ALA D 127 -68.10 -11.43 -40.01
N ALA D 128 -66.80 -11.39 -40.33
CA ALA D 128 -66.21 -12.34 -41.29
C ALA D 128 -66.40 -13.83 -40.90
N ALA D 129 -66.56 -14.10 -39.60
CA ALA D 129 -66.80 -15.44 -39.08
C ALA D 129 -68.22 -15.88 -39.38
N ASP D 130 -69.17 -14.96 -39.19
CA ASP D 130 -70.59 -15.20 -39.53
C ASP D 130 -70.71 -15.49 -41.03
N GLU D 131 -70.12 -14.61 -41.84
CA GLU D 131 -70.12 -14.74 -43.31
C GLU D 131 -69.57 -16.14 -43.68
N ALA D 132 -68.52 -16.54 -43.00
CA ALA D 132 -67.89 -17.85 -43.20
C ALA D 132 -68.70 -19.03 -42.69
N LYS D 133 -69.76 -18.75 -41.92
CA LYS D 133 -70.64 -19.75 -41.32
C LYS D 133 -69.89 -20.65 -40.29
N VAL D 134 -69.09 -19.99 -39.44
CA VAL D 134 -68.58 -20.62 -38.22
C VAL D 134 -69.17 -19.93 -37.01
N PRO D 135 -69.92 -20.67 -36.16
CA PRO D 135 -70.47 -20.12 -34.89
C PRO D 135 -69.46 -19.37 -33.95
N GLY D 136 -69.66 -18.05 -33.72
CA GLY D 136 -68.96 -17.24 -32.69
C GLY D 136 -69.62 -17.26 -31.28
N ILE D 137 -69.16 -16.38 -30.38
CA ILE D 137 -69.81 -16.26 -29.06
C ILE D 137 -71.07 -15.44 -29.27
N PRO D 138 -72.25 -16.01 -28.97
CA PRO D 138 -73.42 -15.12 -28.99
C PRO D 138 -73.16 -13.74 -28.33
N GLY D 139 -73.28 -12.66 -29.09
CA GLY D 139 -73.21 -11.31 -28.53
C GLY D 139 -74.42 -10.47 -28.93
N THR D 140 -74.83 -9.57 -28.06
CA THR D 140 -75.74 -8.50 -28.48
C THR D 140 -75.03 -7.83 -29.65
N ASN D 141 -75.66 -7.87 -30.83
CA ASN D 141 -74.98 -7.40 -32.04
C ASN D 141 -74.22 -6.06 -31.82
N GLY D 142 -74.67 -5.26 -30.84
CA GLY D 142 -73.87 -4.14 -30.29
C GLY D 142 -74.35 -3.89 -28.86
N ALA D 143 -74.03 -2.73 -28.27
CA ALA D 143 -74.55 -2.33 -26.93
C ALA D 143 -76.10 -2.24 -26.84
N VAL D 144 -76.72 -2.34 -25.65
CA VAL D 144 -78.20 -2.52 -25.52
C VAL D 144 -78.88 -1.92 -24.24
N ASP D 145 -80.08 -1.34 -24.40
CA ASP D 145 -81.04 -1.06 -23.28
C ASP D 145 -81.42 -2.31 -22.44
N ILE D 146 -81.72 -2.12 -21.17
CA ILE D 146 -82.11 -3.21 -20.25
C ILE D 146 -83.29 -4.13 -20.71
N ASP D 147 -84.37 -3.62 -21.31
CA ASP D 147 -85.39 -4.55 -21.88
C ASP D 147 -84.65 -5.48 -22.91
N GLY D 148 -83.63 -4.95 -23.61
CA GLY D 148 -82.83 -5.76 -24.57
C GLY D 148 -81.81 -6.80 -24.03
N ALA D 149 -81.16 -6.49 -22.90
CA ALA D 149 -80.33 -7.43 -22.17
C ALA D 149 -81.10 -8.68 -21.75
N LEU D 150 -82.34 -8.50 -21.30
CA LEU D 150 -83.18 -9.63 -20.89
C LEU D 150 -83.68 -10.35 -22.12
N GLU D 151 -83.87 -9.62 -23.21
CA GLU D 151 -84.30 -10.26 -24.46
C GLU D 151 -83.19 -11.20 -24.92
N PHE D 152 -81.96 -10.69 -24.83
CA PHE D 152 -80.75 -11.44 -25.18
C PHE D 152 -80.64 -12.70 -24.32
N ALA D 153 -80.60 -12.52 -23.00
CA ALA D 153 -80.56 -13.67 -22.12
C ALA D 153 -81.70 -14.62 -22.40
N LYS D 154 -82.84 -14.11 -22.91
CA LYS D 154 -84.03 -14.94 -23.16
C LYS D 154 -83.70 -16.00 -24.21
N THR D 155 -83.16 -15.56 -25.36
CA THR D 155 -82.61 -16.48 -26.36
C THR D 155 -81.15 -16.78 -25.99
N TYR D 156 -80.71 -18.01 -26.21
CA TYR D 156 -79.34 -18.44 -25.81
C TYR D 156 -79.24 -18.88 -24.34
N GLY D 157 -79.99 -18.21 -23.48
CA GLY D 157 -80.13 -18.65 -22.10
C GLY D 157 -78.98 -18.21 -21.24
N TYR D 158 -79.09 -18.59 -19.97
CA TYR D 158 -78.13 -18.26 -18.94
C TYR D 158 -77.04 -19.34 -18.79
N PRO D 159 -76.00 -19.03 -18.06
CA PRO D 159 -75.60 -17.70 -17.64
C PRO D 159 -75.13 -16.87 -18.79
N VAL D 160 -74.94 -15.59 -18.51
CA VAL D 160 -74.44 -14.61 -19.46
C VAL D 160 -73.58 -13.58 -18.74
N MET D 161 -72.91 -12.73 -19.49
CA MET D 161 -71.83 -11.91 -18.97
C MET D 161 -72.03 -10.48 -19.44
N ILE D 162 -71.99 -9.55 -18.51
CA ILE D 162 -72.29 -8.14 -18.85
C ILE D 162 -70.96 -7.36 -18.91
N LYS D 163 -70.73 -6.61 -20.01
CA LYS D 163 -69.41 -5.95 -20.32
C LYS D 163 -69.59 -4.44 -20.60
N ALA D 164 -68.79 -3.61 -19.89
CA ALA D 164 -68.98 -2.12 -19.81
C ALA D 164 -68.79 -1.38 -21.14
N MET D 173 -66.84 -6.09 -16.09
CA MET D 173 -67.79 -7.06 -16.58
C MET D 173 -68.29 -8.06 -15.50
N ARG D 174 -69.61 -8.00 -15.18
CA ARG D 174 -70.26 -8.85 -14.15
C ARG D 174 -70.98 -10.07 -14.78
N VAL D 175 -70.93 -11.23 -14.11
CA VAL D 175 -71.65 -12.43 -14.56
C VAL D 175 -73.09 -12.37 -14.03
N ALA D 176 -74.01 -12.99 -14.74
CA ALA D 176 -75.43 -12.89 -14.39
C ALA D 176 -76.15 -14.18 -14.68
N ARG D 177 -76.30 -15.05 -13.68
CA ARG D 177 -76.88 -16.39 -13.92
C ARG D 177 -78.42 -16.36 -13.98
N ASN D 178 -79.01 -15.15 -14.02
CA ASN D 178 -80.40 -14.93 -13.58
C ASN D 178 -80.99 -13.59 -13.86
N ASP D 179 -82.31 -13.56 -14.03
CA ASP D 179 -83.01 -12.30 -14.32
C ASP D 179 -82.87 -11.27 -13.25
N ALA D 180 -82.95 -11.74 -12.01
CA ALA D 180 -82.67 -10.91 -10.86
C ALA D 180 -81.26 -10.32 -10.94
N GLU D 181 -80.27 -11.23 -10.98
CA GLU D 181 -78.85 -10.86 -11.11
C GLU D 181 -78.58 -9.97 -12.32
N MET D 182 -79.41 -10.06 -13.36
CA MET D 182 -79.25 -9.28 -14.59
C MET D 182 -79.59 -7.81 -14.40
N HIS D 183 -80.69 -7.54 -13.71
CA HIS D 183 -81.03 -6.18 -13.28
C HIS D 183 -79.95 -5.60 -12.38
N ASP D 184 -79.58 -6.40 -11.37
CA ASP D 184 -78.50 -6.10 -10.42
C ASP D 184 -77.24 -5.74 -11.17
N GLY D 185 -76.86 -6.60 -12.13
CA GLY D 185 -75.64 -6.47 -12.91
C GLY D 185 -75.68 -5.26 -13.83
N TYR D 186 -76.74 -5.14 -14.61
CA TYR D 186 -76.81 -4.10 -15.66
C TYR D 186 -76.93 -2.66 -15.11
N ALA D 187 -77.38 -2.50 -13.86
CA ALA D 187 -77.51 -1.16 -13.27
C ALA D 187 -76.23 -0.80 -12.49
N ARG D 188 -75.68 -1.79 -11.80
CA ARG D 188 -74.33 -1.67 -11.20
C ARG D 188 -73.19 -1.53 -12.24
N ALA D 189 -73.43 -1.95 -13.48
CA ALA D 189 -72.47 -1.77 -14.57
C ALA D 189 -72.49 -0.31 -15.04
N LYS D 190 -73.68 0.25 -15.19
CA LYS D 190 -73.83 1.65 -15.57
C LYS D 190 -73.34 2.63 -14.51
N SER D 191 -73.24 2.18 -13.25
CA SER D 191 -72.60 2.94 -12.15
C SER D 191 -71.07 2.75 -12.15
N GLU D 192 -70.61 1.50 -12.02
CA GLU D 192 -69.22 1.12 -12.34
C GLU D 192 -68.71 1.77 -13.65
N ALA D 193 -69.60 2.02 -14.62
CA ALA D 193 -69.23 2.53 -15.94
C ALA D 193 -69.23 4.06 -16.07
N ILE D 194 -70.03 4.78 -15.27
CA ILE D 194 -70.07 6.27 -15.32
C ILE D 194 -68.85 6.96 -14.59
N GLY D 195 -68.11 6.22 -13.75
CA GLY D 195 -66.89 6.73 -13.08
C GLY D 195 -65.58 5.98 -13.32
N ALA D 196 -65.53 5.07 -14.31
CA ALA D 196 -64.35 4.17 -14.61
C ALA D 196 -63.60 4.46 -15.92
N PHE D 197 -64.33 4.42 -17.04
CA PHE D 197 -63.93 5.10 -18.29
C PHE D 197 -64.71 6.44 -18.34
N GLY D 198 -66.02 6.37 -18.10
CA GLY D 198 -66.95 7.52 -18.19
C GLY D 198 -68.23 7.13 -18.93
N SER D 199 -68.07 6.26 -19.94
CA SER D 199 -69.15 5.89 -20.88
C SER D 199 -69.75 4.51 -20.56
N GLY D 200 -71.04 4.35 -20.85
CA GLY D 200 -71.74 3.15 -20.46
C GLY D 200 -72.74 2.65 -21.48
N GLU D 201 -72.34 2.51 -22.74
CA GLU D 201 -73.09 1.63 -23.65
C GLU D 201 -72.68 0.22 -23.15
N ILE D 202 -73.66 -0.69 -23.03
CA ILE D 202 -73.52 -1.94 -22.24
C ILE D 202 -73.88 -3.18 -23.05
N TYR D 203 -72.89 -3.96 -23.49
CA TYR D 203 -73.16 -5.12 -24.37
C TYR D 203 -73.12 -6.34 -23.46
N VAL D 204 -73.76 -7.42 -23.92
CA VAL D 204 -73.82 -8.66 -23.14
C VAL D 204 -73.41 -9.77 -24.10
N GLU D 205 -72.66 -10.74 -23.60
CA GLU D 205 -72.29 -11.91 -24.41
C GLU D 205 -72.75 -13.13 -23.61
N LYS D 206 -73.13 -14.19 -24.32
CA LYS D 206 -73.37 -15.51 -23.70
C LYS D 206 -72.15 -15.86 -22.86
N TYR D 207 -72.35 -16.56 -21.76
CA TYR D 207 -71.21 -16.89 -20.94
C TYR D 207 -70.96 -18.41 -20.90
N ILE D 208 -69.67 -18.71 -21.00
CA ILE D 208 -69.18 -20.04 -21.33
C ILE D 208 -68.45 -20.58 -20.14
N GLU D 209 -69.22 -21.15 -19.23
CA GLU D 209 -68.76 -21.63 -17.91
C GLU D 209 -67.72 -22.77 -17.98
N ASN D 210 -66.48 -22.59 -17.48
CA ASN D 210 -65.43 -23.69 -17.53
C ASN D 210 -65.14 -24.33 -18.92
N PRO D 211 -64.62 -23.50 -19.85
CA PRO D 211 -64.32 -23.98 -21.17
C PRO D 211 -62.86 -24.45 -21.29
N LYS D 212 -62.66 -25.34 -22.25
CA LYS D 212 -61.33 -25.58 -22.78
C LYS D 212 -61.09 -24.54 -23.85
N HIS D 213 -59.93 -23.90 -23.80
CA HIS D 213 -59.39 -23.10 -24.91
C HIS D 213 -58.68 -24.06 -25.89
N ILE D 214 -59.17 -24.15 -27.12
CA ILE D 214 -58.58 -25.03 -28.16
C ILE D 214 -58.30 -24.24 -29.43
N GLU D 215 -57.08 -24.29 -29.93
CA GLU D 215 -56.77 -23.55 -31.14
C GLU D 215 -56.18 -24.46 -32.22
N VAL D 216 -56.29 -24.03 -33.49
CA VAL D 216 -55.95 -24.85 -34.65
C VAL D 216 -54.94 -24.15 -35.51
N GLN D 217 -53.87 -24.87 -35.90
CA GLN D 217 -52.73 -24.21 -36.62
C GLN D 217 -53.04 -24.34 -38.07
N ILE D 218 -52.90 -23.22 -38.78
CA ILE D 218 -53.27 -23.13 -40.17
C ILE D 218 -52.12 -22.61 -41.01
N LEU D 219 -51.95 -23.25 -42.16
CA LEU D 219 -51.10 -22.75 -43.23
C LEU D 219 -51.94 -22.56 -44.51
N GLY D 220 -51.69 -21.43 -45.18
CA GLY D 220 -52.18 -21.22 -46.54
C GLY D 220 -51.10 -20.57 -47.41
N ASP D 221 -51.07 -20.91 -48.71
CA ASP D 221 -50.17 -20.23 -49.68
C ASP D 221 -50.96 -19.37 -50.65
N ARG D 222 -50.22 -18.65 -51.50
CA ARG D 222 -50.85 -17.78 -52.52
C ARG D 222 -51.71 -18.53 -53.55
N HIS D 223 -51.49 -19.83 -53.72
CA HIS D 223 -52.22 -20.63 -54.69
C HIS D 223 -53.47 -21.25 -54.06
N GLY D 224 -54.12 -20.55 -53.15
CA GLY D 224 -55.37 -21.05 -52.54
C GLY D 224 -55.39 -22.33 -51.68
N ASN D 225 -54.28 -23.01 -51.49
CA ASN D 225 -54.25 -24.20 -50.62
C ASN D 225 -54.31 -23.83 -49.14
N ILE D 226 -55.07 -24.61 -48.37
CA ILE D 226 -55.26 -24.36 -46.96
C ILE D 226 -55.41 -25.65 -46.14
N ILE D 227 -54.37 -25.95 -45.37
CA ILE D 227 -54.36 -27.13 -44.48
C ILE D 227 -54.32 -26.72 -43.00
N HIS D 228 -54.75 -27.63 -42.12
CA HIS D 228 -54.58 -27.48 -40.68
C HIS D 228 -53.48 -28.39 -40.17
N LEU D 229 -52.84 -28.01 -39.06
CA LEU D 229 -51.80 -28.82 -38.42
C LEU D 229 -52.26 -29.34 -37.05
N HIS D 230 -53.43 -29.94 -37.10
CA HIS D 230 -54.21 -30.26 -35.93
C HIS D 230 -54.36 -29.09 -34.95
N GLU D 231 -54.62 -29.43 -33.67
CA GLU D 231 -54.99 -28.46 -32.64
C GLU D 231 -54.01 -28.47 -31.45
N ARG D 232 -54.29 -27.57 -30.54
CA ARG D 232 -53.48 -27.33 -29.37
C ARG D 232 -54.43 -26.91 -28.27
N ASP D 233 -54.30 -27.53 -27.12
CA ASP D 233 -55.20 -27.32 -26.00
C ASP D 233 -54.47 -26.40 -25.04
N CYS D 234 -54.85 -25.13 -25.01
CA CYS D 234 -54.15 -24.17 -24.18
C CYS D 234 -54.95 -23.75 -22.95
N SER D 235 -55.86 -24.64 -22.52
CA SER D 235 -56.72 -24.43 -21.36
C SER D 235 -55.99 -24.09 -20.04
N VAL D 236 -54.78 -24.58 -19.84
CA VAL D 236 -54.09 -24.36 -18.57
C VAL D 236 -53.55 -22.93 -18.48
N GLN D 237 -54.49 -22.04 -18.17
CA GLN D 237 -54.19 -20.63 -17.94
C GLN D 237 -54.45 -20.28 -16.47
N ARG D 238 -53.84 -19.17 -16.05
CA ARG D 238 -54.03 -18.56 -14.75
C ARG D 238 -54.18 -17.03 -14.93
N ARG D 239 -55.31 -16.47 -14.44
CA ARG D 239 -55.68 -15.07 -14.73
C ARG D 239 -55.70 -14.92 -16.22
N ASN D 240 -56.33 -15.91 -16.87
CA ASN D 240 -56.35 -16.03 -18.34
C ASN D 240 -55.01 -15.70 -19.05
N GLN D 241 -53.91 -16.26 -18.51
CA GLN D 241 -52.53 -16.20 -19.04
C GLN D 241 -52.07 -17.65 -19.33
N LYS D 242 -51.74 -17.98 -20.58
CA LYS D 242 -51.38 -19.36 -20.95
C LYS D 242 -50.18 -19.76 -20.16
N VAL D 243 -50.23 -20.94 -19.53
CA VAL D 243 -49.08 -21.42 -18.76
C VAL D 243 -48.50 -22.69 -19.39
N ILE D 244 -49.40 -23.59 -19.76
CA ILE D 244 -49.00 -24.80 -20.42
C ILE D 244 -49.97 -25.14 -21.53
N GLU D 245 -49.35 -25.54 -22.64
CA GLU D 245 -50.07 -25.92 -23.83
C GLU D 245 -49.71 -27.39 -24.12
N ILE D 246 -50.69 -28.15 -24.59
CA ILE D 246 -50.47 -29.48 -24.99
C ILE D 246 -51.02 -29.68 -26.38
N ALA D 247 -50.68 -30.82 -26.99
CA ALA D 247 -51.00 -31.09 -28.40
C ALA D 247 -50.80 -32.56 -28.70
N PRO D 248 -51.80 -33.20 -29.29
CA PRO D 248 -53.12 -32.65 -29.53
C PRO D 248 -53.89 -32.38 -28.21
N ALA D 249 -55.15 -32.00 -28.32
CA ALA D 249 -56.04 -31.98 -27.16
C ALA D 249 -56.36 -33.42 -26.83
N VAL D 250 -55.55 -34.05 -26.00
CA VAL D 250 -55.78 -35.49 -25.72
C VAL D 250 -57.03 -35.68 -24.91
N GLY D 251 -57.51 -34.60 -24.27
CA GLY D 251 -58.78 -34.66 -23.52
C GLY D 251 -60.02 -35.02 -24.34
N LEU D 252 -60.02 -34.68 -25.62
CA LEU D 252 -61.21 -34.78 -26.47
C LEU D 252 -61.04 -35.83 -27.54
N SER D 253 -62.17 -36.32 -28.05
CA SER D 253 -62.19 -37.43 -28.99
C SER D 253 -61.71 -37.00 -30.37
N PRO D 254 -61.06 -37.92 -31.12
CA PRO D 254 -60.61 -37.68 -32.48
C PRO D 254 -61.60 -36.91 -33.37
N ASP D 255 -62.86 -37.35 -33.40
CA ASP D 255 -63.86 -36.79 -34.32
C ASP D 255 -64.28 -35.40 -33.94
N PHE D 256 -64.49 -35.18 -32.65
CA PHE D 256 -64.88 -33.85 -32.18
C PHE D 256 -63.74 -32.87 -32.50
N ARG D 257 -62.52 -33.37 -32.42
CA ARG D 257 -61.34 -32.56 -32.71
C ARG D 257 -61.25 -32.25 -34.20
N ASN D 258 -61.44 -33.30 -34.99
CA ASN D 258 -61.49 -33.13 -36.42
C ASN D 258 -62.50 -32.05 -36.86
N GLU D 259 -63.67 -32.07 -36.23
CA GLU D 259 -64.71 -31.08 -36.49
C GLU D 259 -64.28 -29.63 -36.14
N ILE D 260 -63.55 -29.44 -35.05
CA ILE D 260 -63.12 -28.08 -34.67
C ILE D 260 -62.10 -27.56 -35.68
N CYS D 261 -61.28 -28.47 -36.19
CA CYS D 261 -60.24 -28.14 -37.15
C CYS D 261 -60.85 -27.76 -38.47
N GLU D 262 -61.77 -28.61 -38.94
CA GLU D 262 -62.41 -28.38 -40.23
C GLU D 262 -63.04 -27.00 -40.28
N ALA D 263 -63.56 -26.55 -39.14
CA ALA D 263 -64.24 -25.29 -39.02
C ALA D 263 -63.27 -24.12 -39.13
N ALA D 264 -61.99 -24.36 -38.87
CA ALA D 264 -60.96 -23.30 -39.01
C ALA D 264 -60.40 -23.24 -40.44
N VAL D 265 -60.32 -24.40 -41.09
CA VAL D 265 -60.10 -24.48 -42.53
C VAL D 265 -61.21 -23.72 -43.26
N LYS D 266 -62.44 -23.98 -42.85
CA LYS D 266 -63.60 -23.37 -43.44
C LYS D 266 -63.44 -21.87 -43.34
N LEU D 267 -63.21 -21.37 -42.14
CA LEU D 267 -63.10 -19.92 -41.97
C LEU D 267 -62.00 -19.32 -42.85
N CYS D 268 -60.93 -20.08 -43.06
CA CYS D 268 -59.73 -19.57 -43.73
C CYS D 268 -59.78 -19.74 -45.25
N LYS D 269 -60.35 -20.85 -45.73
CA LYS D 269 -60.69 -20.96 -47.15
C LYS D 269 -61.56 -19.77 -47.58
N ASN D 270 -62.51 -19.43 -46.73
CA ASN D 270 -63.47 -18.39 -47.00
C ASN D 270 -62.91 -16.96 -47.06
N VAL D 271 -61.82 -16.68 -46.36
CA VAL D 271 -61.11 -15.38 -46.54
C VAL D 271 -59.82 -15.57 -47.32
N GLY D 272 -59.54 -16.81 -47.73
CA GLY D 272 -58.37 -17.10 -48.52
C GLY D 272 -57.16 -16.63 -47.74
N TYR D 273 -56.94 -17.30 -46.61
CA TYR D 273 -55.83 -16.95 -45.72
C TYR D 273 -54.47 -17.37 -46.29
N VAL D 274 -53.46 -16.57 -45.98
CA VAL D 274 -52.11 -16.73 -46.47
C VAL D 274 -51.08 -16.69 -45.33
N ASN D 275 -50.12 -17.61 -45.41
CA ASN D 275 -49.06 -17.81 -44.41
C ASN D 275 -49.55 -18.59 -43.21
N ALA D 276 -48.89 -18.43 -42.07
CA ALA D 276 -49.31 -19.14 -40.85
C ALA D 276 -50.23 -18.31 -40.00
N GLY D 277 -51.17 -19.00 -39.35
CA GLY D 277 -52.12 -18.36 -38.47
C GLY D 277 -52.88 -19.37 -37.61
N THR D 278 -53.38 -18.91 -36.49
CA THR D 278 -54.03 -19.79 -35.53
C THR D 278 -55.48 -19.34 -35.25
N VAL D 279 -56.39 -20.32 -35.22
CA VAL D 279 -57.79 -20.03 -35.01
C VAL D 279 -58.23 -20.47 -33.60
N GLU D 280 -58.32 -19.49 -32.67
CA GLU D 280 -58.78 -19.76 -31.30
C GLU D 280 -60.27 -20.09 -31.21
N PHE D 281 -60.60 -21.11 -30.42
CA PHE D 281 -61.98 -21.42 -30.06
C PHE D 281 -62.09 -21.46 -28.52
N LEU D 282 -63.30 -21.30 -27.98
CA LEU D 282 -63.65 -21.85 -26.65
C LEU D 282 -64.46 -23.08 -26.92
N VAL D 283 -64.47 -23.99 -25.96
CA VAL D 283 -65.15 -25.30 -26.10
C VAL D 283 -65.78 -25.72 -24.77
N LYS D 284 -66.96 -26.33 -24.87
CA LYS D 284 -67.78 -26.74 -23.73
C LYS D 284 -68.76 -27.81 -24.21
N ASP D 285 -68.77 -28.96 -23.53
CA ASP D 285 -69.78 -30.02 -23.74
C ASP D 285 -70.23 -30.23 -25.20
N ASP D 286 -69.29 -30.36 -26.11
CA ASP D 286 -69.59 -30.67 -27.52
C ASP D 286 -70.28 -29.57 -28.34
N LYS D 287 -69.96 -28.32 -28.05
CA LYS D 287 -70.17 -27.17 -28.97
C LYS D 287 -68.90 -26.34 -28.90
N PHE D 288 -68.66 -25.50 -29.92
CA PHE D 288 -67.46 -24.67 -29.94
C PHE D 288 -67.65 -23.28 -30.55
N TYR D 289 -66.95 -22.31 -29.98
CA TYR D 289 -67.22 -20.91 -30.31
C TYR D 289 -65.96 -20.18 -30.71
N PHE D 290 -65.85 -19.89 -31.99
CA PHE D 290 -64.80 -19.02 -32.50
C PHE D 290 -64.65 -17.82 -31.56
N ILE D 291 -63.42 -17.43 -31.23
CA ILE D 291 -63.19 -16.22 -30.44
C ILE D 291 -62.19 -15.28 -31.08
N GLU D 292 -61.35 -15.76 -31.98
CA GLU D 292 -60.24 -14.97 -32.52
C GLU D 292 -59.55 -15.64 -33.70
N VAL D 293 -58.75 -14.86 -34.40
CA VAL D 293 -57.70 -15.41 -35.27
C VAL D 293 -56.38 -14.67 -35.00
N ASN D 294 -55.31 -15.44 -34.92
CA ASN D 294 -54.01 -14.89 -34.77
C ASN D 294 -53.32 -14.97 -36.11
N PRO D 295 -53.18 -13.81 -36.76
CA PRO D 295 -52.57 -13.72 -38.05
C PRO D 295 -51.03 -13.74 -37.96
N ARG D 296 -50.53 -14.77 -37.28
CA ARG D 296 -49.09 -14.89 -37.03
C ARG D 296 -48.74 -16.23 -36.44
N VAL D 297 -47.44 -16.42 -36.28
CA VAL D 297 -46.96 -17.61 -35.62
C VAL D 297 -47.11 -17.37 -34.15
N GLN D 298 -47.37 -18.44 -33.41
CA GLN D 298 -47.47 -18.29 -31.98
C GLN D 298 -46.27 -18.86 -31.28
N VAL D 299 -46.04 -18.32 -30.10
CA VAL D 299 -45.11 -18.87 -29.12
C VAL D 299 -45.23 -20.41 -28.99
N GLU D 300 -46.44 -20.95 -28.96
CA GLU D 300 -46.63 -22.39 -28.76
C GLU D 300 -46.65 -23.20 -30.07
N HIS D 301 -46.03 -22.68 -31.13
CA HIS D 301 -46.04 -23.40 -32.42
C HIS D 301 -45.23 -24.66 -32.35
N THR D 302 -44.15 -24.57 -31.57
CA THR D 302 -43.26 -25.67 -31.26
C THR D 302 -43.96 -27.03 -31.13
N ILE D 303 -44.99 -27.12 -30.30
CA ILE D 303 -45.57 -28.44 -30.03
C ILE D 303 -46.29 -29.07 -31.21
N THR D 304 -46.94 -28.23 -32.00
CA THR D 304 -47.61 -28.67 -33.21
C THR D 304 -46.55 -29.21 -34.19
N GLU D 305 -45.45 -28.48 -34.33
CA GLU D 305 -44.32 -28.96 -35.14
C GLU D 305 -43.97 -30.39 -34.74
N LEU D 306 -43.86 -30.62 -33.44
CA LEU D 306 -43.45 -31.91 -32.93
C LEU D 306 -44.41 -33.01 -33.30
N ILE D 307 -45.71 -32.75 -33.23
CA ILE D 307 -46.69 -33.83 -33.46
C ILE D 307 -47.04 -34.04 -34.94
N THR D 308 -46.59 -33.13 -35.80
CA THR D 308 -46.82 -33.23 -37.24
C THR D 308 -45.55 -33.50 -38.04
N GLY D 309 -44.43 -32.94 -37.61
CA GLY D 309 -43.18 -33.07 -38.32
C GLY D 309 -43.02 -31.95 -39.30
N VAL D 310 -43.85 -30.93 -39.16
CA VAL D 310 -43.85 -29.85 -40.11
C VAL D 310 -43.19 -28.61 -39.53
N ASP D 311 -42.05 -28.22 -40.08
CA ASP D 311 -41.33 -27.02 -39.62
C ASP D 311 -42.14 -25.82 -40.09
N ILE D 312 -42.83 -25.20 -39.13
CA ILE D 312 -43.80 -24.12 -39.37
C ILE D 312 -43.12 -22.84 -39.77
N VAL D 313 -42.01 -22.52 -39.12
CA VAL D 313 -41.33 -21.27 -39.46
C VAL D 313 -40.67 -21.35 -40.84
N GLN D 314 -40.20 -22.54 -41.21
CA GLN D 314 -39.69 -22.74 -42.57
C GLN D 314 -40.85 -22.49 -43.55
N ALA D 315 -41.96 -23.18 -43.31
CA ALA D 315 -43.11 -23.07 -44.14
C ALA D 315 -43.53 -21.61 -44.29
N GLN D 316 -43.63 -20.90 -43.16
CA GLN D 316 -43.93 -19.49 -43.20
C GLN D 316 -43.12 -18.78 -44.29
N ILE D 317 -41.83 -19.01 -44.28
CA ILE D 317 -40.91 -18.30 -45.11
C ILE D 317 -41.10 -18.70 -46.55
N LEU D 318 -41.22 -20.02 -46.76
CA LEU D 318 -41.37 -20.55 -48.11
C LEU D 318 -42.65 -20.05 -48.75
N ILE D 319 -43.72 -19.99 -47.97
CA ILE D 319 -44.97 -19.41 -48.42
C ILE D 319 -44.81 -17.98 -48.90
N ALA D 320 -43.96 -17.21 -48.24
CA ALA D 320 -43.74 -15.80 -48.61
C ALA D 320 -42.78 -15.60 -49.79
N GLN D 321 -42.18 -16.68 -50.26
CA GLN D 321 -41.46 -16.70 -51.53
C GLN D 321 -42.40 -17.14 -52.65
N GLY D 322 -43.69 -17.22 -52.33
CA GLY D 322 -44.71 -17.59 -53.30
C GLY D 322 -44.97 -19.07 -53.43
N LYS D 323 -44.17 -19.89 -52.78
CA LYS D 323 -44.23 -21.34 -53.01
C LYS D 323 -45.55 -21.98 -52.63
N ASP D 324 -45.71 -23.22 -53.08
CA ASP D 324 -46.93 -23.99 -53.00
C ASP D 324 -46.78 -25.03 -51.89
N LEU D 325 -47.75 -25.06 -50.97
CA LEU D 325 -47.68 -25.98 -49.85
C LEU D 325 -47.33 -27.37 -50.26
N HIS D 326 -48.06 -27.91 -51.23
CA HIS D 326 -47.96 -29.31 -51.60
C HIS D 326 -46.94 -29.54 -52.68
N ARG D 327 -46.96 -28.70 -53.71
CA ARG D 327 -46.07 -28.94 -54.83
C ARG D 327 -44.58 -28.76 -54.43
N GLU D 328 -44.17 -27.56 -54.02
CA GLU D 328 -42.74 -27.28 -53.75
C GLU D 328 -42.32 -27.54 -52.31
N ILE D 329 -43.05 -26.96 -51.36
CA ILE D 329 -42.78 -27.12 -49.93
C ILE D 329 -42.81 -28.58 -49.49
N GLY D 330 -43.75 -29.35 -50.01
CA GLY D 330 -43.70 -30.79 -49.83
C GLY D 330 -44.68 -31.38 -48.85
N LEU D 331 -45.69 -30.61 -48.45
CA LEU D 331 -46.69 -31.10 -47.49
C LEU D 331 -47.75 -31.99 -48.11
N PRO D 332 -48.20 -33.05 -47.38
CA PRO D 332 -49.17 -33.98 -47.94
C PRO D 332 -50.52 -33.38 -47.84
N ALA D 333 -51.51 -34.08 -48.40
CA ALA D 333 -52.87 -33.58 -48.40
C ALA D 333 -53.38 -33.66 -46.99
N GLN D 334 -54.34 -32.82 -46.68
CA GLN D 334 -54.96 -32.77 -45.35
C GLN D 334 -55.06 -34.09 -44.58
N SER D 335 -55.59 -35.13 -45.19
CA SER D 335 -55.81 -36.35 -44.44
C SER D 335 -54.57 -37.16 -44.22
N GLU D 336 -53.50 -36.86 -44.96
CA GLU D 336 -52.21 -37.58 -44.85
C GLU D 336 -51.16 -36.85 -44.00
N ILE D 337 -51.61 -35.77 -43.35
CA ILE D 337 -50.77 -35.02 -42.42
C ILE D 337 -50.61 -35.75 -41.09
N PRO D 338 -49.36 -35.98 -40.66
CA PRO D 338 -49.21 -36.96 -39.58
C PRO D 338 -49.70 -36.46 -38.21
N LEU D 339 -49.84 -37.40 -37.27
CA LEU D 339 -50.19 -37.10 -35.88
C LEU D 339 -49.41 -38.04 -34.98
N LEU D 340 -48.23 -37.61 -34.56
CA LEU D 340 -47.30 -38.51 -33.93
C LEU D 340 -47.35 -38.21 -32.47
N GLY D 341 -48.11 -39.02 -31.75
CA GLY D 341 -48.20 -38.89 -30.30
C GLY D 341 -48.52 -37.49 -29.84
N SER D 342 -47.95 -37.12 -28.70
CA SER D 342 -48.30 -35.89 -28.02
C SER D 342 -47.05 -35.06 -27.72
N ALA D 343 -47.27 -33.82 -27.26
CA ALA D 343 -46.23 -32.87 -26.91
C ALA D 343 -46.74 -31.83 -25.94
N ILE D 344 -45.83 -31.28 -25.13
CA ILE D 344 -46.21 -30.35 -24.08
C ILE D 344 -45.20 -29.21 -24.07
N GLN D 345 -45.66 -27.98 -23.89
CA GLN D 345 -44.77 -26.87 -23.68
C GLN D 345 -44.98 -26.15 -22.32
N CYS D 346 -43.90 -25.78 -21.65
CA CYS D 346 -43.92 -24.91 -20.50
C CYS D 346 -42.98 -23.75 -20.72
N ARG D 347 -43.44 -22.54 -20.50
CA ARG D 347 -42.49 -21.42 -20.54
C ARG D 347 -41.88 -21.18 -19.18
N ILE D 348 -40.60 -21.42 -19.05
CA ILE D 348 -39.94 -21.14 -17.82
C ILE D 348 -39.62 -19.66 -17.84
N THR D 349 -40.26 -18.92 -16.94
CA THR D 349 -40.04 -17.48 -16.79
C THR D 349 -39.33 -17.10 -15.49
N THR D 350 -39.10 -15.80 -15.26
CA THR D 350 -38.66 -15.32 -13.94
C THR D 350 -39.83 -15.02 -12.95
N GLU D 351 -41.07 -15.36 -13.32
CA GLU D 351 -42.22 -15.11 -12.47
C GLU D 351 -42.09 -15.86 -11.12
N ASP D 352 -41.78 -15.12 -10.04
CA ASP D 352 -41.61 -15.72 -8.71
C ASP D 352 -42.95 -16.10 -8.16
N PRO D 353 -43.22 -17.41 -8.00
CA PRO D 353 -44.60 -17.76 -7.59
C PRO D 353 -44.88 -17.60 -6.10
N GLN D 354 -43.82 -17.46 -5.28
CA GLN D 354 -43.92 -17.12 -3.87
C GLN D 354 -43.72 -15.63 -3.62
N ASN D 355 -43.95 -14.85 -4.67
CA ASN D 355 -44.04 -13.41 -4.58
C ASN D 355 -45.13 -12.91 -5.54
N GLY D 356 -46.23 -13.67 -5.63
CA GLY D 356 -47.35 -13.31 -6.52
C GLY D 356 -47.00 -13.14 -8.00
N PHE D 357 -46.06 -13.95 -8.47
CA PHE D 357 -45.65 -14.00 -9.88
C PHE D 357 -45.06 -12.71 -10.41
N LEU D 358 -44.51 -11.90 -9.53
CA LEU D 358 -43.74 -10.73 -9.94
C LEU D 358 -42.41 -11.19 -10.53
N PRO D 359 -42.24 -10.97 -11.85
CA PRO D 359 -41.01 -11.34 -12.52
C PRO D 359 -39.75 -10.85 -11.85
N ASP D 360 -38.92 -11.77 -11.38
CA ASP D 360 -37.69 -11.39 -10.71
C ASP D 360 -36.74 -10.88 -11.77
N THR D 361 -35.78 -10.06 -11.36
CA THR D 361 -34.72 -9.55 -12.21
C THR D 361 -33.43 -9.82 -11.49
N GLY D 362 -32.31 -9.65 -12.19
CA GLY D 362 -30.99 -9.79 -11.55
C GLY D 362 -30.04 -10.56 -12.45
N LYS D 363 -28.81 -10.71 -12.02
CA LYS D 363 -27.82 -11.50 -12.76
C LYS D 363 -28.08 -13.03 -12.55
N ILE D 364 -28.13 -13.75 -13.65
CA ILE D 364 -28.25 -15.21 -13.63
C ILE D 364 -26.87 -15.79 -13.42
N ASP D 365 -26.73 -16.62 -12.38
CA ASP D 365 -25.43 -17.19 -12.08
C ASP D 365 -25.18 -18.52 -12.79
N THR D 366 -26.21 -19.34 -12.87
CA THR D 366 -26.06 -20.69 -13.40
C THR D 366 -27.16 -20.97 -14.37
N TYR D 367 -26.78 -21.56 -15.51
CA TYR D 367 -27.77 -22.19 -16.38
C TYR D 367 -27.08 -23.18 -17.26
N ARG D 368 -27.58 -24.40 -17.26
CA ARG D 368 -27.15 -25.45 -18.22
C ARG D 368 -28.46 -26.03 -18.76
N SER D 369 -28.49 -26.38 -20.04
CA SER D 369 -29.76 -26.81 -20.62
C SER D 369 -29.81 -28.32 -20.73
N PRO D 370 -30.82 -28.92 -20.13
CA PRO D 370 -30.98 -30.37 -20.23
C PRO D 370 -31.30 -30.84 -21.64
N GLY D 371 -31.48 -32.13 -21.81
CA GLY D 371 -31.59 -32.65 -23.15
C GLY D 371 -32.04 -34.06 -23.14
N GLY D 372 -31.71 -34.79 -24.21
CA GLY D 372 -32.05 -36.20 -24.36
C GLY D 372 -33.31 -36.47 -25.19
N PHE D 373 -33.83 -37.70 -25.10
CA PHE D 373 -34.92 -38.09 -25.95
C PHE D 373 -36.21 -37.50 -25.46
N GLY D 374 -36.92 -36.84 -26.39
CA GLY D 374 -38.22 -36.30 -26.09
C GLY D 374 -38.16 -34.92 -25.48
N ILE D 375 -37.02 -34.26 -25.61
CA ILE D 375 -36.82 -32.91 -25.14
C ILE D 375 -36.52 -31.99 -26.25
N ARG D 376 -37.21 -30.85 -26.27
CA ARG D 376 -36.94 -29.76 -27.20
C ARG D 376 -36.78 -28.44 -26.43
N LEU D 377 -35.80 -27.61 -26.80
CA LEU D 377 -35.51 -26.35 -26.09
C LEU D 377 -35.34 -25.16 -27.01
N ASP D 378 -36.31 -24.28 -26.94
CA ASP D 378 -36.23 -23.04 -27.66
C ASP D 378 -35.87 -22.02 -26.60
N VAL D 379 -34.58 -21.74 -26.49
CA VAL D 379 -34.08 -20.99 -25.35
C VAL D 379 -34.12 -19.48 -25.60
N GLY D 380 -34.49 -18.72 -24.58
CA GLY D 380 -34.49 -17.26 -24.67
C GLY D 380 -33.15 -16.62 -24.32
N ASN D 381 -33.16 -15.67 -23.38
CA ASN D 381 -31.92 -15.12 -22.80
C ASN D 381 -31.77 -15.64 -21.39
N ALA D 382 -31.23 -16.84 -21.26
CA ALA D 382 -31.08 -17.41 -19.97
C ALA D 382 -29.78 -18.08 -19.94
N TYR D 383 -28.74 -17.34 -19.59
CA TYR D 383 -27.42 -17.90 -19.63
C TYR D 383 -26.60 -17.37 -18.48
N ALA D 384 -25.45 -17.97 -18.26
CA ALA D 384 -24.62 -17.62 -17.14
C ALA D 384 -24.12 -16.25 -17.36
N GLY D 385 -24.54 -15.35 -16.50
CA GLY D 385 -23.97 -14.01 -16.54
C GLY D 385 -24.89 -12.95 -17.08
N TYR D 386 -26.03 -13.36 -17.61
CA TYR D 386 -26.94 -12.43 -18.22
C TYR D 386 -27.70 -11.64 -17.17
N GLU D 387 -27.73 -10.31 -17.34
CA GLU D 387 -28.47 -9.42 -16.46
C GLU D 387 -29.89 -9.41 -16.92
N VAL D 388 -30.80 -9.99 -16.15
CA VAL D 388 -32.23 -9.87 -16.49
C VAL D 388 -32.68 -8.47 -16.14
N THR D 389 -33.15 -7.74 -17.15
CA THR D 389 -33.58 -6.36 -16.98
C THR D 389 -35.06 -6.35 -16.76
N PRO D 390 -35.59 -5.20 -16.27
CA PRO D 390 -37.06 -5.15 -16.08
C PRO D 390 -37.89 -4.86 -17.35
N TYR D 391 -37.21 -4.52 -18.46
CA TYR D 391 -37.84 -3.95 -19.66
C TYR D 391 -38.65 -4.91 -20.50
N PHE D 392 -38.07 -6.08 -20.76
CA PHE D 392 -38.72 -7.07 -21.61
C PHE D 392 -39.45 -8.11 -20.81
N ASP D 393 -40.15 -9.00 -21.49
CA ASP D 393 -40.94 -10.00 -20.81
C ASP D 393 -39.99 -10.97 -20.07
N SER D 394 -40.60 -11.91 -19.35
CA SER D 394 -39.89 -12.65 -18.32
C SER D 394 -39.31 -13.98 -18.80
N LEU D 395 -39.79 -14.49 -19.93
CA LEU D 395 -39.33 -15.78 -20.47
C LEU D 395 -37.84 -16.06 -20.43
N LEU D 396 -37.49 -17.20 -19.84
CA LEU D 396 -36.13 -17.68 -19.84
C LEU D 396 -35.90 -18.73 -20.93
N VAL D 397 -36.77 -19.73 -20.97
CA VAL D 397 -36.59 -20.80 -21.93
C VAL D 397 -37.89 -21.58 -22.12
N LYS D 398 -38.23 -21.88 -23.38
CA LYS D 398 -39.39 -22.70 -23.69
C LYS D 398 -38.92 -24.14 -23.70
N VAL D 399 -39.63 -24.96 -22.95
CA VAL D 399 -39.32 -26.35 -22.87
C VAL D 399 -40.47 -27.12 -23.47
N CYS D 400 -40.18 -27.88 -24.51
CA CYS D 400 -41.12 -28.90 -24.95
C CYS D 400 -40.66 -30.31 -24.59
N THR D 401 -41.64 -31.18 -24.39
CA THR D 401 -41.37 -32.59 -24.35
C THR D 401 -42.34 -33.30 -25.30
N PHE D 402 -42.03 -34.55 -25.65
CA PHE D 402 -42.83 -35.30 -26.59
C PHE D 402 -42.62 -36.78 -26.57
N ALA D 403 -43.71 -37.53 -26.81
CA ALA D 403 -43.71 -38.96 -26.64
C ALA D 403 -44.99 -39.58 -27.19
N ASN D 404 -44.92 -40.84 -27.64
CA ASN D 404 -46.11 -41.59 -28.11
C ASN D 404 -47.24 -41.48 -27.14
N GLU D 405 -46.97 -41.90 -25.91
CA GLU D 405 -47.96 -41.87 -24.84
C GLU D 405 -47.91 -40.52 -24.11
N PHE D 406 -49.02 -39.80 -24.07
CA PHE D 406 -49.10 -38.58 -23.28
C PHE D 406 -48.61 -38.76 -21.83
N SER D 407 -48.80 -39.96 -21.27
CA SER D 407 -48.33 -40.24 -19.93
C SER D 407 -46.86 -40.02 -19.84
N ASP D 408 -46.17 -40.44 -20.89
CA ASP D 408 -44.72 -40.32 -20.94
C ASP D 408 -44.23 -38.92 -21.31
N SER D 409 -45.02 -38.18 -22.10
CA SER D 409 -44.71 -36.75 -22.34
C SER D 409 -44.71 -36.04 -21.05
N VAL D 410 -45.63 -36.41 -20.17
CA VAL D 410 -45.65 -35.85 -18.80
C VAL D 410 -44.40 -36.23 -18.00
N ARG D 411 -44.07 -37.53 -17.99
CA ARG D 411 -42.91 -38.04 -17.25
C ARG D 411 -41.66 -37.20 -17.62
N LYS D 412 -41.45 -37.03 -18.92
CA LYS D 412 -40.28 -36.29 -19.41
C LYS D 412 -40.32 -34.83 -18.97
N MET D 413 -41.44 -34.16 -19.07
CA MET D 413 -41.53 -32.80 -18.55
C MET D 413 -41.18 -32.75 -17.05
N ASP D 414 -41.68 -33.73 -16.30
CA ASP D 414 -41.42 -33.75 -14.87
C ASP D 414 -39.94 -33.88 -14.62
N ARG D 415 -39.28 -34.78 -15.36
CA ARG D 415 -37.88 -34.98 -15.16
C ARG D 415 -37.12 -33.69 -15.43
N VAL D 416 -37.44 -33.07 -16.56
CA VAL D 416 -36.71 -31.91 -17.05
C VAL D 416 -36.85 -30.77 -16.06
N LEU D 417 -38.08 -30.40 -15.71
CA LEU D 417 -38.28 -29.30 -14.75
C LEU D 417 -37.43 -29.52 -13.48
N HIS D 418 -37.40 -30.77 -13.02
CA HIS D 418 -36.59 -31.17 -11.90
C HIS D 418 -35.07 -31.16 -12.21
N GLU D 419 -34.68 -31.48 -13.44
CA GLU D 419 -33.26 -31.38 -13.87
C GLU D 419 -32.69 -29.99 -13.95
N PHE D 420 -33.52 -29.00 -14.23
CA PHE D 420 -33.04 -27.60 -14.38
C PHE D 420 -32.39 -27.09 -13.13
N ARG D 421 -31.22 -26.45 -13.29
CA ARG D 421 -30.57 -25.74 -12.19
C ARG D 421 -30.33 -24.30 -12.58
N ILE D 422 -31.30 -23.43 -12.32
CA ILE D 422 -31.16 -22.02 -12.69
C ILE D 422 -30.98 -21.17 -11.45
N ARG D 423 -29.78 -20.66 -11.25
CA ARG D 423 -29.50 -19.91 -10.03
C ARG D 423 -29.21 -18.50 -10.42
N GLY D 424 -29.68 -17.58 -9.58
CA GLY D 424 -29.40 -16.17 -9.75
C GLY D 424 -30.70 -15.45 -9.67
N VAL D 425 -31.75 -16.06 -10.23
CA VAL D 425 -33.07 -15.43 -10.23
C VAL D 425 -34.15 -16.43 -10.02
N LYS D 426 -35.23 -15.98 -9.40
CA LYS D 426 -36.36 -16.85 -9.15
C LYS D 426 -36.95 -17.30 -10.49
N THR D 427 -37.70 -18.38 -10.47
CA THR D 427 -38.33 -18.87 -11.66
C THR D 427 -39.65 -19.49 -11.26
N ASN D 428 -40.43 -19.85 -12.26
CA ASN D 428 -41.77 -20.40 -12.04
C ASN D 428 -41.78 -21.92 -11.94
N ILE D 429 -40.58 -22.53 -11.94
CA ILE D 429 -40.53 -23.98 -12.04
C ILE D 429 -41.36 -24.66 -10.94
N PRO D 430 -41.23 -24.21 -9.67
CA PRO D 430 -42.03 -24.81 -8.63
C PRO D 430 -43.48 -24.92 -9.03
N PHE D 431 -43.98 -23.88 -9.68
CA PHE D 431 -45.39 -23.83 -10.05
C PHE D 431 -45.71 -24.85 -11.09
N LEU D 432 -44.82 -24.94 -12.08
CA LEU D 432 -45.02 -25.85 -13.20
C LEU D 432 -45.02 -27.31 -12.72
N ILE D 433 -44.10 -27.63 -11.80
CA ILE D 433 -44.01 -28.94 -11.27
C ILE D 433 -45.34 -29.39 -10.66
N ASN D 434 -45.98 -28.48 -9.92
CA ASN D 434 -47.24 -28.80 -9.24
C ASN D 434 -48.34 -29.10 -10.22
N VAL D 435 -48.31 -28.31 -11.29
CA VAL D 435 -49.32 -28.35 -12.31
C VAL D 435 -49.26 -29.65 -13.12
N ILE D 436 -48.04 -30.16 -13.42
CA ILE D 436 -47.93 -31.43 -14.18
C ILE D 436 -48.07 -32.67 -13.27
N ALA D 437 -47.91 -32.45 -11.96
CA ALA D 437 -48.25 -33.45 -10.95
C ALA D 437 -49.76 -33.69 -10.85
N ASN D 438 -50.57 -32.65 -11.13
CA ASN D 438 -52.01 -32.70 -10.91
C ASN D 438 -52.84 -33.62 -11.84
N GLU D 439 -53.79 -34.35 -11.28
CA GLU D 439 -54.46 -35.39 -12.03
C GLU D 439 -55.38 -34.78 -13.09
N ASN D 440 -55.87 -33.58 -12.84
CA ASN D 440 -56.71 -32.87 -13.81
C ASN D 440 -55.95 -32.58 -15.07
N PHE D 441 -54.69 -32.20 -14.90
CA PHE D 441 -53.80 -31.97 -16.05
C PHE D 441 -53.38 -33.29 -16.75
N THR D 442 -52.77 -34.20 -16.02
CA THR D 442 -52.34 -35.47 -16.58
C THR D 442 -53.44 -36.24 -17.35
N SER D 443 -54.69 -36.05 -16.97
CA SER D 443 -55.84 -36.63 -17.65
C SER D 443 -56.17 -35.92 -18.94
N GLY D 444 -55.72 -34.68 -19.09
CA GLY D 444 -55.92 -33.93 -20.31
C GLY D 444 -57.20 -33.17 -20.31
N GLN D 445 -57.77 -33.02 -19.12
CA GLN D 445 -59.13 -32.49 -18.93
C GLN D 445 -59.18 -31.08 -18.31
N ALA D 446 -58.04 -30.46 -18.05
CA ALA D 446 -58.08 -29.16 -17.43
C ALA D 446 -58.90 -28.15 -18.24
N THR D 447 -59.46 -27.16 -17.53
CA THR D 447 -60.22 -26.07 -18.12
C THR D 447 -59.50 -24.76 -17.83
N THR D 448 -60.10 -23.64 -18.27
CA THR D 448 -59.47 -22.32 -18.03
C THR D 448 -59.52 -21.91 -16.54
N THR D 449 -60.48 -22.49 -15.83
CA THR D 449 -60.74 -22.20 -14.41
C THR D 449 -60.11 -23.23 -13.47
N PHE D 450 -59.55 -24.29 -14.03
CA PHE D 450 -58.83 -25.29 -13.26
C PHE D 450 -57.73 -24.69 -12.35
N ILE D 451 -56.90 -23.80 -12.85
CA ILE D 451 -55.81 -23.27 -12.01
C ILE D 451 -56.31 -22.35 -10.90
N ASP D 452 -57.22 -21.46 -11.22
CA ASP D 452 -57.68 -20.46 -10.24
C ASP D 452 -58.53 -21.13 -9.15
N ASN D 453 -59.19 -22.24 -9.49
CA ASN D 453 -59.97 -23.05 -8.56
C ASN D 453 -59.24 -24.23 -7.91
N THR D 454 -57.92 -24.31 -8.07
CA THR D 454 -57.16 -25.37 -7.40
C THR D 454 -56.18 -24.62 -6.50
N PRO D 455 -56.55 -24.46 -5.22
CA PRO D 455 -55.61 -23.73 -4.38
C PRO D 455 -54.35 -24.59 -4.07
N SER D 456 -54.47 -25.92 -4.15
CA SER D 456 -53.38 -26.83 -3.80
C SER D 456 -52.09 -26.57 -4.61
N LEU D 457 -52.24 -26.03 -5.81
CA LEU D 457 -51.12 -25.73 -6.71
C LEU D 457 -50.17 -24.66 -6.21
N PHE D 458 -50.53 -23.94 -5.15
CA PHE D 458 -49.71 -22.82 -4.71
C PHE D 458 -48.96 -23.08 -3.40
N ASN D 459 -49.04 -24.33 -2.90
CA ASN D 459 -48.19 -24.77 -1.79
C ASN D 459 -46.89 -25.20 -2.41
N PHE D 460 -45.81 -24.51 -2.09
CA PHE D 460 -44.52 -24.81 -2.68
C PHE D 460 -43.48 -25.27 -1.64
N PRO D 461 -42.80 -26.40 -1.90
CA PRO D 461 -41.76 -26.75 -0.98
C PRO D 461 -40.72 -25.65 -0.88
N ARG D 462 -40.40 -25.20 0.32
CA ARG D 462 -39.25 -24.31 0.51
C ARG D 462 -38.08 -25.12 -0.06
N LEU D 463 -37.24 -24.49 -0.86
CA LEU D 463 -36.14 -25.22 -1.46
C LEU D 463 -34.95 -24.91 -0.62
N ARG D 464 -34.14 -25.94 -0.30
CA ARG D 464 -32.81 -25.74 0.29
C ARG D 464 -31.85 -25.68 -0.92
N ASP D 465 -31.09 -24.61 -1.03
CA ASP D 465 -30.02 -24.50 -2.00
C ASP D 465 -28.73 -24.50 -1.22
N ARG D 466 -28.14 -25.66 -1.06
CA ARG D 466 -27.06 -25.78 -0.12
C ARG D 466 -25.82 -25.21 -0.72
N GLY D 467 -25.57 -25.51 -1.99
CA GLY D 467 -24.45 -24.87 -2.70
C GLY D 467 -24.45 -23.35 -2.46
N THR D 468 -25.56 -22.72 -2.84
CA THR D 468 -25.64 -21.26 -2.79
C THR D 468 -25.37 -20.73 -1.40
N LYS D 469 -26.08 -21.26 -0.41
CA LYS D 469 -25.99 -20.72 0.94
C LYS D 469 -24.58 -20.89 1.52
N THR D 470 -23.93 -22.02 1.23
CA THR D 470 -22.64 -22.31 1.74
C THR D 470 -21.67 -21.28 1.18
N LEU D 471 -21.81 -21.03 -0.12
CA LEU D 471 -20.93 -20.08 -0.82
C LEU D 471 -21.16 -18.66 -0.32
N HIS D 472 -22.40 -18.33 0.02
CA HIS D 472 -22.66 -17.09 0.75
C HIS D 472 -21.85 -17.01 2.08
N TYR D 473 -21.95 -18.07 2.91
CA TYR D 473 -21.19 -18.15 4.14
C TYR D 473 -19.69 -18.05 3.88
N LEU D 474 -19.18 -18.95 3.04
CA LEU D 474 -17.72 -18.96 2.77
C LEU D 474 -17.23 -17.57 2.39
N SER D 475 -18.05 -16.87 1.61
CA SER D 475 -17.70 -15.54 1.12
C SER D 475 -17.72 -14.58 2.25
N MET D 476 -18.77 -14.63 3.05
CA MET D 476 -18.92 -13.66 4.16
C MET D 476 -17.70 -13.68 5.06
N ILE D 477 -17.28 -14.90 5.41
CA ILE D 477 -16.18 -15.09 6.34
C ILE D 477 -14.84 -14.85 5.66
N THR D 478 -14.71 -15.24 4.40
CA THR D 478 -13.46 -15.02 3.69
C THR D 478 -13.13 -13.52 3.57
N VAL D 479 -14.13 -12.67 3.70
CA VAL D 479 -13.95 -11.26 3.45
C VAL D 479 -14.07 -10.47 4.73
N ASN D 480 -15.16 -10.66 5.48
CA ASN D 480 -15.35 -9.91 6.73
C ASN D 480 -14.88 -10.65 7.99
N GLY D 481 -14.33 -11.86 7.82
CA GLY D 481 -13.86 -12.64 8.94
C GLY D 481 -14.96 -13.11 9.84
N PHE D 482 -14.60 -13.83 10.89
CA PHE D 482 -15.56 -14.35 11.84
C PHE D 482 -15.75 -13.38 13.00
N PRO D 483 -16.97 -13.25 13.52
CA PRO D 483 -17.21 -12.17 14.51
C PRO D 483 -16.60 -12.44 15.87
N GLY D 484 -15.91 -11.43 16.40
CA GLY D 484 -15.23 -11.54 17.68
C GLY D 484 -13.92 -12.33 17.66
N ILE D 485 -13.17 -12.30 16.57
CA ILE D 485 -11.84 -12.86 16.50
C ILE D 485 -11.08 -12.17 15.39
N GLU D 486 -9.81 -11.92 15.61
CA GLU D 486 -9.04 -11.22 14.62
C GLU D 486 -9.05 -11.97 13.32
N ASN D 487 -9.32 -11.22 12.26
CA ASN D 487 -9.37 -11.74 10.91
C ASN D 487 -7.95 -12.15 10.50
N THR D 488 -7.47 -13.27 11.03
CA THR D 488 -6.18 -13.82 10.61
C THR D 488 -6.32 -14.61 9.31
N GLU D 489 -5.20 -15.13 8.82
CA GLU D 489 -5.21 -15.96 7.65
C GLU D 489 -5.23 -17.40 8.06
N LYS D 490 -5.73 -18.24 7.16
CA LYS D 490 -6.07 -19.62 7.49
C LYS D 490 -4.86 -20.52 7.42
N ARG D 491 -4.47 -21.10 8.55
CA ARG D 491 -3.33 -22.02 8.55
C ARG D 491 -3.66 -23.25 7.69
N HIS D 492 -2.63 -23.98 7.23
CA HIS D 492 -2.81 -25.31 6.61
C HIS D 492 -2.76 -26.28 7.74
N PHE D 493 -3.74 -27.14 7.84
CA PHE D 493 -3.80 -28.09 8.95
C PHE D 493 -3.74 -29.50 8.38
N GLU D 494 -3.01 -30.38 9.07
CA GLU D 494 -2.98 -31.79 8.70
C GLU D 494 -4.30 -32.43 9.08
N GLU D 495 -4.63 -33.60 8.52
CA GLU D 495 -5.74 -34.39 9.04
C GLU D 495 -5.44 -34.69 10.52
N PRO D 496 -6.42 -34.51 11.43
CA PRO D 496 -6.08 -34.80 12.79
C PRO D 496 -5.92 -36.31 12.91
N ARG D 497 -5.05 -36.74 13.83
CA ARG D 497 -4.69 -38.16 14.01
C ARG D 497 -5.84 -39.03 14.49
N GLN D 498 -6.12 -40.04 13.69
CA GLN D 498 -7.10 -41.05 14.02
C GLN D 498 -6.42 -42.06 14.99
N PRO D 499 -7.14 -42.57 16.00
CA PRO D 499 -6.42 -43.38 16.95
C PRO D 499 -6.30 -44.85 16.50
N LEU D 500 -5.12 -45.46 16.65
CA LEU D 500 -4.97 -46.94 16.72
C LEU D 500 -5.48 -47.52 18.04
N LEU D 501 -6.58 -48.24 18.03
CA LEU D 501 -7.23 -48.66 19.27
C LEU D 501 -7.09 -50.15 19.45
N ASN D 502 -7.13 -50.62 20.69
CA ASN D 502 -7.29 -52.04 20.98
C ASN D 502 -8.58 -52.31 21.70
N LEU D 503 -9.58 -52.63 20.90
CA LEU D 503 -10.91 -52.76 21.39
C LEU D 503 -11.15 -53.99 22.25
N GLU D 504 -12.10 -53.85 23.18
CA GLU D 504 -12.56 -54.92 24.05
C GLU D 504 -14.07 -54.81 24.20
N LYS D 505 -14.83 -55.83 23.83
CA LYS D 505 -16.29 -55.83 24.02
C LYS D 505 -16.64 -55.82 25.51
N LYS D 506 -17.52 -54.91 25.96
CA LYS D 506 -17.98 -54.85 27.37
C LYS D 506 -19.41 -54.37 27.52
N LYS D 507 -20.10 -54.84 28.55
CA LYS D 507 -21.40 -54.26 28.91
C LYS D 507 -21.06 -52.90 29.51
N THR D 508 -21.98 -51.96 29.42
CA THR D 508 -21.69 -50.61 29.86
C THR D 508 -22.86 -50.13 30.68
N ALA D 509 -22.63 -49.17 31.53
CA ALA D 509 -23.74 -48.62 32.28
C ALA D 509 -24.92 -48.27 31.37
N LYS D 510 -24.64 -47.75 30.18
CA LYS D 510 -25.70 -47.40 29.23
C LYS D 510 -26.54 -48.65 28.96
N ASN D 511 -25.87 -49.73 28.56
CA ASN D 511 -26.49 -51.02 28.28
C ASN D 511 -27.37 -51.44 29.44
N ILE D 512 -26.79 -51.47 30.64
CA ILE D 512 -27.57 -51.77 31.85
C ILE D 512 -28.81 -50.86 31.99
N LEU D 513 -28.63 -49.55 31.87
CA LEU D 513 -29.75 -48.65 32.01
C LEU D 513 -30.86 -49.05 31.06
N ASP D 514 -30.49 -49.20 29.77
CA ASP D 514 -31.46 -49.50 28.73
C ASP D 514 -32.16 -50.78 29.06
N GLU D 515 -31.40 -51.82 29.40
CA GLU D 515 -31.97 -53.16 29.60
C GLU D 515 -32.68 -53.38 30.94
N GLN D 516 -32.23 -52.72 32.00
CA GLN D 516 -32.68 -53.01 33.37
C GLN D 516 -33.00 -51.78 34.25
N GLY D 517 -32.96 -50.58 33.68
CA GLY D 517 -33.32 -49.39 34.45
C GLY D 517 -32.24 -48.77 35.34
N ALA D 518 -32.65 -47.69 35.99
CA ALA D 518 -31.72 -46.78 36.64
C ALA D 518 -31.16 -47.37 37.89
N ASP D 519 -32.04 -47.94 38.71
CA ASP D 519 -31.62 -48.57 39.94
C ASP D 519 -30.63 -49.71 39.68
N ALA D 520 -30.75 -50.37 38.52
CA ALA D 520 -29.81 -51.42 38.12
C ALA D 520 -28.42 -50.89 37.86
N VAL D 521 -28.37 -49.63 37.44
CA VAL D 521 -27.10 -48.96 37.21
C VAL D 521 -26.47 -48.59 38.53
N VAL D 522 -27.31 -48.09 39.43
CA VAL D 522 -26.82 -47.72 40.74
C VAL D 522 -26.19 -48.93 41.38
N ASP D 523 -26.77 -50.11 41.14
CA ASP D 523 -26.22 -51.32 41.73
C ASP D 523 -24.90 -51.63 41.11
N TYR D 524 -24.87 -51.56 39.78
CA TYR D 524 -23.62 -51.68 39.04
C TYR D 524 -22.50 -50.75 39.56
N VAL D 525 -22.84 -49.51 39.90
CA VAL D 525 -21.82 -48.55 40.38
C VAL D 525 -21.35 -48.95 41.76
N LYS D 526 -22.30 -49.27 42.61
CA LYS D 526 -22.00 -49.70 43.98
C LYS D 526 -21.14 -50.95 44.03
N ASN D 527 -21.31 -51.84 43.04
CA ASN D 527 -20.48 -53.05 42.92
C ASN D 527 -19.24 -52.87 42.08
N THR D 528 -18.79 -51.64 41.90
CA THR D 528 -17.55 -51.37 41.18
C THR D 528 -16.49 -50.92 42.16
N LYS D 529 -15.29 -51.48 42.06
CA LYS D 529 -14.25 -51.30 43.09
C LYS D 529 -13.46 -50.12 42.72
N GLU D 530 -13.10 -50.09 41.44
CA GLU D 530 -12.40 -48.98 40.84
C GLU D 530 -13.20 -47.69 40.94
N VAL D 531 -12.49 -46.58 40.90
CA VAL D 531 -13.14 -45.31 40.72
C VAL D 531 -13.54 -45.20 39.24
N LEU D 532 -14.76 -44.76 39.01
CA LEU D 532 -15.34 -44.78 37.68
C LEU D 532 -15.19 -43.39 37.15
N LEU D 533 -15.04 -43.27 35.83
CA LEU D 533 -14.84 -41.94 35.23
C LEU D 533 -15.97 -41.42 34.30
N THR D 534 -16.30 -40.15 34.43
CA THR D 534 -17.10 -39.45 33.42
C THR D 534 -16.18 -38.50 32.61
N ASP D 535 -16.28 -38.58 31.27
CA ASP D 535 -15.51 -37.73 30.31
C ASP D 535 -16.22 -36.37 30.04
N THR D 536 -15.75 -35.34 30.74
CA THR D 536 -16.21 -33.98 30.54
C THR D 536 -15.64 -33.27 29.30
N THR D 537 -14.90 -33.99 28.45
CA THR D 537 -14.33 -33.44 27.24
C THR D 537 -15.37 -32.77 26.29
N LEU D 538 -16.55 -33.34 26.07
CA LEU D 538 -17.55 -32.72 25.15
C LEU D 538 -18.47 -31.62 25.76
N ARG D 539 -18.21 -31.20 26.98
CA ARG D 539 -18.99 -30.13 27.60
C ARG D 539 -18.16 -29.24 28.53
N ASP D 540 -18.00 -29.58 29.80
CA ASP D 540 -17.30 -28.67 30.71
C ASP D 540 -15.86 -28.38 30.28
N ALA D 541 -15.22 -29.29 29.59
CA ALA D 541 -13.81 -29.11 29.33
C ALA D 541 -13.65 -27.89 28.46
N HIS D 542 -14.35 -27.91 27.34
CA HIS D 542 -14.16 -26.88 26.30
C HIS D 542 -14.92 -25.66 26.70
N GLN D 543 -16.00 -25.85 27.45
CA GLN D 543 -16.58 -24.70 28.11
C GLN D 543 -15.50 -23.94 28.91
N SER D 544 -14.59 -24.66 29.54
CA SER D 544 -13.70 -24.05 30.51
C SER D 544 -12.53 -23.43 29.79
N LEU D 545 -12.20 -23.96 28.65
CA LEU D 545 -10.92 -23.66 28.01
C LEU D 545 -10.95 -22.94 26.62
N LEU D 546 -12.04 -23.16 25.88
CA LEU D 546 -12.26 -22.66 24.56
C LEU D 546 -13.63 -21.98 24.48
N ALA D 547 -14.05 -21.31 25.55
CA ALA D 547 -15.39 -20.68 25.58
C ALA D 547 -16.49 -21.45 24.90
N THR D 548 -16.56 -22.72 25.12
CA THR D 548 -17.72 -23.48 24.68
C THR D 548 -17.86 -23.66 23.18
N ARG D 549 -16.81 -23.28 22.46
CA ARG D 549 -16.88 -23.27 21.00
C ARG D 549 -16.67 -24.61 20.34
N LEU D 550 -16.52 -25.70 21.07
CA LEU D 550 -16.20 -26.97 20.39
C LEU D 550 -17.38 -27.25 19.52
N ARG D 551 -17.08 -27.74 18.33
CA ARG D 551 -18.08 -27.90 17.25
C ARG D 551 -18.39 -29.36 16.88
N LEU D 552 -19.66 -29.62 16.61
CA LEU D 552 -20.08 -30.97 16.36
C LEU D 552 -19.21 -31.59 15.34
N GLN D 553 -18.76 -30.85 14.34
CA GLN D 553 -18.04 -31.51 13.27
C GLN D 553 -16.78 -32.19 13.81
N ASP D 554 -16.06 -31.51 14.69
CA ASP D 554 -14.91 -32.09 15.36
C ASP D 554 -15.29 -33.22 16.32
N MET D 555 -16.39 -33.06 17.06
CA MET D 555 -16.93 -34.13 17.92
C MET D 555 -17.20 -35.42 17.15
N LYS D 556 -17.84 -35.33 16.00
CA LYS D 556 -18.28 -36.54 15.36
C LYS D 556 -17.12 -37.27 14.69
N GLY D 557 -15.95 -36.67 14.68
CA GLY D 557 -14.85 -37.30 14.02
C GLY D 557 -14.18 -38.36 14.83
N ILE D 558 -14.47 -38.34 16.14
CA ILE D 558 -13.84 -39.23 17.16
C ILE D 558 -14.86 -39.81 18.12
N ALA D 559 -16.11 -39.39 18.01
CA ALA D 559 -17.17 -39.95 18.87
C ALA D 559 -17.16 -41.48 18.98
N GLN D 560 -17.08 -42.13 17.85
CA GLN D 560 -17.16 -43.56 17.80
C GLN D 560 -16.00 -44.15 18.54
N ALA D 561 -14.81 -43.60 18.32
CA ALA D 561 -13.62 -44.13 19.00
C ALA D 561 -13.79 -44.08 20.51
N ILE D 562 -14.50 -43.08 20.99
CA ILE D 562 -14.75 -42.99 22.42
C ILE D 562 -15.67 -44.13 22.83
N ASP D 563 -16.77 -44.27 22.13
CA ASP D 563 -17.80 -45.27 22.45
C ASP D 563 -17.25 -46.68 22.45
N GLN D 564 -16.33 -47.01 21.57
CA GLN D 564 -15.79 -48.35 21.52
C GLN D 564 -14.45 -48.50 22.25
N GLY D 565 -13.66 -47.45 22.23
CA GLY D 565 -12.33 -47.49 22.83
C GLY D 565 -12.35 -47.26 24.33
N LEU D 566 -13.42 -46.69 24.87
CA LEU D 566 -13.49 -46.40 26.30
C LEU D 566 -14.84 -46.78 26.92
N PRO D 567 -15.24 -48.06 26.78
CA PRO D 567 -16.51 -48.56 27.28
C PRO D 567 -16.59 -48.49 28.80
N GLU D 568 -15.42 -48.52 29.41
CA GLU D 568 -15.28 -48.37 30.85
C GLU D 568 -15.95 -47.11 31.49
N LEU D 569 -16.41 -46.19 30.66
CA LEU D 569 -16.83 -44.87 31.16
C LEU D 569 -18.17 -44.99 31.79
N PHE D 570 -18.39 -44.23 32.84
CA PHE D 570 -19.73 -44.19 33.38
C PHE D 570 -20.62 -43.44 32.40
N SER D 571 -20.19 -42.23 32.06
CA SER D 571 -20.92 -41.38 31.14
C SER D 571 -19.97 -40.44 30.45
N ALA D 572 -20.49 -39.81 29.41
CA ALA D 572 -19.83 -38.65 28.75
C ALA D 572 -20.69 -37.42 28.94
N GLU D 573 -20.14 -36.36 29.54
CA GLU D 573 -20.88 -35.10 29.71
C GLU D 573 -20.83 -34.44 28.37
N MET D 574 -21.99 -34.25 27.75
CA MET D 574 -22.02 -33.76 26.37
C MET D 574 -23.15 -32.80 26.03
N TRP D 575 -23.81 -32.29 27.05
CA TRP D 575 -24.91 -31.38 26.85
C TRP D 575 -25.16 -30.52 28.08
N GLY D 576 -26.02 -29.51 27.95
CA GLY D 576 -26.28 -28.64 29.09
C GLY D 576 -25.12 -27.67 29.28
N GLY D 577 -25.20 -26.89 30.34
CA GLY D 577 -24.20 -25.86 30.61
C GLY D 577 -24.35 -24.80 29.53
N ALA D 578 -23.26 -24.11 29.26
CA ALA D 578 -23.24 -23.19 28.14
C ALA D 578 -23.47 -23.83 26.75
N THR D 579 -23.33 -25.13 26.58
CA THR D 579 -23.44 -25.63 25.21
C THR D 579 -24.74 -25.31 24.53
N PHE D 580 -25.81 -25.20 25.29
CA PHE D 580 -27.12 -25.10 24.67
C PHE D 580 -27.32 -23.81 23.90
N ASP D 581 -27.09 -22.66 24.53
CA ASP D 581 -27.23 -21.38 23.82
C ASP D 581 -26.04 -21.13 22.94
N VAL D 582 -24.84 -21.42 23.40
CA VAL D 582 -23.68 -21.18 22.58
C VAL D 582 -23.73 -21.89 21.25
N ALA D 583 -24.26 -23.09 21.19
CA ALA D 583 -24.37 -23.75 19.91
C ALA D 583 -25.24 -22.96 18.89
N TYR D 584 -26.39 -22.51 19.34
CA TYR D 584 -27.33 -21.73 18.55
C TYR D 584 -26.67 -20.34 18.30
N ARG D 585 -26.53 -19.59 19.37
CA ARG D 585 -26.03 -18.22 19.30
C ARG D 585 -24.71 -17.99 18.55
N PHE D 586 -23.74 -18.87 18.60
CA PHE D 586 -22.37 -18.57 18.09
C PHE D 586 -21.88 -19.57 17.06
N LEU D 587 -22.40 -20.80 17.07
CA LEU D 587 -21.90 -21.80 16.16
C LEU D 587 -22.90 -22.12 15.06
N ASN D 588 -24.07 -21.52 15.17
CA ASN D 588 -25.17 -21.71 14.26
C ASN D 588 -25.34 -23.20 13.96
N GLU D 589 -25.37 -23.99 15.04
CA GLU D 589 -25.81 -25.41 14.99
C GLU D 589 -26.72 -25.69 16.15
N SER D 590 -27.70 -26.58 15.94
CA SER D 590 -28.71 -26.90 16.97
C SER D 590 -28.11 -27.84 18.00
N PRO D 591 -28.25 -27.52 19.27
CA PRO D 591 -27.80 -28.47 20.26
C PRO D 591 -28.57 -29.74 20.13
N TRP D 592 -29.83 -29.66 19.72
CA TRP D 592 -30.60 -30.90 19.51
C TRP D 592 -29.98 -31.73 18.42
N TYR D 593 -29.59 -31.11 17.32
CA TYR D 593 -28.91 -31.80 16.20
C TYR D 593 -27.68 -32.49 16.71
N ARG D 594 -26.87 -31.75 17.47
CA ARG D 594 -25.63 -32.24 18.09
C ARG D 594 -25.95 -33.55 18.85
N LEU D 595 -26.99 -33.47 19.65
CA LEU D 595 -27.37 -34.57 20.49
C LEU D 595 -27.76 -35.71 19.59
N ARG D 596 -28.61 -35.47 18.60
CA ARG D 596 -29.10 -36.58 17.74
C ARG D 596 -27.93 -37.27 17.06
N LYS D 597 -27.00 -36.49 16.55
CA LYS D 597 -26.03 -37.05 15.67
C LYS D 597 -25.01 -37.85 16.48
N LEU D 598 -24.71 -37.36 17.68
CA LEU D 598 -23.80 -38.06 18.58
C LEU D 598 -24.45 -39.31 19.15
N ARG D 599 -25.73 -39.20 19.53
CA ARG D 599 -26.45 -40.31 20.11
C ARG D 599 -26.39 -41.58 19.26
N LYS D 600 -26.48 -41.41 17.94
CA LYS D 600 -26.32 -42.52 17.02
C LYS D 600 -24.90 -43.06 17.01
N LEU D 601 -23.91 -42.20 17.20
CA LEU D 601 -22.50 -42.61 17.07
C LEU D 601 -21.96 -43.30 18.31
N MET D 602 -22.67 -43.14 19.43
CA MET D 602 -22.17 -43.50 20.74
C MET D 602 -23.21 -44.28 21.49
N PRO D 603 -23.73 -45.30 20.84
CA PRO D 603 -24.92 -46.01 21.31
C PRO D 603 -24.74 -46.70 22.66
N ASN D 604 -23.51 -46.88 23.14
CA ASN D 604 -23.27 -47.57 24.43
C ASN D 604 -22.61 -46.73 25.47
N THR D 605 -22.72 -45.42 25.35
CA THR D 605 -22.10 -44.52 26.31
C THR D 605 -23.20 -43.69 26.92
N MET D 606 -23.27 -43.61 28.23
CA MET D 606 -24.36 -42.82 28.83
C MET D 606 -24.09 -41.40 28.50
N PHE D 607 -25.15 -40.67 28.19
CA PHE D 607 -25.02 -39.24 27.89
C PHE D 607 -25.53 -38.47 29.10
N GLN D 608 -24.71 -37.56 29.59
CA GLN D 608 -25.05 -36.84 30.77
C GLN D 608 -25.05 -35.37 30.42
N MET D 609 -25.95 -34.64 31.05
CA MET D 609 -26.03 -33.21 30.90
C MET D 609 -26.10 -32.55 32.27
N LEU D 610 -25.56 -31.34 32.35
CA LEU D 610 -25.80 -30.49 33.50
C LEU D 610 -27.14 -29.89 33.28
N PHE D 611 -27.86 -29.66 34.36
CA PHE D 611 -29.28 -29.23 34.31
C PHE D 611 -29.65 -28.44 35.54
N ARG D 612 -30.02 -27.17 35.37
CA ARG D 612 -30.37 -26.30 36.50
C ARG D 612 -31.79 -26.58 36.92
N GLY D 613 -31.99 -26.86 38.20
CA GLY D 613 -33.24 -27.51 38.65
C GLY D 613 -34.47 -26.81 38.14
N SER D 614 -34.53 -25.53 38.43
CA SER D 614 -35.67 -24.71 38.12
C SER D 614 -35.73 -24.34 36.67
N ASN D 615 -34.59 -24.03 36.06
CA ASN D 615 -34.55 -23.43 34.74
C ASN D 615 -34.04 -24.27 33.60
N ALA D 616 -33.86 -25.56 33.76
CA ALA D 616 -33.16 -26.40 32.75
C ALA D 616 -31.86 -25.77 32.15
N VAL D 617 -31.91 -25.21 30.94
CA VAL D 617 -30.72 -24.63 30.32
C VAL D 617 -30.78 -23.11 30.15
N GLY D 618 -31.82 -22.50 30.70
CA GLY D 618 -32.12 -21.10 30.39
C GLY D 618 -31.96 -20.23 31.60
N TYR D 619 -32.36 -18.96 31.45
CA TYR D 619 -32.20 -18.00 32.54
C TYR D 619 -33.43 -17.23 32.87
N GLN D 620 -34.51 -17.42 32.13
CA GLN D 620 -35.82 -16.89 32.49
C GLN D 620 -36.50 -17.80 33.54
N ASN D 621 -37.67 -17.38 34.00
CA ASN D 621 -38.37 -18.07 35.05
C ASN D 621 -39.55 -18.87 34.53
N TYR D 622 -39.29 -20.11 34.14
CA TYR D 622 -40.28 -20.95 33.43
C TYR D 622 -41.21 -21.67 34.38
N PRO D 623 -42.47 -21.87 33.99
CA PRO D 623 -43.34 -22.67 34.85
C PRO D 623 -42.96 -24.12 34.80
N ASP D 624 -43.51 -24.86 35.74
CA ASP D 624 -43.11 -26.25 35.95
C ASP D 624 -43.42 -27.17 34.78
N ASN D 625 -44.48 -26.84 34.03
CA ASN D 625 -44.89 -27.72 32.95
C ASN D 625 -43.87 -27.72 31.82
N VAL D 626 -43.09 -26.63 31.73
CA VAL D 626 -42.03 -26.45 30.74
C VAL D 626 -40.85 -27.33 31.06
N ILE D 627 -40.40 -27.21 32.30
CA ILE D 627 -39.30 -27.99 32.76
C ILE D 627 -39.61 -29.47 32.54
N GLU D 628 -40.78 -29.93 33.01
CA GLU D 628 -41.20 -31.33 32.75
C GLU D 628 -41.16 -31.67 31.27
N GLU D 629 -41.56 -30.71 30.45
CA GLU D 629 -41.55 -30.95 29.03
C GLU D 629 -40.13 -31.07 28.48
N PHE D 630 -39.25 -30.12 28.85
CA PHE D 630 -37.84 -30.19 28.45
C PHE D 630 -37.29 -31.57 28.69
N ILE D 631 -37.44 -31.97 29.94
CA ILE D 631 -36.93 -33.25 30.38
C ILE D 631 -37.52 -34.41 29.58
N ARG D 632 -38.84 -34.42 29.34
CA ARG D 632 -39.42 -35.50 28.55
C ARG D 632 -38.69 -35.65 27.23
N VAL D 633 -38.42 -34.50 26.60
CA VAL D 633 -37.86 -34.45 25.24
C VAL D 633 -36.38 -34.84 25.27
N ALA D 634 -35.65 -34.23 26.20
CA ALA D 634 -34.23 -34.51 26.35
C ALA D 634 -34.00 -35.99 26.60
N ALA D 635 -34.79 -36.54 27.52
CA ALA D 635 -34.78 -37.99 27.81
C ALA D 635 -35.04 -38.84 26.56
N HIS D 636 -36.06 -38.43 25.81
CA HIS D 636 -36.44 -39.11 24.61
C HIS D 636 -35.33 -39.04 23.55
N GLU D 637 -34.70 -37.87 23.44
CA GLU D 637 -33.80 -37.59 22.31
C GLU D 637 -32.40 -38.18 22.50
N GLY D 638 -32.07 -38.54 23.75
CA GLY D 638 -30.86 -39.32 24.02
C GLY D 638 -30.20 -39.21 25.39
N ILE D 639 -30.76 -38.41 26.30
CA ILE D 639 -30.03 -38.10 27.53
C ILE D 639 -30.41 -39.01 28.66
N ASP D 640 -29.38 -39.58 29.26
CA ASP D 640 -29.51 -40.62 30.27
C ASP D 640 -29.34 -40.10 31.66
N VAL D 641 -28.43 -39.16 31.85
CA VAL D 641 -28.05 -38.80 33.22
C VAL D 641 -28.26 -37.32 33.35
N PHE D 642 -29.15 -36.91 34.24
CA PHE D 642 -29.39 -35.51 34.43
C PHE D 642 -28.76 -35.05 35.75
N ARG D 643 -27.61 -34.38 35.70
CA ARG D 643 -27.06 -33.80 36.93
C ARG D 643 -27.81 -32.53 37.21
N ILE D 644 -28.65 -32.55 38.24
CA ILE D 644 -29.57 -31.48 38.53
C ILE D 644 -29.06 -30.66 39.69
N PHE D 645 -28.78 -29.38 39.48
CA PHE D 645 -28.27 -28.54 40.58
C PHE D 645 -29.07 -27.28 40.74
N ASP D 646 -28.80 -26.53 41.79
CA ASP D 646 -29.45 -25.23 41.96
C ASP D 646 -28.38 -24.29 42.48
N SER D 647 -28.43 -23.06 42.02
CA SER D 647 -27.37 -22.14 42.25
C SER D 647 -27.22 -21.76 43.72
N LEU D 648 -28.19 -22.10 44.56
CA LEU D 648 -28.06 -21.80 46.00
C LEU D 648 -28.32 -23.01 46.85
N ASN D 649 -28.16 -24.15 46.21
CA ASN D 649 -28.41 -25.44 46.81
C ASN D 649 -29.71 -25.48 47.55
N TRP D 650 -30.76 -24.97 46.91
CA TRP D 650 -32.01 -24.82 47.55
C TRP D 650 -32.93 -25.89 47.00
N LEU D 651 -33.20 -26.87 47.85
CA LEU D 651 -33.89 -28.10 47.43
C LEU D 651 -35.20 -27.93 46.62
N PRO D 652 -36.08 -27.02 47.05
CA PRO D 652 -37.36 -26.87 46.33
C PRO D 652 -37.21 -26.71 44.83
N GLN D 653 -36.11 -26.10 44.35
CA GLN D 653 -35.93 -25.92 42.87
C GLN D 653 -35.55 -27.25 42.18
N MET D 654 -34.98 -28.17 42.95
CA MET D 654 -34.52 -29.42 42.39
C MET D 654 -35.60 -30.48 42.33
N GLU D 655 -36.54 -30.41 43.28
CA GLU D 655 -37.52 -31.48 43.53
C GLU D 655 -38.31 -31.97 42.30
N LYS D 656 -38.94 -31.05 41.56
CA LYS D 656 -39.81 -31.45 40.43
C LYS D 656 -38.97 -32.15 39.37
N SER D 657 -37.86 -31.52 39.01
CA SER D 657 -36.97 -32.01 37.97
C SER D 657 -36.45 -33.42 38.27
N ILE D 658 -36.11 -33.67 39.53
CA ILE D 658 -35.65 -34.99 39.97
C ILE D 658 -36.74 -36.04 39.72
N GLN D 659 -37.95 -35.72 40.18
CA GLN D 659 -39.11 -36.57 39.93
C GLN D 659 -39.33 -36.78 38.43
N ALA D 660 -39.35 -35.70 37.70
CA ALA D 660 -39.47 -35.75 36.26
C ALA D 660 -38.49 -36.67 35.56
N VAL D 661 -37.25 -36.67 36.02
CA VAL D 661 -36.24 -37.51 35.38
C VAL D 661 -36.56 -38.96 35.67
N ARG D 662 -36.95 -39.22 36.93
CA ARG D 662 -37.37 -40.53 37.37
C ARG D 662 -38.50 -41.02 36.47
N ASP D 663 -39.53 -40.18 36.37
CA ASP D 663 -40.71 -40.48 35.59
C ASP D 663 -40.38 -40.81 34.15
N ASN D 664 -39.35 -40.20 33.54
CA ASN D 664 -38.88 -40.63 32.20
C ASN D 664 -37.84 -41.77 32.17
N GLY D 665 -37.54 -42.35 33.32
CA GLY D 665 -36.87 -43.64 33.39
C GLY D 665 -35.40 -43.46 33.23
N LYS D 666 -34.89 -42.45 33.89
CA LYS D 666 -33.54 -42.05 33.64
C LYS D 666 -32.87 -41.77 34.94
N ILE D 667 -31.57 -41.54 34.88
CA ILE D 667 -30.79 -41.33 36.08
C ILE D 667 -30.74 -39.88 36.52
N ALA D 668 -30.87 -39.65 37.82
CA ALA D 668 -30.98 -38.30 38.30
C ALA D 668 -29.94 -38.06 39.36
N GLU D 669 -28.95 -37.24 39.06
CA GLU D 669 -27.97 -36.88 40.07
C GLU D 669 -28.45 -35.61 40.76
N ALA D 670 -28.80 -35.73 42.03
CA ALA D 670 -29.02 -34.54 42.81
C ALA D 670 -27.67 -33.96 43.17
N THR D 671 -27.51 -32.64 43.06
CA THR D 671 -26.18 -32.12 43.31
C THR D 671 -26.10 -30.99 44.33
N ILE D 672 -25.12 -31.20 45.20
CA ILE D 672 -24.64 -30.18 46.10
C ILE D 672 -23.46 -29.45 45.50
N CYS D 673 -23.54 -28.14 45.49
CA CYS D 673 -22.45 -27.29 45.07
C CYS D 673 -21.56 -26.97 46.26
N TYR D 674 -20.24 -27.07 46.09
CA TYR D 674 -19.30 -26.91 47.21
C TYR D 674 -18.76 -25.52 47.19
N THR D 675 -18.73 -24.89 48.36
CA THR D 675 -18.09 -23.58 48.51
C THR D 675 -17.42 -23.55 49.87
N GLY D 676 -16.62 -22.52 50.13
CA GLY D 676 -15.84 -22.46 51.38
C GLY D 676 -14.81 -23.55 51.58
N ASP D 677 -14.54 -23.84 52.85
CA ASP D 677 -13.51 -24.85 53.24
C ASP D 677 -13.96 -25.52 54.51
N ILE D 678 -14.46 -26.76 54.42
CA ILE D 678 -15.01 -27.43 55.60
C ILE D 678 -14.00 -27.57 56.73
N LEU D 679 -12.71 -27.55 56.44
CA LEU D 679 -11.71 -27.63 57.51
C LEU D 679 -11.24 -26.27 58.04
N ASP D 680 -11.99 -25.22 57.68
CA ASP D 680 -11.69 -23.87 58.14
C ASP D 680 -12.79 -23.50 59.13
N PRO D 681 -12.46 -23.58 60.43
CA PRO D 681 -13.46 -23.34 61.47
C PRO D 681 -14.04 -21.92 61.46
N SER D 682 -13.29 -20.96 60.94
CA SER D 682 -13.78 -19.60 60.80
C SER D 682 -14.84 -19.43 59.67
N ARG D 683 -15.08 -20.43 58.83
CA ARG D 683 -16.14 -20.33 57.78
C ARG D 683 -17.20 -21.38 58.07
N PRO D 684 -17.79 -21.30 59.26
CA PRO D 684 -18.67 -22.34 59.76
C PRO D 684 -20.00 -22.51 59.03
N LYS D 685 -20.32 -21.53 58.18
CA LYS D 685 -21.62 -21.53 57.51
C LYS D 685 -21.82 -22.77 56.62
N TYR D 686 -20.73 -23.19 55.95
CA TYR D 686 -20.74 -24.34 55.03
C TYR D 686 -19.76 -25.36 55.55
N ASN D 687 -20.00 -25.71 56.80
CA ASN D 687 -19.22 -26.73 57.52
C ASN D 687 -19.65 -28.15 57.12
N ILE D 688 -19.04 -29.15 57.74
CA ILE D 688 -19.27 -30.54 57.35
C ILE D 688 -20.74 -30.95 57.57
N GLN D 689 -21.33 -30.37 58.60
CA GLN D 689 -22.72 -30.71 58.92
C GLN D 689 -23.67 -30.27 57.82
N TYR D 690 -23.58 -29.00 57.41
CA TYR D 690 -24.37 -28.44 56.28
C TYR D 690 -24.50 -29.42 55.11
N TYR D 691 -23.35 -30.00 54.69
CA TYR D 691 -23.35 -30.93 53.56
C TYR D 691 -24.04 -32.26 53.90
N LYS D 692 -23.70 -32.85 55.05
CA LYS D 692 -24.38 -34.09 55.52
C LYS D 692 -25.92 -33.92 55.46
N ASP D 693 -26.43 -32.82 56.04
CA ASP D 693 -27.89 -32.61 56.21
C ASP D 693 -28.54 -32.51 54.86
N LEU D 694 -27.96 -31.66 54.03
CA LEU D 694 -28.43 -31.57 52.66
C LEU D 694 -28.43 -32.92 51.91
N ALA D 695 -27.37 -33.69 52.07
CA ALA D 695 -27.31 -34.97 51.41
C ALA D 695 -28.49 -35.87 51.82
N LYS D 696 -28.83 -35.86 53.12
CA LYS D 696 -29.97 -36.64 53.63
C LYS D 696 -31.18 -36.21 52.84
N GLU D 697 -31.48 -34.90 52.90
CA GLU D 697 -32.65 -34.34 52.22
C GLU D 697 -32.69 -34.76 50.76
N LEU D 698 -31.54 -34.73 50.10
CA LEU D 698 -31.51 -35.09 48.68
C LEU D 698 -31.71 -36.58 48.46
N GLU D 699 -31.26 -37.40 49.41
CA GLU D 699 -31.44 -38.86 49.26
C GLU D 699 -32.93 -39.10 49.26
N ALA D 700 -33.61 -38.35 50.14
CA ALA D 700 -35.05 -38.43 50.35
C ALA D 700 -35.91 -38.15 49.13
N THR D 701 -35.43 -37.31 48.22
CA THR D 701 -36.15 -36.99 46.98
C THR D 701 -36.23 -38.14 45.98
N GLY D 702 -35.49 -39.20 46.22
CA GLY D 702 -35.47 -40.30 45.27
C GLY D 702 -34.49 -40.12 44.11
N ALA D 703 -33.51 -39.25 44.31
CA ALA D 703 -32.39 -39.16 43.38
C ALA D 703 -31.64 -40.49 43.35
N HIS D 704 -31.14 -40.87 42.19
CA HIS D 704 -30.35 -42.09 42.11
C HIS D 704 -28.91 -41.93 42.60
N ILE D 705 -28.37 -40.72 42.47
CA ILE D 705 -26.95 -40.44 42.74
C ILE D 705 -26.71 -39.05 43.37
N LEU D 706 -25.78 -38.97 44.30
CA LEU D 706 -25.38 -37.69 44.84
C LEU D 706 -24.17 -37.15 44.07
N ALA D 707 -24.24 -35.87 43.75
CA ALA D 707 -23.16 -35.23 43.04
C ALA D 707 -22.63 -34.03 43.82
N VAL D 708 -21.33 -33.93 43.84
CA VAL D 708 -20.71 -32.81 44.47
C VAL D 708 -20.01 -32.03 43.38
N LYS D 709 -20.51 -30.84 43.12
CA LYS D 709 -20.07 -30.05 42.02
C LYS D 709 -19.24 -28.96 42.67
N ASP D 710 -17.94 -29.15 42.65
CA ASP D 710 -17.04 -28.10 43.07
C ASP D 710 -16.76 -27.15 41.87
N MET D 711 -17.49 -26.05 41.75
CA MET D 711 -17.46 -25.24 40.53
C MET D 711 -16.15 -24.52 40.38
N ALA D 712 -15.57 -24.14 41.51
CA ALA D 712 -14.41 -23.27 41.47
C ALA D 712 -13.12 -23.95 41.72
N GLY D 713 -13.18 -25.26 41.96
CA GLY D 713 -11.98 -26.01 42.29
C GLY D 713 -11.42 -25.64 43.64
N LEU D 714 -12.30 -25.53 44.62
CA LEU D 714 -11.95 -25.15 45.98
C LEU D 714 -11.71 -26.30 46.92
N LEU D 715 -12.07 -27.50 46.48
CA LEU D 715 -11.92 -28.67 47.30
C LEU D 715 -10.48 -29.09 47.41
N LYS D 716 -9.88 -28.80 48.54
CA LYS D 716 -8.51 -29.14 48.76
C LYS D 716 -8.55 -30.60 49.17
N PRO D 717 -7.39 -31.29 49.09
CA PRO D 717 -7.48 -32.77 49.06
C PRO D 717 -7.77 -33.42 50.42
N GLN D 718 -7.25 -32.83 51.47
CA GLN D 718 -7.70 -33.15 52.82
C GLN D 718 -9.22 -33.08 52.97
N ALA D 719 -9.76 -31.89 52.74
CA ALA D 719 -11.20 -31.70 52.79
C ALA D 719 -11.94 -32.71 51.90
N ALA D 720 -11.40 -33.04 50.73
CA ALA D 720 -12.07 -34.00 49.87
C ALA D 720 -12.21 -35.34 50.56
N TYR D 721 -11.15 -35.78 51.25
CA TYR D 721 -11.22 -37.03 51.97
C TYR D 721 -12.23 -36.98 53.11
N ARG D 722 -12.18 -35.94 53.94
CA ARG D 722 -13.16 -35.86 54.99
C ARG D 722 -14.59 -35.82 54.42
N LEU D 723 -14.83 -35.01 53.39
CA LEU D 723 -16.18 -34.76 52.91
C LEU D 723 -16.77 -35.99 52.25
N ILE D 724 -15.99 -36.66 51.41
CA ILE D 724 -16.53 -37.86 50.77
C ILE D 724 -16.77 -38.93 51.82
N SER D 725 -15.80 -39.08 52.76
CA SER D 725 -15.93 -40.03 53.88
C SER D 725 -17.24 -39.82 54.61
N GLU D 726 -17.46 -38.61 55.15
CA GLU D 726 -18.70 -38.35 55.92
C GLU D 726 -20.01 -38.43 55.16
N LEU D 727 -20.01 -38.03 53.90
CA LEU D 727 -21.19 -38.24 53.10
C LEU D 727 -21.45 -39.73 52.87
N LYS D 728 -20.41 -40.53 52.71
CA LYS D 728 -20.63 -41.98 52.46
C LYS D 728 -21.24 -42.60 53.71
N ASP D 729 -20.91 -42.01 54.86
CA ASP D 729 -21.39 -42.45 56.16
C ASP D 729 -22.80 -41.97 56.36
N THR D 730 -23.25 -41.01 55.55
CA THR D 730 -24.57 -40.41 55.74
C THR D 730 -25.62 -40.96 54.81
N VAL D 731 -25.25 -41.38 53.60
CA VAL D 731 -26.24 -41.77 52.59
C VAL D 731 -25.73 -42.93 51.77
N ASP D 732 -26.63 -43.70 51.20
CA ASP D 732 -26.20 -44.94 50.56
C ASP D 732 -26.07 -44.80 49.05
N LEU D 733 -26.28 -43.59 48.53
CA LEU D 733 -26.28 -43.45 47.09
C LEU D 733 -24.91 -43.07 46.64
N PRO D 734 -24.47 -43.63 45.49
CA PRO D 734 -23.14 -43.38 44.96
C PRO D 734 -22.84 -41.91 44.93
N ILE D 735 -21.57 -41.55 45.07
CA ILE D 735 -21.18 -40.17 45.02
C ILE D 735 -20.36 -39.92 43.76
N HIS D 736 -20.78 -38.90 43.02
CA HIS D 736 -20.13 -38.44 41.79
C HIS D 736 -19.50 -37.07 42.10
N LEU D 737 -18.18 -36.98 42.03
CA LEU D 737 -17.48 -35.76 42.36
C LEU D 737 -16.95 -35.07 41.12
N HIS D 738 -17.01 -33.73 41.15
CA HIS D 738 -16.64 -32.88 40.02
C HIS D 738 -15.86 -31.72 40.52
N THR D 739 -14.60 -31.61 40.13
CA THR D 739 -13.78 -30.45 40.51
C THR D 739 -13.05 -29.88 39.29
N HIS D 740 -12.23 -28.88 39.53
CA HIS D 740 -11.50 -28.17 38.47
C HIS D 740 -10.08 -27.99 38.93
N ASP D 741 -9.16 -28.15 38.00
CA ASP D 741 -7.73 -28.27 38.33
C ASP D 741 -7.03 -26.89 38.37
N THR D 742 -7.82 -25.83 38.52
CA THR D 742 -7.32 -24.48 38.60
C THR D 742 -6.22 -24.32 39.65
N SER D 743 -6.41 -24.88 40.84
CA SER D 743 -5.43 -24.70 41.90
C SER D 743 -4.18 -25.54 41.74
N GLY D 744 -4.14 -26.41 40.75
CA GLY D 744 -3.01 -27.31 40.61
C GLY D 744 -3.23 -28.56 41.41
N ASN D 745 -4.33 -28.58 42.20
CA ASN D 745 -4.62 -29.70 43.13
C ASN D 745 -5.78 -30.63 42.78
N GLY D 746 -6.16 -30.69 41.52
CA GLY D 746 -7.29 -31.53 41.13
C GLY D 746 -6.97 -32.98 41.25
N ILE D 747 -5.80 -33.40 40.77
CA ILE D 747 -5.49 -34.83 40.78
C ILE D 747 -5.37 -35.38 42.20
N ILE D 748 -4.65 -34.65 43.06
CA ILE D 748 -4.49 -35.11 44.44
C ILE D 748 -5.82 -35.06 45.14
N THR D 749 -6.69 -34.12 44.76
CA THR D 749 -8.01 -34.08 45.38
C THR D 749 -8.76 -35.29 44.95
N TYR D 750 -8.78 -35.60 43.66
CA TYR D 750 -9.45 -36.81 43.25
C TYR D 750 -8.83 -38.01 43.97
N SER D 751 -7.53 -37.97 44.24
CA SER D 751 -6.91 -39.13 44.85
C SER D 751 -7.48 -39.29 46.23
N GLY D 752 -7.36 -38.24 47.04
CA GLY D 752 -7.98 -38.18 48.38
C GLY D 752 -9.42 -38.67 48.37
N ALA D 753 -10.23 -38.16 47.47
CA ALA D 753 -11.59 -38.60 47.36
C ALA D 753 -11.69 -40.07 47.01
N THR D 754 -10.76 -40.62 46.23
CA THR D 754 -10.94 -42.02 45.84
C THR D 754 -10.54 -42.94 46.98
N GLN D 755 -9.60 -42.50 47.80
CA GLN D 755 -9.34 -43.19 49.03
C GLN D 755 -10.60 -43.18 49.86
N ALA D 756 -11.36 -42.10 49.88
CA ALA D 756 -12.52 -42.06 50.79
C ALA D 756 -13.69 -42.76 50.19
N GLY D 757 -13.49 -43.48 49.10
CA GLY D 757 -14.58 -44.24 48.52
C GLY D 757 -15.49 -43.64 47.43
N VAL D 758 -15.13 -42.47 46.90
CA VAL D 758 -16.00 -41.81 45.95
C VAL D 758 -16.29 -42.74 44.79
N ASP D 759 -17.53 -42.80 44.36
CA ASP D 759 -17.88 -43.78 43.33
C ASP D 759 -17.47 -43.39 41.91
N ILE D 760 -17.69 -42.12 41.57
CA ILE D 760 -17.41 -41.59 40.24
C ILE D 760 -16.74 -40.22 40.28
N ILE D 761 -15.82 -39.98 39.34
CA ILE D 761 -15.20 -38.68 39.20
C ILE D 761 -15.22 -38.17 37.76
N ASP D 762 -15.18 -36.84 37.61
CA ASP D 762 -15.31 -36.16 36.32
C ASP D 762 -13.97 -35.76 35.77
N VAL D 763 -13.62 -36.26 34.58
CA VAL D 763 -12.28 -35.94 33.98
C VAL D 763 -12.35 -35.54 32.50
N ALA D 764 -11.33 -34.86 32.05
CA ALA D 764 -11.23 -34.51 30.67
C ALA D 764 -10.03 -35.18 30.06
N THR D 765 -10.08 -35.42 28.77
CA THR D 765 -8.92 -35.93 28.10
C THR D 765 -7.83 -34.93 28.30
N ALA D 766 -6.61 -35.42 28.29
CA ALA D 766 -5.47 -34.63 28.73
C ALA D 766 -5.34 -33.32 27.97
N SER D 767 -5.48 -33.40 26.68
CA SER D 767 -5.34 -32.24 25.82
C SER D 767 -6.36 -31.13 26.02
N LEU D 768 -7.43 -31.40 26.73
CA LEU D 768 -8.42 -30.35 27.06
C LEU D 768 -8.62 -30.29 28.57
N ALA D 769 -7.56 -30.62 29.28
CA ALA D 769 -7.56 -30.80 30.73
C ALA D 769 -6.51 -29.92 31.35
N GLY D 770 -6.64 -29.73 32.65
CA GLY D 770 -5.70 -28.88 33.35
C GLY D 770 -6.26 -27.48 33.49
N GLY D 771 -5.51 -26.62 34.18
CA GLY D 771 -5.96 -25.26 34.41
C GLY D 771 -7.38 -25.32 34.93
N THR D 772 -8.25 -24.54 34.32
CA THR D 772 -9.62 -24.47 34.77
C THR D 772 -10.53 -25.56 34.22
N SER D 773 -9.97 -26.53 33.49
CA SER D 773 -10.72 -27.68 33.06
C SER D 773 -10.82 -28.70 34.20
N GLN D 774 -11.30 -29.89 33.91
CA GLN D 774 -11.15 -30.99 34.83
C GLN D 774 -9.75 -31.57 34.83
N PRO D 775 -9.44 -32.33 35.86
CA PRO D 775 -8.12 -32.98 35.87
C PRO D 775 -8.02 -34.04 34.79
N SER D 776 -6.79 -34.39 34.40
CA SER D 776 -6.57 -35.29 33.24
C SER D 776 -7.08 -36.70 33.45
N MET D 777 -7.97 -37.19 32.60
CA MET D 777 -8.32 -38.61 32.63
C MET D 777 -7.08 -39.53 32.56
N GLN D 778 -6.19 -39.28 31.63
CA GLN D 778 -4.97 -40.10 31.52
C GLN D 778 -4.12 -39.98 32.78
N SER D 779 -3.98 -38.79 33.35
CA SER D 779 -3.10 -38.62 34.51
C SER D 779 -3.66 -39.35 35.71
N ILE D 780 -4.98 -39.30 35.92
CA ILE D 780 -5.57 -39.84 37.14
C ILE D 780 -5.40 -41.35 37.13
N TYR D 781 -5.37 -41.96 35.96
CA TYR D 781 -5.06 -43.39 35.88
C TYR D 781 -3.67 -43.73 36.45
N TYR D 782 -2.65 -43.00 36.02
CA TYR D 782 -1.29 -43.24 36.50
C TYR D 782 -1.11 -42.84 37.97
N ALA D 783 -1.96 -41.94 38.45
CA ALA D 783 -1.87 -41.43 39.83
C ALA D 783 -2.33 -42.48 40.83
N LEU D 784 -3.25 -43.31 40.38
CA LEU D 784 -3.80 -44.35 41.19
C LEU D 784 -3.32 -45.74 40.72
N GLU D 785 -2.16 -45.86 40.10
CA GLU D 785 -1.92 -47.03 39.26
C GLU D 785 -1.71 -48.25 40.08
N HIS D 786 -0.83 -48.11 41.07
CA HIS D 786 -0.52 -49.24 41.93
C HIS D 786 -1.17 -49.09 43.30
N GLY D 787 -2.15 -48.22 43.39
CA GLY D 787 -2.77 -47.91 44.64
C GLY D 787 -3.84 -48.89 44.97
N PRO D 788 -4.38 -48.77 46.18
CA PRO D 788 -5.44 -49.65 46.57
C PRO D 788 -6.62 -49.62 45.63
N ARG D 789 -6.87 -48.48 44.99
CA ARG D 789 -8.06 -48.34 44.16
C ARG D 789 -7.69 -47.78 42.80
N HIS D 790 -7.92 -48.53 41.74
CA HIS D 790 -7.51 -48.12 40.39
C HIS D 790 -8.65 -47.36 39.70
N ALA D 791 -8.33 -46.72 38.59
CA ALA D 791 -9.33 -46.00 37.84
C ALA D 791 -9.77 -46.94 36.74
N SER D 792 -11.06 -47.02 36.49
CA SER D 792 -11.57 -47.90 35.47
C SER D 792 -11.65 -47.19 34.10
N ILE D 793 -10.62 -47.43 33.31
CA ILE D 793 -10.50 -46.83 32.03
C ILE D 793 -9.41 -47.57 31.21
N ASN D 794 -9.58 -47.63 29.90
CA ASN D 794 -8.56 -48.16 29.03
C ASN D 794 -7.51 -47.08 28.69
N VAL D 795 -6.48 -46.96 29.49
CA VAL D 795 -5.64 -45.82 29.34
C VAL D 795 -4.88 -45.80 28.01
N LYS D 796 -4.51 -46.96 27.48
CA LYS D 796 -3.79 -46.97 26.20
C LYS D 796 -4.67 -46.35 25.11
N ASN D 797 -5.88 -46.87 24.99
CA ASN D 797 -6.88 -46.27 24.12
C ASN D 797 -7.16 -44.78 24.36
N ALA D 798 -7.23 -44.37 25.62
CA ALA D 798 -7.43 -42.98 25.94
C ALA D 798 -6.27 -42.16 25.45
N GLU D 799 -5.05 -42.66 25.61
CA GLU D 799 -3.88 -41.88 25.18
C GLU D 799 -3.92 -41.66 23.66
N GLN D 800 -4.49 -42.62 22.95
CA GLN D 800 -4.57 -42.55 21.48
C GLN D 800 -5.62 -41.55 21.05
N ILE D 801 -6.78 -41.70 21.60
CA ILE D 801 -7.79 -40.71 21.40
C ILE D 801 -7.30 -39.30 21.78
N ASP D 802 -6.48 -39.16 22.82
CA ASP D 802 -6.05 -37.80 23.18
C ASP D 802 -5.27 -37.12 22.05
N HIS D 803 -4.70 -37.88 21.15
CA HIS D 803 -4.00 -37.33 20.00
C HIS D 803 -4.94 -36.59 19.09
N TYR D 804 -6.12 -37.13 18.92
CA TYR D 804 -7.07 -36.48 18.07
C TYR D 804 -7.44 -35.17 18.71
N TRP D 805 -7.71 -35.17 20.00
CA TRP D 805 -8.15 -33.95 20.62
C TRP D 805 -6.98 -32.97 20.62
N GLU D 806 -5.77 -33.46 20.76
CA GLU D 806 -4.64 -32.56 20.74
C GLU D 806 -4.70 -31.74 19.47
N ASP D 807 -4.85 -32.44 18.35
CA ASP D 807 -4.78 -31.85 17.03
C ASP D 807 -5.94 -30.87 16.79
N VAL D 808 -7.14 -31.32 17.12
CA VAL D 808 -8.33 -30.54 16.93
C VAL D 808 -8.32 -29.24 17.73
N ARG D 809 -7.77 -29.25 18.94
CA ARG D 809 -7.73 -28.02 19.74
C ARG D 809 -6.96 -26.86 19.04
N LYS D 810 -6.09 -27.22 18.11
CA LYS D 810 -5.38 -26.22 17.37
C LYS D 810 -6.33 -25.41 16.52
N TYR D 811 -7.34 -26.03 15.95
CA TYR D 811 -8.35 -25.23 15.28
C TYR D 811 -8.93 -24.11 16.15
N TYR D 812 -8.92 -24.26 17.46
CA TYR D 812 -9.61 -23.29 18.29
C TYR D 812 -8.69 -22.19 18.89
N ALA D 813 -7.49 -22.09 18.33
CA ALA D 813 -6.56 -21.07 18.80
C ALA D 813 -7.10 -19.66 19.17
N PRO D 814 -7.97 -19.06 18.36
CA PRO D 814 -8.58 -17.78 18.67
C PRO D 814 -9.33 -17.74 19.97
N PHE D 815 -9.92 -18.83 20.38
CA PHE D 815 -10.64 -18.84 21.67
C PHE D 815 -9.77 -19.24 22.88
N GLU D 816 -8.55 -19.64 22.64
CA GLU D 816 -7.69 -20.06 23.70
C GLU D 816 -7.59 -18.98 24.74
N ALA D 817 -7.49 -19.32 26.02
CA ALA D 817 -7.46 -18.27 27.03
C ALA D 817 -6.05 -17.76 27.39
N GLY D 818 -5.01 -18.23 26.70
CA GLY D 818 -3.66 -17.74 26.98
C GLY D 818 -2.92 -18.57 28.00
N ILE D 819 -1.82 -18.04 28.52
CA ILE D 819 -0.89 -18.85 29.36
C ILE D 819 -1.63 -19.19 30.62
N THR D 820 -1.74 -20.47 30.85
CA THR D 820 -2.40 -20.95 32.01
C THR D 820 -1.40 -21.70 32.87
N SER D 821 -1.42 -21.42 34.17
CA SER D 821 -0.63 -22.11 35.16
C SER D 821 -1.44 -22.37 36.43
N PRO D 822 -0.85 -23.03 37.44
CA PRO D 822 -1.67 -23.21 38.64
C PRO D 822 -1.92 -21.89 39.34
N GLN D 823 -3.09 -21.71 39.92
CA GLN D 823 -3.42 -20.48 40.58
C GLN D 823 -4.21 -20.77 41.82
N THR D 824 -3.62 -20.49 42.98
CA THR D 824 -4.28 -20.76 44.24
C THR D 824 -5.09 -19.59 44.74
N GLU D 825 -5.02 -18.47 44.04
CA GLU D 825 -5.82 -17.32 44.42
C GLU D 825 -7.30 -17.71 44.34
N VAL D 826 -7.66 -18.69 43.53
CA VAL D 826 -9.05 -19.07 43.53
C VAL D 826 -9.58 -19.41 44.93
N TYR D 827 -8.74 -19.92 45.80
CA TYR D 827 -9.18 -20.15 47.16
C TYR D 827 -9.60 -18.84 47.86
N MET D 828 -8.90 -17.74 47.59
CA MET D 828 -9.25 -16.42 48.12
C MET D 828 -10.60 -15.91 47.53
N HIS D 829 -10.84 -15.99 46.23
CA HIS D 829 -11.98 -15.30 45.64
C HIS D 829 -13.18 -16.14 45.23
N GLU D 830 -12.95 -17.39 44.90
CA GLU D 830 -14.03 -18.37 44.68
C GLU D 830 -14.88 -18.21 43.42
N MET D 831 -14.38 -17.37 42.51
CA MET D 831 -14.94 -17.29 41.17
C MET D 831 -14.73 -18.57 40.45
N PRO D 832 -15.77 -19.18 39.96
CA PRO D 832 -15.59 -20.18 38.93
C PRO D 832 -14.86 -19.66 37.66
N GLY D 833 -14.30 -20.57 36.87
CA GLY D 833 -13.54 -20.20 35.67
C GLY D 833 -14.25 -19.32 34.66
N GLY D 834 -15.54 -19.59 34.47
CA GLY D 834 -16.36 -18.81 33.54
C GLY D 834 -16.56 -17.41 34.06
N GLN D 835 -16.91 -17.28 35.32
CA GLN D 835 -17.08 -15.98 35.95
C GLN D 835 -15.84 -15.15 35.84
N TYR D 836 -14.67 -15.76 35.99
CA TYR D 836 -13.40 -15.01 35.93
C TYR D 836 -13.16 -14.48 34.55
N THR D 837 -13.40 -15.31 33.55
CA THR D 837 -13.31 -14.92 32.15
C THR D 837 -14.23 -13.73 31.84
N ASN D 838 -15.51 -13.89 32.17
CA ASN D 838 -16.53 -12.88 31.89
C ASN D 838 -16.34 -11.62 32.65
N LEU D 839 -15.69 -11.68 33.80
CA LEU D 839 -15.43 -10.47 34.56
C LEU D 839 -14.12 -9.79 34.07
N LYS D 840 -13.21 -10.53 33.45
CA LYS D 840 -12.04 -9.91 32.91
C LYS D 840 -12.51 -9.13 31.67
N SER D 841 -13.36 -9.77 30.88
CA SER D 841 -14.05 -9.14 29.77
C SER D 841 -14.78 -7.83 30.16
N GLN D 842 -15.80 -7.91 31.01
CA GLN D 842 -16.53 -6.73 31.50
C GLN D 842 -15.60 -5.60 32.00
N ALA D 843 -14.53 -5.97 32.71
CA ALA D 843 -13.60 -5.00 33.25
C ALA D 843 -12.83 -4.27 32.15
N ALA D 844 -12.39 -4.98 31.11
CA ALA D 844 -11.63 -4.36 29.98
C ALA D 844 -12.54 -3.40 29.19
N ALA D 845 -13.77 -3.86 28.90
CA ALA D 845 -14.80 -3.06 28.20
C ALA D 845 -15.30 -1.84 28.96
N VAL D 846 -14.89 -1.69 30.22
CA VAL D 846 -15.13 -0.46 30.98
C VAL D 846 -13.78 0.18 31.38
N GLY D 847 -12.72 -0.18 30.66
CA GLY D 847 -11.36 0.34 30.91
C GLY D 847 -10.80 0.18 32.33
N LEU D 848 -11.18 -0.89 33.03
CA LEU D 848 -10.67 -1.24 34.37
C LEU D 848 -9.78 -2.49 34.38
N GLY D 849 -9.51 -3.02 33.18
CA GLY D 849 -8.60 -4.16 32.97
C GLY D 849 -7.27 -4.05 33.72
N HIS D 850 -6.79 -2.82 33.92
CA HIS D 850 -5.57 -2.55 34.71
C HIS D 850 -5.73 -2.72 36.24
N ARG D 851 -6.96 -2.73 36.74
CA ARG D 851 -7.19 -2.81 38.20
C ARG D 851 -7.91 -4.07 38.57
N PHE D 852 -7.66 -5.12 37.82
CA PHE D 852 -8.37 -6.35 38.04
C PHE D 852 -8.04 -6.91 39.39
N ASP D 853 -6.85 -6.65 39.88
CA ASP D 853 -6.49 -7.11 41.19
C ASP D 853 -7.46 -6.61 42.24
N GLU D 854 -7.86 -5.35 42.15
CA GLU D 854 -8.82 -4.77 43.08
C GLU D 854 -10.23 -5.37 42.89
N ILE D 855 -10.58 -5.66 41.66
CA ILE D 855 -11.85 -6.32 41.35
C ILE D 855 -12.02 -7.71 41.97
N LYS D 856 -10.94 -8.50 41.98
CA LYS D 856 -10.95 -9.80 42.66
C LYS D 856 -11.13 -9.67 44.15
N GLN D 857 -10.46 -8.68 44.75
CA GLN D 857 -10.58 -8.40 46.17
C GLN D 857 -12.01 -8.03 46.53
N MET D 858 -12.69 -7.32 45.62
CA MET D 858 -14.03 -6.83 45.90
C MET D 858 -15.00 -7.97 45.84
N TYR D 859 -14.79 -8.84 44.86
CA TYR D 859 -15.58 -10.07 44.73
C TYR D 859 -15.61 -10.82 46.08
N ARG D 860 -14.47 -10.82 46.76
CA ARG D 860 -14.40 -11.51 48.03
C ARG D 860 -15.17 -10.78 49.11
N LYS D 861 -15.05 -9.46 49.10
CA LYS D 861 -15.75 -8.58 50.06
C LYS D 861 -17.27 -8.61 49.84
N VAL D 862 -17.67 -8.51 48.58
CA VAL D 862 -19.06 -8.59 48.18
C VAL D 862 -19.67 -9.90 48.57
N ASN D 863 -18.94 -10.98 48.37
CA ASN D 863 -19.48 -12.26 48.75
C ASN D 863 -19.82 -12.27 50.24
N MET D 864 -18.88 -11.77 51.05
CA MET D 864 -19.14 -11.68 52.48
C MET D 864 -20.28 -10.71 52.78
N MET D 865 -20.28 -9.56 52.13
CA MET D 865 -21.34 -8.57 52.29
C MET D 865 -22.74 -9.17 52.13
N PHE D 866 -22.89 -10.13 51.22
CA PHE D 866 -24.17 -10.76 50.95
C PHE D 866 -24.37 -12.00 51.79
N GLY D 867 -23.56 -12.18 52.81
CA GLY D 867 -23.77 -13.30 53.74
C GLY D 867 -22.98 -14.57 53.49
N ASP D 868 -22.05 -14.50 52.54
CA ASP D 868 -21.17 -15.63 52.16
C ASP D 868 -21.98 -16.69 51.45
N ILE D 869 -22.09 -16.55 50.12
CA ILE D 869 -23.09 -17.31 49.37
C ILE D 869 -22.43 -18.31 48.47
N ILE D 870 -23.22 -19.25 48.00
CA ILE D 870 -22.82 -20.15 46.98
C ILE D 870 -22.70 -19.43 45.66
N LYS D 871 -21.49 -19.33 45.12
CA LYS D 871 -21.31 -18.65 43.86
C LYS D 871 -21.05 -19.61 42.69
N VAL D 872 -22.14 -19.93 42.01
CA VAL D 872 -22.14 -20.60 40.71
C VAL D 872 -23.15 -19.90 39.78
N THR D 873 -23.10 -20.14 38.47
CA THR D 873 -24.08 -19.55 37.57
C THR D 873 -25.55 -19.79 37.98
N PRO D 874 -26.32 -18.71 38.15
CA PRO D 874 -26.06 -17.29 37.90
C PRO D 874 -25.81 -16.46 39.16
N SER D 875 -25.76 -17.06 40.34
CA SER D 875 -25.36 -16.29 41.51
C SER D 875 -23.95 -15.73 41.42
N SER D 876 -23.07 -16.37 40.65
CA SER D 876 -21.69 -15.92 40.55
C SER D 876 -21.66 -14.56 39.96
N LYS D 877 -22.48 -14.41 38.92
CA LYS D 877 -22.63 -13.17 38.15
C LYS D 877 -23.11 -12.08 39.07
N VAL D 878 -24.07 -12.40 39.93
CA VAL D 878 -24.57 -11.44 40.89
C VAL D 878 -23.46 -10.79 41.71
N VAL D 879 -22.58 -11.60 42.28
CA VAL D 879 -21.49 -11.04 43.04
C VAL D 879 -20.57 -10.30 42.08
N GLY D 880 -20.44 -10.84 40.87
CA GLY D 880 -19.61 -10.24 39.83
C GLY D 880 -20.01 -8.82 39.54
N ASP D 881 -21.23 -8.69 39.00
CA ASP D 881 -21.82 -7.40 38.67
C ASP D 881 -21.66 -6.44 39.85
N MET D 882 -21.99 -6.89 41.03
CA MET D 882 -21.92 -6.01 42.19
C MET D 882 -20.51 -5.52 42.43
N ALA D 883 -19.53 -6.38 42.26
CA ALA D 883 -18.16 -6.00 42.62
C ALA D 883 -17.61 -5.00 41.62
N LEU D 884 -18.08 -5.12 40.38
CA LEU D 884 -17.67 -4.23 39.32
C LEU D 884 -18.24 -2.87 39.64
N PHE D 885 -19.56 -2.82 39.69
CA PHE D 885 -20.30 -1.63 40.11
C PHE D 885 -19.63 -0.89 41.27
N MET D 886 -19.29 -1.58 42.35
CA MET D 886 -18.66 -0.91 43.49
C MET D 886 -17.32 -0.24 43.16
N ILE D 887 -16.50 -0.91 42.37
CA ILE D 887 -15.17 -0.40 42.01
C ILE D 887 -15.38 0.78 41.07
N GLN D 888 -16.15 0.54 40.02
CA GLN D 888 -16.47 1.52 38.99
C GLN D 888 -16.89 2.86 39.55
N ASN D 889 -17.72 2.83 40.58
CA ASN D 889 -18.23 4.03 41.21
C ASN D 889 -17.48 4.34 42.51
N ASP D 890 -16.33 3.77 42.68
CA ASP D 890 -15.48 4.10 43.80
C ASP D 890 -16.08 3.96 45.23
N LEU D 891 -16.99 3.03 45.42
CA LEU D 891 -17.58 2.83 46.76
C LEU D 891 -17.08 1.60 47.48
N THR D 892 -16.88 1.77 48.78
CA THR D 892 -16.56 0.68 49.70
C THR D 892 -17.83 0.06 50.28
N GLU D 893 -17.67 -0.87 51.20
CA GLU D 893 -18.81 -1.54 51.80
C GLU D 893 -19.59 -0.54 52.64
N GLU D 894 -18.86 0.31 53.36
CA GLU D 894 -19.47 1.38 54.13
C GLU D 894 -20.27 2.33 53.22
N ASP D 895 -19.67 2.78 52.14
CA ASP D 895 -20.36 3.65 51.19
C ASP D 895 -21.71 3.09 50.66
N VAL D 896 -21.89 1.79 50.66
CA VAL D 896 -23.14 1.21 50.19
C VAL D 896 -24.18 1.36 51.28
N TYR D 897 -23.81 0.93 52.48
CA TYR D 897 -24.74 0.96 53.61
C TYR D 897 -25.21 2.39 53.92
N ALA D 898 -24.32 3.37 53.69
CA ALA D 898 -24.65 4.79 53.85
C ALA D 898 -25.55 5.29 52.74
N ARG D 899 -25.06 5.32 51.51
CA ARG D 899 -25.76 5.99 50.41
C ARG D 899 -26.40 5.04 49.38
N GLY D 900 -26.94 3.92 49.87
CA GLY D 900 -27.46 2.90 48.97
C GLY D 900 -28.70 3.34 48.24
N ASN D 901 -29.57 4.08 48.94
CA ASN D 901 -30.88 4.45 48.40
C ASN D 901 -30.75 5.39 47.21
N GLU D 902 -29.65 6.15 47.16
CA GLU D 902 -29.42 7.09 46.05
C GLU D 902 -28.59 6.44 44.96
N LEU D 903 -28.56 5.09 44.94
CA LEU D 903 -27.83 4.31 43.92
C LEU D 903 -28.68 3.26 43.29
N ASN D 904 -28.51 3.09 41.98
CA ASN D 904 -29.16 1.99 41.24
C ASN D 904 -28.27 0.77 41.10
N PHE D 905 -28.52 -0.24 41.92
CA PHE D 905 -27.74 -1.46 41.88
C PHE D 905 -28.07 -2.31 40.68
N PRO D 906 -27.10 -3.07 40.16
CA PRO D 906 -27.29 -3.78 38.89
C PRO D 906 -28.46 -4.77 38.92
N GLU D 907 -29.08 -4.99 37.78
CA GLU D 907 -30.31 -5.77 37.74
C GLU D 907 -30.19 -7.08 38.54
N SER D 908 -29.19 -7.88 38.15
CA SER D 908 -28.90 -9.18 38.78
C SER D 908 -28.91 -9.11 40.32
N VAL D 909 -28.27 -8.09 40.86
CA VAL D 909 -28.13 -7.93 42.27
C VAL D 909 -29.49 -7.79 42.88
N VAL D 910 -30.34 -7.04 42.18
CA VAL D 910 -31.68 -6.81 42.67
C VAL D 910 -32.46 -8.12 42.58
N SER D 911 -32.53 -8.74 41.40
CA SER D 911 -33.28 -10.02 41.26
C SER D 911 -32.92 -11.00 42.36
N PHE D 912 -31.62 -11.06 42.68
CA PHE D 912 -31.15 -11.97 43.73
C PHE D 912 -31.85 -11.71 45.03
N PHE D 913 -31.76 -10.45 45.45
CA PHE D 913 -32.37 -9.97 46.69
C PHE D 913 -33.90 -9.89 46.71
N ARG D 914 -34.54 -9.87 45.54
CA ARG D 914 -35.99 -10.05 45.43
C ARG D 914 -36.39 -11.51 45.63
N GLY D 915 -35.39 -12.40 45.63
CA GLY D 915 -35.62 -13.82 45.76
C GLY D 915 -35.97 -14.49 44.43
N ASP D 916 -35.60 -13.83 43.34
CA ASP D 916 -35.92 -14.34 42.01
C ASP D 916 -35.03 -15.53 41.68
N LEU D 917 -33.90 -15.68 42.39
CA LEU D 917 -33.03 -16.84 42.20
C LEU D 917 -33.37 -17.94 43.15
N GLY D 918 -34.30 -17.69 44.06
CA GLY D 918 -34.65 -18.64 45.09
C GLY D 918 -34.06 -18.12 46.37
N GLN D 919 -34.08 -18.97 47.39
CA GLN D 919 -33.62 -18.57 48.71
C GLN D 919 -32.22 -19.07 49.07
N PRO D 920 -31.34 -18.11 49.41
CA PRO D 920 -29.97 -18.44 49.79
C PRO D 920 -29.91 -19.12 51.13
N VAL D 921 -28.88 -19.92 51.33
CA VAL D 921 -28.64 -20.55 52.59
C VAL D 921 -28.53 -19.52 53.69
N GLY D 922 -29.42 -19.59 54.68
CA GLY D 922 -29.39 -18.68 55.83
C GLY D 922 -29.92 -17.30 55.53
N GLY D 923 -30.68 -17.19 54.45
CA GLY D 923 -31.33 -15.94 54.01
C GLY D 923 -30.43 -14.74 53.78
N PHE D 924 -31.03 -13.60 53.47
CA PHE D 924 -30.29 -12.40 53.11
C PHE D 924 -29.92 -11.58 54.33
N PRO D 925 -28.96 -10.65 54.22
CA PRO D 925 -28.78 -9.69 55.30
C PRO D 925 -29.89 -8.66 55.21
N GLU D 926 -30.55 -8.40 56.32
CA GLU D 926 -31.81 -7.67 56.30
C GLU D 926 -31.72 -6.18 55.89
N LYS D 927 -30.81 -5.42 56.55
CA LYS D 927 -30.70 -3.97 56.27
C LYS D 927 -30.41 -3.80 54.78
N LEU D 928 -29.39 -4.54 54.32
CA LEU D 928 -28.94 -4.39 52.95
C LEU D 928 -30.02 -4.76 51.94
N GLN D 929 -30.84 -5.77 52.27
CA GLN D 929 -31.92 -6.17 51.38
C GLN D 929 -32.85 -5.00 51.08
N LYS D 930 -33.30 -4.31 52.15
CA LYS D 930 -34.19 -3.15 52.01
C LYS D 930 -33.56 -2.10 51.11
N ILE D 931 -32.30 -1.81 51.38
CA ILE D 931 -31.54 -0.82 50.62
C ILE D 931 -31.49 -1.15 49.14
N ILE D 932 -31.24 -2.41 48.84
CA ILE D 932 -31.08 -2.81 47.44
C ILE D 932 -32.42 -2.95 46.74
N VAL D 933 -33.38 -3.56 47.44
CA VAL D 933 -34.67 -3.89 46.85
C VAL D 933 -35.50 -2.64 46.65
N LYS D 934 -35.51 -1.76 47.66
CA LYS D 934 -36.30 -0.51 47.64
C LYS D 934 -37.81 -0.81 47.57
N ASP D 935 -38.47 -0.30 46.53
CA ASP D 935 -39.92 -0.45 46.35
C ASP D 935 -40.31 -1.85 45.88
N LYS D 936 -39.39 -2.53 45.20
CA LYS D 936 -39.72 -3.70 44.44
C LYS D 936 -40.23 -4.86 45.30
N ALA D 937 -40.94 -5.77 44.63
CA ALA D 937 -41.73 -6.82 45.30
C ALA D 937 -40.89 -8.03 45.63
N VAL D 938 -40.51 -8.22 46.88
CA VAL D 938 -39.77 -9.41 47.29
C VAL D 938 -40.63 -10.65 47.38
N ILE D 939 -40.24 -11.75 46.72
CA ILE D 939 -40.86 -13.05 47.01
C ILE D 939 -39.96 -13.88 47.91
N THR D 940 -40.55 -14.87 48.58
CA THR D 940 -39.76 -15.80 49.42
C THR D 940 -40.12 -17.27 49.22
N ASP D 941 -40.80 -17.57 48.14
CA ASP D 941 -41.06 -18.94 47.79
C ASP D 941 -40.42 -19.19 46.42
N ARG D 942 -40.83 -20.30 45.82
CA ARG D 942 -40.22 -20.75 44.62
C ARG D 942 -40.68 -19.88 43.45
N PRO D 943 -39.76 -19.15 42.79
CA PRO D 943 -40.17 -18.30 41.66
C PRO D 943 -40.94 -18.98 40.55
N GLY D 944 -40.80 -20.28 40.39
CA GLY D 944 -41.55 -20.99 39.35
C GLY D 944 -43.05 -20.98 39.58
N LEU D 945 -43.46 -20.87 40.85
CA LEU D 945 -44.88 -20.78 41.24
C LEU D 945 -45.48 -19.52 40.69
N HIS D 946 -44.67 -18.49 40.55
CA HIS D 946 -45.09 -17.21 40.03
C HIS D 946 -44.93 -17.14 38.51
N ALA D 947 -44.70 -18.25 37.84
CA ALA D 947 -44.34 -18.14 36.44
C ALA D 947 -45.58 -18.05 35.57
N GLU D 948 -45.60 -17.02 34.72
CA GLU D 948 -46.55 -16.90 33.58
C GLU D 948 -46.87 -18.23 32.93
N LYS D 949 -48.10 -18.70 33.13
CA LYS D 949 -48.54 -20.02 32.66
C LYS D 949 -48.27 -20.15 31.18
N VAL D 950 -47.96 -21.35 30.69
CA VAL D 950 -47.52 -21.50 29.28
C VAL D 950 -48.24 -22.66 28.64
N ASP D 951 -48.72 -22.43 27.40
CA ASP D 951 -49.48 -23.41 26.63
C ASP D 951 -48.67 -23.84 25.39
N PHE D 952 -48.44 -25.14 25.26
CA PHE D 952 -47.64 -25.65 24.14
C PHE D 952 -48.33 -25.50 22.78
N GLU D 953 -49.64 -25.59 22.76
CA GLU D 953 -50.39 -25.43 21.51
C GLU D 953 -50.32 -24.00 21.02
N THR D 954 -50.62 -23.05 21.90
CA THR D 954 -50.54 -21.61 21.63
C THR D 954 -49.20 -21.24 21.03
N VAL D 955 -48.15 -21.71 21.71
CA VAL D 955 -46.77 -21.40 21.35
C VAL D 955 -46.38 -22.15 20.06
N LYS D 956 -46.64 -23.45 20.01
CA LYS D 956 -46.37 -24.20 18.79
C LYS D 956 -46.95 -23.55 17.52
N ALA D 957 -48.22 -23.14 17.60
CA ALA D 957 -48.89 -22.49 16.47
C ALA D 957 -48.20 -21.15 16.16
N ASP D 958 -48.14 -20.29 17.18
CA ASP D 958 -47.40 -19.03 17.11
C ASP D 958 -45.99 -19.16 16.49
N LEU D 959 -45.26 -20.23 16.80
CA LEU D 959 -43.92 -20.44 16.26
C LEU D 959 -43.96 -20.88 14.79
N GLU D 960 -44.87 -21.80 14.47
CA GLU D 960 -45.04 -22.30 13.11
C GLU D 960 -45.18 -21.16 12.13
N GLN D 961 -45.95 -20.15 12.54
CA GLN D 961 -46.14 -18.95 11.74
C GLN D 961 -44.78 -18.22 11.62
N LYS D 962 -44.04 -18.09 12.73
CA LYS D 962 -42.78 -17.32 12.72
C LYS D 962 -41.59 -17.92 11.96
N ILE D 963 -41.56 -19.25 11.78
CA ILE D 963 -40.46 -19.90 11.04
C ILE D 963 -40.93 -20.55 9.74
N GLY D 964 -42.24 -20.73 9.61
CA GLY D 964 -42.85 -21.21 8.38
C GLY D 964 -42.80 -22.70 8.16
N TYR D 965 -42.90 -23.47 9.24
CA TYR D 965 -43.12 -24.91 9.14
C TYR D 965 -43.51 -25.40 10.50
N GLU D 966 -43.92 -26.66 10.56
CA GLU D 966 -44.38 -27.22 11.81
C GLU D 966 -43.12 -27.57 12.63
N PRO D 967 -42.90 -26.87 13.77
CA PRO D 967 -41.79 -27.20 14.64
C PRO D 967 -42.00 -28.48 15.47
N GLY D 968 -40.97 -29.34 15.52
CA GLY D 968 -40.93 -30.49 16.43
C GLY D 968 -40.92 -30.03 17.89
N ASP D 969 -41.24 -30.97 18.78
CA ASP D 969 -41.42 -30.62 20.19
C ASP D 969 -40.18 -29.94 20.75
N HIS D 970 -39.04 -30.34 20.23
CA HIS D 970 -37.75 -29.81 20.68
C HIS D 970 -37.49 -28.39 20.24
N GLU D 971 -37.90 -28.09 19.02
CA GLU D 971 -37.85 -26.72 18.55
C GLU D 971 -38.77 -25.87 19.44
N VAL D 972 -39.95 -26.39 19.77
CA VAL D 972 -40.90 -25.61 20.58
C VAL D 972 -40.21 -25.19 21.87
N ILE D 973 -39.68 -26.19 22.56
CA ILE D 973 -39.09 -26.01 23.87
C ILE D 973 -37.80 -25.16 23.83
N SER D 974 -36.98 -25.34 22.80
CA SER D 974 -35.84 -24.46 22.59
C SER D 974 -36.34 -23.05 22.51
N TYR D 975 -37.46 -22.87 21.79
CA TYR D 975 -38.04 -21.53 21.58
C TYR D 975 -38.47 -20.93 22.94
N ILE D 976 -39.09 -21.79 23.77
CA ILE D 976 -39.53 -21.37 25.10
C ILE D 976 -38.36 -20.97 25.98
N MET D 977 -37.28 -21.72 25.87
CA MET D 977 -36.10 -21.50 26.69
C MET D 977 -35.43 -20.22 26.28
N TYR D 978 -35.18 -20.09 24.98
CA TYR D 978 -34.34 -19.03 24.40
C TYR D 978 -35.03 -18.50 23.13
N PRO D 979 -36.04 -17.66 23.32
CA PRO D 979 -36.85 -17.25 22.19
C PRO D 979 -36.08 -16.42 21.17
N GLN D 980 -35.45 -15.34 21.60
CA GLN D 980 -34.72 -14.49 20.66
C GLN D 980 -33.65 -15.28 19.94
N VAL D 981 -32.83 -15.98 20.70
CA VAL D 981 -31.74 -16.74 20.14
C VAL D 981 -32.18 -17.80 19.13
N PHE D 982 -33.29 -18.48 19.43
CA PHE D 982 -33.83 -19.47 18.51
C PHE D 982 -34.28 -18.89 17.17
N LEU D 983 -34.87 -17.71 17.21
CA LEU D 983 -35.30 -17.05 15.98
C LEU D 983 -34.08 -16.58 15.21
N ASP D 984 -33.15 -15.90 15.87
CA ASP D 984 -31.90 -15.53 15.23
C ASP D 984 -31.24 -16.71 14.56
N TYR D 985 -31.32 -17.88 15.22
CA TYR D 985 -30.66 -19.08 14.70
C TYR D 985 -31.35 -19.42 13.40
N GLN D 986 -32.65 -19.21 13.36
CA GLN D 986 -33.41 -19.57 12.15
C GLN D 986 -33.07 -18.60 11.02
N LYS D 987 -32.94 -17.29 11.27
CA LYS D 987 -32.42 -16.36 10.25
C LYS D 987 -31.09 -16.88 9.71
N MET D 988 -30.15 -17.15 10.61
CA MET D 988 -28.82 -17.63 10.22
C MET D 988 -28.94 -18.86 9.32
N GLN D 989 -29.86 -19.73 9.66
CA GLN D 989 -30.03 -20.96 8.92
C GLN D 989 -30.55 -20.65 7.55
N ARG D 990 -31.49 -19.71 7.50
CA ARG D 990 -32.14 -19.31 6.25
C ARG D 990 -31.10 -18.60 5.38
N GLU D 991 -30.32 -17.67 5.95
CA GLU D 991 -29.27 -17.00 5.21
C GLU D 991 -28.05 -17.90 4.85
N PHE D 992 -27.62 -18.82 5.74
CA PHE D 992 -26.32 -19.51 5.61
C PHE D 992 -26.33 -21.03 5.58
N GLY D 993 -27.42 -21.63 6.00
CA GLY D 993 -27.54 -23.07 5.92
C GLY D 993 -26.86 -23.81 7.04
N ALA D 994 -26.53 -25.06 6.75
CA ALA D 994 -25.88 -25.97 7.68
C ALA D 994 -24.36 -25.79 7.68
N VAL D 995 -23.93 -24.68 8.25
CA VAL D 995 -22.53 -24.40 8.49
C VAL D 995 -21.89 -25.49 9.35
N THR D 996 -22.70 -26.16 10.18
CA THR D 996 -22.26 -27.32 10.98
C THR D 996 -21.37 -28.30 10.32
N LEU D 997 -21.52 -28.40 8.99
CA LEU D 997 -20.84 -29.43 8.22
C LEU D 997 -19.47 -29.02 7.82
N LEU D 998 -19.13 -27.75 8.04
CA LEU D 998 -17.83 -27.27 7.63
C LEU D 998 -16.69 -27.63 8.61
N ASP D 999 -15.50 -27.94 8.10
CA ASP D 999 -14.40 -28.11 9.02
C ASP D 999 -14.21 -26.82 9.78
N THR D 1000 -13.65 -26.93 10.96
CA THR D 1000 -13.60 -25.78 11.84
C THR D 1000 -12.77 -24.62 11.30
N PRO D 1001 -11.63 -24.91 10.70
CA PRO D 1001 -10.79 -23.80 10.20
C PRO D 1001 -11.50 -23.03 9.08
N THR D 1002 -12.17 -23.78 8.20
CA THR D 1002 -13.01 -23.18 7.21
C THR D 1002 -14.09 -22.41 7.88
N PHE D 1003 -14.89 -23.08 8.70
CA PHE D 1003 -16.01 -22.42 9.40
C PHE D 1003 -15.60 -21.07 10.05
N LEU D 1004 -14.33 -20.95 10.45
CA LEU D 1004 -13.90 -19.78 11.21
C LEU D 1004 -13.09 -18.77 10.39
N HIS D 1005 -12.49 -19.24 9.31
CA HIS D 1005 -11.62 -18.41 8.47
C HIS D 1005 -12.01 -18.31 6.99
N GLY D 1006 -13.09 -18.94 6.59
CA GLY D 1006 -13.41 -18.99 5.17
C GLY D 1006 -12.34 -19.75 4.38
N MET D 1007 -12.00 -19.25 3.17
CA MET D 1007 -11.07 -19.96 2.29
C MET D 1007 -9.94 -19.10 1.87
N ARG D 1008 -8.91 -19.78 1.39
CA ARG D 1008 -7.69 -19.17 0.87
C ARG D 1008 -7.79 -19.24 -0.64
N LEU D 1009 -7.18 -18.27 -1.31
CA LEU D 1009 -7.16 -18.24 -2.78
C LEU D 1009 -6.65 -19.62 -3.22
N ASN D 1010 -7.28 -20.19 -4.24
CA ASN D 1010 -6.88 -21.48 -4.80
C ASN D 1010 -7.10 -22.69 -3.94
N GLU D 1011 -7.71 -22.52 -2.79
CA GLU D 1011 -8.01 -23.65 -1.91
C GLU D 1011 -9.19 -24.51 -2.40
N LYS D 1012 -9.10 -25.80 -2.18
CA LYS D 1012 -10.13 -26.74 -2.59
C LYS D 1012 -10.66 -27.42 -1.31
N ILE D 1013 -11.97 -27.66 -1.23
CA ILE D 1013 -12.58 -28.33 -0.06
C ILE D 1013 -13.71 -29.20 -0.52
N GLU D 1014 -14.02 -30.27 0.24
CA GLU D 1014 -15.26 -31.05 0.02
C GLU D 1014 -16.05 -31.02 1.28
N VAL D 1015 -17.34 -30.78 1.15
CA VAL D 1015 -18.22 -30.74 2.25
C VAL D 1015 -19.15 -31.89 2.01
N GLN D 1016 -19.20 -32.85 2.92
CA GLN D 1016 -20.13 -33.97 2.81
C GLN D 1016 -21.44 -33.44 3.35
N ILE D 1017 -22.55 -33.65 2.64
CA ILE D 1017 -23.87 -33.19 3.14
C ILE D 1017 -24.80 -34.34 3.43
N GLU D 1018 -24.79 -35.35 2.61
CA GLU D 1018 -25.45 -36.59 2.98
C GLU D 1018 -24.50 -37.70 2.63
N LYS D 1019 -25.01 -38.90 2.74
CA LYS D 1019 -24.24 -40.04 2.32
C LYS D 1019 -24.19 -39.94 0.79
N GLY D 1020 -23.01 -39.91 0.21
CA GLY D 1020 -22.87 -39.88 -1.25
C GLY D 1020 -23.21 -38.58 -1.97
N LYS D 1021 -23.41 -37.49 -1.23
CA LYS D 1021 -23.58 -36.16 -1.79
C LYS D 1021 -22.56 -35.22 -1.21
N THR D 1022 -21.78 -34.57 -2.07
CA THR D 1022 -20.74 -33.70 -1.58
C THR D 1022 -20.53 -32.45 -2.45
N LEU D 1023 -20.37 -31.31 -1.81
CA LEU D 1023 -20.04 -30.07 -2.47
C LEU D 1023 -18.56 -29.93 -2.62
N SER D 1024 -18.05 -30.03 -3.85
CA SER D 1024 -16.66 -29.72 -4.09
C SER D 1024 -16.51 -28.25 -4.40
N ILE D 1025 -15.71 -27.54 -3.61
CA ILE D 1025 -15.63 -26.11 -3.70
C ILE D 1025 -14.21 -25.65 -3.81
N ARG D 1026 -13.83 -25.21 -5.00
CA ARG D 1026 -12.58 -24.41 -5.20
C ARG D 1026 -12.89 -22.91 -5.21
N LEU D 1027 -11.94 -22.12 -4.75
CA LEU D 1027 -12.03 -20.68 -4.78
C LEU D 1027 -10.91 -20.23 -5.68
N ASP D 1028 -11.23 -19.36 -6.64
CA ASP D 1028 -10.31 -18.99 -7.71
C ASP D 1028 -9.94 -17.51 -7.79
N GLU D 1029 -10.84 -16.62 -7.39
CA GLU D 1029 -10.44 -15.23 -7.32
C GLU D 1029 -11.36 -14.46 -6.44
N ILE D 1030 -10.79 -13.37 -5.93
CA ILE D 1030 -11.48 -12.46 -5.08
C ILE D 1030 -11.40 -11.12 -5.77
N GLY D 1031 -12.55 -10.61 -6.14
CA GLY D 1031 -12.62 -9.34 -6.82
C GLY D 1031 -12.33 -8.22 -5.88
N GLU D 1032 -11.82 -7.12 -6.45
CA GLU D 1032 -11.76 -5.83 -5.77
C GLU D 1032 -13.15 -5.32 -5.55
N PRO D 1033 -13.31 -4.41 -4.59
CA PRO D 1033 -14.69 -3.97 -4.31
C PRO D 1033 -15.09 -2.97 -5.33
N ASP D 1034 -16.38 -2.83 -5.50
CA ASP D 1034 -16.85 -1.81 -6.40
C ASP D 1034 -17.06 -0.54 -5.56
N LEU D 1035 -17.78 0.42 -6.11
CA LEU D 1035 -18.14 1.66 -5.40
C LEU D 1035 -19.10 1.44 -4.23
N ALA D 1036 -20.00 0.45 -4.37
CA ALA D 1036 -21.00 0.15 -3.31
C ALA D 1036 -20.44 -0.72 -2.18
N GLY D 1037 -19.12 -0.95 -2.18
CA GLY D 1037 -18.45 -1.81 -1.19
C GLY D 1037 -18.84 -3.28 -1.32
N ASN D 1038 -18.82 -3.77 -2.57
CA ASN D 1038 -19.15 -5.19 -2.88
C ASN D 1038 -18.02 -5.82 -3.62
N ARG D 1039 -17.87 -7.12 -3.43
CA ARG D 1039 -16.86 -7.85 -4.11
C ARG D 1039 -17.51 -9.05 -4.75
N VAL D 1040 -16.80 -9.62 -5.71
CA VAL D 1040 -17.31 -10.76 -6.41
C VAL D 1040 -16.28 -11.83 -6.22
N LEU D 1041 -16.71 -12.95 -5.62
CA LEU D 1041 -15.81 -14.09 -5.44
C LEU D 1041 -16.14 -15.15 -6.47
N PHE D 1042 -15.08 -15.77 -7.01
CA PHE D 1042 -15.19 -16.63 -8.14
C PHE D 1042 -14.86 -18.03 -7.71
N PHE D 1043 -15.90 -18.81 -7.48
CA PHE D 1043 -15.74 -20.19 -7.07
C PHE D 1043 -16.01 -21.13 -8.22
N ASN D 1044 -15.48 -22.34 -8.09
CA ASN D 1044 -15.94 -23.48 -8.86
C ASN D 1044 -16.61 -24.43 -7.86
N LEU D 1045 -17.94 -24.46 -7.86
CA LEU D 1045 -18.68 -25.47 -7.11
C LEU D 1045 -19.20 -26.62 -8.01
N ASN D 1046 -18.54 -27.77 -7.94
CA ASN D 1046 -18.95 -28.98 -8.68
C ASN D 1046 -18.77 -28.78 -10.16
N GLY D 1047 -17.66 -28.15 -10.52
CA GLY D 1047 -17.35 -27.93 -11.93
C GLY D 1047 -18.14 -26.83 -12.62
N GLN D 1048 -18.79 -25.95 -11.87
CA GLN D 1048 -19.53 -24.84 -12.47
C GLN D 1048 -18.89 -23.60 -11.93
N ARG D 1049 -18.62 -22.61 -12.77
CA ARG D 1049 -18.16 -21.33 -12.24
C ARG D 1049 -19.31 -20.80 -11.43
N ARG D 1050 -19.00 -19.99 -10.43
CA ARG D 1050 -20.02 -19.39 -9.61
C ARG D 1050 -19.47 -18.06 -9.14
N GLU D 1051 -20.25 -17.03 -9.39
CA GLU D 1051 -19.84 -15.69 -9.07
C GLU D 1051 -20.68 -15.33 -7.86
N VAL D 1052 -20.05 -14.86 -6.79
CA VAL D 1052 -20.82 -14.55 -5.60
C VAL D 1052 -20.48 -13.18 -5.09
N VAL D 1053 -21.53 -12.40 -4.93
CA VAL D 1053 -21.42 -11.02 -4.55
C VAL D 1053 -21.53 -10.97 -3.06
N ILE D 1054 -20.57 -10.32 -2.42
CA ILE D 1054 -20.60 -10.17 -0.99
C ILE D 1054 -20.18 -8.74 -0.59
N ASN D 1055 -20.90 -8.17 0.37
CA ASN D 1055 -20.56 -6.85 0.92
C ASN D 1055 -19.28 -6.82 1.75
N ASP D 1056 -18.17 -6.30 1.21
CA ASP D 1056 -16.98 -6.02 2.02
C ASP D 1056 -17.32 -4.89 2.99
N GLN D 1057 -17.15 -5.13 4.30
CA GLN D 1057 -17.72 -4.23 5.33
C GLN D 1057 -16.79 -3.11 5.77
N SER D 1058 -15.52 -3.12 5.36
CA SER D 1058 -14.58 -2.01 5.67
C SER D 1058 -14.73 -0.79 4.69
N VAL D 1059 -15.11 -1.08 3.45
CA VAL D 1059 -15.42 -0.04 2.42
C VAL D 1059 -16.94 0.25 2.39
MN MN E . 9.68 15.95 -45.14
C11 BTN F . 4.77 -5.55 -24.59
O11 BTN F . 3.79 -5.05 -24.02
O12 BTN F . 5.92 -5.18 -24.23
C10 BTN F . 4.53 -6.56 -25.73
C9 BTN F . 3.13 -6.36 -26.33
C8 BTN F . 2.82 -6.94 -27.72
C7 BTN F . 3.50 -6.17 -28.87
C2 BTN F . 2.75 -4.94 -29.44
S1 BTN F . 1.32 -5.34 -30.43
C6 BTN F . 1.28 -3.81 -31.26
C5 BTN F . 2.74 -3.46 -31.47
N1 BTN F . 3.22 -4.07 -32.68
C3 BTN F . 4.23 -4.87 -32.50
O3 BTN F . 4.72 -5.52 -33.41
N2 BTN F . 4.57 -4.86 -31.21
C4 BTN F . 3.63 -4.10 -30.39
MN MN G . 15.49 -30.89 35.83
MN MN H . -0.73 41.85 -25.33
MN MN I . -18.17 -27.06 36.35
#